data_9RCR
#
_entry.id   9RCR
#
_cell.length_a   80.890
_cell.length_b   199.973
_cell.length_c   118.377
_cell.angle_alpha   90.000
_cell.angle_beta   106.323
_cell.angle_gamma   90.000
#
_symmetry.space_group_name_H-M   'P 1 21 1'
#
loop_
_entity.id
_entity.type
_entity.pdbx_description
1 polymer 'Glycyl radical protein'
2 non-polymer R-1,2-PROPANEDIOL
3 water water
#
_entity_poly.entity_id   1
_entity_poly.type   'polypeptide(L)'
_entity_poly.pdbx_seq_one_letter_code
;MGSSHHHHHHSQDHENLYFQGSMGLEKGFTHPTDRVVRLKNMILHAKPYVESERAVLATEAYKENEQLPAIMRRAKVVEK
IFNELPVTIRPDELIVGAVTINPRSTEICPEFSYDWVEKEFDTMAHRVADPFIIEKKTADELHQAFKYWPGKTTSSLAAS
YMSEGTKESMSNGVFTVGNYFFGGIGHVSVDYGKVLKIGFRGIIDEVTRALENLDRSTSDYIKKEQFYNAVILSYQAAIN
FAHRYAQEASRLAREERDPTRQRELEQIASNCTRVPEYGATTFWEACQTFWFIQSMLQIESSGHSISPGRFDQYMYPYLA
ADTAISSEFAQELVDCCWIKLNDINKTRDEISAQAFAGYAVFQNLCVGGQTEDGRDATNPLTYMCMEATAHVRLPQPSFS
IRVWQGTPDEFLYRACELVRLGLGVPAMYNDEVIIPALQNRGVSLHDARDYCIIGCVEPQAPHRTEGWHDAAFFNVAKVL
EITLNNGRSGNKQLGPMTGEMTQYAGMDDFYAAFKKQMAHFVHQLVEACNSVDIAHGERCPLPFLSALVDDCIGRGKSLQ
EGGAIYNFTGPQAFGIADTGDSVYAIQKQVFEDRRLTLQELKGALDANFGYRSGNPRYEEIRHILENSPCFGNDIDDVDL
VARQCALIYCQEVEKYTNPRGGRFQAGIYPVSANVLFGKDVSALPDGRLAKEPLADGVSPRQGKDTLGPTAAANSVAKLD
HFIASNGTLYNQKFLPSSLAGEKGLRNFGGLVRNYFDKKGMHVQFNVIDRNTLLEAQKNPQQHQDLVVRVAGYSAQFVVL
AKEVQDDIISRTEQQF
;
_entity_poly.pdbx_strand_id   A,B,C,D
#
loop_
_chem_comp.id
_chem_comp.type
_chem_comp.name
_chem_comp.formula
PGR non-polymer R-1,2-PROPANEDIOL 'C3 H8 O2'
#
# COMPACT_ATOMS: atom_id res chain seq x y z
N LEU A 25 -0.98 -54.45 -27.98
CA LEU A 25 -0.81 -53.58 -26.77
C LEU A 25 0.18 -54.17 -25.78
N GLU A 26 0.14 -55.50 -25.56
CA GLU A 26 1.06 -56.18 -24.63
C GLU A 26 2.45 -56.24 -25.28
N LYS A 27 3.41 -55.47 -24.75
CA LYS A 27 4.73 -55.29 -25.39
C LYS A 27 5.82 -56.04 -24.60
N GLY A 28 5.74 -56.08 -23.27
CA GLY A 28 6.72 -56.80 -22.44
C GLY A 28 7.70 -55.85 -21.78
N PHE A 29 8.80 -56.39 -21.26
CA PHE A 29 9.82 -55.61 -20.52
C PHE A 29 11.19 -56.22 -20.75
N THR A 30 12.16 -55.39 -21.10
CA THR A 30 13.58 -55.80 -21.21
C THR A 30 14.08 -56.19 -19.83
N HIS A 31 15.28 -56.77 -19.78
CA HIS A 31 15.92 -57.18 -18.52
C HIS A 31 17.08 -56.24 -18.22
N PRO A 32 17.40 -56.02 -16.93
CA PRO A 32 18.52 -55.16 -16.58
C PRO A 32 19.85 -55.90 -16.69
N THR A 33 20.93 -55.14 -16.84
CA THR A 33 22.30 -55.67 -16.80
C THR A 33 22.52 -56.45 -15.52
N ASP A 34 23.42 -57.43 -15.55
CA ASP A 34 23.82 -58.17 -14.34
C ASP A 34 24.31 -57.19 -13.27
N ARG A 35 25.01 -56.13 -13.68
CA ARG A 35 25.50 -55.08 -12.75
C ARG A 35 24.31 -54.49 -12.00
N VAL A 36 23.29 -54.09 -12.73
CA VAL A 36 22.11 -53.45 -12.10
C VAL A 36 21.46 -54.47 -11.15
N VAL A 37 21.52 -55.76 -11.46
CA VAL A 37 20.88 -56.76 -10.57
C VAL A 37 21.72 -56.94 -9.31
N ARG A 38 23.05 -56.80 -9.39
CA ARG A 38 23.89 -56.81 -8.18
C ARG A 38 23.63 -55.55 -7.34
N LEU A 39 23.46 -54.41 -8.01
CA LEU A 39 23.19 -53.13 -7.32
C LEU A 39 21.80 -53.17 -6.69
N LYS A 40 20.82 -53.81 -7.33
CA LYS A 40 19.47 -53.97 -6.76
C LYS A 40 19.56 -54.75 -5.45
N ASN A 41 20.19 -55.93 -5.51
CA ASN A 41 20.23 -56.85 -4.35
C ASN A 41 21.00 -56.19 -3.21
N MET A 42 22.07 -55.47 -3.50
CA MET A 42 22.85 -54.76 -2.47
C MET A 42 21.89 -53.94 -1.59
N ILE A 43 20.92 -53.26 -2.22
CA ILE A 43 19.90 -52.48 -1.47
C ILE A 43 19.07 -53.42 -0.62
N LEU A 44 18.53 -54.46 -1.25
CA LEU A 44 17.57 -55.39 -0.62
C LEU A 44 18.20 -56.11 0.57
N HIS A 45 19.44 -56.57 0.41
CA HIS A 45 20.17 -57.33 1.44
C HIS A 45 20.87 -56.39 2.42
N ALA A 46 20.50 -55.12 2.47
CA ALA A 46 21.12 -54.18 3.42
C ALA A 46 20.40 -54.26 4.76
N LYS A 47 21.14 -54.01 5.83
CA LYS A 47 20.59 -53.82 7.18
C LYS A 47 20.73 -52.35 7.51
N PRO A 48 19.62 -51.63 7.81
CA PRO A 48 19.72 -50.20 8.03
C PRO A 48 20.47 -49.95 9.33
N TYR A 49 21.47 -49.08 9.29
CA TYR A 49 22.19 -48.61 10.49
C TYR A 49 21.82 -47.16 10.75
N VAL A 50 21.79 -46.78 12.02
CA VAL A 50 21.93 -45.37 12.42
C VAL A 50 23.42 -45.07 12.43
N GLU A 51 23.82 -43.96 11.84
CA GLU A 51 25.23 -43.54 11.82
C GLU A 51 25.35 -42.22 12.57
N SER A 52 26.57 -41.72 12.71
CA SER A 52 26.83 -40.59 13.62
C SER A 52 27.61 -39.45 12.97
N GLU A 53 28.40 -39.72 11.92
CA GLU A 53 29.43 -38.75 11.50
C GLU A 53 28.79 -37.43 11.10
N ARG A 54 27.71 -37.44 10.30
CA ARG A 54 27.08 -36.17 9.93
C ARG A 54 26.41 -35.52 11.15
N ALA A 55 25.94 -36.29 12.12
CA ALA A 55 25.34 -35.71 13.33
C ALA A 55 26.42 -35.06 14.19
N VAL A 56 27.62 -35.66 14.25
CA VAL A 56 28.75 -35.13 15.07
C VAL A 56 29.34 -33.90 14.40
N LEU A 57 29.52 -33.94 13.08
CA LEU A 57 30.10 -32.80 12.32
C LEU A 57 29.15 -31.61 12.39
N ALA A 58 27.85 -31.83 12.15
CA ALA A 58 26.82 -30.78 12.32
C ALA A 58 26.97 -30.15 13.70
N THR A 59 27.02 -30.98 14.73
CA THR A 59 27.11 -30.53 16.13
C THR A 59 28.37 -29.69 16.34
N GLU A 60 29.53 -30.12 15.80
CA GLU A 60 30.78 -29.35 16.03
C GLU A 60 30.69 -28.00 15.34
N ALA A 61 30.04 -27.93 14.17
CA ALA A 61 29.89 -26.68 13.40
C ALA A 61 29.03 -25.69 14.17
N TYR A 62 28.01 -26.18 14.87
CA TYR A 62 27.19 -25.32 15.74
C TYR A 62 28.05 -24.75 16.87
N LYS A 63 28.75 -25.63 17.59
CA LYS A 63 29.61 -25.22 18.73
C LYS A 63 30.49 -24.04 18.29
N GLU A 64 31.14 -24.19 17.12
CA GLU A 64 32.21 -23.28 16.65
C GLU A 64 31.64 -21.93 16.23
N ASN A 65 30.35 -21.88 15.88
CA ASN A 65 29.72 -20.71 15.22
C ASN A 65 28.49 -20.24 15.99
N GLU A 66 28.58 -20.08 17.31
CA GLU A 66 27.44 -19.59 18.10
C GLU A 66 27.10 -18.16 17.66
N GLN A 67 28.10 -17.39 17.24
CA GLN A 67 28.03 -15.93 17.07
C GLN A 67 27.31 -15.51 15.78
N LEU A 68 27.02 -16.44 14.88
CA LEU A 68 26.68 -16.04 13.50
C LEU A 68 25.19 -15.91 13.36
N PRO A 69 24.71 -15.12 12.37
CA PRO A 69 23.32 -15.19 11.97
C PRO A 69 22.98 -16.64 11.61
N ALA A 70 21.77 -17.06 11.92
CA ALA A 70 21.32 -18.45 11.69
C ALA A 70 21.65 -18.90 10.28
N ILE A 71 21.33 -18.10 9.26
CA ILE A 71 21.57 -18.51 7.85
C ILE A 71 23.05 -18.81 7.67
N MET A 72 23.91 -17.98 8.25
CA MET A 72 25.36 -18.10 8.08
C MET A 72 25.86 -19.31 8.86
N ARG A 73 25.31 -19.52 10.07
CA ARG A 73 25.61 -20.71 10.88
C ARG A 73 25.32 -21.96 10.06
N ARG A 74 24.22 -21.96 9.30
CA ARG A 74 23.82 -23.11 8.46
C ARG A 74 24.72 -23.24 7.23
N ALA A 75 25.39 -22.18 6.78
CA ALA A 75 26.44 -22.32 5.76
C ALA A 75 27.61 -23.12 6.34
N LYS A 76 28.04 -22.78 7.57
CA LYS A 76 29.20 -23.44 8.23
C LYS A 76 28.85 -24.88 8.59
N VAL A 77 27.57 -25.15 8.87
CA VAL A 77 27.07 -26.53 9.15
C VAL A 77 27.22 -27.37 7.88
N VAL A 78 26.60 -26.93 6.80
CA VAL A 78 26.62 -27.63 5.49
C VAL A 78 28.07 -27.70 4.98
N GLU A 79 28.90 -26.69 5.29
CA GLU A 79 30.31 -26.64 4.83
C GLU A 79 31.09 -27.77 5.48
N LYS A 80 31.03 -27.85 6.81
CA LYS A 80 31.81 -28.84 7.57
C LYS A 80 31.44 -30.25 7.11
N ILE A 81 30.14 -30.53 6.97
CA ILE A 81 29.68 -31.86 6.53
C ILE A 81 30.22 -32.11 5.13
N PHE A 82 30.12 -31.13 4.24
CA PHE A 82 30.49 -31.33 2.82
C PHE A 82 32.00 -31.57 2.72
N ASN A 83 32.79 -30.79 3.46
CA ASN A 83 34.27 -30.89 3.36
C ASN A 83 34.78 -32.17 4.04
N GLU A 84 34.04 -32.71 5.02
CA GLU A 84 34.55 -33.72 5.97
C GLU A 84 33.73 -35.03 6.02
N LEU A 85 32.49 -35.06 5.55
CA LEU A 85 31.68 -36.29 5.69
C LEU A 85 32.38 -37.43 4.94
N PRO A 86 32.35 -38.67 5.48
CA PRO A 86 32.89 -39.80 4.76
C PRO A 86 32.39 -39.83 3.32
N VAL A 87 33.29 -40.16 2.40
CA VAL A 87 32.99 -40.35 0.97
C VAL A 87 33.05 -41.85 0.70
N THR A 88 32.02 -42.40 0.06
CA THR A 88 31.85 -43.86 -0.07
C THR A 88 31.32 -44.21 -1.46
N ILE A 89 32.16 -44.85 -2.26
CA ILE A 89 31.75 -45.43 -3.55
C ILE A 89 31.45 -46.88 -3.30
N ARG A 90 30.24 -47.31 -3.64
CA ARG A 90 29.86 -48.71 -3.43
C ARG A 90 30.32 -49.52 -4.63
N PRO A 91 30.61 -50.82 -4.46
CA PRO A 91 30.96 -51.66 -5.59
C PRO A 91 29.89 -51.60 -6.69
N ASP A 92 30.36 -51.51 -7.94
CA ASP A 92 29.58 -51.58 -9.20
C ASP A 92 28.96 -50.23 -9.57
N GLU A 93 28.91 -49.23 -8.69
CA GLU A 93 28.11 -48.02 -9.00
C GLU A 93 28.68 -47.35 -10.25
N LEU A 94 27.79 -46.93 -11.14
CA LEU A 94 28.11 -45.97 -12.21
C LEU A 94 27.80 -44.57 -11.73
N ILE A 95 26.68 -44.42 -11.04
CA ILE A 95 26.31 -43.18 -10.33
C ILE A 95 26.66 -43.35 -8.86
N VAL A 96 27.57 -42.52 -8.35
CA VAL A 96 28.03 -42.59 -6.94
C VAL A 96 27.62 -41.32 -6.21
N GLY A 97 27.84 -41.32 -4.89
CA GLY A 97 27.27 -40.33 -3.96
C GLY A 97 26.46 -41.05 -2.90
N ALA A 98 26.99 -41.17 -1.67
CA ALA A 98 26.37 -41.92 -0.58
C ALA A 98 26.11 -41.00 0.60
N VAL A 99 24.96 -41.12 1.24
CA VAL A 99 24.70 -40.29 2.44
C VAL A 99 25.30 -41.00 3.65
N THR A 100 25.32 -42.33 3.63
CA THR A 100 25.69 -43.11 4.82
C THR A 100 26.77 -44.12 4.44
N ILE A 101 27.67 -44.41 5.37
CA ILE A 101 28.77 -45.38 5.17
C ILE A 101 28.17 -46.68 4.63
N ASN A 102 27.17 -47.17 5.36
CA ASN A 102 26.51 -48.46 5.15
C ASN A 102 25.32 -48.27 4.22
N PRO A 103 25.13 -49.16 3.23
CA PRO A 103 24.00 -49.02 2.31
C PRO A 103 22.68 -48.91 3.05
N ARG A 104 21.80 -48.08 2.50
CA ARG A 104 20.39 -47.91 2.92
C ARG A 104 20.26 -47.60 4.40
N SER A 105 21.21 -46.82 4.93
CA SER A 105 21.24 -46.48 6.36
C SER A 105 20.78 -45.04 6.54
N THR A 106 20.67 -44.63 7.80
CA THR A 106 20.15 -43.30 8.15
C THR A 106 21.21 -42.45 8.85
N GLU A 107 21.17 -41.16 8.60
CA GLU A 107 21.99 -40.21 9.34
C GLU A 107 21.14 -39.70 10.51
N ILE A 108 21.72 -38.83 11.31
CA ILE A 108 21.00 -38.18 12.42
C ILE A 108 21.13 -36.68 12.25
N CYS A 109 20.02 -35.97 12.36
CA CYS A 109 20.00 -34.49 12.30
C CYS A 109 19.49 -33.97 13.64
N PRO A 110 20.37 -33.83 14.64
CA PRO A 110 19.90 -33.48 15.98
C PRO A 110 19.38 -32.04 16.10
N GLU A 111 19.55 -31.23 15.06
CA GLU A 111 19.09 -29.82 15.09
C GLU A 111 17.57 -29.76 15.18
N PHE A 112 16.86 -30.77 14.65
CA PHE A 112 15.39 -30.78 14.61
C PHE A 112 14.86 -31.46 15.87
N SER A 113 15.26 -32.71 16.10
CA SER A 113 15.05 -33.39 17.39
C SER A 113 16.24 -34.30 17.68
N TYR A 114 16.41 -34.68 18.95
CA TYR A 114 17.41 -35.68 19.36
C TYR A 114 16.88 -36.70 20.39
N ASP A 115 16.00 -36.31 21.32
CA ASP A 115 15.88 -37.05 22.59
C ASP A 115 15.38 -38.48 22.36
N TRP A 116 14.54 -38.71 21.34
CA TRP A 116 13.97 -40.05 21.05
C TRP A 116 15.05 -41.00 20.54
N VAL A 117 16.03 -40.47 19.79
CA VAL A 117 17.19 -41.28 19.33
C VAL A 117 17.86 -41.90 20.54
N GLU A 118 18.19 -41.07 21.55
CA GLU A 118 18.89 -41.55 22.76
C GLU A 118 18.01 -42.51 23.57
N LYS A 119 16.72 -42.21 23.72
CA LYS A 119 15.80 -43.10 24.47
C LYS A 119 15.67 -44.45 23.76
N GLU A 120 15.92 -44.49 22.46
CA GLU A 120 15.71 -45.71 21.66
C GLU A 120 17.05 -46.43 21.44
N PHE A 121 18.12 -45.97 22.08
CA PHE A 121 19.51 -46.42 21.80
C PHE A 121 19.59 -47.95 21.74
N ASP A 122 18.83 -48.64 22.58
CA ASP A 122 18.89 -50.12 22.72
C ASP A 122 17.63 -50.78 22.16
N THR A 123 16.56 -50.02 21.89
CA THR A 123 15.28 -50.57 21.43
C THR A 123 15.15 -50.53 19.90
N MET A 124 15.88 -49.64 19.24
CA MET A 124 15.56 -49.27 17.84
C MET A 124 15.73 -50.47 16.92
N ALA A 125 16.77 -51.28 17.14
CA ALA A 125 17.07 -52.50 16.37
C ALA A 125 16.00 -53.58 16.54
N HIS A 126 15.09 -53.46 17.51
CA HIS A 126 14.15 -54.55 17.84
C HIS A 126 12.68 -54.14 17.67
N ARG A 127 12.38 -52.87 17.39
CA ARG A 127 10.97 -52.43 17.28
C ARG A 127 10.31 -53.09 16.05
N VAL A 128 9.00 -52.91 15.94
CA VAL A 128 8.20 -53.61 14.90
C VAL A 128 8.34 -52.89 13.56
N ALA A 129 7.92 -51.63 13.51
CA ALA A 129 8.00 -50.83 12.28
C ALA A 129 9.36 -50.12 12.23
N ASP A 130 10.14 -50.39 11.17
CA ASP A 130 11.36 -49.66 10.74
C ASP A 130 12.46 -49.70 11.80
N PRO A 131 13.03 -50.88 12.12
CA PRO A 131 14.18 -50.94 13.01
C PRO A 131 15.49 -50.48 12.35
N PHE A 132 16.43 -50.06 13.18
CA PHE A 132 17.80 -49.68 12.76
C PHE A 132 18.81 -50.22 13.78
N ILE A 133 19.90 -50.79 13.29
CA ILE A 133 20.99 -51.22 14.19
C ILE A 133 21.69 -49.96 14.69
N ILE A 134 21.75 -49.79 16.00
CA ILE A 134 22.64 -48.81 16.65
C ILE A 134 23.70 -49.61 17.39
N GLU A 135 24.95 -49.54 16.91
CA GLU A 135 26.12 -50.16 17.57
C GLU A 135 26.63 -49.20 18.64
N LYS A 136 27.29 -49.70 19.68
CA LYS A 136 27.43 -48.81 20.87
C LYS A 136 28.38 -47.66 20.56
N LYS A 137 29.45 -47.88 19.79
CA LYS A 137 30.32 -46.76 19.40
C LYS A 137 29.46 -45.67 18.76
N THR A 138 28.45 -46.06 17.98
CA THR A 138 27.50 -45.09 17.42
C THR A 138 26.70 -44.42 18.53
N ALA A 139 26.28 -45.16 19.54
CA ALA A 139 25.47 -44.58 20.63
C ALA A 139 26.34 -43.65 21.49
N ASP A 140 27.55 -44.07 21.87
CA ASP A 140 28.43 -43.19 22.67
C ASP A 140 28.71 -41.92 21.88
N GLU A 141 28.94 -42.06 20.56
CA GLU A 141 29.20 -40.93 19.64
C GLU A 141 28.00 -39.98 19.63
N LEU A 142 26.79 -40.53 19.54
CA LEU A 142 25.55 -39.71 19.56
C LEU A 142 25.36 -39.14 20.96
N HIS A 143 25.43 -39.98 21.99
CA HIS A 143 25.28 -39.56 23.40
C HIS A 143 26.05 -38.29 23.66
N GLN A 144 27.32 -38.24 23.23
CA GLN A 144 28.19 -37.07 23.50
C GLN A 144 27.63 -35.86 22.76
N ALA A 145 27.35 -35.98 21.47
CA ALA A 145 26.91 -34.83 20.67
C ALA A 145 25.63 -34.24 21.26
N PHE A 146 24.71 -35.11 21.70
CA PHE A 146 23.38 -34.68 22.20
C PHE A 146 23.50 -33.78 23.43
N LYS A 147 24.60 -33.86 24.17
CA LYS A 147 24.83 -33.00 25.34
C LYS A 147 24.78 -31.54 24.94
N TYR A 148 25.11 -31.22 23.68
CA TYR A 148 25.09 -29.83 23.19
C TYR A 148 23.66 -29.33 23.07
N TRP A 149 22.73 -30.23 22.78
CA TRP A 149 21.47 -29.86 22.12
C TRP A 149 20.30 -29.44 23.00
N PRO A 150 20.12 -29.92 24.26
CA PRO A 150 18.86 -29.66 24.96
C PRO A 150 18.47 -28.20 24.76
N GLY A 151 17.23 -27.97 24.29
CA GLY A 151 16.66 -26.63 24.14
C GLY A 151 17.04 -25.90 22.86
N LYS A 152 18.02 -26.38 22.09
CA LYS A 152 18.53 -25.62 20.92
C LYS A 152 17.91 -26.15 19.62
N THR A 153 17.19 -27.26 19.69
CA THR A 153 16.51 -27.87 18.54
C THR A 153 15.42 -26.95 18.00
N THR A 154 15.05 -27.13 16.73
CA THR A 154 13.85 -26.48 16.17
C THR A 154 12.58 -27.03 16.84
N SER A 155 12.47 -28.34 17.02
CA SER A 155 11.40 -28.94 17.85
C SER A 155 11.18 -28.14 19.14
N SER A 156 12.24 -27.76 19.85
CA SER A 156 12.08 -27.18 21.19
C SER A 156 11.46 -25.79 21.07
N LEU A 157 11.86 -25.03 20.04
CA LEU A 157 11.36 -23.66 19.83
C LEU A 157 9.92 -23.71 19.34
N ALA A 158 9.67 -24.53 18.31
CA ALA A 158 8.32 -24.76 17.76
C ALA A 158 7.35 -25.01 18.91
N ALA A 159 7.74 -25.90 19.82
CA ALA A 159 6.88 -26.34 20.94
C ALA A 159 6.48 -25.15 21.82
N SER A 160 7.43 -24.26 22.16
CA SER A 160 7.10 -23.24 23.17
C SER A 160 6.31 -22.07 22.57
N TYR A 161 6.17 -22.01 21.24
CA TYR A 161 5.31 -21.02 20.54
C TYR A 161 3.84 -21.46 20.58
N MET A 162 3.57 -22.77 20.59
CA MET A 162 2.20 -23.32 20.61
C MET A 162 1.51 -23.03 21.95
N SER A 163 0.19 -22.96 21.94
CA SER A 163 -0.64 -22.69 23.14
C SER A 163 -0.93 -24.01 23.89
N GLU A 164 -1.25 -23.92 25.18
CA GLU A 164 -1.52 -25.13 26.00
C GLU A 164 -2.72 -25.88 25.40
N GLY A 165 -3.73 -25.16 24.90
CA GLY A 165 -4.89 -25.77 24.26
C GLY A 165 -4.51 -26.57 23.01
N THR A 166 -3.57 -26.06 22.22
CA THR A 166 -3.14 -26.73 20.98
C THR A 166 -2.32 -27.98 21.31
N LYS A 167 -1.47 -27.92 22.33
CA LYS A 167 -0.72 -29.12 22.75
C LYS A 167 -1.69 -30.16 23.32
N GLU A 168 -2.74 -29.73 24.00
CA GLU A 168 -3.71 -30.68 24.59
C GLU A 168 -4.39 -31.46 23.46
N SER A 169 -4.99 -30.76 22.48
CA SER A 169 -5.65 -31.39 21.33
C SER A 169 -4.72 -32.41 20.67
N MET A 170 -3.45 -32.04 20.50
CA MET A 170 -2.43 -32.93 19.91
C MET A 170 -2.22 -34.14 20.83
N SER A 171 -2.03 -33.91 22.14
CA SER A 171 -1.84 -34.99 23.15
C SER A 171 -3.01 -35.97 23.15
N ASN A 172 -4.21 -35.53 22.77
CA ASN A 172 -5.44 -36.35 22.79
C ASN A 172 -5.76 -36.94 21.42
N GLY A 173 -4.92 -36.69 20.42
CA GLY A 173 -4.98 -37.45 19.16
C GLY A 173 -5.82 -36.80 18.08
N VAL A 174 -6.14 -35.51 18.21
CA VAL A 174 -6.99 -34.83 17.20
C VAL A 174 -6.18 -34.55 15.94
N PHE A 175 -4.89 -34.21 16.11
CA PHE A 175 -4.02 -33.82 14.99
C PHE A 175 -2.58 -33.76 15.47
N THR A 176 -1.64 -33.82 14.53
CA THR A 176 -0.20 -33.83 14.81
C THR A 176 0.58 -33.07 13.74
N VAL A 177 1.57 -32.29 14.16
CA VAL A 177 2.52 -31.59 13.26
C VAL A 177 3.92 -32.19 13.42
N GLY A 178 4.00 -33.44 13.91
CA GLY A 178 5.27 -34.06 14.31
C GLY A 178 6.26 -34.12 13.18
N ASN A 179 5.77 -34.31 11.95
CA ASN A 179 6.65 -34.54 10.78
C ASN A 179 7.73 -33.45 10.72
N TYR A 180 7.34 -32.17 10.59
CA TYR A 180 8.31 -31.06 10.55
C TYR A 180 8.67 -30.59 11.97
N PHE A 181 8.04 -31.17 12.98
CA PHE A 181 8.42 -30.92 14.39
C PHE A 181 9.74 -31.62 14.68
N PHE A 182 9.78 -32.93 14.41
CA PHE A 182 10.91 -33.81 14.75
C PHE A 182 11.96 -33.80 13.65
N GLY A 183 11.55 -33.58 12.40
CA GLY A 183 12.47 -33.63 11.26
C GLY A 183 12.50 -32.35 10.46
N GLY A 184 13.17 -32.42 9.30
CA GLY A 184 13.28 -31.28 8.38
C GLY A 184 12.08 -31.19 7.47
N ILE A 185 12.08 -30.18 6.60
CA ILE A 185 10.88 -29.85 5.81
C ILE A 185 10.88 -30.70 4.55
N GLY A 186 11.86 -30.49 3.67
CA GLY A 186 11.87 -31.17 2.38
C GLY A 186 10.66 -30.78 1.55
N HIS A 187 9.92 -31.76 1.05
CA HIS A 187 8.68 -31.56 0.27
C HIS A 187 8.87 -30.45 -0.75
N VAL A 188 9.72 -30.75 -1.73
CA VAL A 188 10.19 -29.77 -2.73
C VAL A 188 10.60 -30.53 -3.98
N SER A 189 10.53 -29.86 -5.11
CA SER A 189 11.20 -30.31 -6.35
C SER A 189 12.02 -29.14 -6.86
N VAL A 190 13.33 -29.21 -6.64
CA VAL A 190 14.26 -28.10 -6.90
C VAL A 190 14.51 -27.97 -8.40
N ASP A 191 15.23 -26.91 -8.80
CA ASP A 191 15.56 -26.58 -10.21
C ASP A 191 16.79 -27.40 -10.63
N TYR A 192 16.59 -28.69 -10.85
CA TYR A 192 17.63 -29.60 -11.38
C TYR A 192 18.19 -29.06 -12.70
N GLY A 193 17.30 -28.78 -13.65
CA GLY A 193 17.70 -28.30 -14.99
C GLY A 193 18.67 -27.13 -14.92
N LYS A 194 18.53 -26.27 -13.91
CA LYS A 194 19.37 -25.05 -13.79
C LYS A 194 20.79 -25.44 -13.35
N VAL A 195 20.91 -26.36 -12.39
CA VAL A 195 22.24 -26.91 -12.01
C VAL A 195 22.81 -27.71 -13.20
N LEU A 196 21.96 -28.22 -14.08
CA LEU A 196 22.42 -29.05 -15.22
C LEU A 196 23.03 -28.17 -16.31
N LYS A 197 22.51 -26.96 -16.51
CA LYS A 197 23.05 -26.05 -17.54
C LYS A 197 24.25 -25.28 -16.98
N ILE A 198 24.12 -24.70 -15.79
CA ILE A 198 25.06 -23.66 -15.31
C ILE A 198 25.83 -24.13 -14.08
N GLY A 199 25.41 -25.20 -13.41
CA GLY A 199 26.18 -25.85 -12.34
C GLY A 199 26.23 -25.03 -11.07
N PHE A 200 26.95 -25.53 -10.06
CA PHE A 200 27.13 -24.83 -8.77
C PHE A 200 27.89 -23.53 -8.98
N ARG A 201 28.84 -23.51 -9.92
CA ARG A 201 29.58 -22.26 -10.18
C ARG A 201 28.64 -21.24 -10.82
N GLY A 202 27.64 -21.70 -11.56
CA GLY A 202 26.63 -20.80 -12.13
C GLY A 202 25.73 -20.23 -11.06
N ILE A 203 25.38 -21.05 -10.06
CA ILE A 203 24.58 -20.57 -8.91
C ILE A 203 25.39 -19.52 -8.14
N ILE A 204 26.66 -19.79 -7.91
CA ILE A 204 27.57 -18.83 -7.24
C ILE A 204 27.54 -17.50 -7.98
N ASP A 205 27.40 -17.51 -9.31
CA ASP A 205 27.47 -16.27 -10.11
C ASP A 205 26.19 -15.47 -9.99
N GLU A 206 25.02 -16.12 -10.01
CA GLU A 206 23.76 -15.39 -9.77
C GLU A 206 23.84 -14.68 -8.41
N VAL A 207 24.29 -15.38 -7.37
CA VAL A 207 24.44 -14.76 -6.03
C VAL A 207 25.43 -13.60 -6.10
N THR A 208 26.45 -13.68 -6.96
CA THR A 208 27.39 -12.55 -7.05
C THR A 208 26.74 -11.39 -7.81
N ARG A 209 25.97 -11.68 -8.87
CA ARG A 209 25.27 -10.62 -9.63
C ARG A 209 24.13 -10.03 -8.79
N ALA A 210 23.43 -10.84 -7.98
CA ALA A 210 22.47 -10.33 -6.98
C ALA A 210 23.21 -9.41 -5.99
N LEU A 211 24.32 -9.90 -5.43
CA LEU A 211 25.09 -9.20 -4.39
C LEU A 211 25.54 -7.83 -4.90
N GLU A 212 25.88 -7.72 -6.20
CA GLU A 212 26.42 -6.47 -6.79
C GLU A 212 25.32 -5.48 -7.15
N ASN A 213 24.07 -5.95 -7.29
CA ASN A 213 22.92 -5.10 -7.66
C ASN A 213 22.08 -4.78 -6.43
N LEU A 214 22.61 -5.00 -5.23
CA LEU A 214 21.86 -4.76 -3.98
C LEU A 214 21.59 -3.27 -3.79
N ASP A 215 20.34 -2.94 -3.52
CA ASP A 215 19.94 -1.57 -3.13
C ASP A 215 20.39 -1.39 -1.68
N ARG A 216 21.45 -0.62 -1.45
CA ARG A 216 22.05 -0.50 -0.11
C ARG A 216 21.69 0.82 0.56
N SER A 217 20.49 1.36 0.29
CA SER A 217 20.05 2.66 0.86
C SER A 217 19.17 2.46 2.10
N THR A 218 18.93 1.22 2.50
CA THR A 218 18.07 0.89 3.66
C THR A 218 18.90 0.06 4.66
N SER A 219 18.20 -0.63 5.55
CA SER A 219 18.80 -1.67 6.42
C SER A 219 18.52 -3.07 5.88
N ASP A 220 17.65 -3.21 4.88
CA ASP A 220 17.23 -4.54 4.38
C ASP A 220 18.39 -5.26 3.71
N TYR A 221 19.43 -4.55 3.27
CA TYR A 221 20.54 -5.20 2.54
C TYR A 221 21.33 -6.08 3.51
N ILE A 222 21.47 -5.65 4.76
CA ILE A 222 22.34 -6.30 5.76
C ILE A 222 21.96 -7.78 5.91
N LYS A 223 20.67 -8.10 5.82
CA LYS A 223 20.25 -9.50 5.97
C LYS A 223 20.24 -10.23 4.62
N LYS A 224 19.88 -9.55 3.53
CA LYS A 224 19.94 -10.16 2.18
C LYS A 224 21.38 -10.53 1.88
N GLU A 225 22.32 -9.71 2.33
CA GLU A 225 23.76 -9.91 2.06
C GLU A 225 24.31 -11.08 2.87
N GLN A 226 23.89 -11.24 4.12
CA GLN A 226 24.24 -12.45 4.88
C GLN A 226 23.80 -13.67 4.07
N PHE A 227 22.55 -13.68 3.62
CA PHE A 227 21.97 -14.84 2.90
C PHE A 227 22.80 -15.15 1.66
N TYR A 228 23.14 -14.12 0.89
CA TYR A 228 23.98 -14.28 -0.32
C TYR A 228 25.37 -14.79 0.06
N ASN A 229 26.03 -14.12 1.00
CA ASN A 229 27.34 -14.59 1.53
C ASN A 229 27.18 -16.01 2.09
N ALA A 230 25.99 -16.39 2.52
CA ALA A 230 25.71 -17.75 3.02
C ALA A 230 25.47 -18.72 1.88
N VAL A 231 24.92 -18.26 0.76
CA VAL A 231 24.66 -19.20 -0.36
C VAL A 231 25.98 -19.53 -1.09
N ILE A 232 26.88 -18.56 -1.21
CA ILE A 232 28.19 -18.78 -1.89
C ILE A 232 28.99 -19.81 -1.09
N LEU A 233 29.13 -19.59 0.21
CA LEU A 233 29.96 -20.48 1.04
C LEU A 233 29.45 -21.93 0.94
N SER A 234 28.13 -22.13 1.06
CA SER A 234 27.52 -23.47 0.90
C SER A 234 27.88 -24.08 -0.45
N TYR A 235 27.81 -23.28 -1.52
CA TYR A 235 27.92 -23.82 -2.89
C TYR A 235 29.38 -24.00 -3.29
N GLN A 236 30.28 -23.20 -2.74
CA GLN A 236 31.72 -23.55 -2.73
C GLN A 236 31.85 -24.95 -2.12
N ALA A 237 31.34 -25.12 -0.89
CA ALA A 237 31.44 -26.39 -0.14
C ALA A 237 30.93 -27.55 -0.98
N ALA A 238 29.72 -27.43 -1.53
CA ALA A 238 29.13 -28.48 -2.36
C ALA A 238 30.07 -28.85 -3.51
N ILE A 239 30.82 -27.89 -4.03
CA ILE A 239 31.76 -28.13 -5.13
C ILE A 239 32.94 -28.97 -4.61
N ASN A 240 33.43 -28.66 -3.41
CA ASN A 240 34.45 -29.51 -2.78
C ASN A 240 33.89 -30.92 -2.62
N PHE A 241 32.65 -31.05 -2.17
CA PHE A 241 32.03 -32.38 -1.91
C PHE A 241 32.10 -33.23 -3.18
N ALA A 242 31.75 -32.68 -4.34
CA ALA A 242 31.79 -33.44 -5.61
C ALA A 242 33.24 -33.77 -5.95
N HIS A 243 34.15 -32.82 -5.76
CA HIS A 243 35.60 -32.98 -6.05
C HIS A 243 36.17 -34.11 -5.19
N ARG A 244 35.64 -34.26 -3.97
CA ARG A 244 36.10 -35.30 -3.02
C ARG A 244 35.66 -36.67 -3.50
N TYR A 245 34.46 -36.79 -4.06
CA TYR A 245 34.01 -38.09 -4.63
C TYR A 245 34.90 -38.44 -5.82
N ALA A 246 35.47 -37.44 -6.49
CA ALA A 246 36.35 -37.65 -7.65
C ALA A 246 37.72 -38.15 -7.20
N GLN A 247 38.28 -37.59 -6.13
CA GLN A 247 39.55 -38.07 -5.56
C GLN A 247 39.38 -39.52 -5.09
N GLU A 248 38.23 -39.86 -4.52
CA GLU A 248 37.96 -41.25 -4.09
C GLU A 248 37.82 -42.15 -5.31
N ALA A 249 37.15 -41.68 -6.36
CA ALA A 249 36.99 -42.46 -7.60
C ALA A 249 38.37 -42.74 -8.22
N SER A 250 39.32 -41.82 -8.05
CA SER A 250 40.67 -41.95 -8.66
C SER A 250 41.58 -42.80 -7.76
N ARG A 251 41.53 -42.56 -6.46
CA ARG A 251 42.23 -43.43 -5.48
C ARG A 251 41.87 -44.90 -5.74
N LEU A 252 40.58 -45.21 -5.86
CA LEU A 252 40.16 -46.61 -6.09
C LEU A 252 40.62 -47.07 -7.47
N ALA A 253 40.70 -46.15 -8.44
CA ALA A 253 41.02 -46.52 -9.83
C ALA A 253 42.50 -46.88 -9.94
N ARG A 254 43.36 -46.20 -9.16
CA ARG A 254 44.80 -46.53 -9.12
C ARG A 254 45.01 -47.92 -8.52
N GLU A 255 44.13 -48.37 -7.63
CA GLU A 255 44.24 -49.70 -6.99
C GLU A 255 43.36 -50.72 -7.70
N GLU A 256 42.58 -50.34 -8.71
CA GLU A 256 41.74 -51.33 -9.41
C GLU A 256 42.63 -52.24 -10.25
N ARG A 257 42.39 -53.55 -10.16
CA ARG A 257 43.21 -54.51 -10.91
C ARG A 257 42.34 -55.26 -11.93
N ASP A 258 41.04 -54.95 -12.01
CA ASP A 258 40.24 -55.25 -13.21
C ASP A 258 40.21 -54.02 -14.12
N PRO A 259 40.74 -54.10 -15.36
CA PRO A 259 40.79 -52.92 -16.22
C PRO A 259 39.43 -52.33 -16.59
N THR A 260 38.39 -53.14 -16.78
CA THR A 260 37.05 -52.61 -17.13
C THR A 260 36.57 -51.68 -16.01
N ARG A 261 36.59 -52.16 -14.77
CA ARG A 261 36.21 -51.36 -13.59
C ARG A 261 37.15 -50.17 -13.45
N GLN A 262 38.39 -50.28 -13.92
CA GLN A 262 39.36 -49.19 -13.74
C GLN A 262 38.96 -47.99 -14.60
N ARG A 263 38.65 -48.19 -15.88
CA ARG A 263 38.24 -47.07 -16.77
C ARG A 263 36.93 -46.47 -16.25
N GLU A 264 35.98 -47.34 -15.92
CA GLU A 264 34.74 -46.95 -15.19
C GLU A 264 35.05 -45.96 -14.06
N LEU A 265 36.01 -46.28 -13.20
CA LEU A 265 36.31 -45.43 -12.03
C LEU A 265 36.95 -44.12 -12.47
N GLU A 266 37.89 -44.15 -13.42
CA GLU A 266 38.54 -42.88 -13.83
C GLU A 266 37.59 -42.09 -14.73
N GLN A 267 36.50 -42.72 -15.17
CA GLN A 267 35.42 -42.03 -15.94
C GLN A 267 34.37 -41.46 -14.97
N ILE A 268 34.11 -42.14 -13.86
CA ILE A 268 33.34 -41.56 -12.73
C ILE A 268 34.13 -40.39 -12.15
N ALA A 269 35.44 -40.54 -12.02
CA ALA A 269 36.29 -39.50 -11.42
C ALA A 269 36.19 -38.22 -12.26
N SER A 270 36.19 -38.34 -13.59
CA SER A 270 36.06 -37.18 -14.48
C SER A 270 34.69 -36.53 -14.32
N ASN A 271 33.64 -37.34 -14.15
CA ASN A 271 32.26 -36.81 -14.07
C ASN A 271 32.12 -35.90 -12.86
N CYS A 272 32.46 -36.41 -11.68
CA CYS A 272 32.43 -35.66 -10.41
C CYS A 272 33.38 -34.47 -10.41
N THR A 273 34.39 -34.42 -11.28
CA THR A 273 35.23 -33.20 -11.34
C THR A 273 34.58 -32.14 -12.23
N ARG A 274 33.68 -32.51 -13.13
CA ARG A 274 32.93 -31.46 -13.86
C ARG A 274 31.66 -31.14 -13.12
N VAL A 275 30.85 -32.16 -12.85
CA VAL A 275 29.46 -31.98 -12.36
C VAL A 275 29.41 -32.31 -10.87
N PRO A 276 28.51 -31.65 -10.14
CA PRO A 276 27.71 -30.58 -10.73
C PRO A 276 28.37 -29.21 -10.61
N GLU A 277 29.69 -29.14 -10.37
CA GLU A 277 30.38 -27.84 -10.32
C GLU A 277 30.03 -27.02 -11.56
N TYR A 278 30.09 -27.64 -12.73
CA TYR A 278 29.73 -27.00 -14.01
C TYR A 278 28.55 -27.76 -14.60
N GLY A 279 28.20 -27.44 -15.83
CA GLY A 279 27.02 -28.03 -16.47
C GLY A 279 27.31 -29.41 -16.98
N ALA A 280 26.28 -30.24 -17.08
CA ALA A 280 26.43 -31.61 -17.63
C ALA A 280 26.81 -31.52 -19.11
N THR A 281 27.71 -32.42 -19.54
CA THR A 281 28.31 -32.49 -20.88
C THR A 281 27.85 -33.74 -21.63
N THR A 282 27.56 -34.80 -20.89
CA THR A 282 27.05 -36.06 -21.42
C THR A 282 25.81 -36.43 -20.61
N PHE A 283 25.15 -37.52 -20.99
CA PHE A 283 24.00 -38.01 -20.22
C PHE A 283 24.47 -38.54 -18.87
N TRP A 284 25.55 -39.32 -18.86
CA TRP A 284 26.18 -39.83 -17.62
C TRP A 284 26.30 -38.68 -16.60
N GLU A 285 27.00 -37.60 -16.96
CA GLU A 285 27.25 -36.48 -16.03
C GLU A 285 25.92 -35.82 -15.62
N ALA A 286 24.97 -35.72 -16.55
CA ALA A 286 23.62 -35.24 -16.22
C ALA A 286 23.03 -36.10 -15.11
N CYS A 287 23.23 -37.41 -15.20
CA CYS A 287 22.72 -38.35 -14.17
C CYS A 287 23.46 -38.13 -12.83
N GLN A 288 24.78 -37.93 -12.87
CA GLN A 288 25.58 -37.73 -11.64
C GLN A 288 25.34 -36.32 -11.09
N THR A 289 24.92 -35.36 -11.93
CA THR A 289 24.48 -34.04 -11.42
C THR A 289 23.17 -34.21 -10.65
N PHE A 290 22.20 -34.88 -11.27
CA PHE A 290 20.92 -35.23 -10.62
C PHE A 290 21.21 -35.82 -9.25
N TRP A 291 21.93 -36.96 -9.23
CA TRP A 291 22.05 -37.74 -7.99
C TRP A 291 22.74 -36.92 -6.90
N PHE A 292 23.73 -36.09 -7.25
CA PHE A 292 24.40 -35.21 -6.27
C PHE A 292 23.38 -34.28 -5.62
N ILE A 293 22.51 -33.65 -6.43
CA ILE A 293 21.43 -32.80 -5.90
C ILE A 293 20.54 -33.64 -4.99
N GLN A 294 20.01 -34.74 -5.53
CA GLN A 294 19.02 -35.60 -4.83
C GLN A 294 19.61 -36.16 -3.54
N SER A 295 20.92 -36.28 -3.46
CA SER A 295 21.59 -36.85 -2.27
C SER A 295 21.90 -35.74 -1.27
N MET A 296 22.53 -34.67 -1.75
CA MET A 296 23.18 -33.69 -0.86
C MET A 296 22.15 -32.83 -0.13
N LEU A 297 21.07 -32.43 -0.81
CA LEU A 297 19.90 -31.80 -0.17
C LEU A 297 19.54 -32.59 1.10
N GLN A 298 19.44 -33.93 0.98
CA GLN A 298 19.09 -34.81 2.12
C GLN A 298 20.28 -34.95 3.08
N ILE A 299 21.45 -34.40 2.78
CA ILE A 299 22.56 -34.34 3.76
C ILE A 299 22.40 -33.10 4.64
N GLU A 300 22.03 -31.94 4.08
CA GLU A 300 21.95 -30.70 4.87
C GLU A 300 20.73 -30.76 5.77
N SER A 301 19.66 -31.40 5.32
CA SER A 301 18.40 -31.47 6.08
C SER A 301 17.72 -32.81 5.82
N SER A 302 17.17 -33.41 6.87
CA SER A 302 16.53 -34.74 6.84
C SER A 302 15.07 -34.67 6.36
N GLY A 303 14.58 -33.47 6.04
CA GLY A 303 13.29 -33.33 5.38
C GLY A 303 13.20 -34.30 4.23
N HIS A 304 12.11 -35.07 4.16
CA HIS A 304 11.94 -36.11 3.13
C HIS A 304 11.03 -35.59 2.04
N SER A 305 10.59 -36.49 1.16
CA SER A 305 9.81 -36.14 -0.04
C SER A 305 10.60 -35.13 -0.87
N ILE A 306 11.93 -35.30 -0.93
CA ILE A 306 12.77 -34.57 -1.90
C ILE A 306 12.48 -35.19 -3.26
N SER A 307 11.60 -34.56 -4.03
CA SER A 307 10.95 -35.17 -5.20
C SER A 307 11.61 -34.74 -6.50
N PRO A 308 12.28 -35.65 -7.25
CA PRO A 308 12.82 -35.30 -8.57
C PRO A 308 11.83 -34.58 -9.48
N GLY A 309 10.58 -35.03 -9.56
CA GLY A 309 9.56 -34.34 -10.36
C GLY A 309 9.71 -34.67 -11.83
N ARG A 310 9.69 -33.64 -12.69
CA ARG A 310 9.66 -33.87 -14.16
C ARG A 310 11.03 -34.35 -14.65
N PHE A 311 11.52 -35.47 -14.11
CA PHE A 311 12.85 -36.02 -14.45
C PHE A 311 12.98 -36.30 -15.95
N ASP A 312 11.91 -36.74 -16.61
CA ASP A 312 12.00 -37.04 -18.06
C ASP A 312 12.05 -35.74 -18.87
N GLN A 313 11.70 -34.62 -18.26
CA GLN A 313 11.58 -33.31 -18.97
C GLN A 313 12.90 -32.56 -18.98
N TYR A 314 13.74 -32.74 -17.96
CA TYR A 314 14.90 -31.84 -17.76
C TYR A 314 16.22 -32.60 -17.95
N MET A 315 16.19 -33.93 -17.91
CA MET A 315 17.36 -34.76 -18.26
C MET A 315 17.38 -34.98 -19.76
N TYR A 316 16.23 -34.99 -20.41
CA TYR A 316 16.14 -35.48 -21.79
C TYR A 316 16.98 -34.64 -22.75
N PRO A 317 17.06 -33.30 -22.65
CA PRO A 317 18.00 -32.57 -23.51
C PRO A 317 19.40 -33.19 -23.51
N TYR A 318 19.87 -33.64 -22.35
CA TYR A 318 21.25 -34.16 -22.15
C TYR A 318 21.35 -35.59 -22.70
N LEU A 319 20.24 -36.35 -22.71
CA LEU A 319 20.22 -37.65 -23.41
C LEU A 319 20.21 -37.43 -24.93
N ALA A 320 19.36 -36.53 -25.42
CA ALA A 320 19.28 -36.25 -26.87
C ALA A 320 20.65 -35.76 -27.36
N ALA A 321 21.23 -34.79 -26.66
CA ALA A 321 22.47 -34.11 -27.10
C ALA A 321 23.69 -35.01 -27.01
N ASP A 322 23.58 -36.17 -26.36
CA ASP A 322 24.65 -37.19 -26.32
C ASP A 322 24.57 -38.01 -27.61
N THR A 323 25.42 -37.67 -28.58
CA THR A 323 25.46 -38.38 -29.87
C THR A 323 26.28 -39.66 -29.74
N ALA A 324 27.03 -39.84 -28.64
CA ALA A 324 27.94 -40.98 -28.45
C ALA A 324 27.26 -42.13 -27.69
N ILE A 325 26.43 -41.84 -26.69
CA ILE A 325 25.95 -42.86 -25.73
C ILE A 325 25.03 -43.84 -26.45
N SER A 326 25.16 -45.12 -26.11
CA SER A 326 24.25 -46.19 -26.57
C SER A 326 22.97 -46.16 -25.74
N SER A 327 21.89 -46.70 -26.28
CA SER A 327 20.61 -46.82 -25.55
C SER A 327 20.76 -47.79 -24.39
N GLU A 328 21.48 -48.88 -24.61
CA GLU A 328 21.69 -49.93 -23.60
C GLU A 328 22.42 -49.32 -22.39
N PHE A 329 23.47 -48.52 -22.61
CA PHE A 329 24.22 -47.93 -21.50
C PHE A 329 23.50 -46.73 -20.91
N ALA A 330 22.67 -46.05 -21.71
CA ALA A 330 21.83 -44.94 -21.22
C ALA A 330 20.73 -45.51 -20.32
N GLN A 331 20.05 -46.57 -20.74
CA GLN A 331 19.05 -47.25 -19.91
C GLN A 331 19.71 -47.80 -18.63
N GLU A 332 20.95 -48.28 -18.72
CA GLU A 332 21.63 -48.84 -17.55
C GLU A 332 21.91 -47.74 -16.52
N LEU A 333 22.37 -46.57 -16.97
CA LEU A 333 22.62 -45.42 -16.07
C LEU A 333 21.32 -45.03 -15.37
N VAL A 334 20.20 -44.95 -16.11
CA VAL A 334 18.90 -44.56 -15.49
C VAL A 334 18.53 -45.61 -14.43
N ASP A 335 18.85 -46.88 -14.65
CA ASP A 335 18.56 -47.92 -13.63
C ASP A 335 19.38 -47.67 -12.37
N CYS A 336 20.67 -47.30 -12.51
CA CYS A 336 21.51 -46.99 -11.32
C CYS A 336 20.98 -45.76 -10.60
N CYS A 337 20.19 -44.93 -11.27
CA CYS A 337 19.52 -43.79 -10.61
C CYS A 337 18.34 -44.29 -9.77
N TRP A 338 17.58 -45.25 -10.28
CA TRP A 338 16.46 -45.86 -9.51
C TRP A 338 17.03 -46.51 -8.26
N ILE A 339 18.05 -47.35 -8.42
CA ILE A 339 18.66 -48.10 -7.31
C ILE A 339 19.23 -47.10 -6.30
N LYS A 340 19.99 -46.13 -6.79
CA LYS A 340 20.68 -45.15 -5.92
C LYS A 340 19.64 -44.34 -5.12
N LEU A 341 18.42 -44.20 -5.64
CA LEU A 341 17.33 -43.56 -4.88
C LEU A 341 16.86 -44.45 -3.73
N ASN A 342 17.03 -45.77 -3.80
CA ASN A 342 16.65 -46.66 -2.67
C ASN A 342 17.72 -46.65 -1.58
N ASP A 343 18.87 -46.05 -1.85
CA ASP A 343 20.02 -46.02 -0.92
C ASP A 343 19.76 -45.03 0.22
N ILE A 344 18.76 -44.15 0.09
CA ILE A 344 18.46 -43.11 1.11
C ILE A 344 17.52 -43.73 2.15
N ASN A 345 17.78 -43.44 3.42
CA ASN A 345 16.89 -43.87 4.50
C ASN A 345 16.85 -42.81 5.60
N LYS A 346 15.77 -42.89 6.38
CA LYS A 346 15.50 -41.95 7.48
C LYS A 346 14.77 -42.68 8.60
N THR A 347 15.36 -42.67 9.79
CA THR A 347 14.66 -43.19 10.99
C THR A 347 13.93 -42.04 11.66
N ARG A 348 12.78 -42.39 12.24
CA ARG A 348 11.98 -41.47 13.05
C ARG A 348 11.77 -42.12 14.40
N ASP A 349 11.29 -41.36 15.38
CA ASP A 349 10.92 -41.91 16.70
C ASP A 349 9.98 -43.10 16.44
N GLU A 350 9.82 -43.99 17.43
CA GLU A 350 9.21 -45.29 17.12
C GLU A 350 7.72 -45.12 16.83
N ILE A 351 7.07 -44.05 17.29
CA ILE A 351 5.65 -43.82 16.92
C ILE A 351 5.59 -43.25 15.50
N SER A 352 6.30 -42.15 15.26
CA SER A 352 6.44 -41.55 13.90
C SER A 352 6.66 -42.67 12.88
N ALA A 353 7.64 -43.55 13.12
CA ALA A 353 8.08 -44.58 12.17
C ALA A 353 6.88 -45.42 11.71
N GLN A 354 5.89 -45.58 12.58
CA GLN A 354 4.64 -46.33 12.28
C GLN A 354 3.79 -45.62 11.22
N ALA A 355 3.89 -44.29 11.11
CA ALA A 355 3.06 -43.45 10.22
C ALA A 355 3.75 -43.16 8.89
N PHE A 356 5.06 -43.30 8.84
CA PHE A 356 5.88 -43.17 7.62
C PHE A 356 6.61 -44.48 7.35
N ALA A 357 5.88 -45.59 7.48
CA ALA A 357 6.43 -46.96 7.56
C ALA A 357 7.08 -47.39 6.23
N GLY A 358 8.15 -48.18 6.34
CA GLY A 358 8.72 -48.93 5.21
C GLY A 358 10.09 -48.47 4.76
N TYR A 359 10.84 -47.70 5.57
CA TYR A 359 12.11 -47.07 5.15
C TYR A 359 11.81 -46.17 3.95
N ALA A 360 10.83 -45.28 4.16
CA ALA A 360 10.20 -44.53 3.07
C ALA A 360 10.62 -43.07 3.18
N VAL A 361 11.22 -42.53 2.11
CA VAL A 361 11.53 -41.08 2.05
C VAL A 361 10.80 -40.41 0.88
N PHE A 362 9.94 -41.15 0.18
CA PHE A 362 8.85 -40.57 -0.63
C PHE A 362 9.39 -39.64 -1.73
N GLN A 363 10.53 -39.99 -2.33
CA GLN A 363 11.12 -39.13 -3.38
C GLN A 363 10.40 -39.45 -4.69
N ASN A 364 9.41 -38.61 -5.02
CA ASN A 364 8.44 -38.82 -6.11
C ASN A 364 9.03 -38.33 -7.43
N LEU A 365 8.88 -39.14 -8.46
CA LEU A 365 9.42 -38.86 -9.81
C LEU A 365 8.34 -39.18 -10.83
N CYS A 366 7.83 -38.15 -11.50
CA CYS A 366 6.77 -38.28 -12.50
C CYS A 366 7.33 -38.04 -13.89
N VAL A 367 6.65 -38.57 -14.90
CA VAL A 367 6.99 -38.41 -16.32
C VAL A 367 5.70 -38.04 -17.07
N GLY A 368 5.85 -37.51 -18.28
CA GLY A 368 4.70 -37.28 -19.18
C GLY A 368 3.96 -36.00 -18.86
N GLY A 369 2.77 -35.86 -19.43
CA GLY A 369 1.91 -34.68 -19.21
C GLY A 369 1.92 -33.69 -20.36
N GLN A 370 1.69 -32.41 -20.06
CA GLN A 370 1.74 -31.34 -21.07
C GLN A 370 2.99 -30.52 -20.85
N THR A 371 3.51 -29.93 -21.92
CA THR A 371 4.51 -28.84 -21.81
C THR A 371 3.84 -27.59 -21.27
N GLU A 372 4.64 -26.55 -21.04
CA GLU A 372 4.08 -25.22 -20.70
C GLU A 372 3.20 -24.72 -21.84
N ASP A 373 3.40 -25.24 -23.06
CA ASP A 373 2.72 -24.79 -24.29
C ASP A 373 1.47 -25.63 -24.60
N GLY A 374 1.04 -26.49 -23.67
CA GLY A 374 -0.26 -27.17 -23.75
C GLY A 374 -0.24 -28.49 -24.51
N ARG A 375 0.88 -28.89 -25.12
CA ARG A 375 0.93 -30.14 -25.91
C ARG A 375 1.80 -31.18 -25.21
N ASP A 376 1.57 -32.44 -25.59
CA ASP A 376 2.01 -33.60 -24.80
C ASP A 376 3.54 -33.59 -24.69
N ALA A 377 4.05 -34.08 -23.57
CA ALA A 377 5.46 -33.94 -23.18
C ALA A 377 6.21 -35.27 -23.25
N THR A 378 5.55 -36.36 -23.66
CA THR A 378 6.23 -37.66 -23.83
C THR A 378 7.47 -37.46 -24.69
N ASN A 379 8.60 -38.02 -24.24
CA ASN A 379 9.84 -38.09 -25.03
C ASN A 379 10.44 -39.46 -24.81
N PRO A 380 11.39 -39.91 -25.65
CA PRO A 380 12.01 -41.22 -25.45
C PRO A 380 12.45 -41.55 -24.02
N LEU A 381 12.85 -40.55 -23.21
CA LEU A 381 13.28 -40.81 -21.80
C LEU A 381 12.07 -41.14 -20.92
N THR A 382 10.87 -40.68 -21.28
CA THR A 382 9.64 -41.06 -20.57
C THR A 382 9.54 -42.59 -20.47
N TYR A 383 9.61 -43.29 -21.59
CA TYR A 383 9.50 -44.77 -21.60
C TYR A 383 10.75 -45.41 -21.00
N MET A 384 11.88 -44.71 -20.98
CA MET A 384 13.09 -45.25 -20.33
C MET A 384 12.92 -45.20 -18.82
N CYS A 385 12.12 -44.27 -18.30
CA CYS A 385 11.83 -44.17 -16.85
C CYS A 385 10.84 -45.24 -16.43
N MET A 386 9.96 -45.69 -17.33
CA MET A 386 9.07 -46.83 -17.04
C MET A 386 9.88 -48.11 -17.05
N GLU A 387 10.79 -48.26 -18.03
CA GLU A 387 11.64 -49.46 -18.17
C GLU A 387 12.53 -49.62 -16.93
N ALA A 388 13.02 -48.50 -16.38
CA ALA A 388 13.80 -48.54 -15.14
C ALA A 388 12.99 -49.26 -14.07
N THR A 389 11.76 -48.79 -13.86
CA THR A 389 10.89 -49.33 -12.79
C THR A 389 10.60 -50.82 -13.01
N ALA A 390 10.59 -51.30 -14.26
CA ALA A 390 10.39 -52.73 -14.52
C ALA A 390 11.68 -53.51 -14.23
N HIS A 391 12.84 -52.90 -14.45
CA HIS A 391 14.16 -53.53 -14.20
C HIS A 391 14.41 -53.65 -12.70
N VAL A 392 14.18 -52.58 -11.95
CA VAL A 392 14.70 -52.45 -10.57
C VAL A 392 13.64 -52.92 -9.58
N ARG A 393 12.39 -52.54 -9.76
CA ARG A 393 11.26 -53.07 -8.94
C ARG A 393 11.50 -52.87 -7.44
N LEU A 394 12.28 -51.86 -7.06
CA LEU A 394 12.45 -51.51 -5.64
C LEU A 394 11.46 -50.41 -5.29
N PRO A 395 11.21 -50.15 -3.99
CA PRO A 395 10.20 -49.15 -3.61
C PRO A 395 10.34 -47.78 -4.30
N GLN A 396 11.59 -47.24 -4.35
CA GLN A 396 11.91 -45.90 -4.91
C GLN A 396 12.40 -46.02 -6.34
N PRO A 397 12.23 -44.96 -7.17
CA PRO A 397 11.43 -43.78 -6.83
C PRO A 397 9.93 -44.08 -6.66
N SER A 398 9.24 -43.22 -5.91
CA SER A 398 7.76 -43.16 -5.94
C SER A 398 7.35 -42.70 -7.34
N PHE A 399 7.20 -43.68 -8.24
CA PHE A 399 7.10 -43.43 -9.69
C PHE A 399 5.68 -43.01 -10.03
N SER A 400 5.55 -41.97 -10.86
CA SER A 400 4.24 -41.37 -11.20
C SER A 400 4.15 -41.14 -12.69
N ILE A 401 2.91 -41.00 -13.17
CA ILE A 401 2.66 -40.46 -14.52
C ILE A 401 1.60 -39.38 -14.41
N ARG A 402 1.75 -38.36 -15.23
CA ARG A 402 0.70 -37.36 -15.46
C ARG A 402 -0.15 -37.82 -16.64
N VAL A 403 -1.43 -37.48 -16.57
CA VAL A 403 -2.42 -37.81 -17.62
C VAL A 403 -3.23 -36.54 -17.90
N TRP A 404 -3.46 -36.27 -19.18
CA TRP A 404 -4.37 -35.21 -19.65
C TRP A 404 -5.13 -35.75 -20.86
N GLN A 405 -6.14 -35.02 -21.33
CA GLN A 405 -6.94 -35.47 -22.49
C GLN A 405 -6.01 -35.97 -23.60
N GLY A 406 -4.93 -35.24 -23.89
CA GLY A 406 -4.06 -35.54 -25.02
C GLY A 406 -2.96 -36.52 -24.68
N THR A 407 -3.15 -37.40 -23.70
CA THR A 407 -2.15 -38.46 -23.43
C THR A 407 -2.24 -39.47 -24.57
N PRO A 408 -1.13 -39.76 -25.28
CA PRO A 408 -1.16 -40.81 -26.30
C PRO A 408 -1.56 -42.15 -25.69
N ASP A 409 -2.43 -42.88 -26.37
CA ASP A 409 -2.86 -44.21 -25.91
C ASP A 409 -1.62 -45.08 -25.59
N GLU A 410 -0.59 -44.99 -26.44
CA GLU A 410 0.71 -45.66 -26.22
C GLU A 410 1.12 -45.66 -24.76
N PHE A 411 1.09 -44.49 -24.13
CA PHE A 411 1.73 -44.16 -22.84
C PHE A 411 0.87 -44.65 -21.67
N LEU A 412 -0.43 -44.37 -21.70
CA LEU A 412 -1.40 -44.91 -20.72
C LEU A 412 -1.36 -46.43 -20.70
N TYR A 413 -1.33 -47.07 -21.87
CA TYR A 413 -1.31 -48.55 -21.96
C TYR A 413 0.02 -49.09 -21.47
N ARG A 414 1.13 -48.47 -21.85
CA ARG A 414 2.46 -48.90 -21.36
C ARG A 414 2.57 -48.66 -19.86
N ALA A 415 1.93 -47.60 -19.35
CA ALA A 415 1.99 -47.27 -17.90
C ALA A 415 1.21 -48.31 -17.10
N CYS A 416 0.02 -48.71 -17.60
CA CYS A 416 -0.79 -49.81 -17.04
C CYS A 416 -0.02 -51.13 -17.06
N GLU A 417 0.46 -51.49 -18.25
CA GLU A 417 1.24 -52.72 -18.50
C GLU A 417 2.37 -52.83 -17.49
N LEU A 418 2.75 -51.70 -16.89
CA LEU A 418 3.74 -51.63 -15.79
C LEU A 418 3.05 -51.71 -14.42
N VAL A 419 1.90 -51.06 -14.26
CA VAL A 419 1.12 -51.14 -13.00
C VAL A 419 0.73 -52.58 -12.76
N ARG A 420 0.57 -53.35 -13.82
CA ARG A 420 0.18 -54.79 -13.76
C ARG A 420 1.29 -55.67 -13.19
N LEU A 421 2.52 -55.18 -13.07
CA LEU A 421 3.56 -55.94 -12.34
C LEU A 421 3.31 -55.90 -10.84
N GLY A 422 2.40 -55.04 -10.38
CA GLY A 422 1.89 -55.13 -9.00
C GLY A 422 2.81 -54.51 -7.98
N LEU A 423 3.73 -53.64 -8.40
CA LEU A 423 4.57 -52.87 -7.47
C LEU A 423 3.81 -51.68 -6.87
N GLY A 424 2.67 -51.30 -7.45
CA GLY A 424 1.95 -50.08 -7.06
C GLY A 424 2.23 -48.91 -7.99
N VAL A 425 3.25 -49.04 -8.83
CA VAL A 425 3.77 -47.94 -9.69
C VAL A 425 3.36 -48.21 -11.13
N PRO A 426 3.16 -47.16 -11.96
CA PRO A 426 3.11 -45.78 -11.46
C PRO A 426 1.78 -45.40 -10.78
N ALA A 427 1.85 -44.48 -9.82
CA ALA A 427 0.67 -43.70 -9.43
C ALA A 427 0.28 -42.85 -10.63
N MET A 428 -0.97 -42.42 -10.68
CA MET A 428 -1.51 -41.70 -11.84
C MET A 428 -2.09 -40.39 -11.36
N TYR A 429 -1.74 -39.30 -12.03
CA TYR A 429 -2.24 -37.95 -11.70
C TYR A 429 -2.96 -37.33 -12.90
N ASN A 430 -4.08 -36.69 -12.60
CA ASN A 430 -4.98 -36.09 -13.61
C ASN A 430 -4.63 -34.61 -13.76
N ASP A 431 -4.14 -34.23 -14.95
CA ASP A 431 -3.81 -32.82 -15.26
C ASP A 431 -5.06 -31.95 -15.19
N GLU A 432 -6.22 -32.51 -15.53
CA GLU A 432 -7.44 -31.71 -15.78
C GLU A 432 -8.06 -31.29 -14.46
N VAL A 433 -7.59 -31.84 -13.34
CA VAL A 433 -8.07 -31.46 -11.98
C VAL A 433 -6.95 -30.75 -11.21
N ILE A 434 -5.71 -31.19 -11.39
CA ILE A 434 -4.58 -30.61 -10.64
C ILE A 434 -4.33 -29.19 -11.15
N ILE A 435 -4.26 -29.02 -12.46
CA ILE A 435 -3.84 -27.72 -13.03
C ILE A 435 -4.82 -26.62 -12.63
N PRO A 436 -6.15 -26.76 -12.85
CA PRO A 436 -7.08 -25.75 -12.33
C PRO A 436 -7.17 -25.68 -10.79
N ALA A 437 -6.91 -26.79 -10.09
CA ALA A 437 -6.83 -26.76 -8.61
C ALA A 437 -5.75 -25.76 -8.15
N LEU A 438 -4.62 -25.74 -8.85
CA LEU A 438 -3.49 -24.83 -8.51
C LEU A 438 -3.80 -23.41 -8.98
N GLN A 439 -4.48 -23.27 -10.12
CA GLN A 439 -4.97 -21.96 -10.59
C GLN A 439 -5.87 -21.32 -9.53
N ASN A 440 -6.71 -22.10 -8.88
CA ASN A 440 -7.57 -21.56 -7.81
C ASN A 440 -6.74 -21.13 -6.60
N ARG A 441 -5.46 -21.56 -6.50
CA ARG A 441 -4.57 -21.12 -5.41
C ARG A 441 -3.63 -20.00 -5.83
N GLY A 442 -3.73 -19.50 -7.06
CA GLY A 442 -2.97 -18.33 -7.53
C GLY A 442 -1.81 -18.68 -8.45
N VAL A 443 -1.66 -19.96 -8.80
CA VAL A 443 -0.56 -20.43 -9.66
C VAL A 443 -0.95 -20.11 -11.11
N SER A 444 0.00 -19.57 -11.88
CA SER A 444 -0.26 -19.24 -13.30
C SER A 444 -0.54 -20.52 -14.07
N LEU A 445 -1.24 -20.40 -15.20
CA LEU A 445 -1.47 -21.57 -16.08
C LEU A 445 -0.11 -22.07 -16.60
N HIS A 446 0.76 -21.15 -17.01
CA HIS A 446 2.14 -21.45 -17.46
C HIS A 446 2.85 -22.29 -16.42
N ASP A 447 2.68 -21.97 -15.14
CA ASP A 447 3.45 -22.61 -14.06
C ASP A 447 2.76 -23.89 -13.60
N ALA A 448 1.43 -23.90 -13.55
CA ALA A 448 0.71 -25.11 -13.12
C ALA A 448 0.91 -26.20 -14.15
N ARG A 449 0.99 -25.83 -15.43
CA ARG A 449 1.15 -26.85 -16.49
C ARG A 449 2.41 -27.69 -16.28
N ASP A 450 3.44 -27.10 -15.67
CA ASP A 450 4.75 -27.74 -15.50
C ASP A 450 4.81 -28.50 -14.17
N TYR A 451 3.68 -28.70 -13.51
CA TYR A 451 3.67 -29.18 -12.11
C TYR A 451 4.25 -30.57 -12.05
N CYS A 452 4.85 -30.90 -10.92
CA CYS A 452 5.21 -32.29 -10.59
C CYS A 452 4.47 -32.64 -9.31
N ILE A 453 4.65 -33.86 -8.84
CA ILE A 453 4.06 -34.30 -7.55
C ILE A 453 5.16 -34.41 -6.52
N ILE A 454 4.91 -33.81 -5.36
CA ILE A 454 5.76 -33.99 -4.16
C ILE A 454 5.22 -35.17 -3.37
N GLY A 455 6.12 -35.90 -2.72
CA GLY A 455 5.79 -36.90 -1.71
C GLY A 455 4.88 -37.98 -2.22
N CYS A 456 3.61 -37.97 -1.79
CA CYS A 456 2.65 -39.02 -2.17
C CYS A 456 1.78 -38.56 -3.32
N VAL A 457 0.96 -37.52 -3.08
CA VAL A 457 -0.08 -37.07 -4.05
C VAL A 457 -0.16 -35.55 -4.13
N GLU A 458 0.87 -34.82 -3.71
CA GLU A 458 0.81 -33.35 -3.55
C GLU A 458 1.49 -32.68 -4.73
N PRO A 459 0.76 -31.90 -5.55
CA PRO A 459 1.33 -31.24 -6.72
C PRO A 459 1.93 -29.88 -6.40
N GLN A 460 2.95 -29.52 -7.17
CA GLN A 460 3.48 -28.14 -7.13
C GLN A 460 4.04 -27.77 -8.49
N ALA A 461 4.08 -26.47 -8.73
CA ALA A 461 4.97 -25.89 -9.74
C ALA A 461 6.40 -26.08 -9.24
N PRO A 462 7.17 -26.99 -9.83
CA PRO A 462 8.51 -27.28 -9.32
C PRO A 462 9.41 -26.06 -9.35
N HIS A 463 10.29 -25.98 -8.35
CA HIS A 463 11.35 -24.94 -8.12
C HIS A 463 10.75 -23.54 -8.05
N ARG A 464 9.47 -23.42 -7.72
CA ARG A 464 8.88 -22.08 -7.51
C ARG A 464 8.05 -22.06 -6.23
N THR A 465 8.21 -23.05 -5.36
CA THR A 465 7.24 -23.29 -4.28
C THR A 465 8.00 -23.73 -3.02
N GLU A 466 7.59 -23.22 -1.87
CA GLU A 466 7.75 -23.90 -0.57
C GLU A 466 6.35 -24.31 -0.12
N GLY A 467 5.97 -25.57 -0.36
CA GLY A 467 4.56 -26.00 -0.29
C GLY A 467 4.13 -26.57 1.04
N TRP A 468 5.08 -27.02 1.88
CA TRP A 468 4.82 -27.72 3.17
C TRP A 468 3.74 -28.77 2.98
N HIS A 469 3.88 -29.57 1.93
CA HIS A 469 2.86 -30.51 1.42
C HIS A 469 2.56 -31.64 2.42
N ASP A 470 3.26 -31.71 3.55
CA ASP A 470 2.85 -32.62 4.65
C ASP A 470 3.12 -31.95 6.00
N ALA A 471 2.54 -30.78 6.23
CA ALA A 471 2.70 -30.06 7.51
C ALA A 471 2.04 -30.81 8.66
N ALA A 472 0.96 -31.57 8.43
CA ALA A 472 0.21 -32.13 9.56
C ALA A 472 -0.73 -33.25 9.15
N PHE A 473 -1.10 -34.07 10.14
CA PHE A 473 -2.16 -35.09 10.05
C PHE A 473 -3.29 -34.70 10.98
N PHE A 474 -4.46 -34.47 10.40
CA PHE A 474 -5.63 -33.94 11.10
C PHE A 474 -6.72 -34.99 11.04
N ASN A 475 -7.21 -35.38 12.20
CA ASN A 475 -8.11 -36.55 12.33
C ASN A 475 -9.55 -36.06 12.27
N VAL A 476 -10.19 -36.20 11.10
CA VAL A 476 -11.60 -35.76 10.94
C VAL A 476 -12.50 -36.72 11.72
N ALA A 477 -12.22 -38.02 11.66
CA ALA A 477 -12.98 -39.03 12.44
C ALA A 477 -12.94 -38.65 13.92
N LYS A 478 -11.77 -38.26 14.42
CA LYS A 478 -11.63 -37.90 15.84
C LYS A 478 -12.47 -36.67 16.16
N VAL A 479 -12.73 -35.80 15.18
CA VAL A 479 -13.56 -34.61 15.42
C VAL A 479 -15.03 -35.02 15.51
N LEU A 480 -15.46 -35.97 14.67
CA LEU A 480 -16.84 -36.50 14.77
C LEU A 480 -17.09 -37.06 16.16
N GLU A 481 -16.17 -37.90 16.64
CA GLU A 481 -16.16 -38.44 18.01
C GLU A 481 -16.35 -37.30 19.01
N ILE A 482 -15.57 -36.23 18.86
CA ILE A 482 -15.54 -35.14 19.86
C ILE A 482 -16.84 -34.33 19.75
N THR A 483 -17.41 -34.21 18.54
CA THR A 483 -18.68 -33.48 18.37
C THR A 483 -19.79 -34.22 19.11
N LEU A 484 -20.00 -35.49 18.80
CA LEU A 484 -21.11 -36.27 19.39
C LEU A 484 -20.95 -36.38 20.91
N ASN A 485 -19.74 -36.21 21.43
CA ASN A 485 -19.54 -36.16 22.90
C ASN A 485 -19.47 -34.72 23.41
N ASN A 486 -20.10 -33.77 22.73
CA ASN A 486 -20.24 -32.37 23.22
C ASN A 486 -18.85 -31.79 23.49
N GLY A 487 -17.86 -32.17 22.68
CA GLY A 487 -16.51 -31.57 22.74
C GLY A 487 -15.61 -32.20 23.79
N ARG A 488 -15.87 -33.44 24.19
CA ARG A 488 -15.03 -34.12 25.19
C ARG A 488 -14.13 -35.15 24.52
N SER A 489 -13.02 -35.47 25.19
CA SER A 489 -12.20 -36.64 24.88
C SER A 489 -11.68 -37.18 26.21
N GLY A 490 -11.98 -38.45 26.51
CA GLY A 490 -11.94 -38.89 27.91
C GLY A 490 -13.02 -38.14 28.67
N ASN A 491 -12.75 -37.77 29.92
CA ASN A 491 -13.55 -36.74 30.63
C ASN A 491 -12.68 -35.48 30.70
N LYS A 492 -12.64 -34.76 29.58
CA LYS A 492 -11.73 -33.61 29.39
C LYS A 492 -12.29 -32.74 28.27
N GLN A 493 -12.68 -31.51 28.60
CA GLN A 493 -13.46 -30.63 27.70
C GLN A 493 -12.53 -30.01 26.67
N LEU A 494 -12.52 -30.59 25.47
CA LEU A 494 -11.44 -30.35 24.47
C LEU A 494 -11.83 -29.28 23.45
N GLY A 495 -13.12 -29.17 23.12
CA GLY A 495 -13.62 -28.15 22.21
C GLY A 495 -14.80 -27.41 22.83
N PRO A 496 -15.48 -26.54 22.07
CA PRO A 496 -16.67 -25.91 22.60
C PRO A 496 -17.71 -26.97 22.95
N MET A 497 -18.54 -26.69 23.93
CA MET A 497 -19.76 -27.49 24.17
C MET A 497 -20.80 -27.05 23.14
N THR A 498 -20.73 -27.65 21.95
CA THR A 498 -21.62 -27.26 20.84
C THR A 498 -23.00 -27.83 21.01
N GLY A 499 -23.23 -28.56 22.10
CA GLY A 499 -24.52 -29.15 22.43
C GLY A 499 -24.38 -30.64 22.53
N GLU A 500 -25.28 -31.31 23.24
CA GLU A 500 -25.14 -32.76 23.47
C GLU A 500 -25.87 -33.51 22.36
N MET A 501 -25.46 -34.76 22.12
CA MET A 501 -25.96 -35.57 21.00
C MET A 501 -27.45 -35.84 21.16
N THR A 502 -27.89 -36.11 22.38
CA THR A 502 -29.30 -36.45 22.64
C THR A 502 -30.24 -35.29 22.30
N GLN A 503 -29.72 -34.07 22.06
CA GLN A 503 -30.53 -32.85 21.87
C GLN A 503 -30.53 -32.36 20.42
N TYR A 504 -29.90 -33.08 19.49
CA TYR A 504 -29.98 -32.74 18.06
C TYR A 504 -31.43 -32.90 17.58
N ALA A 505 -32.00 -31.84 17.00
CA ALA A 505 -33.38 -31.87 16.45
C ALA A 505 -33.40 -32.54 15.07
N GLY A 506 -32.30 -32.45 14.34
CA GLY A 506 -32.14 -33.13 13.05
C GLY A 506 -30.69 -33.02 12.59
N MET A 507 -30.45 -33.38 11.33
CA MET A 507 -29.10 -33.31 10.75
C MET A 507 -28.62 -31.86 10.60
N ASP A 508 -29.52 -30.87 10.65
CA ASP A 508 -29.10 -29.45 10.59
C ASP A 508 -28.30 -29.11 11.85
N ASP A 509 -28.85 -29.39 13.03
CA ASP A 509 -28.18 -29.13 14.32
C ASP A 509 -26.83 -29.82 14.40
N PHE A 510 -26.70 -31.04 13.83
CA PHE A 510 -25.42 -31.77 13.86
C PHE A 510 -24.34 -30.96 13.12
N TYR A 511 -24.61 -30.62 11.85
CA TYR A 511 -23.66 -29.86 11.03
C TYR A 511 -23.28 -28.56 11.74
N ALA A 512 -24.20 -27.92 12.46
CA ALA A 512 -23.89 -26.71 13.24
C ALA A 512 -22.79 -27.06 14.24
N ALA A 513 -23.02 -28.11 15.03
CA ALA A 513 -22.05 -28.58 16.04
C ALA A 513 -20.75 -29.01 15.34
N PHE A 514 -20.84 -29.81 14.28
CA PHE A 514 -19.67 -30.36 13.57
C PHE A 514 -18.78 -29.22 13.03
N LYS A 515 -19.38 -28.14 12.53
CA LYS A 515 -18.62 -27.03 11.91
C LYS A 515 -18.00 -26.12 12.98
N LYS A 516 -18.66 -25.94 14.13
CA LYS A 516 -18.06 -25.19 15.25
C LYS A 516 -16.84 -25.96 15.77
N GLN A 517 -16.96 -27.28 15.91
CA GLN A 517 -15.81 -28.15 16.28
C GLN A 517 -14.69 -27.95 15.26
N MET A 518 -14.95 -28.25 13.99
CA MET A 518 -13.91 -28.18 12.94
C MET A 518 -13.25 -26.81 12.93
N ALA A 519 -14.01 -25.74 13.19
CA ALA A 519 -13.44 -24.39 13.17
C ALA A 519 -12.51 -24.20 14.37
N HIS A 520 -12.86 -24.80 15.52
CA HIS A 520 -12.05 -24.74 16.74
C HIS A 520 -10.73 -25.49 16.53
N PHE A 521 -10.81 -26.77 16.18
CA PHE A 521 -9.61 -27.63 16.07
C PHE A 521 -8.78 -27.23 14.84
N VAL A 522 -9.39 -26.86 13.73
CA VAL A 522 -8.56 -26.46 12.57
C VAL A 522 -7.79 -25.20 12.94
N HIS A 523 -8.34 -24.34 13.81
CA HIS A 523 -7.64 -23.12 14.21
C HIS A 523 -6.36 -23.47 14.97
N GLN A 524 -6.43 -24.47 15.87
CA GLN A 524 -5.25 -24.93 16.64
C GLN A 524 -4.29 -25.65 15.70
N LEU A 525 -4.82 -26.40 14.74
CA LEU A 525 -3.99 -27.09 13.72
C LEU A 525 -3.14 -26.05 12.99
N VAL A 526 -3.73 -24.90 12.71
CA VAL A 526 -2.99 -23.80 12.07
C VAL A 526 -1.94 -23.26 13.04
N GLU A 527 -2.36 -22.90 14.27
CA GLU A 527 -1.41 -22.41 15.30
C GLU A 527 -0.23 -23.37 15.46
N ALA A 528 -0.46 -24.66 15.29
CA ALA A 528 0.60 -25.68 15.41
C ALA A 528 1.58 -25.53 14.24
N CYS A 529 1.07 -25.68 13.00
CA CYS A 529 1.90 -25.68 11.78
C CYS A 529 2.69 -24.39 11.67
N ASN A 530 2.17 -23.28 12.20
CA ASN A 530 2.81 -21.96 12.05
C ASN A 530 3.91 -21.78 13.09
N SER A 531 3.77 -22.38 14.28
CA SER A 531 4.87 -22.36 15.27
C SER A 531 6.08 -23.12 14.71
N VAL A 532 5.86 -24.35 14.23
CA VAL A 532 6.91 -25.13 13.54
C VAL A 532 7.51 -24.29 12.41
N ASP A 533 6.68 -23.51 11.70
CA ASP A 533 7.14 -22.64 10.60
C ASP A 533 8.08 -21.54 11.12
N ILE A 534 7.64 -20.81 12.14
CA ILE A 534 8.45 -19.74 12.76
C ILE A 534 9.74 -20.31 13.31
N ALA A 535 9.65 -21.44 14.02
CA ALA A 535 10.81 -22.14 14.59
C ALA A 535 11.88 -22.31 13.50
N HIS A 536 11.53 -22.97 12.40
CA HIS A 536 12.43 -23.25 11.25
C HIS A 536 12.97 -21.95 10.65
N GLY A 537 12.10 -20.96 10.39
CA GLY A 537 12.51 -19.66 9.87
C GLY A 537 13.48 -18.92 10.79
N GLU A 538 13.47 -19.22 12.09
CA GLU A 538 14.33 -18.54 13.08
C GLU A 538 15.59 -19.33 13.39
N ARG A 539 15.57 -20.66 13.25
CA ARG A 539 16.68 -21.51 13.76
C ARG A 539 17.24 -22.44 12.69
N CYS A 540 16.67 -22.47 11.48
CA CYS A 540 17.23 -23.38 10.47
C CYS A 540 16.81 -23.00 9.05
N PRO A 541 17.07 -21.76 8.59
CA PRO A 541 16.96 -21.46 7.17
C PRO A 541 18.10 -22.11 6.39
N LEU A 542 17.78 -22.81 5.31
CA LEU A 542 18.76 -23.65 4.58
C LEU A 542 19.29 -22.87 3.39
N PRO A 543 20.58 -22.45 3.40
CA PRO A 543 21.12 -21.72 2.26
C PRO A 543 21.39 -22.58 1.01
N PHE A 544 21.61 -23.88 1.16
CA PHE A 544 21.90 -24.77 0.00
C PHE A 544 20.60 -25.00 -0.78
N LEU A 545 19.62 -25.66 -0.17
CA LEU A 545 18.32 -25.90 -0.82
C LEU A 545 17.79 -24.59 -1.39
N SER A 546 17.81 -23.52 -0.60
CA SER A 546 17.12 -22.25 -0.95
C SER A 546 17.53 -21.77 -2.35
N ALA A 547 18.77 -22.02 -2.76
CA ALA A 547 19.30 -21.42 -4.00
C ALA A 547 18.70 -22.10 -5.24
N LEU A 548 18.06 -23.25 -5.06
CA LEU A 548 17.44 -23.98 -6.19
C LEU A 548 15.93 -23.80 -6.18
N VAL A 549 15.42 -22.72 -5.62
CA VAL A 549 13.97 -22.43 -5.70
C VAL A 549 13.76 -20.94 -5.97
N ASP A 550 13.07 -20.64 -7.07
CA ASP A 550 12.54 -19.30 -7.37
C ASP A 550 11.54 -18.93 -6.28
N ASP A 551 11.77 -17.80 -5.60
CA ASP A 551 12.62 -16.73 -6.08
C ASP A 551 13.62 -16.26 -5.01
N CYS A 552 14.37 -17.23 -4.45
CA CYS A 552 15.17 -17.01 -3.23
C CYS A 552 16.42 -16.18 -3.52
N ILE A 553 17.08 -16.45 -4.64
CA ILE A 553 18.30 -15.69 -5.02
C ILE A 553 17.91 -14.25 -5.38
N GLY A 554 16.87 -14.08 -6.19
CA GLY A 554 16.35 -12.75 -6.54
C GLY A 554 15.99 -11.91 -5.31
N ARG A 555 15.19 -12.47 -4.40
CA ARG A 555 14.59 -11.71 -3.27
C ARG A 555 15.56 -11.52 -2.10
N GLY A 556 16.63 -12.30 -2.02
CA GLY A 556 17.60 -12.21 -0.91
C GLY A 556 17.13 -12.95 0.33
N LYS A 557 16.25 -13.95 0.16
CA LYS A 557 15.60 -14.65 1.28
C LYS A 557 15.61 -16.15 1.05
N SER A 558 15.50 -16.89 2.15
CA SER A 558 15.45 -18.37 2.16
C SER A 558 14.02 -18.87 2.04
N LEU A 559 13.87 -20.15 1.71
CA LEU A 559 12.54 -20.79 1.60
C LEU A 559 11.77 -20.68 2.91
N GLN A 560 12.50 -20.62 4.02
CA GLN A 560 11.97 -20.55 5.41
C GLN A 560 11.51 -19.12 5.75
N GLU A 561 11.82 -18.15 4.88
CA GLU A 561 11.46 -16.74 5.08
C GLU A 561 10.54 -16.25 3.95
N GLY A 562 10.11 -17.14 3.07
CA GLY A 562 9.20 -16.78 1.98
C GLY A 562 9.92 -16.45 0.70
N GLY A 563 11.15 -16.93 0.53
CA GLY A 563 11.90 -16.74 -0.73
C GLY A 563 11.13 -17.29 -1.91
N ALA A 564 10.27 -18.29 -1.69
CA ALA A 564 9.57 -18.96 -2.79
C ALA A 564 8.54 -18.02 -3.41
N ILE A 565 8.22 -18.24 -4.68
CA ILE A 565 7.16 -17.44 -5.36
C ILE A 565 5.82 -17.85 -4.78
N TYR A 566 5.54 -19.15 -4.79
CA TYR A 566 4.35 -19.76 -4.16
C TYR A 566 4.71 -20.31 -2.78
N ASN A 567 3.76 -20.22 -1.84
CA ASN A 567 3.95 -20.65 -0.44
C ASN A 567 2.65 -21.23 0.10
N PHE A 568 2.73 -22.42 0.70
CA PHE A 568 1.54 -23.13 1.17
C PHE A 568 1.85 -23.83 2.49
N THR A 569 0.84 -24.55 2.97
CA THR A 569 0.91 -25.38 4.19
C THR A 569 -0.21 -26.41 4.07
N GLY A 570 0.15 -27.69 3.93
CA GLY A 570 -0.84 -28.73 3.60
C GLY A 570 -1.11 -29.71 4.72
N PRO A 571 -2.16 -29.47 5.54
CA PRO A 571 -2.66 -30.52 6.44
C PRO A 571 -3.51 -31.59 5.73
N GLN A 572 -3.54 -32.78 6.31
CA GLN A 572 -4.18 -33.97 5.72
C GLN A 572 -5.33 -34.43 6.63
N ALA A 573 -6.41 -34.93 6.03
CA ALA A 573 -7.58 -35.44 6.75
C ALA A 573 -7.53 -36.95 6.81
N PHE A 574 -7.98 -37.51 7.93
CA PHE A 574 -8.06 -38.95 8.14
C PHE A 574 -9.50 -39.34 8.46
N GLY A 575 -9.95 -40.43 7.85
CA GLY A 575 -11.31 -40.92 8.06
C GLY A 575 -12.31 -39.98 7.43
N ILE A 576 -12.25 -39.83 6.10
CA ILE A 576 -13.30 -39.14 5.34
C ILE A 576 -14.48 -40.10 5.14
N ALA A 577 -14.22 -41.24 4.50
CA ALA A 577 -15.22 -42.32 4.44
C ALA A 577 -15.78 -42.57 5.85
N ASP A 578 -14.91 -42.60 6.86
CA ASP A 578 -15.33 -42.89 8.24
C ASP A 578 -16.29 -41.82 8.73
N THR A 579 -15.96 -40.55 8.49
CA THR A 579 -16.87 -39.46 8.90
C THR A 579 -18.15 -39.57 8.07
N GLY A 580 -18.00 -39.79 6.77
CA GLY A 580 -19.13 -39.85 5.83
C GLY A 580 -20.15 -40.91 6.22
N ASP A 581 -19.73 -42.18 6.22
CA ASP A 581 -20.68 -43.30 6.41
C ASP A 581 -21.25 -43.27 7.83
N SER A 582 -20.62 -42.55 8.77
CA SER A 582 -21.14 -42.42 10.15
C SER A 582 -22.24 -41.37 10.21
N VAL A 583 -21.95 -40.17 9.71
CA VAL A 583 -22.94 -39.07 9.61
C VAL A 583 -24.17 -39.59 8.88
N TYR A 584 -24.00 -40.26 7.74
CA TYR A 584 -25.16 -40.72 6.96
C TYR A 584 -25.95 -41.75 7.76
N ALA A 585 -25.26 -42.66 8.46
CA ALA A 585 -25.92 -43.69 9.28
C ALA A 585 -26.89 -43.03 10.25
N ILE A 586 -26.44 -41.95 10.92
CA ILE A 586 -27.31 -41.13 11.80
C ILE A 586 -28.52 -40.64 10.99
N GLN A 587 -28.26 -39.89 9.93
CA GLN A 587 -29.31 -39.30 9.07
C GLN A 587 -30.42 -40.33 8.78
N LYS A 588 -30.03 -41.51 8.31
CA LYS A 588 -30.99 -42.54 7.82
C LYS A 588 -31.59 -43.33 8.99
N GLN A 589 -30.74 -43.99 9.79
CA GLN A 589 -31.17 -44.96 10.80
C GLN A 589 -31.72 -44.28 12.06
N VAL A 590 -31.55 -42.97 12.20
CA VAL A 590 -32.03 -42.24 13.40
C VAL A 590 -33.17 -41.30 12.98
N PHE A 591 -32.91 -40.35 12.08
CA PHE A 591 -33.89 -39.30 11.77
C PHE A 591 -34.89 -39.77 10.71
N GLU A 592 -34.41 -40.33 9.59
CA GLU A 592 -35.33 -40.82 8.55
C GLU A 592 -36.08 -42.06 9.06
N ASP A 593 -35.38 -43.16 9.31
CA ASP A 593 -36.00 -44.50 9.45
C ASP A 593 -36.24 -44.91 10.91
N ARG A 594 -35.97 -44.01 11.88
CA ARG A 594 -36.25 -44.22 13.32
C ARG A 594 -35.93 -45.63 13.79
N ARG A 595 -34.83 -46.23 13.38
CA ARG A 595 -34.48 -47.58 13.87
C ARG A 595 -33.72 -47.48 15.19
N LEU A 596 -33.08 -46.35 15.46
CA LEU A 596 -32.48 -46.09 16.78
C LEU A 596 -33.06 -44.80 17.31
N THR A 597 -32.80 -44.53 18.58
CA THR A 597 -33.01 -43.18 19.14
C THR A 597 -31.66 -42.53 19.35
N LEU A 598 -31.69 -41.24 19.61
CA LEU A 598 -30.44 -40.51 19.85
C LEU A 598 -29.75 -41.04 21.10
N GLN A 599 -30.52 -41.52 22.08
CA GLN A 599 -29.91 -41.98 23.34
C GLN A 599 -29.26 -43.34 23.15
N GLU A 600 -30.00 -44.29 22.57
CA GLU A 600 -29.47 -45.64 22.29
C GLU A 600 -28.11 -45.52 21.60
N LEU A 601 -28.01 -44.63 20.62
CA LEU A 601 -26.77 -44.47 19.84
C LEU A 601 -25.67 -43.89 20.72
N LYS A 602 -26.01 -43.06 21.70
CA LYS A 602 -25.01 -42.57 22.67
C LYS A 602 -24.54 -43.72 23.55
N GLY A 603 -25.47 -44.56 24.02
CA GLY A 603 -25.11 -45.72 24.84
C GLY A 603 -24.22 -46.68 24.08
N ALA A 604 -24.63 -47.05 22.86
CA ALA A 604 -23.92 -48.04 22.02
C ALA A 604 -22.54 -47.50 21.63
N LEU A 605 -22.46 -46.22 21.27
CA LEU A 605 -21.17 -45.57 20.98
C LEU A 605 -20.29 -45.59 22.23
N ASP A 606 -20.83 -45.17 23.38
CA ASP A 606 -20.05 -45.08 24.64
C ASP A 606 -19.64 -46.46 25.14
N ALA A 607 -20.41 -47.51 24.79
CA ALA A 607 -20.16 -48.88 25.28
C ALA A 607 -19.43 -49.70 24.21
N ASN A 608 -18.90 -49.06 23.18
CA ASN A 608 -18.23 -49.75 22.05
C ASN A 608 -19.16 -50.85 21.52
N PHE A 609 -20.42 -50.50 21.28
CA PHE A 609 -21.41 -51.39 20.66
C PHE A 609 -21.47 -52.72 21.40
N GLY A 610 -21.28 -52.66 22.72
CA GLY A 610 -21.23 -53.86 23.55
C GLY A 610 -20.15 -54.85 23.16
N TYR A 611 -19.07 -54.38 22.51
CA TYR A 611 -17.95 -55.26 22.10
C TYR A 611 -17.42 -55.99 23.33
N ARG A 612 -17.68 -55.46 24.52
CA ARG A 612 -17.10 -56.00 25.76
C ARG A 612 -18.17 -56.43 26.76
N SER A 613 -19.22 -55.64 26.93
CA SER A 613 -20.35 -56.02 27.81
C SER A 613 -21.06 -57.27 27.30
N GLY A 614 -21.22 -57.39 25.97
CA GLY A 614 -22.11 -58.39 25.34
C GLY A 614 -23.54 -57.91 25.19
N ASN A 615 -23.78 -56.63 25.49
CA ASN A 615 -25.10 -55.98 25.33
C ASN A 615 -25.65 -56.30 23.94
N PRO A 616 -26.77 -57.05 23.84
CA PRO A 616 -27.31 -57.43 22.53
C PRO A 616 -28.05 -56.31 21.78
N ARG A 617 -28.71 -55.42 22.52
CA ARG A 617 -29.33 -54.21 21.92
C ARG A 617 -28.29 -53.40 21.15
N TYR A 618 -27.13 -53.15 21.76
CA TYR A 618 -26.00 -52.45 21.10
C TYR A 618 -25.42 -53.31 19.97
N GLU A 619 -25.38 -54.64 20.14
CA GLU A 619 -24.96 -55.55 19.05
C GLU A 619 -25.97 -55.45 17.91
N GLU A 620 -27.26 -55.39 18.22
CA GLU A 620 -28.30 -55.15 17.21
C GLU A 620 -28.04 -53.81 16.50
N ILE A 621 -27.88 -52.74 17.27
CA ILE A 621 -27.66 -51.37 16.73
C ILE A 621 -26.44 -51.39 15.82
N ARG A 622 -25.36 -52.07 16.23
CA ARG A 622 -24.12 -52.15 15.43
C ARG A 622 -24.45 -52.75 14.06
N HIS A 623 -25.19 -53.85 14.06
CA HIS A 623 -25.57 -54.56 12.81
C HIS A 623 -26.43 -53.66 11.92
N ILE A 624 -27.24 -52.79 12.53
CA ILE A 624 -28.19 -51.93 11.81
C ILE A 624 -27.43 -50.77 11.16
N LEU A 625 -26.49 -50.16 11.87
CA LEU A 625 -25.71 -49.03 11.32
C LEU A 625 -24.75 -49.54 10.23
N GLU A 626 -23.99 -50.59 10.55
CA GLU A 626 -22.96 -51.16 9.65
C GLU A 626 -23.57 -51.74 8.38
N ASN A 627 -24.88 -51.88 8.35
CA ASN A 627 -25.61 -52.33 7.14
C ASN A 627 -26.37 -51.17 6.53
N SER A 628 -26.00 -49.94 6.87
CA SER A 628 -26.48 -48.75 6.13
C SER A 628 -25.73 -48.67 4.80
N PRO A 629 -26.27 -47.91 3.82
CA PRO A 629 -25.52 -47.64 2.60
C PRO A 629 -24.14 -47.08 2.93
N CYS A 630 -23.17 -47.27 2.05
CA CYS A 630 -21.78 -46.79 2.27
C CYS A 630 -21.24 -46.11 1.02
N PHE A 631 -20.58 -44.97 1.24
CA PHE A 631 -19.78 -44.27 0.21
C PHE A 631 -18.93 -45.30 -0.52
N GLY A 632 -18.90 -45.22 -1.86
CA GLY A 632 -18.14 -46.13 -2.72
C GLY A 632 -19.02 -47.07 -3.54
N ASN A 633 -20.35 -46.90 -3.48
CA ASN A 633 -21.28 -47.76 -4.25
C ASN A 633 -22.11 -46.95 -5.24
N ASP A 634 -21.64 -45.77 -5.63
CA ASP A 634 -22.30 -44.89 -6.61
C ASP A 634 -23.69 -44.48 -6.12
N ILE A 635 -23.91 -44.44 -4.81
CA ILE A 635 -25.21 -44.06 -4.21
C ILE A 635 -25.13 -42.60 -3.80
N ASP A 636 -25.86 -41.74 -4.50
CA ASP A 636 -25.72 -40.27 -4.33
C ASP A 636 -26.02 -39.89 -2.88
N ASP A 637 -27.13 -40.37 -2.33
CA ASP A 637 -27.54 -40.10 -0.93
C ASP A 637 -26.31 -40.03 -0.01
N VAL A 638 -25.57 -41.14 0.06
CA VAL A 638 -24.49 -41.34 1.05
C VAL A 638 -23.19 -40.71 0.55
N ASP A 639 -22.94 -40.79 -0.75
CA ASP A 639 -21.72 -40.19 -1.34
C ASP A 639 -21.68 -38.68 -1.12
N LEU A 640 -22.84 -38.01 -1.11
CA LEU A 640 -22.88 -36.55 -0.97
C LEU A 640 -22.68 -36.14 0.48
N VAL A 641 -23.02 -37.00 1.44
CA VAL A 641 -22.61 -36.78 2.86
C VAL A 641 -21.08 -36.77 2.93
N ALA A 642 -20.44 -37.77 2.33
CA ALA A 642 -18.97 -37.82 2.21
C ALA A 642 -18.47 -36.51 1.60
N ARG A 643 -19.09 -36.05 0.51
CA ARG A 643 -18.72 -34.76 -0.12
C ARG A 643 -18.87 -33.63 0.90
N GLN A 644 -19.97 -33.63 1.66
CA GLN A 644 -20.27 -32.51 2.58
C GLN A 644 -19.20 -32.46 3.67
N CYS A 645 -18.89 -33.62 4.26
CA CYS A 645 -17.99 -33.68 5.44
C CYS A 645 -16.56 -33.30 5.02
N ALA A 646 -16.10 -33.81 3.89
CA ALA A 646 -14.77 -33.50 3.35
C ALA A 646 -14.64 -32.00 3.06
N LEU A 647 -15.70 -31.39 2.54
CA LEU A 647 -15.76 -29.94 2.27
C LEU A 647 -15.63 -29.17 3.58
N ILE A 648 -16.38 -29.56 4.60
CA ILE A 648 -16.38 -28.84 5.90
C ILE A 648 -14.95 -28.67 6.37
N TYR A 649 -14.15 -29.74 6.34
CA TYR A 649 -12.70 -29.64 6.61
C TYR A 649 -12.06 -28.72 5.55
N CYS A 650 -12.06 -29.15 4.29
CA CYS A 650 -11.34 -28.45 3.21
C CYS A 650 -11.66 -26.96 3.22
N GLN A 651 -12.94 -26.61 3.36
CA GLN A 651 -13.44 -25.21 3.33
C GLN A 651 -12.95 -24.43 4.56
N GLU A 652 -12.59 -25.11 5.65
CA GLU A 652 -12.11 -24.40 6.85
C GLU A 652 -10.58 -24.21 6.80
N VAL A 653 -9.86 -25.22 6.33
CA VAL A 653 -8.38 -25.13 6.15
C VAL A 653 -8.07 -23.95 5.23
N GLU A 654 -8.92 -23.72 4.26
CA GLU A 654 -8.75 -22.69 3.21
C GLU A 654 -8.63 -21.28 3.78
N LYS A 655 -9.11 -21.06 5.01
CA LYS A 655 -9.30 -19.68 5.53
C LYS A 655 -7.99 -19.08 6.03
N TYR A 656 -6.95 -19.88 6.21
CA TYR A 656 -5.79 -19.47 7.02
C TYR A 656 -4.54 -19.29 6.17
N THR A 657 -3.67 -18.42 6.66
CA THR A 657 -2.39 -18.03 6.00
C THR A 657 -1.22 -18.45 6.90
N ASN A 658 0.00 -18.54 6.32
CA ASN A 658 1.19 -18.99 7.09
C ASN A 658 2.22 -17.85 7.15
N PRO A 659 3.28 -17.94 7.99
CA PRO A 659 4.15 -16.78 8.23
C PRO A 659 4.96 -16.35 7.01
N ARG A 660 5.11 -17.23 6.03
CA ARG A 660 5.77 -16.93 4.75
C ARG A 660 4.82 -16.21 3.79
N GLY A 661 3.53 -16.17 4.10
CA GLY A 661 2.59 -15.29 3.41
C GLY A 661 1.67 -16.00 2.46
N GLY A 662 1.47 -17.31 2.62
CA GLY A 662 0.69 -18.11 1.68
C GLY A 662 -0.45 -18.84 2.36
N ARG A 663 -1.32 -19.42 1.56
CA ARG A 663 -2.58 -20.04 2.03
C ARG A 663 -2.33 -21.47 2.46
N PHE A 664 -2.97 -21.86 3.56
CA PHE A 664 -3.19 -23.29 3.85
C PHE A 664 -4.05 -23.87 2.74
N GLN A 665 -3.76 -25.12 2.40
CA GLN A 665 -4.58 -25.88 1.46
C GLN A 665 -4.65 -27.31 1.97
N ALA A 666 -5.86 -27.86 2.04
CA ALA A 666 -6.07 -29.19 2.63
C ALA A 666 -5.78 -30.27 1.60
N GLY A 667 -5.07 -31.32 2.02
CA GLY A 667 -4.94 -32.56 1.27
C GLY A 667 -5.67 -33.69 1.97
N ILE A 668 -5.85 -34.82 1.27
CA ILE A 668 -6.47 -36.03 1.88
C ILE A 668 -5.67 -37.27 1.49
N TYR A 669 -4.76 -37.73 2.35
CA TYR A 669 -4.04 -39.00 2.14
C TYR A 669 -3.55 -39.55 3.48
N PRO A 670 -3.39 -40.88 3.60
CA PRO A 670 -3.31 -41.52 4.92
C PRO A 670 -1.96 -41.91 5.48
N VAL A 671 -0.87 -41.41 4.88
CA VAL A 671 0.33 -42.22 4.48
C VAL A 671 0.26 -43.65 5.01
N SER A 672 0.64 -43.86 6.26
CA SER A 672 0.75 -45.21 6.85
C SER A 672 0.04 -45.21 8.20
N ALA A 673 -0.61 -44.09 8.53
CA ALA A 673 -1.25 -43.84 9.83
C ALA A 673 -2.78 -43.94 9.75
N ASN A 674 -3.34 -44.59 8.74
CA ASN A 674 -4.80 -44.81 8.75
C ASN A 674 -5.14 -45.91 9.75
N VAL A 675 -4.16 -46.75 10.11
CA VAL A 675 -4.29 -47.75 11.19
C VAL A 675 -4.00 -47.05 12.52
N LEU A 676 -2.83 -46.42 12.59
CA LEU A 676 -2.32 -45.79 13.82
C LEU A 676 -3.31 -44.75 14.34
N PHE A 677 -3.98 -44.01 13.46
CA PHE A 677 -4.85 -42.89 13.88
C PHE A 677 -6.27 -43.36 14.10
N GLY A 678 -6.66 -44.48 13.47
CA GLY A 678 -7.84 -45.23 13.91
C GLY A 678 -7.77 -45.55 15.40
N LYS A 679 -6.58 -45.83 15.92
CA LYS A 679 -6.43 -46.17 17.34
C LYS A 679 -6.88 -45.02 18.24
N ASP A 680 -6.97 -43.79 17.72
CA ASP A 680 -7.29 -42.62 18.56
C ASP A 680 -8.79 -42.37 18.63
N VAL A 681 -9.62 -43.24 18.03
CA VAL A 681 -11.04 -42.90 17.80
C VAL A 681 -11.91 -44.01 18.37
N SER A 682 -12.96 -43.61 19.09
CA SER A 682 -13.95 -44.55 19.67
C SER A 682 -14.82 -45.15 18.56
N ALA A 683 -15.75 -46.00 18.94
CA ALA A 683 -16.79 -46.48 18.02
C ALA A 683 -17.51 -45.28 17.47
N LEU A 684 -17.85 -45.35 16.18
CA LEU A 684 -18.51 -44.28 15.42
C LEU A 684 -19.89 -44.74 14.99
N PRO A 685 -20.80 -43.81 14.67
CA PRO A 685 -22.14 -44.20 14.24
C PRO A 685 -22.22 -45.16 13.03
N ASP A 686 -21.14 -45.38 12.29
CA ASP A 686 -21.15 -46.28 11.11
C ASP A 686 -20.99 -47.74 11.52
N GLY A 687 -20.74 -48.02 12.80
CA GLY A 687 -20.61 -49.40 13.32
C GLY A 687 -19.17 -49.85 13.46
N ARG A 688 -18.21 -49.01 13.03
CA ARG A 688 -16.80 -49.23 13.33
C ARG A 688 -16.62 -49.34 14.84
N LEU A 689 -15.90 -50.35 15.30
CA LEU A 689 -15.62 -50.50 16.74
C LEU A 689 -14.50 -49.53 17.13
N ALA A 690 -14.30 -49.35 18.43
CA ALA A 690 -13.27 -48.43 18.92
C ALA A 690 -11.89 -48.98 18.55
N LYS A 691 -11.02 -48.08 18.10
CA LYS A 691 -9.56 -48.24 17.88
C LYS A 691 -9.24 -48.96 16.57
N GLU A 692 -10.25 -49.45 15.84
CA GLU A 692 -10.05 -50.11 14.53
C GLU A 692 -9.48 -49.10 13.53
N PRO A 693 -8.96 -49.53 12.36
CA PRO A 693 -8.38 -48.58 11.40
C PRO A 693 -9.40 -47.60 10.83
N LEU A 694 -8.87 -46.55 10.21
CA LEU A 694 -9.65 -45.56 9.45
C LEU A 694 -9.41 -45.79 7.96
N ALA A 695 -10.24 -45.16 7.13
CA ALA A 695 -10.17 -45.38 5.68
C ALA A 695 -9.05 -44.52 5.11
N ASP A 696 -8.32 -45.10 4.15
CA ASP A 696 -7.10 -44.51 3.55
C ASP A 696 -7.50 -43.46 2.52
N GLY A 697 -7.14 -42.20 2.78
CA GLY A 697 -7.42 -41.08 1.87
C GLY A 697 -8.90 -40.96 1.54
N VAL A 698 -9.21 -40.78 0.26
CA VAL A 698 -10.60 -40.56 -0.19
C VAL A 698 -11.18 -41.87 -0.70
N SER A 699 -10.60 -43.00 -0.31
CA SER A 699 -11.09 -44.31 -0.74
C SER A 699 -12.24 -44.74 0.16
N PRO A 700 -13.17 -45.57 -0.34
CA PRO A 700 -14.21 -46.14 0.51
C PRO A 700 -13.63 -46.92 1.69
N ARG A 701 -14.42 -47.01 2.77
CA ARG A 701 -14.08 -47.87 3.91
C ARG A 701 -13.71 -49.27 3.40
N GLN A 702 -12.86 -49.95 4.15
CA GLN A 702 -12.29 -51.27 3.79
C GLN A 702 -13.39 -52.29 3.51
N GLY A 703 -13.51 -52.72 2.26
CA GLY A 703 -14.45 -53.75 1.83
C GLY A 703 -15.89 -53.31 1.81
N LYS A 704 -16.17 -52.00 1.92
CA LYS A 704 -17.54 -51.47 1.91
C LYS A 704 -17.98 -51.11 0.49
N ASP A 705 -17.05 -51.09 -0.48
CA ASP A 705 -17.34 -50.76 -1.89
C ASP A 705 -17.49 -52.08 -2.64
N THR A 706 -18.73 -52.56 -2.74
CA THR A 706 -19.03 -53.95 -3.14
C THR A 706 -19.63 -54.07 -4.53
N LEU A 707 -19.88 -52.96 -5.24
CA LEU A 707 -20.48 -53.01 -6.58
C LEU A 707 -19.42 -52.85 -7.67
N GLY A 708 -18.14 -52.94 -7.32
CA GLY A 708 -17.08 -52.99 -8.34
C GLY A 708 -16.30 -51.69 -8.39
N PRO A 709 -15.21 -51.68 -9.19
CA PRO A 709 -14.31 -50.53 -9.20
C PRO A 709 -14.91 -49.32 -9.91
N THR A 710 -15.65 -49.55 -10.99
CA THR A 710 -16.27 -48.43 -11.75
C THR A 710 -17.30 -47.71 -10.88
N ALA A 711 -18.06 -48.46 -10.07
CA ALA A 711 -19.05 -47.85 -9.15
C ALA A 711 -18.35 -47.09 -8.03
N ALA A 712 -17.26 -47.62 -7.50
CA ALA A 712 -16.43 -46.91 -6.49
C ALA A 712 -15.76 -45.69 -7.13
N ALA A 713 -15.20 -45.87 -8.34
CA ALA A 713 -14.58 -44.76 -9.10
C ALA A 713 -15.53 -43.56 -9.07
N ASN A 714 -16.78 -43.80 -9.44
CA ASN A 714 -17.79 -42.73 -9.56
C ASN A 714 -17.98 -42.05 -8.21
N SER A 715 -17.92 -42.81 -7.11
CA SER A 715 -18.21 -42.27 -5.77
C SER A 715 -17.09 -41.34 -5.33
N VAL A 716 -15.84 -41.76 -5.49
CA VAL A 716 -14.67 -40.94 -5.11
C VAL A 716 -14.66 -39.66 -5.94
N ALA A 717 -15.18 -39.71 -7.17
CA ALA A 717 -15.17 -38.55 -8.08
C ALA A 717 -16.25 -37.54 -7.67
N LYS A 718 -17.28 -37.96 -6.93
CA LYS A 718 -18.33 -37.01 -6.48
C LYS A 718 -17.77 -36.04 -5.44
N LEU A 719 -16.65 -36.39 -4.81
CA LEU A 719 -15.98 -35.51 -3.83
C LEU A 719 -15.48 -34.27 -4.57
N ASP A 720 -15.24 -33.20 -3.82
CA ASP A 720 -14.62 -31.95 -4.32
C ASP A 720 -13.10 -32.10 -4.19
N HIS A 721 -12.45 -32.65 -5.24
CA HIS A 721 -10.98 -32.80 -5.27
C HIS A 721 -10.31 -31.43 -5.49
N PHE A 722 -11.00 -30.47 -6.09
CA PHE A 722 -10.37 -29.20 -6.51
C PHE A 722 -9.98 -28.38 -5.28
N ILE A 723 -10.87 -28.30 -4.29
CA ILE A 723 -10.64 -27.48 -3.08
C ILE A 723 -9.54 -28.12 -2.23
N ALA A 724 -9.42 -29.44 -2.27
CA ALA A 724 -8.41 -30.22 -1.52
C ALA A 724 -7.11 -30.26 -2.32
N SER A 725 -6.49 -29.09 -2.47
CA SER A 725 -5.47 -28.84 -3.51
C SER A 725 -4.05 -29.20 -3.04
N ASN A 726 -3.89 -29.73 -1.83
CA ASN A 726 -2.61 -30.37 -1.42
C ASN A 726 -2.58 -31.82 -1.89
N GLY A 727 -3.65 -32.27 -2.57
CA GLY A 727 -3.73 -33.59 -3.18
C GLY A 727 -4.63 -34.54 -2.42
N THR A 728 -5.40 -35.35 -3.15
CA THR A 728 -6.18 -36.47 -2.61
C THR A 728 -5.60 -37.78 -3.12
N LEU A 729 -5.78 -38.85 -2.35
CA LEU A 729 -5.20 -40.18 -2.65
C LEU A 729 -6.33 -41.23 -2.69
N TYR A 730 -6.57 -41.83 -3.85
CA TYR A 730 -7.54 -42.94 -3.99
C TYR A 730 -6.77 -44.23 -4.28
N ASN A 731 -7.11 -45.29 -3.54
CA ASN A 731 -6.51 -46.63 -3.66
C ASN A 731 -7.52 -47.62 -4.24
N GLN A 732 -7.06 -48.53 -5.11
CA GLN A 732 -7.84 -49.69 -5.59
C GLN A 732 -6.92 -50.90 -5.62
N LYS A 733 -7.48 -52.08 -5.40
CA LYS A 733 -6.72 -53.34 -5.42
C LYS A 733 -7.40 -54.27 -6.42
N PHE A 734 -6.63 -55.05 -7.18
CA PHE A 734 -7.13 -55.82 -8.33
C PHE A 734 -6.62 -57.26 -8.36
N LEU A 735 -7.53 -58.20 -8.61
CA LEU A 735 -7.17 -59.58 -9.03
C LEU A 735 -6.21 -59.50 -10.21
N PRO A 736 -5.02 -60.13 -10.14
CA PRO A 736 -4.13 -60.17 -11.30
C PRO A 736 -4.79 -60.63 -12.59
N SER A 737 -5.68 -61.63 -12.54
CA SER A 737 -6.30 -62.20 -13.76
C SER A 737 -7.26 -61.20 -14.40
N SER A 738 -7.87 -60.30 -13.61
CA SER A 738 -8.84 -59.32 -14.14
C SER A 738 -8.16 -58.30 -15.06
N LEU A 739 -6.85 -58.07 -14.88
CA LEU A 739 -6.05 -57.15 -15.72
C LEU A 739 -5.25 -57.91 -16.77
N ALA A 740 -5.52 -59.20 -16.95
CA ALA A 740 -4.75 -60.06 -17.88
C ALA A 740 -5.22 -59.83 -19.30
N GLY A 741 -4.32 -60.05 -20.25
CA GLY A 741 -4.63 -59.89 -21.67
C GLY A 741 -4.77 -58.42 -22.05
N GLU A 742 -4.81 -58.11 -23.34
CA GLU A 742 -5.01 -56.72 -23.76
C GLU A 742 -6.49 -56.36 -23.70
N LYS A 743 -7.37 -57.33 -23.45
CA LYS A 743 -8.73 -56.95 -23.03
C LYS A 743 -8.67 -56.35 -21.63
N GLY A 744 -7.83 -56.92 -20.76
CA GLY A 744 -7.64 -56.39 -19.41
C GLY A 744 -7.07 -54.99 -19.43
N LEU A 745 -6.14 -54.71 -20.34
CA LEU A 745 -5.53 -53.37 -20.43
C LEU A 745 -6.55 -52.36 -20.95
N ARG A 746 -7.32 -52.70 -21.99
CA ARG A 746 -8.32 -51.74 -22.51
C ARG A 746 -9.33 -51.43 -21.42
N ASN A 747 -9.73 -52.43 -20.63
CA ASN A 747 -10.59 -52.21 -19.46
C ASN A 747 -9.89 -51.27 -18.48
N PHE A 748 -8.65 -51.61 -18.11
CA PHE A 748 -7.89 -50.90 -17.06
C PHE A 748 -7.62 -49.45 -17.48
N GLY A 749 -7.29 -49.22 -18.75
CA GLY A 749 -7.16 -47.87 -19.29
C GLY A 749 -8.49 -47.13 -19.30
N GLY A 750 -9.57 -47.84 -19.63
CA GLY A 750 -10.92 -47.27 -19.72
C GLY A 750 -11.50 -46.91 -18.36
N LEU A 751 -11.01 -47.55 -17.28
CA LEU A 751 -11.39 -47.19 -15.90
C LEU A 751 -10.70 -45.89 -15.51
N VAL A 752 -9.42 -45.76 -15.82
CA VAL A 752 -8.65 -44.56 -15.45
C VAL A 752 -9.28 -43.34 -16.11
N ARG A 753 -9.65 -43.44 -17.38
CA ARG A 753 -10.25 -42.29 -18.10
C ARG A 753 -11.60 -41.97 -17.48
N ASN A 754 -12.43 -42.98 -17.27
CA ASN A 754 -13.69 -42.84 -16.50
C ASN A 754 -13.46 -41.89 -15.32
N TYR A 755 -12.56 -42.24 -14.41
CA TYR A 755 -12.40 -41.54 -13.12
C TYR A 755 -11.75 -40.16 -13.31
N PHE A 756 -10.83 -40.02 -14.25
CA PHE A 756 -10.20 -38.70 -14.53
C PHE A 756 -11.21 -37.79 -15.25
N ASP A 757 -11.87 -38.32 -16.29
CA ASP A 757 -12.94 -37.59 -17.02
C ASP A 757 -13.98 -37.04 -16.02
N LYS A 758 -14.20 -37.74 -14.89
CA LYS A 758 -15.21 -37.34 -13.90
C LYS A 758 -14.60 -36.51 -12.77
N LYS A 759 -13.40 -35.95 -12.96
CA LYS A 759 -12.80 -34.90 -12.10
C LYS A 759 -12.33 -35.44 -10.74
N GLY A 760 -11.85 -36.69 -10.73
CA GLY A 760 -11.03 -37.24 -9.64
C GLY A 760 -9.56 -37.04 -9.96
N MET A 761 -8.76 -36.79 -8.93
CA MET A 761 -7.42 -36.18 -9.10
C MET A 761 -6.34 -37.25 -9.29
N HIS A 762 -6.48 -38.38 -8.64
CA HIS A 762 -5.40 -39.37 -8.50
C HIS A 762 -5.99 -40.75 -8.33
N VAL A 763 -5.38 -41.76 -8.96
CA VAL A 763 -5.66 -43.17 -8.64
C VAL A 763 -4.36 -43.94 -8.77
N GLN A 764 -4.17 -44.88 -7.85
CA GLN A 764 -3.05 -45.84 -7.86
C GLN A 764 -3.61 -47.20 -7.51
N PHE A 765 -2.90 -48.23 -7.93
CA PHE A 765 -3.42 -49.63 -7.93
C PHE A 765 -2.42 -50.61 -7.33
N ASN A 766 -2.95 -51.60 -6.65
CA ASN A 766 -2.26 -52.86 -6.35
C ASN A 766 -2.76 -53.92 -7.34
N VAL A 767 -1.86 -54.80 -7.77
CA VAL A 767 -2.24 -55.97 -8.60
C VAL A 767 -1.58 -57.17 -7.98
N ILE A 768 -2.34 -57.90 -7.16
CA ILE A 768 -1.80 -58.82 -6.15
C ILE A 768 -2.91 -59.80 -5.75
N ASP A 769 -2.57 -61.08 -5.65
CA ASP A 769 -3.53 -62.08 -5.15
C ASP A 769 -3.58 -62.00 -3.64
N ARG A 770 -4.66 -62.48 -3.05
CA ARG A 770 -4.78 -62.41 -1.59
C ARG A 770 -3.74 -63.32 -0.94
N ASN A 771 -3.51 -64.52 -1.48
CA ASN A 771 -2.64 -65.52 -0.81
C ASN A 771 -1.17 -65.18 -1.01
N THR A 772 -0.82 -64.37 -2.01
CA THR A 772 0.54 -63.80 -2.11
C THR A 772 0.85 -63.00 -0.85
N LEU A 773 -0.03 -62.06 -0.49
CA LEU A 773 0.13 -61.23 0.73
C LEU A 773 0.08 -62.10 1.98
N LEU A 774 -0.75 -63.14 2.00
CA LEU A 774 -0.87 -64.05 3.17
C LEU A 774 0.42 -64.83 3.35
N GLU A 775 0.88 -65.50 2.29
CA GLU A 775 2.14 -66.25 2.34
C GLU A 775 3.29 -65.32 2.72
N ALA A 776 3.28 -64.06 2.27
CA ALA A 776 4.35 -63.10 2.61
C ALA A 776 4.39 -62.88 4.12
N GLN A 777 3.23 -62.88 4.77
CA GLN A 777 3.12 -62.77 6.24
C GLN A 777 3.75 -64.01 6.89
N LYS A 778 3.62 -65.17 6.25
CA LYS A 778 3.85 -66.48 6.89
C LYS A 778 5.21 -67.08 6.50
N ASN A 779 5.85 -66.60 5.43
CA ASN A 779 7.25 -66.94 5.11
C ASN A 779 7.97 -65.69 4.65
N PRO A 780 8.10 -64.66 5.50
CA PRO A 780 8.72 -63.41 5.08
C PRO A 780 10.14 -63.57 4.51
N GLN A 781 10.84 -64.65 4.82
CA GLN A 781 12.23 -64.83 4.35
C GLN A 781 12.29 -65.18 2.86
N GLN A 782 11.16 -65.52 2.22
CA GLN A 782 11.15 -65.87 0.77
C GLN A 782 10.34 -64.85 -0.03
N HIS A 783 9.98 -63.72 0.55
CA HIS A 783 9.23 -62.66 -0.13
C HIS A 783 9.87 -61.31 0.17
N GLN A 784 11.20 -61.30 0.33
CA GLN A 784 11.96 -60.10 0.74
C GLN A 784 11.76 -58.97 -0.26
N ASP A 785 11.49 -59.32 -1.52
CA ASP A 785 11.41 -58.33 -2.62
C ASP A 785 9.96 -58.13 -3.09
N LEU A 786 8.97 -58.57 -2.29
CA LEU A 786 7.56 -58.25 -2.58
C LEU A 786 7.36 -56.77 -2.26
N VAL A 787 7.24 -55.96 -3.31
CA VAL A 787 6.91 -54.53 -3.18
C VAL A 787 5.45 -54.35 -3.60
N VAL A 788 4.70 -53.62 -2.78
CA VAL A 788 3.27 -53.30 -3.03
C VAL A 788 3.04 -51.85 -2.65
N ARG A 789 1.89 -51.33 -3.05
CA ARG A 789 1.50 -49.94 -2.75
C ARG A 789 0.96 -49.89 -1.33
N VAL A 790 1.40 -48.91 -0.55
CA VAL A 790 0.80 -48.67 0.78
C VAL A 790 -0.20 -47.51 0.61
N ALA A 791 0.30 -46.30 0.40
CA ALA A 791 -0.56 -45.14 0.05
C ALA A 791 0.29 -43.98 -0.45
N GLY A 792 0.43 -43.86 -1.77
CA GLY A 792 1.17 -42.77 -2.40
C GLY A 792 2.65 -43.08 -2.47
N TYR A 793 3.01 -44.33 -2.18
CA TYR A 793 4.39 -44.85 -2.18
C TYR A 793 4.32 -46.34 -1.95
N SER A 794 5.41 -47.02 -2.24
CA SER A 794 5.46 -48.49 -2.15
C SER A 794 6.57 -48.87 -1.19
N ALA A 795 6.44 -50.05 -0.59
CA ALA A 795 7.39 -50.52 0.43
C ALA A 795 7.51 -52.05 0.35
N GLN A 796 8.64 -52.56 0.79
CA GLN A 796 8.77 -54.00 1.03
C GLN A 796 7.64 -54.43 1.96
N PHE A 797 6.70 -55.27 1.49
CA PHE A 797 5.55 -55.68 2.31
C PHE A 797 6.03 -56.25 3.66
N VAL A 798 7.07 -57.08 3.64
CA VAL A 798 7.49 -57.83 4.86
C VAL A 798 8.01 -56.86 5.94
N VAL A 799 8.63 -55.75 5.54
CA VAL A 799 9.14 -54.72 6.48
C VAL A 799 7.99 -54.13 7.31
N LEU A 800 6.76 -54.18 6.79
CA LEU A 800 5.60 -53.50 7.41
C LEU A 800 5.05 -54.28 8.59
N ALA A 801 4.53 -53.55 9.57
CA ALA A 801 3.91 -54.12 10.79
C ALA A 801 2.73 -54.98 10.37
N LYS A 802 2.39 -55.97 11.19
CA LYS A 802 1.29 -56.88 10.84
C LYS A 802 -0.03 -56.12 10.75
N GLU A 803 -0.22 -55.08 11.57
CA GLU A 803 -1.48 -54.31 11.57
C GLU A 803 -1.61 -53.52 10.25
N VAL A 804 -0.50 -53.00 9.72
CA VAL A 804 -0.52 -52.31 8.41
C VAL A 804 -0.70 -53.35 7.30
N GLN A 805 0.02 -54.47 7.39
CA GLN A 805 -0.17 -55.60 6.46
C GLN A 805 -1.66 -55.98 6.40
N ASP A 806 -2.22 -56.36 7.55
CA ASP A 806 -3.63 -56.79 7.67
C ASP A 806 -4.56 -55.73 7.07
N ASP A 807 -4.19 -54.46 7.18
CA ASP A 807 -5.02 -53.34 6.65
C ASP A 807 -5.05 -53.40 5.12
N ILE A 808 -3.88 -53.54 4.50
CA ILE A 808 -3.73 -53.64 3.03
C ILE A 808 -4.42 -54.91 2.55
N ILE A 809 -4.24 -56.01 3.28
CA ILE A 809 -4.94 -57.29 2.99
C ILE A 809 -6.46 -57.05 3.03
N SER A 810 -6.95 -56.31 4.04
CA SER A 810 -8.40 -56.05 4.26
C SER A 810 -8.95 -55.04 3.26
N ARG A 811 -8.15 -54.55 2.33
CA ARG A 811 -8.68 -53.67 1.27
C ARG A 811 -9.55 -54.49 0.32
N THR A 812 -10.59 -53.85 -0.19
CA THR A 812 -11.50 -54.47 -1.18
C THR A 812 -10.72 -54.95 -2.39
N GLU A 813 -11.10 -56.12 -2.93
CA GLU A 813 -10.44 -56.66 -4.14
C GLU A 813 -11.36 -56.41 -5.34
N GLN A 814 -10.96 -55.46 -6.19
CA GLN A 814 -11.72 -55.13 -7.42
C GLN A 814 -11.53 -56.22 -8.47
N GLN A 815 -12.46 -56.26 -9.42
CA GLN A 815 -12.63 -57.39 -10.36
C GLN A 815 -13.50 -56.89 -11.51
N PHE A 816 -13.03 -56.97 -12.76
CA PHE A 816 -13.85 -56.50 -13.90
C PHE A 816 -14.92 -57.54 -14.26
N LEU B 25 16.50 39.50 43.25
CA LEU B 25 16.72 38.36 42.30
C LEU B 25 17.90 37.48 42.73
N GLU B 26 18.28 37.58 44.01
CA GLU B 26 19.49 36.96 44.60
C GLU B 26 19.09 36.39 45.97
N LYS B 27 18.63 35.13 45.98
CA LYS B 27 17.72 34.59 47.01
C LYS B 27 18.39 33.56 47.94
N GLY B 28 19.55 33.00 47.57
CA GLY B 28 20.25 32.01 48.40
C GLY B 28 19.58 30.65 48.39
N PHE B 29 20.20 29.68 49.06
CA PHE B 29 19.73 28.28 49.12
C PHE B 29 19.69 27.81 50.56
N THR B 30 18.67 27.03 50.88
CA THR B 30 18.58 26.40 52.21
C THR B 30 19.54 25.21 52.24
N HIS B 31 19.66 24.60 53.42
CA HIS B 31 20.55 23.46 53.67
C HIS B 31 19.74 22.16 53.72
N PRO B 32 20.40 21.01 53.54
CA PRO B 32 19.72 19.73 53.67
C PRO B 32 19.86 19.21 55.10
N THR B 33 18.97 18.30 55.46
CA THR B 33 18.99 17.69 56.80
C THR B 33 20.27 16.88 56.98
N ASP B 34 20.64 16.62 58.23
CA ASP B 34 21.87 15.90 58.57
C ASP B 34 21.86 14.52 57.91
N ARG B 35 20.69 13.87 57.79
CA ARG B 35 20.59 12.54 57.15
C ARG B 35 20.98 12.65 55.67
N VAL B 36 20.43 13.66 54.98
CA VAL B 36 20.73 13.83 53.53
C VAL B 36 22.24 13.92 53.36
N VAL B 37 22.91 14.73 54.18
CA VAL B 37 24.38 14.89 54.12
C VAL B 37 25.07 13.57 54.45
N ARG B 38 24.52 12.82 55.39
CA ARG B 38 25.00 11.45 55.68
C ARG B 38 24.79 10.55 54.48
N LEU B 39 23.58 10.56 53.91
CA LEU B 39 23.29 9.76 52.70
C LEU B 39 24.24 10.17 51.58
N LYS B 40 24.56 11.46 51.47
CA LYS B 40 25.41 12.00 50.40
C LYS B 40 26.82 11.47 50.54
N ASN B 41 27.41 11.67 51.71
CA ASN B 41 28.83 11.32 51.95
C ASN B 41 29.05 9.82 51.80
N MET B 42 28.00 9.02 51.96
CA MET B 42 28.06 7.56 51.71
C MET B 42 28.41 7.32 50.24
N ILE B 43 27.79 8.07 49.31
CA ILE B 43 28.10 8.03 47.87
C ILE B 43 29.53 8.52 47.67
N LEU B 44 29.88 9.59 48.36
CA LEU B 44 31.15 10.30 48.14
C LEU B 44 32.33 9.47 48.62
N HIS B 45 32.19 8.77 49.75
CA HIS B 45 33.28 7.97 50.33
C HIS B 45 33.40 6.62 49.62
N ALA B 46 32.30 6.09 49.08
CA ALA B 46 32.23 4.66 48.69
C ALA B 46 33.18 4.37 47.53
N LYS B 47 33.88 3.25 47.66
CA LYS B 47 34.81 2.70 46.65
C LYS B 47 34.06 1.74 45.74
N PRO B 48 34.10 1.93 44.41
CA PRO B 48 33.30 1.11 43.50
C PRO B 48 33.85 -0.29 43.27
N TYR B 49 32.95 -1.27 43.18
CA TYR B 49 33.28 -2.70 42.97
C TYR B 49 32.57 -3.21 41.74
N VAL B 50 33.10 -4.31 41.22
CA VAL B 50 32.36 -5.19 40.29
C VAL B 50 31.66 -6.23 41.17
N GLU B 51 30.46 -6.62 40.79
CA GLU B 51 29.68 -7.61 41.55
C GLU B 51 29.11 -8.65 40.60
N SER B 52 28.89 -9.85 41.13
CA SER B 52 28.68 -11.06 40.31
C SER B 52 27.26 -11.60 40.40
N GLU B 53 26.45 -11.19 41.37
CA GLU B 53 25.16 -11.86 41.62
C GLU B 53 24.30 -11.77 40.36
N ARG B 54 24.12 -10.57 39.84
CA ARG B 54 23.21 -10.39 38.69
C ARG B 54 23.75 -11.12 37.46
N ALA B 55 25.06 -11.04 37.21
CA ALA B 55 25.69 -11.72 36.07
C ALA B 55 25.54 -13.24 36.20
N VAL B 56 25.56 -13.75 37.44
CA VAL B 56 25.43 -15.21 37.68
C VAL B 56 23.97 -15.61 37.49
N LEU B 57 23.06 -14.90 38.14
CA LEU B 57 21.60 -15.13 38.01
C LEU B 57 21.18 -15.02 36.55
N ALA B 58 21.55 -13.93 35.87
CA ALA B 58 21.22 -13.71 34.45
C ALA B 58 21.73 -14.89 33.64
N THR B 59 23.01 -15.23 33.81
CA THR B 59 23.62 -16.36 33.08
C THR B 59 22.80 -17.62 33.31
N GLU B 60 22.46 -17.95 34.57
CA GLU B 60 21.70 -19.19 34.88
C GLU B 60 20.32 -19.13 34.25
N ALA B 61 19.76 -17.94 34.02
CA ALA B 61 18.44 -17.77 33.40
C ALA B 61 18.49 -18.10 31.91
N TYR B 62 19.58 -17.77 31.21
CA TYR B 62 19.79 -18.17 29.80
C TYR B 62 19.99 -19.67 29.70
N LYS B 63 20.75 -20.26 30.63
CA LYS B 63 21.06 -21.71 30.59
C LYS B 63 19.78 -22.53 30.65
N GLU B 64 18.85 -22.13 31.52
CA GLU B 64 17.63 -22.90 31.84
C GLU B 64 16.57 -22.74 30.75
N ASN B 65 16.77 -21.82 29.81
CA ASN B 65 15.68 -21.41 28.90
C ASN B 65 16.20 -21.20 27.47
N GLU B 66 17.07 -22.09 27.00
CA GLU B 66 17.62 -22.07 25.61
C GLU B 66 16.47 -22.15 24.60
N GLN B 67 15.39 -22.85 24.95
CA GLN B 67 14.28 -23.22 24.03
C GLN B 67 13.25 -22.10 23.81
N LEU B 68 13.26 -21.01 24.59
CA LEU B 68 12.21 -19.98 24.45
C LEU B 68 12.60 -18.99 23.36
N PRO B 69 11.61 -18.32 22.74
CA PRO B 69 11.90 -17.15 21.91
C PRO B 69 12.59 -16.07 22.75
N ALA B 70 13.39 -15.23 22.08
CA ALA B 70 14.25 -14.26 22.79
C ALA B 70 13.45 -13.44 23.80
N ILE B 71 12.20 -13.09 23.49
CA ILE B 71 11.40 -12.25 24.41
C ILE B 71 11.13 -13.01 25.71
N MET B 72 10.76 -14.30 25.61
CA MET B 72 10.33 -15.07 26.78
C MET B 72 11.55 -15.41 27.64
N ARG B 73 12.68 -15.70 27.00
CA ARG B 73 13.96 -15.82 27.71
C ARG B 73 14.21 -14.54 28.51
N ARG B 74 14.13 -13.39 27.85
CA ARG B 74 14.42 -12.11 28.53
C ARG B 74 13.44 -11.84 29.67
N ALA B 75 12.23 -12.40 29.61
CA ALA B 75 11.30 -12.34 30.74
C ALA B 75 11.80 -13.23 31.87
N LYS B 76 12.44 -14.36 31.53
CA LYS B 76 12.98 -15.32 32.53
C LYS B 76 14.23 -14.77 33.19
N VAL B 77 15.02 -13.99 32.45
CA VAL B 77 16.19 -13.27 32.98
C VAL B 77 15.75 -12.30 34.06
N VAL B 78 14.74 -11.48 33.78
CA VAL B 78 14.33 -10.49 34.80
C VAL B 78 13.59 -11.20 35.93
N GLU B 79 12.81 -12.24 35.65
CA GLU B 79 12.03 -12.88 36.72
C GLU B 79 12.99 -13.44 37.75
N LYS B 80 14.07 -14.09 37.29
CA LYS B 80 15.03 -14.73 38.20
C LYS B 80 15.91 -13.67 38.86
N ILE B 81 16.27 -12.60 38.15
CA ILE B 81 17.08 -11.53 38.77
C ILE B 81 16.25 -10.84 39.86
N PHE B 82 15.03 -10.42 39.52
CA PHE B 82 14.18 -9.72 40.51
C PHE B 82 13.95 -10.64 41.70
N ASN B 83 13.72 -11.92 41.46
CA ASN B 83 13.35 -12.82 42.58
C ASN B 83 14.54 -13.09 43.48
N GLU B 84 15.78 -12.87 43.03
CA GLU B 84 16.97 -13.45 43.70
C GLU B 84 18.13 -12.46 43.88
N LEU B 85 18.15 -11.32 43.20
CA LEU B 85 19.23 -10.33 43.42
C LEU B 85 19.17 -9.86 44.87
N PRO B 86 20.28 -9.92 45.64
CA PRO B 86 20.31 -9.35 46.98
C PRO B 86 19.52 -8.05 47.11
N VAL B 87 18.72 -7.99 48.16
CA VAL B 87 18.01 -6.76 48.59
C VAL B 87 18.89 -6.07 49.61
N THR B 88 19.09 -4.77 49.43
CA THR B 88 19.99 -3.98 50.28
C THR B 88 19.35 -2.64 50.56
N ILE B 89 19.08 -2.35 51.83
CA ILE B 89 18.64 -1.00 52.28
C ILE B 89 19.73 -0.39 53.14
N ARG B 90 20.12 0.84 52.83
CA ARG B 90 21.33 1.44 53.42
C ARG B 90 20.97 2.25 54.65
N PRO B 91 21.93 2.48 55.58
CA PRO B 91 21.64 3.28 56.76
C PRO B 91 21.19 4.70 56.41
N ASP B 92 20.03 5.09 56.96
CA ASP B 92 19.38 6.41 56.86
C ASP B 92 18.50 6.58 55.62
N GLU B 93 18.31 5.59 54.74
CA GLU B 93 17.58 5.86 53.49
C GLU B 93 16.10 6.10 53.78
N LEU B 94 15.46 6.93 52.94
CA LEU B 94 14.00 7.05 52.90
C LEU B 94 13.44 6.47 51.61
N ILE B 95 14.13 6.67 50.50
CA ILE B 95 13.87 5.94 49.25
C ILE B 95 14.86 4.79 49.21
N VAL B 96 14.38 3.60 48.85
CA VAL B 96 15.16 2.35 48.95
C VAL B 96 15.11 1.60 47.62
N GLY B 97 16.11 0.78 47.39
CA GLY B 97 16.34 0.13 46.11
C GLY B 97 17.80 0.26 45.74
N ALA B 98 18.46 -0.86 45.49
CA ALA B 98 19.91 -0.89 45.25
C ALA B 98 20.24 -1.95 44.22
N VAL B 99 21.03 -1.58 43.22
CA VAL B 99 21.36 -2.47 42.09
C VAL B 99 22.52 -3.38 42.52
N THR B 100 23.42 -2.83 43.32
CA THR B 100 24.57 -3.57 43.88
C THR B 100 24.49 -3.58 45.40
N ILE B 101 25.23 -4.50 46.02
CA ILE B 101 25.29 -4.59 47.51
C ILE B 101 25.99 -3.35 48.03
N ASN B 102 27.17 -3.07 47.48
CA ASN B 102 28.09 -1.96 47.78
C ASN B 102 27.65 -0.70 47.04
N PRO B 103 27.60 0.46 47.72
CA PRO B 103 27.24 1.70 47.04
C PRO B 103 28.21 2.05 45.91
N ARG B 104 27.68 2.77 44.92
CA ARG B 104 28.34 3.16 43.65
C ARG B 104 29.08 2.02 42.98
N SER B 105 28.64 0.78 43.15
CA SER B 105 29.30 -0.35 42.47
C SER B 105 28.49 -0.71 41.23
N THR B 106 28.98 -1.68 40.47
CA THR B 106 28.37 -2.04 39.18
C THR B 106 28.10 -3.54 39.13
N GLU B 107 27.02 -3.89 38.46
CA GLU B 107 26.76 -5.29 38.08
CA GLU B 107 26.76 -5.30 38.08
C GLU B 107 27.50 -5.58 36.78
N ILE B 108 27.44 -6.82 36.35
CA ILE B 108 28.03 -7.22 35.06
C ILE B 108 26.89 -7.79 34.23
N CYS B 109 26.75 -7.29 33.00
CA CYS B 109 25.67 -7.73 32.08
C CYS B 109 26.32 -8.45 30.91
N PRO B 110 26.55 -9.78 30.97
CA PRO B 110 27.29 -10.46 29.91
C PRO B 110 26.47 -10.88 28.69
N GLU B 111 25.16 -10.65 28.71
CA GLU B 111 24.30 -10.88 27.54
C GLU B 111 24.74 -10.00 26.35
N PHE B 112 25.35 -8.84 26.64
CA PHE B 112 25.84 -7.86 25.65
C PHE B 112 27.32 -8.09 25.30
N SER B 113 28.18 -8.21 26.31
CA SER B 113 29.62 -8.49 26.09
C SER B 113 30.29 -8.77 27.45
N TYR B 114 31.35 -9.58 27.43
CA TYR B 114 31.98 -10.09 28.67
C TYR B 114 33.52 -10.01 28.65
N ASP B 115 34.17 -10.33 27.53
CA ASP B 115 35.59 -10.78 27.56
C ASP B 115 36.49 -9.72 28.20
N TRP B 116 36.21 -8.45 27.95
CA TRP B 116 37.03 -7.33 28.46
C TRP B 116 37.00 -7.30 29.99
N VAL B 117 35.94 -7.82 30.61
CA VAL B 117 35.88 -7.83 32.09
C VAL B 117 36.90 -8.84 32.63
N GLU B 118 36.94 -10.04 32.05
CA GLU B 118 37.85 -11.11 32.50
C GLU B 118 39.30 -10.76 32.14
N LYS B 119 39.51 -10.01 31.06
CA LYS B 119 40.86 -9.52 30.72
C LYS B 119 41.35 -8.52 31.79
N GLU B 120 40.44 -7.80 32.44
CA GLU B 120 40.81 -6.70 33.36
C GLU B 120 40.56 -7.09 34.82
N PHE B 121 40.27 -8.37 35.08
CA PHE B 121 40.22 -8.90 36.45
C PHE B 121 41.34 -8.26 37.28
N ASP B 122 42.56 -8.31 36.78
CA ASP B 122 43.76 -7.96 37.57
C ASP B 122 44.17 -6.50 37.38
N THR B 123 43.56 -5.78 36.43
CA THR B 123 43.99 -4.41 36.08
C THR B 123 42.92 -3.34 36.29
N MET B 124 41.64 -3.71 36.38
CA MET B 124 40.54 -2.72 36.40
C MET B 124 40.58 -1.88 37.68
N ALA B 125 41.14 -2.36 38.80
CA ALA B 125 41.23 -1.57 40.04
C ALA B 125 42.39 -0.57 39.99
N HIS B 126 43.32 -0.71 39.05
CA HIS B 126 44.52 0.15 38.96
C HIS B 126 44.50 1.01 37.69
N ARG B 127 43.48 0.89 36.85
CA ARG B 127 43.49 1.61 35.57
C ARG B 127 43.20 3.09 35.82
N VAL B 128 43.42 3.89 34.78
CA VAL B 128 43.38 5.37 34.90
C VAL B 128 41.94 5.80 35.14
N ALA B 129 41.09 5.65 34.13
CA ALA B 129 39.73 6.21 34.13
C ALA B 129 38.76 5.16 34.68
N ASP B 130 37.99 5.57 35.69
CA ASP B 130 36.91 4.76 36.29
C ASP B 130 37.46 3.42 36.75
N PRO B 131 38.35 3.39 37.75
CA PRO B 131 38.80 2.10 38.26
C PRO B 131 37.75 1.49 39.18
N PHE B 132 37.71 0.15 39.19
CA PHE B 132 36.75 -0.64 39.99
C PHE B 132 37.51 -1.76 40.70
N ILE B 133 37.10 -2.08 41.92
CA ILE B 133 37.72 -3.21 42.66
C ILE B 133 37.07 -4.50 42.17
N ILE B 134 37.89 -5.46 41.75
CA ILE B 134 37.43 -6.82 41.39
C ILE B 134 38.13 -7.79 42.34
N GLU B 135 37.51 -8.09 43.49
CA GLU B 135 38.15 -9.03 44.42
C GLU B 135 37.87 -10.45 43.97
N LYS B 136 38.75 -11.36 44.40
CA LYS B 136 39.01 -12.64 43.70
C LYS B 136 37.78 -13.55 43.76
N LYS B 137 37.00 -13.51 44.84
CA LYS B 137 35.79 -14.33 44.93
C LYS B 137 34.90 -13.96 43.76
N THR B 138 34.85 -12.66 43.44
CA THR B 138 34.00 -12.16 42.34
C THR B 138 34.59 -12.56 40.99
N ALA B 139 35.91 -12.46 40.82
CA ALA B 139 36.54 -12.89 39.55
C ALA B 139 36.33 -14.39 39.36
N ASP B 140 36.43 -15.16 40.45
CA ASP B 140 36.21 -16.62 40.41
C ASP B 140 34.84 -16.92 39.82
N GLU B 141 33.78 -16.28 40.33
CA GLU B 141 32.41 -16.62 39.91
C GLU B 141 32.05 -15.92 38.60
N LEU B 142 32.58 -14.72 38.34
CA LEU B 142 32.44 -14.11 37.00
C LEU B 142 33.20 -14.94 35.97
N HIS B 143 34.35 -15.52 36.34
CA HIS B 143 35.10 -16.44 35.48
C HIS B 143 34.21 -17.60 35.04
N GLN B 144 33.52 -18.22 36.00
CA GLN B 144 32.66 -19.39 35.75
C GLN B 144 31.59 -19.06 34.73
N ALA B 145 30.77 -18.04 35.02
CA ALA B 145 29.61 -17.69 34.18
C ALA B 145 30.05 -17.37 32.75
N PHE B 146 31.22 -16.75 32.59
CA PHE B 146 31.72 -16.36 31.26
C PHE B 146 31.99 -17.58 30.36
N LYS B 147 32.09 -18.79 30.93
CA LYS B 147 32.30 -20.00 30.11
C LYS B 147 31.08 -20.28 29.25
N TYR B 148 29.93 -19.68 29.59
CA TYR B 148 28.67 -19.90 28.87
C TYR B 148 28.63 -19.06 27.58
N TRP B 149 29.18 -17.85 27.63
CA TRP B 149 28.90 -16.73 26.70
C TRP B 149 29.62 -16.72 25.36
N PRO B 150 30.81 -17.34 25.17
CA PRO B 150 31.54 -17.16 23.91
C PRO B 150 30.64 -17.26 22.67
N GLY B 151 30.48 -16.13 21.98
CA GLY B 151 29.72 -16.06 20.72
C GLY B 151 28.21 -16.04 20.94
N LYS B 152 27.74 -15.82 22.15
CA LYS B 152 26.29 -15.72 22.45
C LYS B 152 25.96 -14.30 22.90
N THR B 153 26.91 -13.38 22.77
CA THR B 153 26.67 -11.95 23.04
C THR B 153 25.84 -11.34 21.92
N THR B 154 25.11 -10.29 22.26
CA THR B 154 24.53 -9.40 21.23
C THR B 154 25.66 -8.79 20.39
N SER B 155 26.76 -8.39 21.02
CA SER B 155 27.92 -7.82 20.31
C SER B 155 28.45 -8.78 19.24
N SER B 156 28.70 -10.04 19.59
CA SER B 156 29.29 -11.01 18.65
C SER B 156 28.38 -11.21 17.42
N LEU B 157 27.05 -11.08 17.61
CA LEU B 157 26.08 -11.15 16.50
C LEU B 157 26.11 -9.87 15.68
N ALA B 158 26.20 -8.70 16.34
CA ALA B 158 26.38 -7.40 15.68
C ALA B 158 27.68 -7.40 14.87
N ALA B 159 28.75 -7.98 15.43
CA ALA B 159 30.04 -8.11 14.74
C ALA B 159 29.86 -8.84 13.40
N SER B 160 29.02 -9.88 13.39
CA SER B 160 28.92 -10.79 12.24
C SER B 160 28.12 -10.16 11.09
N TYR B 161 27.19 -9.24 11.38
CA TYR B 161 26.38 -8.59 10.32
C TYR B 161 27.17 -7.49 9.63
N MET B 162 28.37 -7.16 10.09
CA MET B 162 29.11 -5.99 9.58
C MET B 162 29.97 -6.38 8.39
N SER B 163 30.07 -5.47 7.41
CA SER B 163 30.99 -5.65 6.29
C SER B 163 32.41 -5.51 6.80
N GLU B 164 33.35 -6.00 5.99
CA GLU B 164 34.76 -6.09 6.39
C GLU B 164 35.37 -4.70 6.42
N GLY B 165 35.06 -3.88 5.42
CA GLY B 165 35.59 -2.51 5.36
C GLY B 165 35.01 -1.63 6.44
N THR B 166 33.83 -1.97 6.97
CA THR B 166 33.25 -1.20 8.09
C THR B 166 34.03 -1.49 9.37
N LYS B 167 34.41 -2.74 9.63
CA LYS B 167 35.29 -3.04 10.78
C LYS B 167 36.60 -2.26 10.60
N GLU B 168 37.18 -2.30 9.40
CA GLU B 168 38.48 -1.65 9.10
C GLU B 168 38.38 -0.15 9.38
N SER B 169 37.28 0.49 8.99
CA SER B 169 37.06 1.93 9.24
C SER B 169 37.03 2.19 10.73
N MET B 170 36.21 1.44 11.47
CA MET B 170 36.15 1.54 12.95
C MET B 170 37.54 1.26 13.54
N SER B 171 38.33 0.35 12.96
CA SER B 171 39.67 -0.01 13.49
C SER B 171 40.64 1.17 13.35
N ASN B 172 40.53 1.93 12.27
CA ASN B 172 41.35 3.15 12.09
C ASN B 172 40.62 4.38 12.64
N GLY B 173 39.61 4.19 13.48
CA GLY B 173 39.11 5.28 14.34
C GLY B 173 38.39 6.37 13.57
N VAL B 174 37.85 6.04 12.40
CA VAL B 174 36.97 6.97 11.67
C VAL B 174 35.72 7.22 12.51
N PHE B 175 35.25 6.19 13.21
CA PHE B 175 33.93 6.18 13.88
C PHE B 175 33.79 4.88 14.67
N THR B 176 32.94 4.90 15.69
CA THR B 176 32.79 3.75 16.61
C THR B 176 31.34 3.59 17.05
N VAL B 177 30.90 2.34 17.23
CA VAL B 177 29.52 2.05 17.70
C VAL B 177 29.64 1.21 18.97
N GLY B 178 30.65 1.50 19.79
CA GLY B 178 30.94 0.71 21.00
C GLY B 178 29.84 0.78 22.06
N ASN B 179 29.10 1.88 22.14
CA ASN B 179 28.16 2.13 23.25
C ASN B 179 27.17 0.98 23.36
N TYR B 180 26.43 0.69 22.28
CA TYR B 180 25.34 -0.32 22.31
C TYR B 180 25.82 -1.68 21.84
N PHE B 181 27.09 -1.79 21.44
CA PHE B 181 27.67 -3.07 21.02
C PHE B 181 28.31 -3.74 22.23
N PHE B 182 29.06 -2.98 23.03
CA PHE B 182 29.57 -3.50 24.32
C PHE B 182 28.42 -3.60 25.33
N GLY B 183 27.60 -2.57 25.45
CA GLY B 183 26.58 -2.53 26.52
C GLY B 183 25.15 -2.55 26.02
N GLY B 184 24.21 -2.30 26.94
CA GLY B 184 22.80 -2.16 26.60
C GLY B 184 22.51 -0.82 25.95
N ILE B 185 21.25 -0.60 25.59
CA ILE B 185 20.85 0.62 24.86
C ILE B 185 20.43 1.69 25.87
N GLY B 186 19.29 1.49 26.55
CA GLY B 186 18.73 2.53 27.42
C GLY B 186 18.27 3.74 26.62
N HIS B 187 18.79 4.92 26.96
CA HIS B 187 18.57 6.19 26.24
C HIS B 187 17.07 6.42 25.99
N VAL B 188 16.32 6.43 27.08
CA VAL B 188 14.85 6.51 27.00
C VAL B 188 14.35 7.13 28.30
N SER B 189 13.32 7.98 28.18
CA SER B 189 12.50 8.42 29.32
C SER B 189 11.20 7.63 29.27
N VAL B 190 11.08 6.64 30.14
CA VAL B 190 9.90 5.75 30.20
C VAL B 190 8.71 6.49 30.82
N ASP B 191 7.54 5.85 30.80
CA ASP B 191 6.26 6.44 31.26
C ASP B 191 6.16 6.31 32.78
N TYR B 192 7.01 7.05 33.50
CA TYR B 192 6.96 7.12 34.98
C TYR B 192 5.52 7.42 35.41
N GLY B 193 4.88 8.38 34.73
CA GLY B 193 3.53 8.85 35.09
C GLY B 193 2.51 7.74 35.05
N LYS B 194 2.60 6.85 34.06
CA LYS B 194 1.65 5.73 33.93
C LYS B 194 1.73 4.82 35.15
N VAL B 195 2.93 4.39 35.53
CA VAL B 195 3.11 3.44 36.65
C VAL B 195 2.67 4.11 37.96
N LEU B 196 2.89 5.42 38.10
CA LEU B 196 2.45 6.18 39.29
C LEU B 196 0.93 6.06 39.47
N LYS B 197 0.16 5.84 38.41
CA LYS B 197 -1.31 5.99 38.45
C LYS B 197 -2.04 4.65 38.38
N ILE B 198 -1.53 3.68 37.60
CA ILE B 198 -2.21 2.36 37.47
C ILE B 198 -1.37 1.24 38.09
N GLY B 199 -0.07 1.45 38.30
CA GLY B 199 0.79 0.46 38.98
C GLY B 199 1.36 -0.57 38.03
N PHE B 200 2.00 -1.60 38.59
CA PHE B 200 2.48 -2.74 37.80
C PHE B 200 1.32 -3.67 37.48
N ARG B 201 0.38 -3.81 38.42
CA ARG B 201 -0.90 -4.49 38.17
C ARG B 201 -1.67 -3.77 37.06
N GLY B 202 -1.47 -2.45 36.94
CA GLY B 202 -2.12 -1.66 35.87
C GLY B 202 -1.56 -2.01 34.52
N ILE B 203 -0.24 -2.08 34.41
CA ILE B 203 0.44 -2.51 33.16
C ILE B 203 -0.05 -3.90 32.78
N ILE B 204 -0.12 -4.80 33.76
CA ILE B 204 -0.52 -6.20 33.50
C ILE B 204 -1.95 -6.22 32.98
N ASP B 205 -2.85 -5.42 33.57
CA ASP B 205 -4.23 -5.36 33.08
C ASP B 205 -4.21 -4.99 31.59
N GLU B 206 -3.40 -3.99 31.22
CA GLU B 206 -3.43 -3.49 29.82
C GLU B 206 -2.95 -4.58 28.88
N VAL B 207 -2.12 -5.50 29.38
CA VAL B 207 -1.56 -6.58 28.55
C VAL B 207 -2.55 -7.76 28.49
N THR B 208 -3.28 -8.04 29.57
CA THR B 208 -4.28 -9.12 29.50
C THR B 208 -5.44 -8.66 28.62
N ARG B 209 -5.79 -7.36 28.63
CA ARG B 209 -6.89 -6.86 27.79
C ARG B 209 -6.48 -6.79 26.32
N ALA B 210 -5.25 -6.35 26.04
CA ALA B 210 -4.65 -6.50 24.70
C ALA B 210 -4.65 -7.97 24.27
N LEU B 211 -4.33 -8.87 25.19
CA LEU B 211 -4.23 -10.31 24.88
C LEU B 211 -5.62 -10.88 24.52
N GLU B 212 -6.73 -10.28 24.96
CA GLU B 212 -8.09 -10.75 24.60
C GLU B 212 -8.51 -10.24 23.22
N ASN B 213 -8.00 -9.08 22.79
CA ASN B 213 -8.44 -8.42 21.55
C ASN B 213 -7.44 -8.65 20.41
N LEU B 214 -6.54 -9.64 20.54
CA LEU B 214 -5.66 -10.04 19.42
C LEU B 214 -6.51 -10.53 18.25
N ASP B 215 -6.25 -10.02 17.06
CA ASP B 215 -6.76 -10.66 15.83
C ASP B 215 -6.00 -11.97 15.69
N ARG B 216 -6.69 -13.11 15.81
CA ARG B 216 -6.05 -14.43 15.74
C ARG B 216 -6.43 -15.12 14.44
N SER B 217 -6.55 -14.34 13.36
CA SER B 217 -7.00 -14.84 12.05
C SER B 217 -5.83 -15.18 11.15
N THR B 218 -4.75 -14.41 11.25
CA THR B 218 -3.51 -14.61 10.45
C THR B 218 -2.47 -15.25 11.36
N SER B 219 -1.23 -15.34 10.90
CA SER B 219 -0.17 -16.07 11.63
C SER B 219 0.50 -15.20 12.69
N ASP B 220 0.40 -13.87 12.58
CA ASP B 220 1.29 -12.95 13.32
C ASP B 220 0.77 -12.63 14.72
N TYR B 221 -0.31 -13.29 15.15
CA TYR B 221 -0.76 -13.20 16.55
C TYR B 221 0.19 -13.97 17.48
N ILE B 222 0.94 -14.92 16.93
CA ILE B 222 1.71 -15.91 17.74
C ILE B 222 2.87 -15.22 18.44
N LYS B 223 3.71 -14.52 17.67
CA LYS B 223 4.84 -13.77 18.27
C LYS B 223 4.30 -12.68 19.20
N LYS B 224 3.23 -11.98 18.80
CA LYS B 224 2.60 -10.94 19.66
C LYS B 224 2.23 -11.57 21.01
N GLU B 225 1.51 -12.69 20.96
CA GLU B 225 1.04 -13.40 22.18
C GLU B 225 2.24 -13.73 23.07
N GLN B 226 3.37 -14.06 22.46
CA GLN B 226 4.62 -14.36 23.19
C GLN B 226 5.13 -13.11 23.89
N PHE B 227 5.17 -12.01 23.17
CA PHE B 227 5.56 -10.71 23.75
C PHE B 227 4.73 -10.46 25.00
N TYR B 228 3.40 -10.46 24.85
CA TYR B 228 2.46 -10.21 25.95
C TYR B 228 2.78 -11.13 27.13
N ASN B 229 2.86 -12.44 26.88
CA ASN B 229 3.11 -13.40 27.99
C ASN B 229 4.46 -13.09 28.64
N ALA B 230 5.43 -12.57 27.89
CA ALA B 230 6.70 -12.12 28.49
C ALA B 230 6.43 -10.92 29.38
N VAL B 231 5.82 -9.88 28.83
CA VAL B 231 5.58 -8.61 29.55
C VAL B 231 4.85 -8.89 30.88
N ILE B 232 3.89 -9.81 30.89
CA ILE B 232 3.14 -10.13 32.12
C ILE B 232 4.07 -10.79 33.13
N LEU B 233 4.85 -11.77 32.66
CA LEU B 233 5.71 -12.55 33.56
C LEU B 233 6.79 -11.65 34.17
N SER B 234 7.28 -10.66 33.41
CA SER B 234 8.30 -9.73 33.92
C SER B 234 7.70 -8.88 35.04
N TYR B 235 6.51 -8.32 34.83
CA TYR B 235 5.87 -7.43 35.82
C TYR B 235 5.39 -8.23 37.04
N GLN B 236 5.14 -9.53 36.92
CA GLN B 236 4.80 -10.33 38.11
C GLN B 236 6.04 -10.49 38.99
N ALA B 237 7.23 -10.61 38.40
CA ALA B 237 8.49 -10.56 39.17
C ALA B 237 8.86 -9.13 39.53
N ALA B 238 8.49 -8.15 38.72
CA ALA B 238 8.76 -6.73 39.02
C ALA B 238 7.90 -6.28 40.20
N ILE B 239 6.78 -6.96 40.43
CA ILE B 239 5.99 -6.74 41.67
C ILE B 239 6.72 -7.41 42.83
N ASN B 240 7.08 -8.68 42.66
CA ASN B 240 7.69 -9.44 43.76
C ASN B 240 8.98 -8.76 44.24
N PHE B 241 9.68 -8.02 43.37
CA PHE B 241 10.89 -7.28 43.76
C PHE B 241 10.51 -6.20 44.79
N ALA B 242 9.48 -5.40 44.50
CA ALA B 242 9.00 -4.37 45.45
C ALA B 242 8.65 -5.01 46.79
N HIS B 243 7.70 -5.96 46.78
CA HIS B 243 7.30 -6.75 47.96
C HIS B 243 8.53 -7.26 48.70
N ARG B 244 9.52 -7.68 47.95
CA ARG B 244 10.71 -8.37 48.48
C ARG B 244 11.65 -7.37 49.16
N TYR B 245 11.58 -6.07 48.79
CA TYR B 245 12.21 -4.99 49.57
C TYR B 245 11.35 -4.66 50.79
N ALA B 246 10.03 -4.84 50.69
CA ALA B 246 9.08 -4.48 51.75
C ALA B 246 9.31 -5.35 52.99
N GLN B 247 9.48 -6.66 52.80
CA GLN B 247 9.69 -7.59 53.92
C GLN B 247 11.02 -7.34 54.60
N GLU B 248 12.00 -6.77 53.89
CA GLU B 248 13.34 -6.47 54.43
C GLU B 248 13.30 -5.13 55.18
N ALA B 249 12.36 -4.24 54.81
CA ALA B 249 12.10 -3.00 55.56
C ALA B 249 11.42 -3.33 56.89
N SER B 250 10.40 -4.22 56.88
CA SER B 250 9.80 -4.73 58.13
C SER B 250 10.89 -5.46 58.94
N ARG B 251 11.64 -6.36 58.30
CA ARG B 251 12.68 -7.12 59.01
C ARG B 251 13.60 -6.14 59.73
N LEU B 252 13.99 -5.06 59.06
CA LEU B 252 14.90 -4.07 59.67
C LEU B 252 14.17 -3.21 60.70
N ALA B 253 12.84 -3.08 60.63
CA ALA B 253 12.10 -2.29 61.62
C ALA B 253 11.97 -3.08 62.93
N ARG B 254 11.63 -4.37 62.85
CA ARG B 254 11.53 -5.23 64.05
C ARG B 254 12.85 -5.29 64.80
N GLU B 255 13.97 -4.98 64.14
CA GLU B 255 15.32 -5.25 64.66
C GLU B 255 16.05 -3.92 64.93
N GLU B 256 15.34 -2.80 64.74
CA GLU B 256 15.86 -1.42 64.88
C GLU B 256 15.59 -0.92 66.30
N ARG B 257 16.54 -0.17 66.86
CA ARG B 257 16.47 0.24 68.28
C ARG B 257 16.03 1.71 68.42
N ASP B 258 16.46 2.61 67.53
CA ASP B 258 15.96 4.00 67.50
C ASP B 258 14.48 3.97 67.14
N PRO B 259 13.57 4.34 68.07
CA PRO B 259 12.13 4.27 67.79
C PRO B 259 11.72 5.03 66.53
N THR B 260 12.26 6.24 66.33
CA THR B 260 11.92 7.06 65.15
C THR B 260 12.33 6.34 63.87
N ARG B 261 13.54 5.77 63.82
CA ARG B 261 14.01 5.11 62.57
C ARG B 261 13.18 3.84 62.34
N GLN B 262 12.77 3.19 63.43
CA GLN B 262 11.85 2.04 63.36
C GLN B 262 10.65 2.43 62.50
N ARG B 263 10.04 3.59 62.78
CA ARG B 263 8.79 4.00 62.12
C ARG B 263 9.03 4.42 60.67
N GLU B 264 10.19 5.02 60.38
CA GLU B 264 10.59 5.25 58.98
C GLU B 264 10.52 3.91 58.23
N LEU B 265 11.13 2.86 58.80
CA LEU B 265 11.24 1.56 58.12
C LEU B 265 9.88 0.86 58.02
N GLU B 266 9.09 0.89 59.09
CA GLU B 266 7.75 0.30 59.07
C GLU B 266 6.94 0.88 57.91
N GLN B 267 7.13 2.16 57.60
CA GLN B 267 6.34 2.84 56.55
C GLN B 267 7.04 2.76 55.20
N ILE B 268 8.36 2.66 55.18
CA ILE B 268 9.09 2.26 53.96
C ILE B 268 8.56 0.90 53.51
N ALA B 269 8.43 -0.04 54.44
CA ALA B 269 7.80 -1.36 54.20
C ALA B 269 6.39 -1.16 53.64
N SER B 270 5.65 -0.20 54.16
CA SER B 270 4.28 0.05 53.67
C SER B 270 4.33 0.66 52.28
N ASN B 271 5.30 1.55 52.01
CA ASN B 271 5.47 2.15 50.67
C ASN B 271 5.75 1.07 49.64
N CYS B 272 6.65 0.15 49.95
CA CYS B 272 7.05 -0.88 48.96
C CYS B 272 5.96 -1.95 48.81
N THR B 273 5.07 -2.13 49.78
CA THR B 273 4.01 -3.15 49.62
C THR B 273 2.95 -2.64 48.65
N ARG B 274 2.76 -1.32 48.55
CA ARG B 274 1.75 -0.79 47.60
C ARG B 274 2.36 -0.45 46.24
N VAL B 275 3.51 0.23 46.21
CA VAL B 275 4.13 0.64 44.92
C VAL B 275 5.34 -0.24 44.66
N PRO B 276 5.72 -0.40 43.39
CA PRO B 276 4.91 0.08 42.27
C PRO B 276 3.81 -0.88 41.81
N GLU B 277 3.54 -1.95 42.56
CA GLU B 277 2.49 -2.92 42.19
C GLU B 277 1.19 -2.18 41.87
N TYR B 278 0.90 -1.11 42.62
CA TYR B 278 -0.28 -0.28 42.39
C TYR B 278 0.12 1.19 42.27
N GLY B 279 -0.87 2.06 42.17
CA GLY B 279 -0.65 3.49 41.98
C GLY B 279 -0.26 4.13 43.29
N ALA B 280 0.33 5.32 43.23
CA ALA B 280 0.84 6.02 44.42
C ALA B 280 -0.28 6.85 45.02
N THR B 281 -0.38 6.85 46.36
CA THR B 281 -1.39 7.61 47.11
C THR B 281 -0.80 8.68 48.01
N THR B 282 0.49 8.59 48.35
CA THR B 282 1.21 9.68 49.03
C THR B 282 2.26 10.24 48.08
N PHE B 283 3.08 11.16 48.58
CA PHE B 283 4.26 11.61 47.82
C PHE B 283 5.39 10.60 48.02
N TRP B 284 5.67 10.28 49.29
CA TRP B 284 6.66 9.24 49.65
C TRP B 284 6.52 8.06 48.70
N GLU B 285 5.33 7.48 48.61
CA GLU B 285 5.06 6.34 47.70
C GLU B 285 5.47 6.72 46.28
N ALA B 286 5.02 7.88 45.80
CA ALA B 286 5.29 8.34 44.43
C ALA B 286 6.80 8.44 44.21
N CYS B 287 7.56 8.90 45.20
CA CYS B 287 9.03 9.00 45.08
C CYS B 287 9.64 7.61 44.99
N GLN B 288 9.12 6.67 45.77
CA GLN B 288 9.61 5.27 45.78
C GLN B 288 9.25 4.59 44.47
N THR B 289 8.07 4.89 43.91
CA THR B 289 7.66 4.35 42.60
C THR B 289 8.68 4.76 41.55
N PHE B 290 8.94 6.06 41.47
CA PHE B 290 9.96 6.63 40.56
C PHE B 290 11.26 5.82 40.68
N TRP B 291 11.73 5.58 41.90
CA TRP B 291 13.07 4.98 42.07
C TRP B 291 13.07 3.53 41.59
N PHE B 292 12.03 2.75 41.88
CA PHE B 292 12.01 1.34 41.41
C PHE B 292 12.09 1.32 39.89
N ILE B 293 11.33 2.19 39.22
CA ILE B 293 11.37 2.27 37.73
C ILE B 293 12.80 2.60 37.30
N GLN B 294 13.33 3.70 37.85
CA GLN B 294 14.68 4.20 37.51
C GLN B 294 15.72 3.11 37.76
N SER B 295 15.59 2.37 38.85
CA SER B 295 16.62 1.41 39.28
C SER B 295 16.45 0.10 38.52
N MET B 296 15.27 -0.51 38.63
CA MET B 296 14.96 -1.81 38.02
C MET B 296 15.34 -1.82 36.52
N LEU B 297 15.15 -0.70 35.81
CA LEU B 297 15.48 -0.64 34.37
C LEU B 297 16.97 -0.91 34.15
N GLN B 298 17.84 -0.42 35.06
CA GLN B 298 19.29 -0.58 34.90
C GLN B 298 19.73 -1.93 35.43
N ILE B 299 18.82 -2.71 36.00
CA ILE B 299 19.07 -4.13 36.30
C ILE B 299 18.75 -4.98 35.07
N GLU B 300 17.68 -4.64 34.34
CA GLU B 300 17.28 -5.43 33.16
C GLU B 300 18.34 -5.30 32.06
N SER B 301 18.88 -4.10 31.89
CA SER B 301 19.94 -3.86 30.90
C SER B 301 20.86 -2.78 31.44
N SER B 302 22.12 -2.81 31.00
CA SER B 302 23.18 -1.90 31.47
C SER B 302 23.22 -0.63 30.62
N GLY B 303 22.32 -0.50 29.65
CA GLY B 303 22.06 0.78 29.00
C GLY B 303 21.99 1.91 30.00
N HIS B 304 22.85 2.92 29.82
CA HIS B 304 22.80 4.16 30.62
C HIS B 304 21.83 5.14 29.96
N SER B 305 21.82 6.36 30.47
CA SER B 305 20.94 7.43 29.97
C SER B 305 19.50 7.07 30.24
N ILE B 306 19.25 6.27 31.29
CA ILE B 306 17.87 6.12 31.79
C ILE B 306 17.56 7.44 32.47
N SER B 307 16.86 8.32 31.73
CA SER B 307 16.68 9.75 32.05
C SER B 307 15.30 9.98 32.61
N PRO B 308 15.18 10.44 33.87
CA PRO B 308 13.86 10.65 34.46
C PRO B 308 12.98 11.65 33.72
N GLY B 309 13.53 12.45 32.82
CA GLY B 309 12.70 13.34 32.00
C GLY B 309 12.02 14.41 32.85
N ARG B 310 10.76 14.72 32.53
CA ARG B 310 10.06 15.90 33.10
C ARG B 310 9.48 15.60 34.48
N PHE B 311 10.35 15.24 35.40
CA PHE B 311 10.01 14.72 36.74
C PHE B 311 9.32 15.81 37.59
N ASP B 312 9.42 17.08 37.21
CA ASP B 312 8.64 18.14 37.89
C ASP B 312 7.20 18.09 37.42
N GLN B 313 6.91 17.51 36.24
CA GLN B 313 5.53 17.51 35.71
C GLN B 313 4.78 16.25 36.18
N TYR B 314 5.34 15.07 35.92
CA TYR B 314 4.64 13.81 36.23
C TYR B 314 4.78 13.44 37.71
N MET B 315 5.51 14.21 38.52
CA MET B 315 5.58 13.93 39.98
C MET B 315 4.82 14.98 40.80
N TYR B 316 4.34 16.05 40.18
CA TYR B 316 3.74 17.14 40.97
C TYR B 316 2.33 16.79 41.41
N PRO B 317 1.45 16.23 40.56
CA PRO B 317 0.11 15.86 41.03
C PRO B 317 0.09 15.04 42.33
N TYR B 318 1.13 14.22 42.57
CA TYR B 318 1.22 13.38 43.78
C TYR B 318 1.64 14.22 44.99
N LEU B 319 2.35 15.34 44.78
CA LEU B 319 2.75 16.25 45.88
C LEU B 319 1.57 17.11 46.32
N ALA B 320 0.81 17.65 45.36
CA ALA B 320 -0.30 18.58 45.62
C ALA B 320 -1.45 17.87 46.35
N ALA B 321 -1.71 16.62 46.01
CA ALA B 321 -2.73 15.78 46.68
C ALA B 321 -2.15 15.06 47.89
N ASP B 322 -0.96 15.44 48.35
CA ASP B 322 -0.43 14.99 49.66
C ASP B 322 -0.63 16.16 50.61
N THR B 323 -1.83 16.23 51.19
CA THR B 323 -2.25 17.24 52.20
C THR B 323 -1.80 16.83 53.59
N ALA B 324 -0.82 15.92 53.70
CA ALA B 324 -0.27 15.45 54.97
C ALA B 324 1.23 15.74 55.07
N ILE B 325 2.00 15.47 54.01
CA ILE B 325 3.45 15.77 53.97
C ILE B 325 3.69 17.25 54.25
N SER B 326 4.83 17.57 54.85
CA SER B 326 5.25 18.97 55.09
C SER B 326 6.25 19.41 54.02
N SER B 327 6.42 20.73 53.89
CA SER B 327 7.39 21.33 52.95
C SER B 327 8.78 20.72 53.14
N GLU B 328 9.29 20.77 54.38
CA GLU B 328 10.63 20.25 54.70
C GLU B 328 10.74 18.80 54.25
N PHE B 329 9.74 17.97 54.55
CA PHE B 329 9.86 16.51 54.33
C PHE B 329 9.73 16.19 52.85
N ALA B 330 8.91 16.92 52.11
CA ALA B 330 8.86 16.79 50.64
C ALA B 330 10.26 17.05 50.09
N GLN B 331 10.89 18.15 50.49
CA GLN B 331 12.23 18.51 49.96
C GLN B 331 13.24 17.40 50.31
N GLU B 332 13.10 16.79 51.48
CA GLU B 332 14.03 15.73 51.94
C GLU B 332 13.90 14.50 51.04
N LEU B 333 12.67 14.18 50.60
CA LEU B 333 12.46 13.04 49.68
C LEU B 333 13.02 13.35 48.31
N VAL B 334 12.97 14.62 47.89
CA VAL B 334 13.55 15.00 46.58
C VAL B 334 15.07 14.94 46.69
N ASP B 335 15.63 15.29 47.86
CA ASP B 335 17.08 15.16 48.10
C ASP B 335 17.49 13.69 48.10
N CYS B 336 16.68 12.83 48.73
CA CYS B 336 17.00 11.40 48.78
C CYS B 336 17.06 10.81 47.37
N CYS B 337 16.08 11.15 46.54
CA CYS B 337 16.00 10.63 45.15
C CYS B 337 17.24 11.03 44.35
N TRP B 338 17.59 12.32 44.38
CA TRP B 338 18.86 12.85 43.85
C TRP B 338 20.01 11.93 44.27
N ILE B 339 20.13 11.63 45.56
CA ILE B 339 21.28 10.85 46.07
C ILE B 339 21.21 9.41 45.56
N LYS B 340 20.01 8.82 45.48
CA LYS B 340 19.85 7.46 44.94
C LYS B 340 20.25 7.41 43.47
N LEU B 341 19.91 8.46 42.71
CA LEU B 341 20.34 8.55 41.29
C LEU B 341 21.87 8.48 41.17
N ASN B 342 22.61 8.75 42.24
CA ASN B 342 24.09 8.64 42.25
C ASN B 342 24.54 7.24 42.68
N ASP B 343 23.63 6.38 43.12
CA ASP B 343 23.97 5.02 43.59
C ASP B 343 24.24 4.10 42.40
N ILE B 344 23.73 4.44 41.22
CA ILE B 344 23.94 3.63 39.99
C ILE B 344 25.38 3.83 39.54
N ASN B 345 26.00 2.75 39.06
CA ASN B 345 27.34 2.81 38.43
C ASN B 345 27.40 1.70 37.38
N LYS B 346 28.38 1.79 36.50
CA LYS B 346 28.45 0.93 35.30
C LYS B 346 29.91 0.85 34.84
N THR B 347 30.50 -0.34 34.80
CA THR B 347 31.89 -0.46 34.32
C THR B 347 31.91 -0.69 32.81
N ARG B 348 32.92 -0.11 32.17
CA ARG B 348 33.21 -0.34 30.75
C ARG B 348 34.67 -0.72 30.62
N ASP B 349 35.02 -1.27 29.46
CA ASP B 349 36.40 -1.64 29.10
C ASP B 349 37.30 -0.40 29.19
N GLU B 350 38.60 -0.62 29.45
CA GLU B 350 39.58 0.43 29.75
C GLU B 350 39.42 1.61 28.80
N ILE B 351 39.09 1.34 27.54
CA ILE B 351 39.09 2.40 26.50
C ILE B 351 37.71 3.04 26.39
N SER B 352 36.64 2.26 26.22
CA SER B 352 35.27 2.83 26.27
C SER B 352 35.13 3.70 27.52
N ALA B 353 35.66 3.23 28.65
CA ALA B 353 35.49 3.90 29.95
C ALA B 353 36.08 5.32 29.92
N GLN B 354 37.05 5.61 29.06
CA GLN B 354 37.62 6.97 29.00
C GLN B 354 36.68 7.93 28.27
N ALA B 355 35.67 7.42 27.55
CA ALA B 355 34.73 8.26 26.78
C ALA B 355 33.47 8.57 27.59
N PHE B 356 33.19 7.77 28.61
CA PHE B 356 32.08 8.02 29.56
C PHE B 356 32.67 8.17 30.97
N ALA B 357 33.78 8.90 31.07
CA ALA B 357 34.59 8.94 32.30
C ALA B 357 33.82 9.69 33.39
N GLY B 358 33.83 9.15 34.61
CA GLY B 358 33.32 9.83 35.81
C GLY B 358 32.33 9.00 36.59
N TYR B 359 32.27 7.70 36.33
CA TYR B 359 31.21 6.82 36.89
C TYR B 359 29.86 7.44 36.57
N ALA B 360 29.68 7.71 35.28
CA ALA B 360 28.55 8.47 34.72
C ALA B 360 27.61 7.51 34.02
N VAL B 361 26.33 7.54 34.41
CA VAL B 361 25.26 6.76 33.72
C VAL B 361 24.24 7.72 33.10
N PHE B 362 24.48 9.03 33.17
CA PHE B 362 23.88 10.05 32.27
C PHE B 362 22.34 10.09 32.37
N GLN B 363 21.81 9.98 33.58
CA GLN B 363 20.35 9.98 33.79
C GLN B 363 19.88 11.43 33.94
N ASN B 364 19.18 11.90 32.90
CA ASN B 364 18.85 13.34 32.73
C ASN B 364 17.43 13.58 33.21
N LEU B 365 17.28 14.60 34.05
CA LEU B 365 15.98 15.05 34.60
C LEU B 365 15.82 16.51 34.22
N CYS B 366 14.85 16.85 33.37
CA CYS B 366 14.57 18.26 33.07
C CYS B 366 13.35 18.71 33.87
N VAL B 367 13.40 19.96 34.32
CA VAL B 367 12.27 20.67 34.93
C VAL B 367 11.94 21.86 34.03
N GLY B 368 10.72 22.37 34.17
CA GLY B 368 10.32 23.61 33.49
C GLY B 368 9.90 23.35 32.06
N GLY B 369 9.67 24.43 31.33
CA GLY B 369 9.22 24.36 29.95
C GLY B 369 7.71 24.54 29.83
N GLN B 370 7.13 23.98 28.77
CA GLN B 370 5.70 24.17 28.40
C GLN B 370 4.93 22.88 28.67
N THR B 371 3.66 23.03 29.06
CA THR B 371 2.68 21.94 28.95
C THR B 371 2.33 21.75 27.48
N GLU B 372 1.63 20.66 27.14
CA GLU B 372 1.31 20.34 25.73
C GLU B 372 0.40 21.41 25.11
N ASP B 373 -0.29 22.21 25.94
CA ASP B 373 -1.25 23.23 25.47
C ASP B 373 -0.54 24.52 25.07
N GLY B 374 0.50 24.94 25.79
CA GLY B 374 1.18 26.20 25.50
C GLY B 374 1.52 27.03 26.73
N ARG B 375 0.80 26.84 27.85
CA ARG B 375 1.18 27.56 29.10
C ARG B 375 2.55 27.07 29.56
N ASP B 376 3.23 27.93 30.31
CA ASP B 376 4.45 27.59 31.05
C ASP B 376 4.12 26.46 32.03
N ALA B 377 5.11 25.65 32.40
CA ALA B 377 4.90 24.41 33.17
C ALA B 377 5.60 24.50 34.53
N THR B 378 6.00 25.69 34.94
CA THR B 378 6.62 25.86 36.27
C THR B 378 5.59 25.45 37.32
N ASN B 379 6.07 24.82 38.39
CA ASN B 379 5.24 24.44 39.56
C ASN B 379 6.16 24.39 40.77
N PRO B 380 5.63 24.18 42.00
CA PRO B 380 6.50 24.18 43.17
C PRO B 380 7.56 23.07 43.20
N LEU B 381 7.34 21.94 42.52
CA LEU B 381 8.36 20.86 42.51
C LEU B 381 9.51 21.26 41.59
N THR B 382 9.25 22.15 40.65
CA THR B 382 10.31 22.67 39.77
C THR B 382 11.39 23.34 40.63
N TYR B 383 11.01 24.13 41.63
CA TYR B 383 12.00 24.88 42.43
C TYR B 383 12.63 23.99 43.50
N MET B 384 11.90 22.96 43.95
CA MET B 384 12.42 22.00 44.94
C MET B 384 13.48 21.10 44.29
N CYS B 385 13.27 20.72 43.02
CA CYS B 385 14.32 20.02 42.24
C CYS B 385 15.54 20.92 42.14
N MET B 386 15.34 22.23 41.94
CA MET B 386 16.46 23.19 41.89
C MET B 386 17.11 23.27 43.27
N GLU B 387 16.31 23.22 44.34
CA GLU B 387 16.85 23.18 45.71
C GLU B 387 17.63 21.87 45.93
N ALA B 388 17.06 20.74 45.54
CA ALA B 388 17.69 19.42 45.77
C ALA B 388 19.09 19.43 45.17
N THR B 389 19.24 19.94 43.94
CA THR B 389 20.58 20.02 43.32
C THR B 389 21.51 20.79 44.26
N ALA B 390 21.04 21.92 44.79
CA ALA B 390 21.85 22.81 45.64
C ALA B 390 22.11 22.18 47.02
N HIS B 391 21.23 21.28 47.45
CA HIS B 391 21.46 20.49 48.68
C HIS B 391 22.54 19.45 48.45
N VAL B 392 22.40 18.64 47.40
CA VAL B 392 23.17 17.38 47.28
C VAL B 392 24.54 17.65 46.64
N ARG B 393 24.60 18.46 45.59
CA ARG B 393 25.89 18.83 44.96
C ARG B 393 26.66 17.57 44.56
N LEU B 394 25.96 16.60 43.97
CA LEU B 394 26.57 15.39 43.42
C LEU B 394 26.45 15.41 41.90
N PRO B 395 27.27 14.62 41.18
CA PRO B 395 27.27 14.69 39.72
C PRO B 395 25.95 14.27 39.06
N GLN B 396 25.19 13.35 39.68
CA GLN B 396 23.86 12.94 39.15
C GLN B 396 22.76 13.51 40.04
N PRO B 397 21.60 13.88 39.46
CA PRO B 397 21.33 13.67 38.06
C PRO B 397 21.93 14.74 37.14
N SER B 398 21.85 14.46 35.83
CA SER B 398 22.14 15.45 34.77
C SER B 398 21.01 16.47 34.83
N PHE B 399 21.00 17.29 35.88
CA PHE B 399 19.90 18.25 36.11
C PHE B 399 19.83 19.23 34.95
N SER B 400 18.62 19.54 34.51
CA SER B 400 18.44 20.41 33.33
C SER B 400 17.25 21.33 33.52
N ILE B 401 17.20 22.41 32.75
CA ILE B 401 16.00 23.27 32.66
C ILE B 401 15.61 23.39 31.20
N ARG B 402 14.34 23.70 30.99
CA ARG B 402 13.81 23.99 29.65
C ARG B 402 13.47 25.48 29.59
N VAL B 403 13.95 26.12 28.54
CA VAL B 403 13.72 27.57 28.31
C VAL B 403 12.79 27.67 27.09
N TRP B 404 11.77 28.53 27.20
CA TRP B 404 10.93 28.95 26.05
C TRP B 404 10.66 30.44 26.20
N GLN B 405 9.85 31.03 25.32
CA GLN B 405 9.70 32.50 25.29
C GLN B 405 9.00 33.00 26.55
N GLY B 406 7.96 32.29 26.99
CA GLY B 406 7.20 32.71 28.17
C GLY B 406 7.86 32.31 29.48
N THR B 407 9.14 31.93 29.48
CA THR B 407 9.75 31.39 30.71
C THR B 407 9.80 32.48 31.76
N PRO B 408 9.17 32.27 32.93
CA PRO B 408 9.14 33.29 33.98
C PRO B 408 10.57 33.73 34.32
N ASP B 409 10.79 35.03 34.41
CA ASP B 409 12.12 35.55 34.78
C ASP B 409 12.53 34.95 36.13
N GLU B 410 11.59 34.75 37.05
CA GLU B 410 11.89 34.16 38.38
C GLU B 410 12.52 32.78 38.24
N PHE B 411 12.25 32.09 37.13
CA PHE B 411 12.75 30.72 36.85
C PHE B 411 14.17 30.79 36.28
N LEU B 412 14.35 31.55 35.20
CA LEU B 412 15.67 31.69 34.57
C LEU B 412 16.66 32.28 35.57
N TYR B 413 16.25 33.31 36.31
CA TYR B 413 17.14 34.03 37.27
C TYR B 413 17.34 33.22 38.55
N ARG B 414 16.67 32.07 38.68
CA ARG B 414 16.90 31.11 39.78
C ARG B 414 17.74 29.92 39.30
N ALA B 415 17.51 29.45 38.08
CA ALA B 415 18.40 28.44 37.49
C ALA B 415 19.80 29.04 37.42
N CYS B 416 19.90 30.32 37.00
CA CYS B 416 21.20 31.02 36.90
C CYS B 416 21.91 31.04 38.24
N GLU B 417 21.21 31.50 39.27
CA GLU B 417 21.68 31.53 40.66
C GLU B 417 22.18 30.15 41.10
N LEU B 418 21.58 29.07 40.59
CA LEU B 418 22.03 27.70 40.90
C LEU B 418 23.29 27.39 40.10
N VAL B 419 23.30 27.74 38.82
CA VAL B 419 24.47 27.47 37.94
C VAL B 419 25.72 28.06 38.59
N ARG B 420 25.62 29.26 39.17
CA ARG B 420 26.80 29.99 39.70
C ARG B 420 27.45 29.22 40.85
N LEU B 421 26.87 28.09 41.28
CA LEU B 421 27.48 27.21 42.30
C LEU B 421 28.59 26.36 41.72
N GLY B 422 28.73 26.29 40.39
CA GLY B 422 29.89 25.64 39.76
C GLY B 422 29.83 24.13 39.81
N LEU B 423 28.64 23.55 39.72
CA LEU B 423 28.44 22.09 39.55
C LEU B 423 28.24 21.75 38.07
N GLY B 424 27.89 22.74 37.25
CA GLY B 424 27.64 22.56 35.82
C GLY B 424 26.17 22.55 35.46
N VAL B 425 25.32 22.23 36.43
CA VAL B 425 23.87 22.02 36.16
C VAL B 425 23.09 23.16 36.81
N PRO B 426 21.96 23.58 36.24
CA PRO B 426 21.36 22.96 35.06
C PRO B 426 22.00 23.31 33.70
N ALA B 427 22.03 22.33 32.80
CA ALA B 427 22.15 22.58 31.35
C ALA B 427 20.85 23.22 30.90
N MET B 428 20.91 23.98 29.80
CA MET B 428 19.76 24.77 29.33
C MET B 428 19.44 24.35 27.90
N TYR B 429 18.15 24.08 27.65
CA TYR B 429 17.64 23.59 26.35
C TYR B 429 16.52 24.51 25.88
N ASN B 430 16.45 24.72 24.58
CA ASN B 430 15.65 25.80 23.94
C ASN B 430 14.43 25.20 23.24
N ASP B 431 13.26 25.33 23.85
CA ASP B 431 12.00 24.84 23.26
C ASP B 431 11.85 25.36 21.82
N GLU B 432 12.31 26.58 21.56
CA GLU B 432 11.99 27.32 20.32
C GLU B 432 12.85 26.85 19.16
N VAL B 433 13.85 26.00 19.43
CA VAL B 433 14.67 25.33 18.39
C VAL B 433 14.39 23.83 18.40
N ILE B 434 14.36 23.20 19.58
CA ILE B 434 14.18 21.73 19.71
C ILE B 434 12.82 21.31 19.17
N ILE B 435 11.77 22.07 19.49
CA ILE B 435 10.38 21.68 19.14
C ILE B 435 10.19 21.74 17.63
N PRO B 436 10.52 22.84 16.93
CA PRO B 436 10.49 22.77 15.47
C PRO B 436 11.40 21.66 14.93
N ALA B 437 12.51 21.38 15.63
CA ALA B 437 13.47 20.35 15.16
C ALA B 437 12.85 18.97 15.26
N LEU B 438 12.14 18.69 16.35
CA LEU B 438 11.43 17.39 16.51
C LEU B 438 10.36 17.25 15.43
N GLN B 439 9.71 18.35 15.06
CA GLN B 439 8.68 18.34 14.01
C GLN B 439 9.29 17.95 12.65
N ASN B 440 10.41 18.55 12.30
CA ASN B 440 11.11 18.21 11.04
C ASN B 440 11.30 16.70 10.96
N ARG B 441 11.30 15.99 12.10
CA ARG B 441 11.54 14.53 12.13
C ARG B 441 10.24 13.75 12.28
N GLY B 442 9.09 14.37 12.05
CA GLY B 442 7.77 13.70 12.13
C GLY B 442 7.21 13.58 13.54
N VAL B 443 7.68 14.37 14.50
CA VAL B 443 7.05 14.44 15.84
C VAL B 443 5.96 15.49 15.78
N SER B 444 4.77 15.15 16.28
CA SER B 444 3.63 16.08 16.32
C SER B 444 3.97 17.25 17.24
N LEU B 445 3.36 18.40 16.97
CA LEU B 445 3.47 19.56 17.88
C LEU B 445 3.09 19.12 19.31
N HIS B 446 2.03 18.32 19.45
CA HIS B 446 1.53 17.88 20.77
C HIS B 446 2.61 17.08 21.50
N ASP B 447 3.29 16.16 20.79
CA ASP B 447 4.34 15.32 21.40
C ASP B 447 5.63 16.10 21.56
N ALA B 448 5.95 17.01 20.65
CA ALA B 448 7.17 17.81 20.73
C ALA B 448 7.13 18.72 21.96
N ARG B 449 5.95 19.26 22.26
CA ARG B 449 5.81 20.16 23.42
C ARG B 449 6.16 19.43 24.72
N ASP B 450 6.02 18.10 24.76
CA ASP B 450 6.21 17.33 26.01
C ASP B 450 7.67 16.86 26.15
N TYR B 451 8.57 17.35 25.30
CA TYR B 451 9.92 16.75 25.16
C TYR B 451 10.67 16.79 26.49
N CYS B 452 11.47 15.76 26.72
CA CYS B 452 12.49 15.73 27.77
C CYS B 452 13.85 15.62 27.10
N ILE B 453 14.92 15.68 27.89
CA ILE B 453 16.28 15.52 27.36
C ILE B 453 16.82 14.18 27.85
N ILE B 454 17.52 13.49 26.96
CA ILE B 454 18.09 12.16 27.21
C ILE B 454 19.59 12.30 27.39
N GLY B 455 20.13 11.73 28.47
CA GLY B 455 21.58 11.57 28.62
C GLY B 455 22.30 12.91 28.65
N CYS B 456 22.92 13.30 27.54
CA CYS B 456 23.71 14.55 27.49
C CYS B 456 22.84 15.72 26.98
N VAL B 457 22.47 15.71 25.71
CA VAL B 457 21.74 16.86 25.11
C VAL B 457 20.68 16.42 24.09
N GLU B 458 20.17 15.21 24.19
CA GLU B 458 19.36 14.66 23.08
C GLU B 458 17.88 14.73 23.40
N PRO B 459 17.05 15.35 22.55
CA PRO B 459 15.61 15.44 22.83
C PRO B 459 14.78 14.28 22.30
N GLN B 460 13.78 13.85 23.08
CA GLN B 460 12.73 12.91 22.60
C GLN B 460 11.38 13.23 23.22
N ALA B 461 10.34 12.80 22.52
CA ALA B 461 8.98 12.70 23.05
C ALA B 461 8.98 11.59 24.09
N PRO B 462 8.98 11.93 25.38
CA PRO B 462 9.19 10.92 26.42
C PRO B 462 8.09 9.87 26.37
N HIS B 463 8.46 8.63 26.68
CA HIS B 463 7.58 7.44 26.75
C HIS B 463 6.83 7.21 25.45
N ARG B 464 7.42 7.64 24.32
CA ARG B 464 6.90 7.25 23.00
C ARG B 464 8.03 7.15 21.98
N THR B 465 9.27 6.95 22.42
CA THR B 465 10.45 7.00 21.56
C THR B 465 11.40 5.84 21.90
N GLU B 466 11.78 5.06 20.89
CA GLU B 466 13.07 4.34 20.93
C GLU B 466 14.10 5.25 20.24
N GLY B 467 15.00 5.86 21.03
CA GLY B 467 15.83 6.97 20.55
C GLY B 467 17.16 6.55 19.93
N TRP B 468 17.86 5.61 20.55
CA TRP B 468 19.23 5.23 20.12
C TRP B 468 20.06 6.49 19.99
N HIS B 469 20.01 7.29 21.05
CA HIS B 469 20.48 8.70 21.07
C HIS B 469 21.98 8.81 21.28
N ASP B 470 22.67 7.69 21.56
CA ASP B 470 24.15 7.68 21.50
C ASP B 470 24.63 6.36 20.90
N ALA B 471 24.11 6.00 19.73
CA ALA B 471 24.49 4.75 19.07
C ALA B 471 25.96 4.76 18.65
N ALA B 472 26.55 5.94 18.44
CA ALA B 472 27.86 6.01 17.79
C ALA B 472 28.51 7.38 18.00
N PHE B 473 29.83 7.35 17.98
CA PHE B 473 30.68 8.53 17.74
C PHE B 473 31.24 8.43 16.33
N PHE B 474 31.47 9.60 15.70
CA PHE B 474 31.92 9.71 14.30
C PHE B 474 32.80 10.95 14.23
N ASN B 475 34.01 10.76 13.69
CA ASN B 475 35.16 11.68 13.85
C ASN B 475 35.37 12.44 12.54
N VAL B 476 34.64 13.53 12.35
CA VAL B 476 34.62 14.32 11.09
C VAL B 476 36.02 14.89 10.83
N ALA B 477 36.75 15.24 11.88
CA ALA B 477 38.17 15.63 11.77
C ALA B 477 38.93 14.52 11.02
N LYS B 478 38.76 13.27 11.45
CA LYS B 478 39.44 12.12 10.81
C LYS B 478 39.01 12.00 9.34
N VAL B 479 37.77 12.35 9.02
CA VAL B 479 37.32 12.28 7.62
C VAL B 479 38.01 13.39 6.81
N LEU B 480 38.25 14.56 7.41
CA LEU B 480 39.05 15.62 6.75
C LEU B 480 40.48 15.14 6.54
N GLU B 481 41.11 14.57 7.58
CA GLU B 481 42.45 13.97 7.46
C GLU B 481 42.50 13.06 6.24
N ILE B 482 41.59 12.09 6.18
CA ILE B 482 41.54 11.11 5.06
C ILE B 482 41.23 11.83 3.75
N THR B 483 40.27 12.75 3.77
CA THR B 483 39.94 13.56 2.58
C THR B 483 41.21 14.14 1.98
N LEU B 484 42.05 14.76 2.81
CA LEU B 484 43.29 15.41 2.33
C LEU B 484 44.27 14.35 1.83
N ASN B 485 44.19 13.12 2.35
CA ASN B 485 45.15 12.03 2.06
C ASN B 485 44.57 11.02 1.09
N ASN B 486 43.63 11.44 0.24
CA ASN B 486 43.19 10.70 -0.97
C ASN B 486 42.51 9.39 -0.56
N GLY B 487 41.77 9.40 0.55
CA GLY B 487 41.09 8.20 1.03
C GLY B 487 41.99 7.31 1.87
N ARG B 488 43.23 7.73 2.10
CA ARG B 488 44.20 6.90 2.85
C ARG B 488 44.22 7.32 4.31
N SER B 489 44.41 6.35 5.18
CA SER B 489 44.76 6.61 6.59
C SER B 489 45.87 5.65 6.97
N GLY B 490 46.86 6.14 7.73
CA GLY B 490 48.16 5.47 7.73
C GLY B 490 48.61 5.33 6.30
N ASN B 491 49.11 4.16 5.94
CA ASN B 491 49.19 3.71 4.53
C ASN B 491 48.27 2.49 4.46
N LYS B 492 47.01 2.78 4.18
CA LYS B 492 45.91 1.80 4.15
C LYS B 492 44.75 2.47 3.42
N GLN B 493 44.32 1.90 2.31
CA GLN B 493 43.30 2.56 1.46
C GLN B 493 41.96 2.36 2.15
N LEU B 494 41.51 3.38 2.87
CA LEU B 494 40.34 3.26 3.76
C LEU B 494 39.09 3.84 3.12
N GLY B 495 39.25 4.82 2.22
CA GLY B 495 38.13 5.48 1.56
C GLY B 495 38.38 5.59 0.07
N PRO B 496 37.50 6.27 -0.66
CA PRO B 496 37.66 6.43 -2.11
C PRO B 496 38.82 7.37 -2.43
N MET B 497 39.45 7.14 -3.58
CA MET B 497 40.54 7.99 -4.08
C MET B 497 39.91 9.21 -4.77
N THR B 498 39.68 10.25 -3.98
CA THR B 498 38.95 11.48 -4.39
C THR B 498 39.90 12.58 -4.83
N GLY B 499 41.17 12.24 -5.06
CA GLY B 499 42.19 13.20 -5.51
C GLY B 499 43.21 13.48 -4.43
N GLU B 500 44.47 13.66 -4.83
CA GLU B 500 45.53 14.09 -3.90
C GLU B 500 45.36 15.58 -3.62
N MET B 501 45.68 15.96 -2.40
CA MET B 501 45.48 17.33 -1.88
C MET B 501 46.10 18.34 -2.85
N THR B 502 47.33 18.06 -3.29
CA THR B 502 48.12 18.94 -4.17
C THR B 502 47.50 19.08 -5.56
N GLN B 503 46.32 18.53 -5.81
CA GLN B 503 45.72 18.64 -7.14
C GLN B 503 44.34 19.30 -7.04
N TYR B 504 44.01 19.91 -5.91
CA TYR B 504 42.80 20.77 -5.82
C TYR B 504 43.04 22.04 -6.62
N ALA B 505 42.00 22.54 -7.28
CA ALA B 505 42.05 23.80 -8.03
C ALA B 505 41.51 24.94 -7.17
N GLY B 506 40.36 24.73 -6.53
CA GLY B 506 39.75 25.70 -5.61
C GLY B 506 39.14 24.97 -4.43
N MET B 507 38.36 25.67 -3.59
CA MET B 507 37.66 25.01 -2.48
C MET B 507 36.53 24.13 -3.03
N ASP B 508 36.03 24.44 -4.22
CA ASP B 508 35.03 23.60 -4.93
C ASP B 508 35.54 22.16 -4.99
N ASP B 509 36.74 21.96 -5.54
CA ASP B 509 37.39 20.63 -5.68
C ASP B 509 37.60 19.98 -4.31
N PHE B 510 37.72 20.76 -3.23
CA PHE B 510 37.81 20.19 -1.87
C PHE B 510 36.44 19.68 -1.42
N TYR B 511 35.44 20.56 -1.35
CA TYR B 511 34.08 20.17 -0.92
C TYR B 511 33.59 18.98 -1.76
N ALA B 512 34.08 18.83 -2.99
CA ALA B 512 33.72 17.68 -3.84
C ALA B 512 34.28 16.40 -3.25
N ALA B 513 35.60 16.36 -3.01
CA ALA B 513 36.27 15.19 -2.40
C ALA B 513 35.74 14.96 -0.99
N PHE B 514 35.44 16.03 -0.25
CA PHE B 514 35.01 15.92 1.17
C PHE B 514 33.60 15.34 1.25
N LYS B 515 32.73 15.69 0.31
CA LYS B 515 31.35 15.16 0.30
C LYS B 515 31.35 13.68 -0.07
N LYS B 516 32.24 13.27 -0.98
CA LYS B 516 32.33 11.85 -1.41
C LYS B 516 32.81 10.99 -0.24
N GLN B 517 33.93 11.38 0.39
CA GLN B 517 34.42 10.68 1.60
C GLN B 517 33.30 10.58 2.64
N MET B 518 32.53 11.66 2.83
CA MET B 518 31.45 11.69 3.85
C MET B 518 30.37 10.65 3.54
N ALA B 519 29.97 10.51 2.26
CA ALA B 519 28.95 9.53 1.84
C ALA B 519 29.45 8.11 2.03
N HIS B 520 30.77 7.92 1.96
CA HIS B 520 31.39 6.58 2.10
C HIS B 520 31.32 6.14 3.56
N PHE B 521 31.76 6.99 4.48
CA PHE B 521 31.93 6.62 5.89
C PHE B 521 30.59 6.66 6.61
N VAL B 522 29.73 7.61 6.25
CA VAL B 522 28.38 7.67 6.86
C VAL B 522 27.61 6.41 6.46
N HIS B 523 27.76 5.95 5.22
CA HIS B 523 27.08 4.70 4.78
C HIS B 523 27.60 3.52 5.59
N GLN B 524 28.91 3.52 5.88
CA GLN B 524 29.53 2.45 6.70
C GLN B 524 29.02 2.55 8.14
N LEU B 525 29.14 3.73 8.76
CA LEU B 525 28.59 4.04 10.10
C LEU B 525 27.16 3.51 10.26
N VAL B 526 26.32 3.70 9.24
CA VAL B 526 24.91 3.23 9.28
C VAL B 526 24.89 1.70 9.32
N GLU B 527 25.64 1.04 8.45
CA GLU B 527 25.75 -0.43 8.45
C GLU B 527 26.06 -0.93 9.87
N ALA B 528 27.03 -0.29 10.55
CA ALA B 528 27.46 -0.68 11.90
C ALA B 528 26.30 -0.50 12.89
N CYS B 529 25.63 0.66 12.84
CA CYS B 529 24.52 0.96 13.78
C CYS B 529 23.37 -0.02 13.59
N ASN B 530 23.01 -0.30 12.33
CA ASN B 530 21.89 -1.20 12.04
C ASN B 530 22.27 -2.63 12.43
N SER B 531 23.54 -3.00 12.30
CA SER B 531 23.98 -4.34 12.72
C SER B 531 23.79 -4.52 14.23
N VAL B 532 24.23 -3.56 15.04
CA VAL B 532 23.98 -3.61 16.50
C VAL B 532 22.47 -3.61 16.75
N ASP B 533 21.70 -2.96 15.89
CA ASP B 533 20.22 -2.82 16.01
C ASP B 533 19.56 -4.17 15.76
N ILE B 534 19.82 -4.78 14.60
CA ILE B 534 19.33 -6.16 14.30
C ILE B 534 19.71 -7.07 15.46
N ALA B 535 20.99 -7.02 15.85
CA ALA B 535 21.53 -7.77 17.00
C ALA B 535 20.60 -7.68 18.22
N HIS B 536 20.42 -6.49 18.78
CA HIS B 536 19.58 -6.34 19.98
C HIS B 536 18.16 -6.82 19.68
N GLY B 537 17.66 -6.57 18.47
CA GLY B 537 16.28 -6.93 18.13
C GLY B 537 16.06 -8.43 18.12
N GLU B 538 17.12 -9.19 17.88
CA GLU B 538 17.05 -10.62 17.52
C GLU B 538 17.49 -11.48 18.71
N ARG B 539 18.39 -10.97 19.55
CA ARG B 539 18.94 -11.74 20.71
C ARG B 539 18.53 -11.16 22.06
N CYS B 540 17.97 -9.97 22.15
CA CYS B 540 17.70 -9.43 23.49
C CYS B 540 16.69 -8.28 23.44
N PRO B 541 15.43 -8.52 23.02
CA PRO B 541 14.39 -7.54 23.21
C PRO B 541 13.94 -7.55 24.67
N LEU B 542 13.52 -6.39 25.19
CA LEU B 542 13.25 -6.22 26.64
C LEU B 542 11.74 -6.23 26.90
N PRO B 543 11.21 -7.23 27.63
CA PRO B 543 9.78 -7.26 27.91
C PRO B 543 9.40 -6.33 29.06
N PHE B 544 10.36 -5.94 29.88
CA PHE B 544 10.12 -5.01 31.00
C PHE B 544 10.13 -3.56 30.49
N LEU B 545 11.25 -3.12 29.93
CA LEU B 545 11.34 -1.74 29.42
C LEU B 545 10.23 -1.49 28.42
N SER B 546 9.94 -2.45 27.54
CA SER B 546 9.06 -2.18 26.39
C SER B 546 7.66 -1.75 26.82
N ALA B 547 7.17 -2.25 27.97
CA ALA B 547 5.79 -1.96 28.38
C ALA B 547 5.63 -0.49 28.82
N LEU B 548 6.74 0.23 29.01
CA LEU B 548 6.72 1.63 29.51
C LEU B 548 7.00 2.63 28.39
N VAL B 549 6.88 2.23 27.12
CA VAL B 549 6.98 3.15 25.98
C VAL B 549 5.82 2.88 25.03
N ASP B 550 5.20 3.96 24.52
CA ASP B 550 4.19 3.85 23.46
C ASP B 550 4.90 3.64 22.13
N ASP B 551 4.49 2.62 21.35
CA ASP B 551 3.21 1.95 21.45
C ASP B 551 3.37 0.43 21.58
N CYS B 552 4.33 -0.02 22.40
CA CYS B 552 4.70 -1.46 22.42
C CYS B 552 3.54 -2.35 22.83
N ILE B 553 2.68 -1.93 23.77
CA ILE B 553 1.60 -2.84 24.27
C ILE B 553 0.52 -2.95 23.19
N GLY B 554 0.06 -1.82 22.65
CA GLY B 554 -0.95 -1.84 21.58
C GLY B 554 -0.49 -2.63 20.37
N ARG B 555 0.77 -2.50 20.00
CA ARG B 555 1.34 -3.15 18.79
C ARG B 555 1.88 -4.55 19.08
N GLY B 556 1.98 -4.96 20.35
CA GLY B 556 2.57 -6.26 20.73
C GLY B 556 3.98 -6.47 20.18
N LYS B 557 4.78 -5.40 20.13
CA LYS B 557 6.19 -5.44 19.66
C LYS B 557 7.07 -4.74 20.68
N SER B 558 8.29 -5.25 20.86
CA SER B 558 9.26 -4.64 21.79
C SER B 558 9.78 -3.33 21.20
N LEU B 559 10.38 -2.49 22.06
CA LEU B 559 11.12 -1.30 21.60
C LEU B 559 12.12 -1.71 20.52
N GLN B 560 12.77 -2.86 20.72
CA GLN B 560 13.84 -3.37 19.83
C GLN B 560 13.25 -3.82 18.48
N GLU B 561 11.94 -4.04 18.39
CA GLU B 561 11.26 -4.51 17.17
C GLU B 561 10.46 -3.37 16.54
N GLY B 562 10.66 -2.14 16.97
CA GLY B 562 10.01 -0.96 16.38
C GLY B 562 8.73 -0.57 17.07
N GLY B 563 8.49 -1.09 18.27
CA GLY B 563 7.22 -0.92 19.00
C GLY B 563 6.88 0.54 19.28
N ALA B 564 7.87 1.42 19.41
CA ALA B 564 7.61 2.83 19.78
C ALA B 564 7.00 3.58 18.58
N ILE B 565 6.23 4.63 18.89
CA ILE B 565 5.62 5.53 17.87
C ILE B 565 6.74 6.14 17.02
N TYR B 566 7.73 6.74 17.69
CA TYR B 566 8.89 7.40 17.07
C TYR B 566 10.16 6.57 17.28
N ASN B 567 10.92 6.37 16.20
CA ASN B 567 12.16 5.54 16.18
C ASN B 567 13.29 6.33 15.54
N PHE B 568 14.45 6.35 16.18
CA PHE B 568 15.63 7.07 15.64
C PHE B 568 16.93 6.30 15.92
N THR B 569 18.00 6.82 15.29
CA THR B 569 19.40 6.44 15.57
C THR B 569 20.23 7.72 15.61
N GLY B 570 21.04 7.92 16.65
CA GLY B 570 21.77 9.18 16.83
C GLY B 570 23.28 9.05 16.79
N PRO B 571 23.94 9.27 15.63
CA PRO B 571 25.40 9.31 15.59
C PRO B 571 25.98 10.70 15.83
N GLN B 572 27.14 10.75 16.47
CA GLN B 572 27.73 12.02 16.94
C GLN B 572 28.99 12.37 16.16
N ALA B 573 28.91 13.47 15.41
CA ALA B 573 30.11 14.14 14.89
C ALA B 573 30.85 14.77 16.06
N PHE B 574 32.17 14.82 15.97
CA PHE B 574 32.96 15.88 16.63
C PHE B 574 34.29 16.02 15.91
N GLY B 575 35.10 16.96 16.41
CA GLY B 575 36.09 17.65 15.57
C GLY B 575 35.43 18.62 14.61
N ILE B 576 34.28 19.22 14.97
CA ILE B 576 33.52 20.14 14.10
C ILE B 576 34.26 21.46 13.96
N ALA B 577 34.45 22.20 15.05
CA ALA B 577 35.24 23.45 15.01
C ALA B 577 36.60 23.19 14.35
N ASP B 578 37.21 22.04 14.64
CA ASP B 578 38.52 21.64 14.07
C ASP B 578 38.44 21.57 12.54
N THR B 579 37.53 20.76 12.02
CA THR B 579 37.33 20.63 10.56
C THR B 579 37.13 22.03 9.96
N GLY B 580 36.27 22.84 10.58
CA GLY B 580 35.90 24.16 10.06
C GLY B 580 37.07 25.13 9.99
N ASP B 581 37.66 25.49 11.13
CA ASP B 581 38.83 26.38 11.15
C ASP B 581 39.92 25.85 10.22
N SER B 582 39.93 24.53 9.95
CA SER B 582 40.90 23.90 9.02
C SER B 582 40.55 24.17 7.56
N VAL B 583 39.33 23.80 7.16
CA VAL B 583 38.82 24.05 5.79
C VAL B 583 38.93 25.55 5.48
N TYR B 584 38.58 26.42 6.42
CA TYR B 584 38.72 27.88 6.22
C TYR B 584 40.20 28.23 6.08
N ALA B 585 41.07 27.66 6.92
CA ALA B 585 42.52 27.95 6.87
C ALA B 585 43.09 27.62 5.49
N ILE B 586 42.64 26.55 4.85
CA ILE B 586 43.08 26.23 3.47
C ILE B 586 42.54 27.32 2.54
N GLN B 587 41.27 27.69 2.70
CA GLN B 587 40.63 28.73 1.88
C GLN B 587 41.42 30.05 2.00
N LYS B 588 41.66 30.52 3.23
CA LYS B 588 42.32 31.82 3.45
C LYS B 588 43.80 31.74 3.05
N GLN B 589 44.56 30.84 3.67
CA GLN B 589 46.04 30.88 3.64
C GLN B 589 46.63 30.25 2.38
N VAL B 590 45.86 29.54 1.57
CA VAL B 590 46.39 28.88 0.36
C VAL B 590 45.78 29.51 -0.89
N PHE B 591 44.44 29.65 -0.93
CA PHE B 591 43.71 30.06 -2.14
C PHE B 591 43.43 31.57 -2.17
N GLU B 592 43.18 32.21 -1.03
CA GLU B 592 42.79 33.63 -1.00
C GLU B 592 44.00 34.52 -0.85
N ASP B 593 44.88 34.26 0.11
CA ASP B 593 46.08 35.09 0.36
C ASP B 593 47.32 34.50 -0.32
N ARG B 594 47.27 33.25 -0.78
CA ARG B 594 48.37 32.59 -1.52
C ARG B 594 49.63 32.51 -0.65
N ARG B 595 49.52 32.48 0.68
CA ARG B 595 50.69 32.55 1.57
C ARG B 595 51.38 31.18 1.75
N LEU B 596 50.85 30.11 1.18
CA LEU B 596 51.61 28.85 1.05
C LEU B 596 51.04 28.01 -0.08
N THR B 597 51.79 27.00 -0.51
CA THR B 597 51.38 26.10 -1.60
C THR B 597 50.67 24.89 -1.00
N LEU B 598 49.82 24.26 -1.80
CA LEU B 598 49.12 23.05 -1.35
C LEU B 598 50.15 21.98 -1.00
N GLN B 599 51.24 21.92 -1.77
CA GLN B 599 52.31 20.92 -1.56
C GLN B 599 52.98 21.17 -0.21
N GLU B 600 53.19 22.44 0.14
CA GLU B 600 53.79 22.81 1.43
C GLU B 600 52.84 22.50 2.58
N LEU B 601 51.52 22.63 2.36
CA LEU B 601 50.56 22.26 3.42
C LEU B 601 50.60 20.74 3.61
N LYS B 602 50.70 20.00 2.51
CA LYS B 602 50.85 18.52 2.58
C LYS B 602 52.10 18.17 3.38
N GLY B 603 53.26 18.65 2.93
CA GLY B 603 54.54 18.30 3.55
C GLY B 603 54.57 18.65 5.02
N ALA B 604 53.93 19.77 5.38
CA ALA B 604 53.85 20.22 6.79
C ALA B 604 52.94 19.27 7.58
N LEU B 605 51.77 18.94 7.04
CA LEU B 605 50.85 17.98 7.69
C LEU B 605 51.60 16.67 7.98
N ASP B 606 52.27 16.12 6.96
CA ASP B 606 53.02 14.85 7.05
C ASP B 606 54.08 14.91 8.15
N ALA B 607 54.74 16.04 8.32
CA ALA B 607 55.87 16.17 9.26
C ALA B 607 55.40 16.57 10.65
N ASN B 608 54.08 16.57 10.89
CA ASN B 608 53.52 17.03 12.18
C ASN B 608 54.03 18.45 12.44
N PHE B 609 53.95 19.30 11.42
CA PHE B 609 54.51 20.68 11.41
C PHE B 609 55.93 20.67 11.96
N GLY B 610 56.69 19.64 11.59
CA GLY B 610 58.09 19.47 12.01
C GLY B 610 58.24 19.38 13.52
N TYR B 611 57.26 18.83 14.24
CA TYR B 611 57.25 18.86 15.72
C TYR B 611 58.53 18.21 16.29
N ARG B 612 58.88 17.01 15.79
CA ARG B 612 60.15 16.35 16.14
C ARG B 612 61.28 16.87 15.27
N SER B 613 61.01 17.18 13.99
CA SER B 613 62.07 17.42 12.98
C SER B 613 62.68 18.81 13.11
N GLY B 614 61.98 19.74 13.76
CA GLY B 614 62.50 21.10 13.95
C GLY B 614 62.64 21.86 12.65
N ASN B 615 62.02 21.37 11.58
CA ASN B 615 61.89 22.08 10.29
C ASN B 615 61.16 23.39 10.52
N PRO B 616 61.82 24.57 10.32
CA PRO B 616 61.23 25.85 10.70
C PRO B 616 60.28 26.48 9.69
N ARG B 617 60.34 26.06 8.42
CA ARG B 617 59.30 26.43 7.44
C ARG B 617 57.96 25.83 7.86
N TYR B 618 57.97 24.64 8.45
CA TYR B 618 56.75 23.90 8.87
C TYR B 618 56.24 24.40 10.22
N GLU B 619 57.08 25.10 10.98
CA GLU B 619 56.63 25.87 12.16
C GLU B 619 56.06 27.21 11.71
N GLU B 620 56.74 27.89 10.78
CA GLU B 620 56.26 29.16 10.19
C GLU B 620 54.91 28.96 9.49
N ILE B 621 54.67 27.81 8.88
CA ILE B 621 53.36 27.49 8.27
C ILE B 621 52.34 27.23 9.37
N ARG B 622 52.76 26.55 10.43
CA ARG B 622 51.91 26.35 11.63
C ARG B 622 51.46 27.71 12.17
N HIS B 623 52.42 28.57 12.52
CA HIS B 623 52.14 29.90 13.08
C HIS B 623 51.14 30.63 12.20
N ILE B 624 51.34 30.58 10.88
CA ILE B 624 50.38 31.19 9.93
C ILE B 624 49.00 30.57 10.16
N LEU B 625 48.94 29.24 10.24
CA LEU B 625 47.66 28.51 10.30
C LEU B 625 46.98 28.69 11.67
N GLU B 626 47.77 28.76 12.74
CA GLU B 626 47.24 29.01 14.11
C GLU B 626 46.59 30.39 14.20
N ASN B 627 46.99 31.33 13.34
CA ASN B 627 46.54 32.75 13.39
C ASN B 627 45.64 33.05 12.19
N SER B 628 44.85 32.09 11.77
CA SER B 628 43.77 32.30 10.80
C SER B 628 42.49 32.64 11.54
N PRO B 629 41.60 33.47 10.98
CA PRO B 629 40.29 33.69 11.58
C PRO B 629 39.69 32.35 12.00
N CYS B 630 39.22 32.29 13.25
CA CYS B 630 38.75 31.03 13.88
C CYS B 630 37.24 31.10 14.09
N PHE B 631 36.57 29.96 13.85
CA PHE B 631 35.19 29.77 14.29
C PHE B 631 35.11 30.05 15.78
N GLY B 632 34.30 31.05 16.15
CA GLY B 632 34.02 31.38 17.54
C GLY B 632 34.19 32.84 17.88
N ASN B 633 34.29 33.71 16.87
CA ASN B 633 34.67 35.12 17.09
C ASN B 633 33.71 36.09 16.41
N ASP B 634 32.50 35.63 16.08
CA ASP B 634 31.46 36.45 15.40
C ASP B 634 31.97 36.91 14.01
N ILE B 635 32.82 36.09 13.37
CA ILE B 635 33.40 36.38 12.04
C ILE B 635 32.70 35.48 11.02
N ASP B 636 31.96 36.09 10.10
CA ASP B 636 31.01 35.36 9.24
C ASP B 636 31.75 34.34 8.37
N ASP B 637 32.81 34.74 7.68
CA ASP B 637 33.48 33.86 6.68
C ASP B 637 33.85 32.52 7.32
N VAL B 638 34.51 32.55 8.47
CA VAL B 638 34.99 31.31 9.16
C VAL B 638 33.83 30.59 9.84
N ASP B 639 32.85 31.32 10.37
CA ASP B 639 31.69 30.68 11.03
C ASP B 639 30.88 29.92 9.97
N LEU B 640 30.69 30.50 8.78
CA LEU B 640 29.92 29.87 7.69
C LEU B 640 30.60 28.58 7.20
N VAL B 641 31.92 28.45 7.35
CA VAL B 641 32.64 27.21 6.97
C VAL B 641 32.40 26.15 8.04
N ALA B 642 32.51 26.51 9.32
CA ALA B 642 32.16 25.61 10.43
C ALA B 642 30.75 25.07 10.20
N ARG B 643 29.81 25.96 9.86
CA ARG B 643 28.41 25.62 9.58
C ARG B 643 28.29 24.63 8.41
N GLN B 644 29.05 24.86 7.32
CA GLN B 644 28.93 24.07 6.07
C GLN B 644 29.45 22.65 6.30
N CYS B 645 30.59 22.51 7.00
CA CYS B 645 31.16 21.20 7.33
C CYS B 645 30.22 20.43 8.27
N ALA B 646 29.72 21.11 9.31
CA ALA B 646 28.64 20.59 10.18
C ALA B 646 27.46 20.09 9.35
N LEU B 647 27.08 20.85 8.31
CA LEU B 647 25.93 20.50 7.45
C LEU B 647 26.26 19.28 6.59
N ILE B 648 27.43 19.29 5.96
CA ILE B 648 27.85 18.15 5.10
C ILE B 648 27.64 16.87 5.89
N TYR B 649 28.08 16.87 7.15
CA TYR B 649 27.89 15.72 8.04
C TYR B 649 26.39 15.46 8.22
N CYS B 650 25.69 16.40 8.86
CA CYS B 650 24.29 16.22 9.28
C CYS B 650 23.41 15.82 8.09
N GLN B 651 23.72 16.31 6.88
CA GLN B 651 22.90 16.02 5.68
C GLN B 651 23.08 14.57 5.22
N GLU B 652 24.29 14.01 5.30
CA GLU B 652 24.48 12.58 4.92
C GLU B 652 23.71 11.69 5.88
N VAL B 653 23.77 12.01 7.18
CA VAL B 653 23.20 11.16 8.26
C VAL B 653 21.71 10.94 8.04
N GLU B 654 20.96 12.00 7.73
CA GLU B 654 19.46 11.97 7.70
C GLU B 654 18.95 11.21 6.49
N LYS B 655 19.79 10.93 5.49
CA LYS B 655 19.37 10.18 4.29
C LYS B 655 19.02 8.73 4.62
N TYR B 656 19.48 8.21 5.77
CA TYR B 656 19.47 6.77 6.08
C TYR B 656 18.50 6.43 7.21
N THR B 657 17.97 5.20 7.12
CA THR B 657 16.91 4.64 7.97
C THR B 657 17.42 3.38 8.70
N ASN B 658 16.81 3.08 9.86
CA ASN B 658 17.20 1.96 10.74
C ASN B 658 16.18 0.82 10.61
N PRO B 659 16.49 -0.39 11.15
CA PRO B 659 15.59 -1.54 10.96
C PRO B 659 14.23 -1.45 11.67
N ARG B 660 14.01 -0.43 12.50
CA ARG B 660 12.75 -0.24 13.22
C ARG B 660 11.84 0.76 12.51
N GLY B 661 12.15 1.14 11.27
CA GLY B 661 11.33 2.08 10.50
C GLY B 661 11.69 3.54 10.70
N GLY B 662 12.75 3.82 11.47
CA GLY B 662 13.08 5.19 11.90
C GLY B 662 14.19 5.79 11.07
N ARG B 663 14.48 7.06 11.32
CA ARG B 663 15.45 7.84 10.53
C ARG B 663 16.62 8.26 11.42
N PHE B 664 17.84 8.14 10.89
CA PHE B 664 19.07 8.59 11.58
C PHE B 664 18.99 10.10 11.77
N GLN B 665 19.61 10.61 12.82
CA GLN B 665 19.61 12.06 13.04
C GLN B 665 20.89 12.44 13.76
N ALA B 666 21.67 13.32 13.14
CA ALA B 666 22.97 13.79 13.64
C ALA B 666 22.82 14.49 14.99
N GLY B 667 23.82 14.33 15.84
CA GLY B 667 24.06 15.21 16.97
C GLY B 667 25.53 15.58 17.02
N ILE B 668 25.83 16.70 17.70
CA ILE B 668 27.21 17.20 17.87
C ILE B 668 27.45 17.36 19.36
N TYR B 669 28.09 16.36 19.97
CA TYR B 669 28.39 16.34 21.41
C TYR B 669 29.48 15.32 21.72
N PRO B 670 30.40 15.66 22.64
CA PRO B 670 31.72 15.02 22.73
C PRO B 670 32.06 13.99 23.82
N VAL B 671 31.10 13.28 24.39
CA VAL B 671 31.02 13.07 25.87
C VAL B 671 32.33 13.48 26.55
N SER B 672 33.24 12.53 26.79
CA SER B 672 34.59 12.82 27.33
C SER B 672 35.64 12.22 26.40
N ALA B 673 35.24 12.00 25.14
CA ALA B 673 36.01 11.32 24.08
C ALA B 673 36.72 12.30 23.13
N ASN B 674 36.53 13.61 23.30
CA ASN B 674 37.17 14.61 22.42
C ASN B 674 38.68 14.64 22.64
N VAL B 675 39.13 14.30 23.84
CA VAL B 675 40.58 14.04 24.07
C VAL B 675 40.93 12.68 23.47
N LEU B 676 40.09 11.67 23.69
CA LEU B 676 40.37 10.30 23.21
C LEU B 676 40.47 10.28 21.68
N PHE B 677 39.39 10.60 20.97
CA PHE B 677 39.37 10.54 19.48
C PHE B 677 40.21 11.66 18.88
N GLY B 678 40.68 12.60 19.70
CA GLY B 678 41.70 13.55 19.25
C GLY B 678 42.97 12.83 18.85
N LYS B 679 43.29 11.73 19.53
CA LYS B 679 44.48 10.89 19.28
C LYS B 679 44.40 10.20 17.92
N ASP B 680 43.24 10.18 17.27
CA ASP B 680 43.04 9.43 16.02
C ASP B 680 43.28 10.32 14.79
N VAL B 681 43.61 11.60 14.99
CA VAL B 681 43.74 12.57 13.88
C VAL B 681 45.15 13.14 13.87
N SER B 682 45.78 13.14 12.69
CA SER B 682 47.08 13.80 12.47
C SER B 682 46.89 15.32 12.46
N ALA B 683 47.99 16.05 12.35
CA ALA B 683 47.97 17.52 12.29
C ALA B 683 47.02 17.97 11.17
N LEU B 684 46.20 18.96 11.47
CA LEU B 684 45.15 19.47 10.56
C LEU B 684 45.61 20.80 9.98
N PRO B 685 45.03 21.23 8.84
CA PRO B 685 45.39 22.53 8.27
C PRO B 685 45.08 23.73 9.15
N ASP B 686 44.52 23.54 10.36
CA ASP B 686 44.25 24.68 11.27
C ASP B 686 45.40 24.87 12.26
N GLY B 687 46.52 24.17 12.08
CA GLY B 687 47.72 24.31 12.92
C GLY B 687 47.75 23.39 14.13
N ARG B 688 46.76 22.49 14.25
CA ARG B 688 46.68 21.53 15.36
C ARG B 688 47.71 20.41 15.17
N LEU B 689 48.59 20.19 16.15
CA LEU B 689 49.56 19.07 16.14
C LEU B 689 48.81 17.74 16.15
N ALA B 690 49.46 16.70 15.63
CA ALA B 690 48.84 15.37 15.55
C ALA B 690 48.56 14.85 16.96
N LYS B 691 47.40 14.21 17.13
CA LYS B 691 46.99 13.44 18.33
C LYS B 691 46.53 14.34 19.50
N GLU B 692 46.41 15.65 19.33
CA GLU B 692 45.96 16.53 20.43
C GLU B 692 44.44 16.47 20.55
N PRO B 693 43.85 16.96 21.66
CA PRO B 693 42.40 17.00 21.79
C PRO B 693 41.69 17.68 20.62
N LEU B 694 40.39 17.38 20.47
CA LEU B 694 39.49 18.01 19.48
C LEU B 694 38.46 18.90 20.18
N ALA B 695 37.74 19.71 19.39
CA ALA B 695 36.70 20.62 19.88
C ALA B 695 35.54 19.82 20.48
N ASP B 696 35.03 20.31 21.61
CA ASP B 696 33.91 19.69 22.36
C ASP B 696 32.57 20.12 21.74
N GLY B 697 31.92 19.20 21.02
CA GLY B 697 30.59 19.46 20.43
C GLY B 697 30.64 20.57 19.39
N VAL B 698 29.82 21.60 19.57
CA VAL B 698 29.84 22.83 18.72
C VAL B 698 30.50 23.98 19.49
N SER B 699 31.27 23.69 20.54
CA SER B 699 32.06 24.76 21.20
C SER B 699 33.12 25.25 20.22
N PRO B 700 33.45 26.56 20.23
CA PRO B 700 34.68 27.02 19.59
C PRO B 700 35.87 26.31 20.21
N ARG B 701 36.90 26.14 19.39
CA ARG B 701 38.07 25.34 19.74
C ARG B 701 38.78 25.91 20.97
N GLN B 702 39.39 25.00 21.75
CA GLN B 702 39.93 25.27 23.10
C GLN B 702 40.79 26.55 23.09
N GLY B 703 40.30 27.60 23.72
CA GLY B 703 41.05 28.85 23.85
C GLY B 703 41.10 29.71 22.59
N LYS B 704 40.38 29.37 21.51
CA LYS B 704 40.52 30.13 20.24
C LYS B 704 39.38 31.14 20.02
N ASP B 705 38.35 31.16 20.88
CA ASP B 705 37.37 32.26 20.91
C ASP B 705 37.86 33.31 21.93
N THR B 706 38.33 34.44 21.44
CA THR B 706 39.16 35.39 22.21
C THR B 706 38.46 36.74 22.46
N LEU B 707 37.25 36.95 21.92
CA LEU B 707 36.52 38.24 21.99
C LEU B 707 35.36 38.20 22.97
N GLY B 708 35.13 37.10 23.66
CA GLY B 708 34.17 37.08 24.76
C GLY B 708 32.92 36.27 24.48
N PRO B 709 32.08 36.10 25.52
CA PRO B 709 31.05 35.07 25.50
C PRO B 709 29.92 35.34 24.53
N THR B 710 29.65 36.61 24.20
CA THR B 710 28.59 36.92 23.22
C THR B 710 29.11 36.64 21.81
N ALA B 711 30.34 37.08 21.51
CA ALA B 711 30.96 36.75 20.22
C ALA B 711 30.92 35.24 20.03
N ALA B 712 31.32 34.49 21.07
CA ALA B 712 31.32 33.02 21.05
C ALA B 712 29.89 32.51 20.79
N ALA B 713 28.96 32.89 21.66
CA ALA B 713 27.56 32.45 21.55
C ALA B 713 27.04 32.76 20.13
N ASN B 714 27.22 33.99 19.65
CA ASN B 714 26.74 34.39 18.32
C ASN B 714 27.24 33.41 17.24
N SER B 715 28.52 33.07 17.24
CA SER B 715 29.10 32.16 16.21
C SER B 715 28.38 30.81 16.25
N VAL B 716 28.31 30.21 17.44
CA VAL B 716 27.73 28.86 17.65
C VAL B 716 26.29 28.84 17.13
N ALA B 717 25.57 29.94 17.28
CA ALA B 717 24.18 30.06 16.80
C ALA B 717 24.10 30.10 15.27
N LYS B 718 25.21 30.32 14.56
CA LYS B 718 25.14 30.31 13.08
C LYS B 718 25.10 28.88 12.55
N LEU B 719 25.34 27.89 13.39
CA LEU B 719 25.26 26.47 12.94
C LEU B 719 23.80 26.06 12.81
N ASP B 720 23.52 25.18 11.86
CA ASP B 720 22.18 24.56 11.71
C ASP B 720 21.99 23.58 12.87
N HIS B 721 21.45 24.05 13.99
CA HIS B 721 21.07 23.17 15.13
C HIS B 721 19.83 22.35 14.77
N PHE B 722 18.91 22.92 14.00
CA PHE B 722 17.63 22.27 13.67
C PHE B 722 17.87 20.91 13.00
N ILE B 723 18.89 20.82 12.13
CA ILE B 723 19.15 19.58 11.36
C ILE B 723 19.89 18.57 12.24
N ALA B 724 20.70 19.03 13.20
CA ALA B 724 21.37 18.17 14.18
C ALA B 724 20.39 17.85 15.31
N SER B 725 19.28 17.18 14.97
CA SER B 725 18.09 17.02 15.82
C SER B 725 18.26 15.95 16.92
N ASN B 726 19.41 15.28 16.99
CA ASN B 726 19.79 14.49 18.18
C ASN B 726 20.50 15.37 19.21
N GLY B 727 20.55 16.69 19.02
CA GLY B 727 21.07 17.62 20.03
C GLY B 727 22.48 18.08 19.76
N THR B 728 22.73 19.37 19.98
CA THR B 728 24.09 19.94 20.00
C THR B 728 24.49 20.23 21.44
N LEU B 729 25.78 20.49 21.64
CA LEU B 729 26.34 20.75 22.97
C LEU B 729 27.33 21.89 22.90
N TYR B 730 27.11 22.90 23.73
CA TYR B 730 27.95 24.11 23.79
C TYR B 730 28.46 24.28 25.22
N ASN B 731 29.77 24.48 25.35
CA ASN B 731 30.44 24.65 26.65
C ASN B 731 31.00 26.06 26.76
N GLN B 732 30.60 26.75 27.81
CA GLN B 732 31.23 28.01 28.24
C GLN B 732 31.73 27.82 29.67
N LYS B 733 32.84 28.48 29.98
CA LYS B 733 33.39 28.47 31.35
C LYS B 733 33.58 29.92 31.78
N PHE B 734 33.04 30.27 32.96
CA PHE B 734 33.16 31.62 33.55
C PHE B 734 34.02 31.56 34.82
N LEU B 735 34.72 32.66 35.11
CA LEU B 735 35.23 32.82 36.48
C LEU B 735 34.08 33.29 37.36
N PRO B 736 34.05 32.90 38.65
CA PRO B 736 32.92 33.23 39.51
C PRO B 736 32.62 34.73 39.54
N SER B 737 33.65 35.56 39.74
CA SER B 737 33.51 37.01 39.99
C SER B 737 32.78 37.74 38.84
N SER B 738 32.71 37.14 37.65
CA SER B 738 31.99 37.74 36.50
C SER B 738 30.49 37.39 36.54
N LEU B 739 30.05 36.59 37.53
CA LEU B 739 28.62 36.28 37.77
C LEU B 739 28.20 36.69 39.18
N ALA B 740 29.06 37.41 39.91
CA ALA B 740 28.76 37.91 41.25
C ALA B 740 27.67 38.97 41.18
N GLY B 741 26.91 39.14 42.26
CA GLY B 741 25.88 40.19 42.40
C GLY B 741 24.68 39.97 41.49
N GLU B 742 23.80 40.97 41.43
CA GLU B 742 22.57 40.91 40.63
C GLU B 742 22.82 41.29 39.18
N LYS B 743 23.86 42.05 38.88
CA LYS B 743 24.15 42.36 37.47
C LYS B 743 25.15 41.34 36.91
N GLY B 744 25.72 40.51 37.78
CA GLY B 744 26.25 39.20 37.36
C GLY B 744 25.15 38.34 36.78
N LEU B 745 24.10 38.09 37.55
CA LEU B 745 22.99 37.22 37.09
C LEU B 745 22.24 37.86 35.93
N ARG B 746 22.12 39.19 35.93
CA ARG B 746 21.33 39.86 34.87
C ARG B 746 22.03 39.71 33.52
N ASN B 747 23.36 39.71 33.51
CA ASN B 747 24.14 39.53 32.26
C ASN B 747 24.13 38.05 31.86
N PHE B 748 24.30 37.16 32.83
CA PHE B 748 24.26 35.70 32.61
C PHE B 748 22.92 35.27 32.03
N GLY B 749 21.84 35.99 32.37
CA GLY B 749 20.51 35.70 31.84
C GLY B 749 20.32 36.26 30.44
N GLY B 750 20.90 37.42 30.18
CA GLY B 750 20.78 38.08 28.87
C GLY B 750 21.61 37.39 27.81
N LEU B 751 22.61 36.60 28.22
CA LEU B 751 23.46 35.85 27.29
C LEU B 751 22.75 34.56 26.88
N VAL B 752 22.21 33.83 27.85
CA VAL B 752 21.34 32.66 27.56
C VAL B 752 20.29 33.12 26.56
N ARG B 753 19.56 34.18 26.90
CA ARG B 753 18.41 34.60 26.07
C ARG B 753 18.90 35.07 24.70
N ASN B 754 19.99 35.83 24.66
CA ASN B 754 20.59 36.21 23.37
C ASN B 754 20.88 34.95 22.56
N TYR B 755 21.51 33.95 23.17
CA TYR B 755 21.93 32.74 22.45
C TYR B 755 20.71 32.00 21.92
N PHE B 756 19.70 31.76 22.77
CA PHE B 756 18.51 31.00 22.37
C PHE B 756 17.69 31.79 21.34
N ASP B 757 17.61 33.11 21.47
CA ASP B 757 16.89 33.96 20.49
C ASP B 757 17.53 33.84 19.09
N LYS B 758 18.85 33.69 19.03
CA LYS B 758 19.57 33.57 17.74
C LYS B 758 19.61 32.11 17.26
N LYS B 759 18.72 31.25 17.80
CA LYS B 759 18.37 29.91 17.27
C LYS B 759 19.43 28.85 17.62
N GLY B 760 20.11 29.00 18.75
CA GLY B 760 20.96 27.94 19.29
C GLY B 760 20.15 26.98 20.16
N MET B 761 20.58 25.72 20.26
CA MET B 761 19.76 24.66 20.87
C MET B 761 20.11 24.44 22.34
N HIS B 762 21.36 24.68 22.74
CA HIS B 762 21.79 24.30 24.11
C HIS B 762 23.06 25.04 24.48
N VAL B 763 23.16 25.34 25.77
CA VAL B 763 24.38 25.90 26.39
C VAL B 763 24.37 25.48 27.86
N GLN B 764 25.54 25.18 28.39
CA GLN B 764 25.73 24.84 29.81
C GLN B 764 27.06 25.41 30.25
N PHE B 765 27.16 25.93 31.46
CA PHE B 765 28.35 26.71 31.85
C PHE B 765 29.04 26.10 33.06
N ASN B 766 30.36 26.05 32.99
CA ASN B 766 31.20 25.93 34.19
C ASN B 766 31.34 27.31 34.81
N VAL B 767 31.47 27.35 36.12
CA VAL B 767 31.74 28.60 36.85
C VAL B 767 32.77 28.27 37.92
N ILE B 768 34.03 28.58 37.64
CA ILE B 768 35.14 28.06 38.47
C ILE B 768 36.43 28.83 38.15
N ASP B 769 37.21 29.11 39.19
CA ASP B 769 38.55 29.68 39.03
C ASP B 769 39.48 28.57 38.57
N ARG B 770 40.58 28.91 37.92
CA ARG B 770 41.47 27.86 37.38
C ARG B 770 42.39 27.32 38.49
N ASN B 771 42.78 28.16 39.46
CA ASN B 771 43.56 27.67 40.62
C ASN B 771 42.76 26.61 41.38
N THR B 772 41.43 26.74 41.41
CA THR B 772 40.57 25.70 42.01
C THR B 772 40.87 24.37 41.34
N LEU B 773 40.83 24.35 40.00
CA LEU B 773 41.12 23.11 39.24
C LEU B 773 42.60 22.71 39.40
N LEU B 774 43.52 23.67 39.48
CA LEU B 774 44.96 23.37 39.67
C LEU B 774 45.22 22.76 41.05
N GLU B 775 44.61 23.30 42.09
CA GLU B 775 44.74 22.70 43.43
C GLU B 775 44.02 21.35 43.48
N ALA B 776 42.94 21.19 42.70
CA ALA B 776 42.25 19.90 42.56
C ALA B 776 43.22 18.87 41.99
N GLN B 777 44.12 19.31 41.12
CA GLN B 777 45.11 18.41 40.50
C GLN B 777 46.19 18.05 41.50
N LYS B 778 46.83 19.05 42.13
CA LYS B 778 48.01 18.74 42.97
C LYS B 778 47.60 18.03 44.25
N ASN B 779 46.43 18.38 44.82
CA ASN B 779 45.96 17.83 46.11
C ASN B 779 44.60 17.15 45.95
N PRO B 780 44.55 15.97 45.31
CA PRO B 780 43.25 15.33 45.07
C PRO B 780 42.45 15.00 46.34
N GLN B 781 43.13 14.80 47.48
CA GLN B 781 42.42 14.34 48.70
C GLN B 781 41.44 15.42 49.18
N GLN B 782 41.75 16.69 48.93
CA GLN B 782 41.02 17.83 49.53
C GLN B 782 39.98 18.41 48.56
N HIS B 783 39.71 17.73 47.44
CA HIS B 783 38.75 18.17 46.41
C HIS B 783 37.90 16.98 45.95
N GLN B 784 37.54 16.10 46.87
CA GLN B 784 36.79 14.86 46.56
C GLN B 784 35.39 15.19 46.09
N ASP B 785 34.86 16.36 46.45
CA ASP B 785 33.48 16.75 46.11
C ASP B 785 33.44 17.92 45.13
N LEU B 786 34.59 18.30 44.55
CA LEU B 786 34.59 19.31 43.47
C LEU B 786 33.97 18.67 42.23
N VAL B 787 32.76 19.12 41.89
CA VAL B 787 31.97 18.58 40.76
C VAL B 787 31.77 19.68 39.72
N VAL B 788 32.13 19.39 38.47
CA VAL B 788 32.13 20.35 37.35
C VAL B 788 31.58 19.64 36.12
N ARG B 789 31.21 20.40 35.09
CA ARG B 789 30.78 19.79 33.80
C ARG B 789 31.97 19.20 33.06
N VAL B 790 31.74 18.06 32.44
CA VAL B 790 32.62 17.56 31.36
C VAL B 790 31.98 18.00 30.05
N ALA B 791 30.89 17.34 29.64
CA ALA B 791 30.08 17.77 28.48
C ALA B 791 28.73 17.08 28.49
N GLY B 792 27.67 17.81 28.86
CA GLY B 792 26.31 17.28 28.91
C GLY B 792 26.03 16.54 30.20
N TYR B 793 27.07 16.31 31.01
CA TYR B 793 26.98 15.84 32.41
C TYR B 793 28.10 16.45 33.24
N SER B 794 27.95 16.40 34.57
CA SER B 794 29.01 16.79 35.51
C SER B 794 29.65 15.55 36.12
N ALA B 795 30.89 15.70 36.56
CA ALA B 795 31.65 14.62 37.20
C ALA B 795 32.45 15.21 38.35
N GLN B 796 32.87 14.35 39.26
CA GLN B 796 33.92 14.68 40.23
C GLN B 796 35.20 14.94 39.46
N PHE B 797 35.80 16.12 39.64
CA PHE B 797 36.95 16.52 38.81
C PHE B 797 38.08 15.50 38.96
N VAL B 798 38.37 15.06 40.20
CA VAL B 798 39.55 14.19 40.49
C VAL B 798 39.37 12.78 39.94
N VAL B 799 38.15 12.36 39.63
CA VAL B 799 37.93 11.03 39.01
C VAL B 799 38.41 11.05 37.55
N LEU B 800 38.54 12.24 36.97
CA LEU B 800 38.89 12.39 35.55
C LEU B 800 40.40 12.23 35.37
N ALA B 801 40.81 11.47 34.36
CA ALA B 801 42.23 11.34 33.99
C ALA B 801 42.80 12.72 33.69
N LYS B 802 44.12 12.88 33.81
CA LYS B 802 44.73 14.23 33.80
C LYS B 802 44.60 14.89 32.42
N GLU B 803 44.74 14.10 31.35
CA GLU B 803 44.60 14.61 29.97
C GLU B 803 43.19 15.21 29.76
N VAL B 804 42.19 14.70 30.47
CA VAL B 804 40.81 15.23 30.42
C VAL B 804 40.73 16.50 31.27
N GLN B 805 41.16 16.42 32.54
CA GLN B 805 41.28 17.58 33.44
C GLN B 805 41.95 18.76 32.72
N ASP B 806 43.05 18.50 32.01
CA ASP B 806 43.79 19.57 31.31
C ASP B 806 42.92 20.15 30.20
N ASP B 807 42.21 19.29 29.46
CA ASP B 807 41.29 19.77 28.40
C ASP B 807 40.25 20.70 29.02
N ILE B 808 39.79 20.41 30.24
CA ILE B 808 38.76 21.24 30.92
C ILE B 808 39.40 22.54 31.39
N ILE B 809 40.62 22.46 31.90
CA ILE B 809 41.38 23.66 32.31
C ILE B 809 41.76 24.49 31.07
N SER B 810 41.92 23.86 29.90
CA SER B 810 42.34 24.59 28.69
C SER B 810 41.15 25.29 28.01
N ARG B 811 39.92 24.92 28.36
CA ARG B 811 38.74 25.57 27.75
C ARG B 811 38.79 27.05 28.06
N THR B 812 38.39 27.85 27.08
CA THR B 812 38.43 29.31 27.18
C THR B 812 37.72 29.77 28.44
N GLU B 813 38.21 30.85 29.02
CA GLU B 813 37.56 31.47 30.19
C GLU B 813 36.87 32.75 29.77
N GLN B 814 35.53 32.74 29.83
CA GLN B 814 34.69 33.86 29.41
C GLN B 814 34.61 34.90 30.52
N GLN B 815 34.59 36.17 30.14
CA GLN B 815 34.39 37.29 31.08
C GLN B 815 33.33 38.24 30.53
N PHE B 816 32.47 38.70 31.44
CA PHE B 816 31.62 39.88 31.19
C PHE B 816 32.44 41.10 31.58
N LEU C 25 -31.95 -42.45 -30.75
CA LEU C 25 -31.00 -41.29 -30.81
C LEU C 25 -31.64 -40.07 -31.47
N GLU C 26 -32.25 -40.24 -32.64
CA GLU C 26 -33.00 -39.17 -33.33
C GLU C 26 -34.43 -39.18 -32.81
N LYS C 27 -34.84 -38.10 -32.13
CA LYS C 27 -36.12 -38.04 -31.41
C LYS C 27 -37.12 -37.14 -32.12
N GLY C 28 -36.67 -36.24 -33.00
CA GLY C 28 -37.53 -35.27 -33.68
C GLY C 28 -37.88 -34.09 -32.79
N PHE C 29 -38.63 -33.13 -33.34
CA PHE C 29 -39.01 -31.90 -32.62
C PHE C 29 -40.52 -31.70 -32.68
N THR C 30 -41.05 -31.14 -31.61
CA THR C 30 -42.48 -30.80 -31.48
C THR C 30 -42.72 -29.47 -32.20
N HIS C 31 -43.95 -29.21 -32.60
CA HIS C 31 -44.29 -27.93 -33.24
C HIS C 31 -44.86 -26.98 -32.20
N PRO C 32 -44.76 -25.65 -32.42
CA PRO C 32 -45.31 -24.68 -31.49
C PRO C 32 -46.75 -24.27 -31.81
N THR C 33 -47.38 -23.61 -30.84
CA THR C 33 -48.77 -23.11 -30.95
C THR C 33 -48.99 -22.41 -32.28
N ASP C 34 -50.24 -22.40 -32.75
CA ASP C 34 -50.68 -21.53 -33.85
C ASP C 34 -50.40 -20.08 -33.47
N ARG C 35 -50.63 -19.72 -32.20
CA ARG C 35 -50.35 -18.35 -31.71
C ARG C 35 -48.89 -18.00 -31.98
N VAL C 36 -47.98 -18.85 -31.51
CA VAL C 36 -46.52 -18.60 -31.55
C VAL C 36 -46.06 -18.49 -33.01
N VAL C 37 -46.72 -19.16 -33.94
CA VAL C 37 -46.36 -19.01 -35.38
C VAL C 37 -46.72 -17.60 -35.82
N ARG C 38 -47.91 -17.14 -35.45
CA ARG C 38 -48.34 -15.77 -35.77
C ARG C 38 -47.37 -14.75 -35.15
N LEU C 39 -46.92 -14.99 -33.91
CA LEU C 39 -45.97 -14.07 -33.27
C LEU C 39 -44.62 -14.13 -34.00
N LYS C 40 -44.18 -15.33 -34.41
CA LYS C 40 -42.95 -15.47 -35.23
C LYS C 40 -43.08 -14.60 -36.48
N ASN C 41 -44.06 -14.90 -37.34
CA ASN C 41 -44.23 -14.25 -38.66
C ASN C 41 -44.43 -12.74 -38.50
N MET C 42 -44.92 -12.29 -37.35
CA MET C 42 -45.01 -10.85 -37.07
C MET C 42 -43.62 -10.23 -37.13
N ILE C 43 -42.62 -10.92 -36.58
CA ILE C 43 -41.21 -10.47 -36.67
C ILE C 43 -40.75 -10.57 -38.13
N LEU C 44 -41.11 -11.65 -38.81
CA LEU C 44 -40.55 -11.97 -40.15
C LEU C 44 -40.98 -10.90 -41.16
N HIS C 45 -42.27 -10.57 -41.20
CA HIS C 45 -42.86 -9.62 -42.18
C HIS C 45 -42.66 -8.17 -41.75
N ALA C 46 -42.12 -7.93 -40.55
CA ALA C 46 -41.90 -6.56 -40.04
C ALA C 46 -40.89 -5.84 -40.91
N LYS C 47 -41.12 -4.55 -41.14
CA LYS C 47 -40.13 -3.66 -41.81
C LYS C 47 -39.53 -2.75 -40.76
N PRO C 48 -38.19 -2.65 -40.69
CA PRO C 48 -37.54 -1.90 -39.62
C PRO C 48 -37.58 -0.38 -39.79
N TYR C 49 -38.09 0.30 -38.77
CA TYR C 49 -38.23 1.77 -38.76
C TYR C 49 -37.26 2.38 -37.75
N VAL C 50 -36.61 3.46 -38.16
CA VAL C 50 -35.99 4.40 -37.21
C VAL C 50 -37.11 5.16 -36.51
N GLU C 51 -37.03 5.29 -35.18
CA GLU C 51 -38.06 5.96 -34.37
C GLU C 51 -37.39 7.03 -33.52
N SER C 52 -38.19 7.94 -32.97
CA SER C 52 -37.68 9.21 -32.43
C SER C 52 -37.93 9.37 -30.94
N GLU C 53 -38.97 8.73 -30.39
CA GLU C 53 -39.46 9.05 -29.04
C GLU C 53 -38.35 8.89 -28.01
N ARG C 54 -37.78 7.68 -27.93
CA ARG C 54 -36.65 7.42 -26.99
C ARG C 54 -35.59 8.48 -27.20
N ALA C 55 -35.31 8.84 -28.46
CA ALA C 55 -34.24 9.81 -28.79
C ALA C 55 -34.61 11.20 -28.26
N VAL C 56 -35.85 11.65 -28.47
CA VAL C 56 -36.24 13.05 -28.12
C VAL C 56 -36.32 13.18 -26.61
N LEU C 57 -36.93 12.20 -25.94
CA LEU C 57 -37.12 12.22 -24.48
C LEU C 57 -35.78 12.41 -23.78
N ALA C 58 -34.84 11.50 -24.02
CA ALA C 58 -33.50 11.54 -23.40
C ALA C 58 -32.78 12.84 -23.77
N THR C 59 -32.97 13.37 -24.98
CA THR C 59 -32.34 14.65 -25.34
C THR C 59 -32.83 15.74 -24.39
N GLU C 60 -34.14 15.79 -24.15
CA GLU C 60 -34.73 16.78 -23.23
C GLU C 60 -34.19 16.53 -21.82
N ALA C 61 -34.09 15.26 -21.43
CA ALA C 61 -33.54 14.87 -20.11
C ALA C 61 -32.19 15.54 -19.89
N TYR C 62 -31.27 15.47 -20.86
CA TYR C 62 -29.98 16.18 -20.74
C TYR C 62 -30.23 17.69 -20.66
N LYS C 63 -31.08 18.21 -21.56
CA LYS C 63 -31.34 19.66 -21.67
C LYS C 63 -31.75 20.22 -20.31
N GLU C 64 -32.77 19.61 -19.69
CA GLU C 64 -33.39 20.14 -18.45
C GLU C 64 -32.51 19.85 -17.23
N ASN C 65 -31.43 19.06 -17.36
CA ASN C 65 -30.64 18.57 -16.20
C ASN C 65 -29.14 18.82 -16.38
N GLU C 66 -28.76 19.93 -17.01
CA GLU C 66 -27.36 20.23 -17.36
C GLU C 66 -26.48 20.28 -16.09
N GLN C 67 -27.06 20.62 -14.93
CA GLN C 67 -26.32 21.00 -13.71
C GLN C 67 -25.87 19.79 -12.88
N LEU C 68 -26.42 18.60 -13.13
CA LEU C 68 -26.21 17.41 -12.29
C LEU C 68 -24.84 16.80 -12.57
N PRO C 69 -24.31 15.98 -11.64
CA PRO C 69 -23.27 15.01 -11.99
C PRO C 69 -23.82 14.05 -13.03
N ALA C 70 -22.93 13.46 -13.82
CA ALA C 70 -23.32 12.62 -14.98
C ALA C 70 -24.15 11.42 -14.52
N ILE C 71 -23.77 10.80 -13.39
CA ILE C 71 -24.46 9.58 -12.92
C ILE C 71 -25.93 9.91 -12.63
N MET C 72 -26.21 11.12 -12.17
CA MET C 72 -27.56 11.59 -11.78
C MET C 72 -28.33 12.11 -13.01
N ARG C 73 -27.65 12.79 -13.92
CA ARG C 73 -28.24 13.10 -15.24
C ARG C 73 -28.77 11.81 -15.85
N ARG C 74 -27.91 10.80 -15.96
CA ARG C 74 -28.31 9.51 -16.56
C ARG C 74 -29.49 8.93 -15.77
N ALA C 75 -29.50 9.10 -14.45
CA ALA C 75 -30.64 8.67 -13.63
C ALA C 75 -31.90 9.33 -14.19
N LYS C 76 -31.87 10.66 -14.37
CA LYS C 76 -33.03 11.41 -14.89
C LYS C 76 -33.32 10.99 -16.33
N VAL C 77 -32.28 10.65 -17.10
CA VAL C 77 -32.45 10.26 -18.53
C VAL C 77 -33.32 9.00 -18.61
N VAL C 78 -32.99 7.99 -17.81
CA VAL C 78 -33.78 6.73 -17.79
C VAL C 78 -35.15 7.02 -17.15
N GLU C 79 -35.28 8.03 -16.28
CA GLU C 79 -36.55 8.27 -15.58
C GLU C 79 -37.53 9.02 -16.47
N LYS C 80 -37.06 9.86 -17.38
CA LYS C 80 -37.97 10.49 -18.35
C LYS C 80 -38.41 9.45 -19.38
N ILE C 81 -37.48 8.64 -19.89
CA ILE C 81 -37.78 7.60 -20.90
C ILE C 81 -38.76 6.58 -20.28
N PHE C 82 -38.37 5.97 -19.17
CA PHE C 82 -39.20 4.94 -18.50
C PHE C 82 -40.62 5.47 -18.28
N ASN C 83 -40.77 6.77 -17.97
CA ASN C 83 -42.06 7.38 -17.59
C ASN C 83 -42.87 7.84 -18.80
N GLU C 84 -42.25 8.02 -19.97
CA GLU C 84 -42.94 8.67 -21.10
C GLU C 84 -42.71 7.96 -22.44
N LEU C 85 -42.00 6.83 -22.48
CA LEU C 85 -41.84 6.06 -23.74
C LEU C 85 -43.15 5.33 -24.04
N PRO C 86 -43.66 5.42 -25.29
CA PRO C 86 -44.89 4.74 -25.66
C PRO C 86 -44.88 3.26 -25.28
N VAL C 87 -46.02 2.81 -24.80
CA VAL C 87 -46.21 1.45 -24.26
C VAL C 87 -46.94 0.64 -25.32
N THR C 88 -46.28 -0.38 -25.86
CA THR C 88 -46.83 -1.15 -26.99
C THR C 88 -46.97 -2.61 -26.61
N ILE C 89 -48.18 -3.13 -26.74
CA ILE C 89 -48.46 -4.57 -26.57
C ILE C 89 -48.97 -5.08 -27.90
N ARG C 90 -48.44 -6.20 -28.37
CA ARG C 90 -48.77 -6.61 -29.74
C ARG C 90 -49.83 -7.70 -29.71
N PRO C 91 -50.64 -7.79 -30.79
CA PRO C 91 -51.51 -8.94 -30.97
C PRO C 91 -50.87 -10.28 -30.59
N ASP C 92 -51.53 -10.98 -29.66
CA ASP C 92 -51.27 -12.37 -29.22
C ASP C 92 -50.21 -12.44 -28.10
N GLU C 93 -49.48 -11.37 -27.82
CA GLU C 93 -48.29 -11.46 -26.92
C GLU C 93 -48.72 -11.96 -25.53
N LEU C 94 -47.97 -12.92 -24.99
CA LEU C 94 -48.07 -13.34 -23.59
C LEU C 94 -47.05 -12.60 -22.75
N ILE C 95 -45.95 -12.19 -23.39
CA ILE C 95 -44.81 -11.50 -22.74
C ILE C 95 -44.71 -10.12 -23.40
N VAL C 96 -45.03 -9.08 -22.65
CA VAL C 96 -45.18 -7.72 -23.23
C VAL C 96 -43.93 -6.91 -22.92
N GLY C 97 -43.83 -5.72 -23.52
CA GLY C 97 -42.66 -4.85 -23.39
C GLY C 97 -42.04 -4.64 -24.76
N ALA C 98 -42.09 -3.42 -25.26
CA ALA C 98 -41.64 -3.09 -26.63
C ALA C 98 -40.70 -1.90 -26.56
N VAL C 99 -39.53 -2.03 -27.19
CA VAL C 99 -38.54 -0.93 -27.20
C VAL C 99 -39.01 0.14 -28.19
N THR C 100 -39.64 -0.29 -29.27
CA THR C 100 -40.10 0.56 -30.38
C THR C 100 -41.59 0.30 -30.62
N ILE C 101 -42.26 1.27 -31.23
CA ILE C 101 -43.71 1.14 -31.52
C ILE C 101 -43.91 0.07 -32.59
N ASN C 102 -43.25 0.23 -33.75
CA ASN C 102 -43.34 -0.80 -34.80
C ASN C 102 -42.40 -1.95 -34.46
N PRO C 103 -42.80 -3.21 -34.74
CA PRO C 103 -41.93 -4.35 -34.49
C PRO C 103 -40.58 -4.26 -35.19
N ARG C 104 -39.55 -4.75 -34.49
CA ARG C 104 -38.19 -4.97 -35.01
C ARG C 104 -37.55 -3.68 -35.53
N SER C 105 -38.00 -2.55 -34.99
CA SER C 105 -37.50 -1.22 -35.38
C SER C 105 -36.47 -0.78 -34.34
N THR C 106 -35.96 0.45 -34.44
CA THR C 106 -34.76 0.84 -33.66
C THR C 106 -34.89 2.25 -33.11
N GLU C 107 -34.47 2.41 -31.86
CA GLU C 107 -34.34 3.72 -31.21
C GLU C 107 -33.02 4.36 -31.62
N ILE C 108 -32.97 5.68 -31.54
CA ILE C 108 -31.72 6.47 -31.66
C ILE C 108 -31.26 6.84 -30.25
N CYS C 109 -29.98 6.66 -29.98
CA CYS C 109 -29.37 7.05 -28.69
C CYS C 109 -28.29 8.09 -28.98
N PRO C 110 -28.67 9.36 -29.22
CA PRO C 110 -27.72 10.36 -29.74
C PRO C 110 -26.55 10.69 -28.81
N GLU C 111 -26.75 10.52 -27.51
CA GLU C 111 -25.73 10.57 -26.44
C GLU C 111 -24.38 9.93 -26.84
N PHE C 112 -24.40 8.83 -27.58
CA PHE C 112 -23.19 8.10 -28.02
C PHE C 112 -22.69 8.68 -29.34
N SER C 113 -23.53 8.66 -30.39
CA SER C 113 -23.27 9.41 -31.62
C SER C 113 -24.56 9.64 -32.42
N TYR C 114 -24.63 10.74 -33.14
CA TYR C 114 -25.84 11.12 -33.90
C TYR C 114 -25.52 11.49 -35.36
N ASP C 115 -24.37 12.12 -35.62
CA ASP C 115 -24.20 12.89 -36.87
C ASP C 115 -24.45 11.99 -38.07
N TRP C 116 -24.03 10.72 -38.01
CA TRP C 116 -24.18 9.75 -39.12
C TRP C 116 -25.64 9.44 -39.37
N VAL C 117 -26.47 9.50 -38.34
CA VAL C 117 -27.92 9.24 -38.48
C VAL C 117 -28.48 10.23 -39.50
N GLU C 118 -28.08 11.48 -39.38
CA GLU C 118 -28.64 12.59 -40.18
C GLU C 118 -28.18 12.48 -41.63
N LYS C 119 -26.89 12.26 -41.87
CA LYS C 119 -26.36 12.11 -43.24
C LYS C 119 -27.08 10.96 -43.96
N GLU C 120 -27.79 10.12 -43.22
CA GLU C 120 -28.43 8.94 -43.82
C GLU C 120 -29.95 9.07 -43.81
N PHE C 121 -30.47 10.26 -43.48
CA PHE C 121 -31.93 10.52 -43.48
C PHE C 121 -32.55 10.05 -44.79
N ASP C 122 -31.91 10.34 -45.92
CA ASP C 122 -32.42 10.00 -47.26
C ASP C 122 -31.81 8.70 -47.79
N THR C 123 -30.69 8.22 -47.22
CA THR C 123 -29.93 7.10 -47.81
C THR C 123 -30.13 5.78 -47.07
N MET C 124 -30.58 5.81 -45.81
CA MET C 124 -30.59 4.60 -44.96
C MET C 124 -31.67 3.61 -45.41
N ALA C 125 -32.78 4.09 -46.00
CA ALA C 125 -33.90 3.19 -46.37
C ALA C 125 -33.52 2.32 -47.57
N HIS C 126 -32.41 2.64 -48.25
CA HIS C 126 -32.04 1.97 -49.52
C HIS C 126 -30.61 1.43 -49.48
N ARG C 127 -29.92 1.51 -48.33
CA ARG C 127 -28.48 1.15 -48.27
C ARG C 127 -28.31 -0.36 -48.31
N VAL C 128 -27.07 -0.80 -48.52
CA VAL C 128 -26.74 -2.19 -48.92
C VAL C 128 -27.17 -3.17 -47.82
N ALA C 129 -26.71 -2.94 -46.59
CA ALA C 129 -26.95 -3.87 -45.46
C ALA C 129 -27.66 -3.13 -44.33
N ASP C 130 -28.55 -3.86 -43.64
CA ASP C 130 -29.38 -3.39 -42.51
C ASP C 130 -30.02 -2.04 -42.82
N PRO C 131 -30.82 -1.93 -43.90
CA PRO C 131 -31.51 -0.69 -44.18
C PRO C 131 -32.67 -0.52 -43.19
N PHE C 132 -33.06 0.74 -42.96
CA PHE C 132 -34.18 1.12 -42.09
C PHE C 132 -34.99 2.21 -42.78
N ILE C 133 -36.32 2.10 -42.67
CA ILE C 133 -37.20 3.18 -43.14
C ILE C 133 -37.04 4.34 -42.17
N ILE C 134 -37.00 5.57 -42.69
CA ILE C 134 -37.02 6.79 -41.86
C ILE C 134 -38.12 7.70 -42.40
N GLU C 135 -39.33 7.50 -41.91
CA GLU C 135 -40.50 8.35 -42.22
C GLU C 135 -40.10 9.82 -42.09
N LYS C 136 -40.67 10.70 -42.92
CA LYS C 136 -40.26 12.13 -42.91
C LYS C 136 -40.51 12.75 -41.54
N LYS C 137 -41.63 12.44 -40.91
CA LYS C 137 -41.92 12.94 -39.54
C LYS C 137 -40.74 12.62 -38.63
N THR C 138 -40.26 11.36 -38.67
CA THR C 138 -39.15 10.87 -37.82
C THR C 138 -37.87 11.68 -38.07
N ALA C 139 -37.54 11.91 -39.34
CA ALA C 139 -36.37 12.74 -39.71
C ALA C 139 -36.51 14.13 -39.09
N ASP C 140 -37.74 14.67 -39.10
CA ASP C 140 -38.02 16.03 -38.62
C ASP C 140 -37.62 16.17 -37.16
N GLU C 141 -38.26 15.41 -36.28
CA GLU C 141 -38.07 15.54 -34.82
C GLU C 141 -36.64 15.14 -34.42
N LEU C 142 -36.00 14.18 -35.12
CA LEU C 142 -34.60 13.82 -34.83
C LEU C 142 -33.69 15.02 -35.15
N HIS C 143 -33.99 15.79 -36.19
CA HIS C 143 -33.19 16.98 -36.58
C HIS C 143 -33.23 18.03 -35.46
N GLN C 144 -34.38 18.18 -34.79
CA GLN C 144 -34.50 19.11 -33.64
C GLN C 144 -33.58 18.64 -32.52
N ALA C 145 -33.69 17.36 -32.16
CA ALA C 145 -32.86 16.76 -31.10
C ALA C 145 -31.37 16.97 -31.40
N PHE C 146 -30.93 16.58 -32.60
CA PHE C 146 -29.50 16.62 -32.99
C PHE C 146 -28.97 18.05 -33.02
N LYS C 147 -29.79 19.05 -32.71
CA LYS C 147 -29.30 20.44 -32.62
C LYS C 147 -28.56 20.62 -31.31
N TYR C 148 -28.93 19.86 -30.28
CA TYR C 148 -28.37 19.97 -28.92
C TYR C 148 -26.98 19.32 -28.83
N TRP C 149 -26.72 18.30 -29.67
CA TRP C 149 -25.73 17.23 -29.44
C TRP C 149 -24.28 17.51 -29.88
N PRO C 150 -23.98 18.41 -30.85
CA PRO C 150 -22.57 18.62 -31.23
C PRO C 150 -21.67 18.76 -30.01
N GLY C 151 -20.56 18.02 -30.00
CA GLY C 151 -19.54 18.14 -28.95
C GLY C 151 -19.98 17.58 -27.60
N LYS C 152 -21.17 16.97 -27.52
CA LYS C 152 -21.75 16.54 -26.22
C LYS C 152 -21.88 15.02 -26.17
N THR C 153 -21.35 14.34 -27.18
CA THR C 153 -21.37 12.88 -27.33
C THR C 153 -20.29 12.22 -26.47
N THR C 154 -20.40 10.90 -26.28
CA THR C 154 -19.26 10.09 -25.81
C THR C 154 -18.21 10.02 -26.91
N SER C 155 -18.64 9.70 -28.14
CA SER C 155 -17.76 9.62 -29.33
C SER C 155 -16.83 10.85 -29.41
N SER C 156 -17.39 12.05 -29.34
CA SER C 156 -16.59 13.29 -29.53
C SER C 156 -15.51 13.37 -28.45
N LEU C 157 -15.84 13.00 -27.21
CA LEU C 157 -14.83 13.07 -26.14
C LEU C 157 -13.76 11.99 -26.38
N ALA C 158 -14.19 10.76 -26.68
CA ALA C 158 -13.26 9.66 -26.97
C ALA C 158 -12.29 10.05 -28.09
N ALA C 159 -12.79 10.77 -29.10
CA ALA C 159 -11.97 11.20 -30.24
C ALA C 159 -10.87 12.17 -29.79
N SER C 160 -11.17 13.03 -28.81
CA SER C 160 -10.24 14.11 -28.41
C SER C 160 -9.17 13.58 -27.45
N TYR C 161 -9.42 12.44 -26.83
CA TYR C 161 -8.43 11.80 -25.94
C TYR C 161 -7.36 11.08 -26.76
N MET C 162 -7.70 10.58 -27.94
CA MET C 162 -6.81 9.71 -28.74
C MET C 162 -5.72 10.57 -29.40
N SER C 163 -4.51 10.00 -29.47
CA SER C 163 -3.37 10.72 -30.06
C SER C 163 -3.60 10.94 -31.54
N GLU C 164 -2.77 11.79 -32.14
CA GLU C 164 -2.79 12.02 -33.59
C GLU C 164 -2.26 10.75 -34.29
N GLY C 165 -1.26 10.08 -33.71
CA GLY C 165 -0.75 8.79 -34.21
C GLY C 165 -1.81 7.70 -34.21
N THR C 166 -2.64 7.61 -33.16
CA THR C 166 -3.68 6.56 -33.05
C THR C 166 -4.77 6.77 -34.10
N LYS C 167 -5.33 7.99 -34.19
CA LYS C 167 -6.44 8.29 -35.13
C LYS C 167 -6.00 8.00 -36.57
N GLU C 168 -4.74 8.33 -36.88
CA GLU C 168 -4.16 8.14 -38.22
C GLU C 168 -4.22 6.66 -38.59
N SER C 169 -3.75 5.77 -37.71
CA SER C 169 -3.69 4.32 -37.97
C SER C 169 -5.08 3.74 -38.16
N MET C 170 -6.09 4.26 -37.46
CA MET C 170 -7.49 3.81 -37.65
C MET C 170 -7.94 4.15 -39.08
N SER C 171 -7.67 5.35 -39.57
CA SER C 171 -8.13 5.74 -40.93
C SER C 171 -7.60 4.76 -41.97
N ASN C 172 -6.43 4.17 -41.73
CA ASN C 172 -5.71 3.36 -42.74
C ASN C 172 -6.04 1.88 -42.60
N GLY C 173 -7.05 1.52 -41.81
CA GLY C 173 -7.63 0.18 -41.79
C GLY C 173 -6.96 -0.81 -40.85
N VAL C 174 -6.04 -0.34 -39.99
CA VAL C 174 -5.26 -1.21 -39.08
C VAL C 174 -6.16 -1.74 -37.97
N PHE C 175 -7.00 -0.89 -37.39
CA PHE C 175 -7.91 -1.30 -36.31
C PHE C 175 -9.00 -0.26 -36.13
N THR C 176 -10.05 -0.60 -35.38
CA THR C 176 -11.15 0.35 -35.13
C THR C 176 -11.81 0.10 -33.78
N VAL C 177 -12.23 1.18 -33.13
CA VAL C 177 -12.97 1.13 -31.84
C VAL C 177 -14.41 1.56 -32.09
N GLY C 178 -14.82 1.62 -33.36
CA GLY C 178 -16.10 2.18 -33.77
C GLY C 178 -17.28 1.64 -32.98
N ASN C 179 -17.20 0.42 -32.48
CA ASN C 179 -18.35 -0.18 -31.79
C ASN C 179 -18.76 0.67 -30.59
N TYR C 180 -17.86 0.85 -29.61
CA TYR C 180 -18.15 1.62 -28.37
C TYR C 180 -17.95 3.12 -28.59
N PHE C 181 -17.42 3.48 -29.75
CA PHE C 181 -17.29 4.89 -30.18
C PHE C 181 -18.69 5.43 -30.47
N PHE C 182 -19.36 4.83 -31.46
CA PHE C 182 -20.65 5.35 -31.96
C PHE C 182 -21.78 4.95 -31.02
N GLY C 183 -21.64 3.84 -30.31
CA GLY C 183 -22.77 3.19 -29.63
C GLY C 183 -22.49 2.98 -28.17
N GLY C 184 -23.49 2.47 -27.45
CA GLY C 184 -23.36 2.06 -26.06
C GLY C 184 -22.49 0.83 -25.95
N ILE C 185 -22.21 0.43 -24.71
CA ILE C 185 -21.29 -0.70 -24.42
C ILE C 185 -22.10 -1.99 -24.41
N GLY C 186 -22.95 -2.19 -23.41
CA GLY C 186 -23.65 -3.47 -23.28
C GLY C 186 -22.65 -4.57 -22.96
N HIS C 187 -22.64 -5.64 -23.77
CA HIS C 187 -21.76 -6.82 -23.59
C HIS C 187 -21.65 -7.18 -22.11
N VAL C 188 -22.75 -7.67 -21.57
CA VAL C 188 -22.90 -7.92 -20.12
C VAL C 188 -24.09 -8.86 -19.93
N SER C 189 -23.95 -9.80 -19.01
CA SER C 189 -25.07 -10.67 -18.59
C SER C 189 -25.42 -10.37 -17.14
N VAL C 190 -26.52 -9.65 -16.95
CA VAL C 190 -26.84 -9.01 -15.65
C VAL C 190 -27.33 -10.05 -14.66
N ASP C 191 -27.43 -9.64 -13.39
CA ASP C 191 -27.96 -10.48 -12.30
C ASP C 191 -29.48 -10.62 -12.45
N TYR C 192 -29.95 -11.33 -13.48
CA TYR C 192 -31.38 -11.64 -13.66
C TYR C 192 -31.91 -12.36 -12.42
N GLY C 193 -31.22 -13.42 -11.99
CA GLY C 193 -31.66 -14.26 -10.87
C GLY C 193 -32.02 -13.43 -9.65
N LYS C 194 -31.22 -12.41 -9.36
CA LYS C 194 -31.43 -11.48 -8.22
C LYS C 194 -32.76 -10.75 -8.34
N VAL C 195 -33.00 -10.09 -9.47
CA VAL C 195 -34.26 -9.36 -9.74
C VAL C 195 -35.42 -10.34 -9.66
N LEU C 196 -35.22 -11.59 -10.04
CA LEU C 196 -36.26 -12.63 -9.88
C LEU C 196 -36.58 -12.85 -8.40
N LYS C 197 -35.56 -12.88 -7.54
CA LYS C 197 -35.78 -13.16 -6.11
C LYS C 197 -36.40 -11.94 -5.42
N ILE C 198 -35.77 -10.77 -5.52
CA ILE C 198 -36.12 -9.61 -4.66
C ILE C 198 -36.69 -8.44 -5.46
N GLY C 199 -36.68 -8.49 -6.79
CA GLY C 199 -37.36 -7.49 -7.62
C GLY C 199 -36.68 -6.13 -7.60
N PHE C 200 -37.30 -5.17 -8.30
CA PHE C 200 -36.82 -3.78 -8.37
C PHE C 200 -36.90 -3.15 -6.98
N ARG C 201 -37.89 -3.54 -6.18
CA ARG C 201 -38.02 -2.95 -4.85
C ARG C 201 -36.91 -3.49 -3.94
N GLY C 202 -36.55 -4.76 -4.10
CA GLY C 202 -35.38 -5.33 -3.39
C GLY C 202 -34.08 -4.65 -3.77
N ILE C 203 -33.88 -4.35 -5.07
CA ILE C 203 -32.71 -3.57 -5.55
C ILE C 203 -32.66 -2.24 -4.80
N ILE C 204 -33.78 -1.52 -4.76
CA ILE C 204 -33.88 -0.22 -4.03
C ILE C 204 -33.52 -0.42 -2.56
N ASP C 205 -33.83 -1.59 -1.99
CA ASP C 205 -33.59 -1.86 -0.55
C ASP C 205 -32.09 -2.03 -0.29
N GLU C 206 -31.40 -2.86 -1.07
CA GLU C 206 -29.93 -2.99 -0.92
C GLU C 206 -29.28 -1.62 -1.08
N VAL C 207 -29.85 -0.74 -1.89
CA VAL C 207 -29.21 0.57 -2.14
C VAL C 207 -29.48 1.49 -0.95
N THR C 208 -30.66 1.44 -0.35
CA THR C 208 -30.89 2.28 0.85
C THR C 208 -30.01 1.78 2.00
N ARG C 209 -29.94 0.47 2.19
CA ARG C 209 -29.13 -0.08 3.30
C ARG C 209 -27.65 0.24 3.08
N ALA C 210 -27.18 0.13 1.84
CA ALA C 210 -25.81 0.55 1.49
C ALA C 210 -25.64 2.04 1.80
N LEU C 211 -26.66 2.83 1.49
CA LEU C 211 -26.62 4.30 1.62
C LEU C 211 -26.46 4.69 3.09
N GLU C 212 -27.22 4.07 3.99
CA GLU C 212 -27.23 4.49 5.41
C GLU C 212 -25.94 4.06 6.09
N ASN C 213 -25.28 3.03 5.56
CA ASN C 213 -24.01 2.52 6.13
C ASN C 213 -22.79 3.17 5.48
N LEU C 214 -22.96 4.33 4.84
CA LEU C 214 -21.81 5.01 4.19
C LEU C 214 -20.86 5.56 5.25
N ASP C 215 -19.58 5.27 5.08
CA ASP C 215 -18.50 5.97 5.79
C ASP C 215 -18.51 7.41 5.28
N ARG C 216 -19.10 8.32 6.04
CA ARG C 216 -19.24 9.73 5.61
C ARG C 216 -18.17 10.62 6.26
N SER C 217 -17.01 10.06 6.60
CA SER C 217 -15.95 10.83 7.30
C SER C 217 -14.81 11.24 6.35
N THR C 218 -14.86 10.83 5.09
CA THR C 218 -13.92 11.23 4.02
C THR C 218 -14.59 12.22 3.07
N SER C 219 -14.02 12.43 1.88
CA SER C 219 -14.66 13.21 0.82
C SER C 219 -15.33 12.33 -0.22
N ASP C 220 -15.03 11.04 -0.28
CA ASP C 220 -15.48 10.19 -1.41
C ASP C 220 -16.86 9.59 -1.16
N TYR C 221 -17.49 9.83 0.01
CA TYR C 221 -18.88 9.41 0.24
C TYR C 221 -19.83 10.24 -0.64
N ILE C 222 -19.37 11.42 -1.08
CA ILE C 222 -20.24 12.34 -1.84
C ILE C 222 -20.61 11.71 -3.18
N LYS C 223 -19.61 11.31 -3.98
CA LYS C 223 -19.87 10.77 -5.34
C LYS C 223 -20.59 9.43 -5.29
N LYS C 224 -20.30 8.61 -4.28
CA LYS C 224 -21.02 7.33 -4.09
C LYS C 224 -22.48 7.61 -3.78
N GLU C 225 -22.75 8.54 -2.86
CA GLU C 225 -24.14 8.89 -2.50
C GLU C 225 -24.89 9.32 -3.77
N GLN C 226 -24.30 10.23 -4.53
CA GLN C 226 -24.86 10.65 -5.84
C GLN C 226 -25.17 9.43 -6.70
N PHE C 227 -24.26 8.47 -6.79
CA PHE C 227 -24.52 7.20 -7.51
C PHE C 227 -25.74 6.50 -6.92
N TYR C 228 -25.78 6.31 -5.60
CA TYR C 228 -26.87 5.55 -4.96
C TYR C 228 -28.22 6.26 -5.16
N ASN C 229 -28.25 7.58 -5.01
CA ASN C 229 -29.46 8.37 -5.30
C ASN C 229 -29.87 8.19 -6.76
N ALA C 230 -28.91 8.01 -7.67
CA ALA C 230 -29.19 7.78 -9.09
C ALA C 230 -29.80 6.39 -9.29
N VAL C 231 -29.25 5.36 -8.64
CA VAL C 231 -29.75 3.96 -8.79
C VAL C 231 -31.20 3.92 -8.33
N ILE C 232 -31.49 4.53 -7.17
CA ILE C 232 -32.86 4.50 -6.59
C ILE C 232 -33.82 5.21 -7.54
N LEU C 233 -33.42 6.38 -8.05
CA LEU C 233 -34.30 7.16 -8.94
C LEU C 233 -34.58 6.38 -10.22
N SER C 234 -33.58 5.66 -10.77
CA SER C 234 -33.76 4.84 -12.00
C SER C 234 -34.72 3.67 -11.73
N TYR C 235 -34.61 3.00 -10.58
CA TYR C 235 -35.43 1.81 -10.28
C TYR C 235 -36.84 2.18 -9.84
N GLN C 236 -37.02 3.36 -9.23
CA GLN C 236 -38.37 3.88 -8.96
C GLN C 236 -39.10 4.07 -10.30
N ALA C 237 -38.47 4.76 -11.26
CA ALA C 237 -39.01 4.86 -12.63
C ALA C 237 -39.07 3.48 -13.28
N ALA C 238 -38.19 2.55 -12.88
CA ALA C 238 -38.15 1.19 -13.47
C ALA C 238 -39.36 0.36 -13.05
N ILE C 239 -39.91 0.61 -11.86
CA ILE C 239 -41.17 -0.04 -11.47
C ILE C 239 -42.30 0.58 -12.29
N ASN C 240 -42.24 1.88 -12.51
CA ASN C 240 -43.33 2.63 -13.17
C ASN C 240 -43.50 2.14 -14.61
N PHE C 241 -42.39 1.92 -15.31
CA PHE C 241 -42.42 1.39 -16.70
C PHE C 241 -43.29 0.14 -16.75
N ALA C 242 -43.05 -0.81 -15.84
CA ALA C 242 -43.76 -2.10 -15.83
C ALA C 242 -45.21 -1.92 -15.38
N HIS C 243 -45.50 -0.91 -14.55
CA HIS C 243 -46.88 -0.61 -14.13
C HIS C 243 -47.68 0.03 -15.27
N ARG C 244 -47.03 0.87 -16.09
CA ARG C 244 -47.67 1.42 -17.32
C ARG C 244 -48.08 0.27 -18.23
N TYR C 245 -47.26 -0.79 -18.31
CA TYR C 245 -47.60 -1.96 -19.14
C TYR C 245 -48.79 -2.71 -18.53
N ALA C 246 -48.98 -2.66 -17.22
CA ALA C 246 -50.17 -3.26 -16.60
C ALA C 246 -51.39 -2.36 -16.85
N GLN C 247 -51.20 -1.05 -16.93
CA GLN C 247 -52.29 -0.12 -17.28
C GLN C 247 -52.71 -0.34 -18.73
N GLU C 248 -51.74 -0.54 -19.62
CA GLU C 248 -52.03 -0.75 -21.06
C GLU C 248 -52.81 -2.05 -21.24
N ALA C 249 -52.46 -3.12 -20.51
CA ALA C 249 -53.12 -4.43 -20.67
C ALA C 249 -54.56 -4.34 -20.18
N SER C 250 -54.78 -3.86 -18.94
CA SER C 250 -56.15 -3.75 -18.39
C SER C 250 -56.99 -2.85 -19.26
N ARG C 251 -56.38 -1.87 -19.94
CA ARG C 251 -57.10 -1.03 -20.90
C ARG C 251 -57.56 -1.87 -22.09
N LEU C 252 -56.65 -2.68 -22.65
CA LEU C 252 -57.02 -3.57 -23.79
C LEU C 252 -57.96 -4.66 -23.30
N ALA C 253 -57.84 -5.09 -22.05
CA ALA C 253 -58.70 -6.14 -21.49
C ALA C 253 -60.16 -5.69 -21.53
N ARG C 254 -60.44 -4.42 -21.20
CA ARG C 254 -61.82 -3.89 -21.19
C ARG C 254 -62.36 -3.69 -22.61
N GLU C 255 -61.50 -3.55 -23.61
CA GLU C 255 -61.93 -3.32 -25.00
C GLU C 255 -61.89 -4.61 -25.80
N GLU C 256 -61.60 -5.73 -25.13
CA GLU C 256 -61.47 -7.03 -25.79
C GLU C 256 -62.82 -7.74 -25.81
N ARG C 257 -63.12 -8.38 -26.94
CA ARG C 257 -64.39 -9.12 -27.07
C ARG C 257 -64.15 -10.63 -26.90
N ASP C 258 -63.04 -11.16 -27.43
CA ASP C 258 -62.71 -12.58 -27.25
C ASP C 258 -62.55 -12.85 -25.75
N PRO C 259 -63.28 -13.84 -25.17
CA PRO C 259 -63.12 -14.16 -23.76
C PRO C 259 -61.71 -14.63 -23.39
N THR C 260 -61.15 -15.61 -24.12
CA THR C 260 -59.78 -16.10 -23.83
C THR C 260 -58.81 -14.92 -23.88
N ARG C 261 -58.94 -14.03 -24.87
CA ARG C 261 -57.95 -12.95 -25.07
C ARG C 261 -58.10 -11.88 -24.01
N GLN C 262 -59.31 -11.68 -23.46
CA GLN C 262 -59.47 -10.76 -22.32
C GLN C 262 -58.71 -11.33 -21.13
N ARG C 263 -59.02 -12.57 -20.74
CA ARG C 263 -58.44 -13.15 -19.50
C ARG C 263 -56.92 -13.15 -19.59
N GLU C 264 -56.36 -13.30 -20.80
CA GLU C 264 -54.91 -13.21 -21.01
C GLU C 264 -54.44 -11.79 -20.72
N LEU C 265 -55.11 -10.79 -21.30
CA LEU C 265 -54.78 -9.37 -21.07
C LEU C 265 -55.05 -8.99 -19.62
N GLU C 266 -55.93 -9.71 -18.93
CA GLU C 266 -56.20 -9.42 -17.51
C GLU C 266 -55.06 -9.91 -16.65
N GLN C 267 -54.59 -11.14 -16.87
CA GLN C 267 -53.52 -11.72 -16.04
C GLN C 267 -52.14 -11.37 -16.60
N ILE C 268 -52.04 -10.83 -17.81
CA ILE C 268 -50.83 -10.09 -18.22
C ILE C 268 -50.72 -8.86 -17.31
N ALA C 269 -51.78 -8.05 -17.27
CA ALA C 269 -51.85 -6.84 -16.44
C ALA C 269 -51.62 -7.19 -14.97
N SER C 270 -52.05 -8.38 -14.54
CA SER C 270 -51.74 -8.87 -13.18
C SER C 270 -50.23 -9.08 -13.05
N ASN C 271 -49.63 -9.77 -14.02
CA ASN C 271 -48.19 -10.10 -14.02
C ASN C 271 -47.37 -8.82 -13.88
N CYS C 272 -47.59 -7.84 -14.77
CA CYS C 272 -46.75 -6.63 -14.82
C CYS C 272 -47.03 -5.69 -13.66
N THR C 273 -48.09 -5.90 -12.87
CA THR C 273 -48.27 -5.12 -11.64
C THR C 273 -47.39 -5.72 -10.55
N ARG C 274 -47.13 -7.03 -10.65
CA ARG C 274 -46.28 -7.71 -9.65
C ARG C 274 -44.80 -7.51 -10.00
N VAL C 275 -44.42 -7.84 -11.23
CA VAL C 275 -43.00 -7.83 -11.65
C VAL C 275 -42.72 -6.59 -12.51
N PRO C 276 -41.44 -6.24 -12.68
CA PRO C 276 -40.38 -6.70 -11.80
C PRO C 276 -40.27 -5.86 -10.53
N GLU C 277 -41.35 -5.23 -10.07
CA GLU C 277 -41.30 -4.53 -8.76
C GLU C 277 -40.83 -5.53 -7.70
N TYR C 278 -41.59 -6.61 -7.50
CA TYR C 278 -41.30 -7.65 -6.51
C TYR C 278 -40.81 -8.91 -7.23
N GLY C 279 -40.47 -9.92 -6.46
CA GLY C 279 -40.02 -11.21 -7.01
C GLY C 279 -41.12 -11.90 -7.77
N ALA C 280 -40.76 -12.85 -8.62
CA ALA C 280 -41.73 -13.52 -9.50
C ALA C 280 -42.27 -14.74 -8.79
N THR C 281 -43.58 -14.94 -8.86
CA THR C 281 -44.31 -15.96 -8.07
C THR C 281 -44.86 -17.07 -8.96
N THR C 282 -44.68 -16.97 -10.26
CA THR C 282 -45.08 -18.02 -11.22
C THR C 282 -44.02 -18.09 -12.30
N PHE C 283 -44.10 -19.11 -13.14
CA PHE C 283 -43.14 -19.23 -14.25
C PHE C 283 -43.43 -18.13 -15.27
N TRP C 284 -44.71 -17.96 -15.66
CA TRP C 284 -45.15 -16.85 -16.54
C TRP C 284 -44.52 -15.55 -16.01
N GLU C 285 -44.71 -15.31 -14.72
CA GLU C 285 -44.27 -14.08 -14.03
C GLU C 285 -42.73 -13.99 -14.04
N ALA C 286 -42.04 -15.13 -14.01
CA ALA C 286 -40.56 -15.18 -14.10
C ALA C 286 -40.10 -14.71 -15.48
N CYS C 287 -40.70 -15.24 -16.56
CA CYS C 287 -40.37 -14.81 -17.93
C CYS C 287 -40.58 -13.31 -18.08
N GLN C 288 -41.71 -12.81 -17.56
CA GLN C 288 -42.06 -11.38 -17.69
C GLN C 288 -41.00 -10.54 -16.96
N THR C 289 -40.48 -11.02 -15.83
CA THR C 289 -39.34 -10.33 -15.17
C THR C 289 -38.15 -10.33 -16.12
N PHE C 290 -37.85 -11.49 -16.71
CA PHE C 290 -36.74 -11.64 -17.67
C PHE C 290 -36.85 -10.56 -18.74
N TRP C 291 -37.94 -10.56 -19.50
CA TRP C 291 -38.05 -9.71 -20.70
C TRP C 291 -37.96 -8.23 -20.33
N PHE C 292 -38.57 -7.84 -19.21
CA PHE C 292 -38.51 -6.43 -18.76
C PHE C 292 -37.06 -6.00 -18.61
N ILE C 293 -36.22 -6.85 -18.02
CA ILE C 293 -34.78 -6.58 -17.84
C ILE C 293 -34.12 -6.54 -19.23
N GLN C 294 -34.38 -7.56 -20.04
CA GLN C 294 -33.68 -7.73 -21.33
C GLN C 294 -33.94 -6.55 -22.26
N SER C 295 -35.10 -5.90 -22.16
CA SER C 295 -35.46 -4.78 -23.06
C SER C 295 -35.09 -3.43 -22.46
N MET C 296 -35.34 -3.22 -21.16
CA MET C 296 -35.05 -1.94 -20.49
C MET C 296 -33.55 -1.65 -20.46
N LEU C 297 -32.72 -2.65 -20.19
CA LEU C 297 -31.25 -2.47 -20.26
C LEU C 297 -30.91 -1.91 -21.64
N GLN C 298 -31.65 -2.33 -22.67
CA GLN C 298 -31.43 -1.91 -24.07
C GLN C 298 -32.20 -0.64 -24.41
N ILE C 299 -33.17 -0.24 -23.59
CA ILE C 299 -33.76 1.13 -23.67
C ILE C 299 -32.77 2.12 -23.04
N GLU C 300 -32.05 1.70 -22.00
CA GLU C 300 -31.10 2.61 -21.33
C GLU C 300 -29.95 2.93 -22.28
N SER C 301 -29.48 1.93 -23.04
CA SER C 301 -28.20 1.99 -23.79
C SER C 301 -28.29 1.19 -25.07
N SER C 302 -27.61 1.65 -26.11
CA SER C 302 -27.67 1.03 -27.46
C SER C 302 -26.77 -0.20 -27.54
N GLY C 303 -25.96 -0.46 -26.51
CA GLY C 303 -25.07 -1.63 -26.45
C GLY C 303 -25.79 -2.90 -26.83
N HIS C 304 -25.29 -3.60 -27.84
CA HIS C 304 -25.79 -4.95 -28.16
C HIS C 304 -25.09 -5.95 -27.24
N SER C 305 -25.42 -7.22 -27.40
CA SER C 305 -24.83 -8.32 -26.61
C SER C 305 -25.24 -8.23 -25.14
N ILE C 306 -26.44 -7.71 -24.90
CA ILE C 306 -27.14 -7.99 -23.63
C ILE C 306 -27.49 -9.48 -23.70
N SER C 307 -26.72 -10.31 -23.01
CA SER C 307 -26.80 -11.78 -23.14
C SER C 307 -27.64 -12.35 -22.01
N PRO C 308 -28.77 -13.03 -22.29
CA PRO C 308 -29.52 -13.67 -21.22
C PRO C 308 -28.65 -14.48 -20.26
N GLY C 309 -27.60 -15.13 -20.75
CA GLY C 309 -26.65 -15.87 -19.91
C GLY C 309 -27.09 -17.28 -19.60
N ARG C 310 -26.87 -17.75 -18.36
CA ARG C 310 -27.30 -19.11 -17.95
C ARG C 310 -28.82 -19.11 -17.81
N PHE C 311 -29.55 -18.94 -18.90
CA PHE C 311 -31.01 -18.72 -18.84
C PHE C 311 -31.70 -19.90 -18.15
N ASP C 312 -31.25 -21.13 -18.41
CA ASP C 312 -31.92 -22.32 -17.85
C ASP C 312 -31.47 -22.58 -16.41
N GLN C 313 -30.51 -21.83 -15.89
CA GLN C 313 -30.04 -22.05 -14.51
C GLN C 313 -30.83 -21.17 -13.56
N TYR C 314 -31.10 -19.93 -13.95
CA TYR C 314 -31.74 -18.92 -13.09
C TYR C 314 -33.24 -18.82 -13.36
N MET C 315 -33.75 -19.49 -14.39
CA MET C 315 -35.21 -19.55 -14.61
C MET C 315 -35.81 -20.80 -13.99
N TYR C 316 -35.09 -21.93 -13.99
CA TYR C 316 -35.67 -23.24 -13.57
C TYR C 316 -36.37 -23.16 -12.21
N PRO C 317 -35.75 -22.65 -11.12
CA PRO C 317 -36.43 -22.68 -9.82
C PRO C 317 -37.88 -22.15 -9.89
N TYR C 318 -38.16 -21.23 -10.81
CA TYR C 318 -39.52 -20.66 -10.99
C TYR C 318 -40.40 -21.60 -11.80
N LEU C 319 -39.84 -22.37 -12.75
CA LEU C 319 -40.63 -23.41 -13.44
C LEU C 319 -40.93 -24.57 -12.49
N ALA C 320 -39.92 -25.01 -11.74
CA ALA C 320 -40.03 -26.18 -10.85
C ALA C 320 -40.93 -25.89 -9.65
N ALA C 321 -41.11 -24.61 -9.28
CA ALA C 321 -41.96 -24.20 -8.14
C ALA C 321 -43.38 -23.87 -8.58
N ASP C 322 -43.56 -23.34 -9.80
CA ASP C 322 -44.91 -23.15 -10.39
C ASP C 322 -45.51 -24.55 -10.60
N THR C 323 -46.46 -24.92 -9.74
CA THR C 323 -47.13 -26.24 -9.79
C THR C 323 -48.43 -26.20 -10.58
N ALA C 324 -48.86 -25.02 -11.05
CA ALA C 324 -50.16 -24.83 -11.72
C ALA C 324 -50.00 -24.75 -13.24
N ILE C 325 -48.77 -24.71 -13.75
CA ILE C 325 -48.52 -24.49 -15.19
C ILE C 325 -48.40 -25.85 -15.87
N SER C 326 -49.00 -25.98 -17.05
CA SER C 326 -48.86 -27.17 -17.90
C SER C 326 -47.54 -27.08 -18.66
N SER C 327 -46.96 -28.24 -19.01
CA SER C 327 -45.71 -28.27 -19.79
C SER C 327 -45.93 -27.62 -21.16
N GLU C 328 -47.16 -27.67 -21.67
CA GLU C 328 -47.50 -27.10 -22.98
C GLU C 328 -47.42 -25.59 -22.92
N PHE C 329 -48.00 -24.98 -21.89
CA PHE C 329 -48.01 -23.50 -21.76
C PHE C 329 -46.62 -22.99 -21.36
N ALA C 330 -45.85 -23.79 -20.60
CA ALA C 330 -44.49 -23.41 -20.18
C ALA C 330 -43.60 -23.23 -21.41
N GLN C 331 -43.71 -24.15 -22.37
CA GLN C 331 -42.91 -24.06 -23.61
C GLN C 331 -43.47 -22.95 -24.50
N GLU C 332 -44.79 -22.81 -24.59
CA GLU C 332 -45.39 -21.67 -25.32
C GLU C 332 -44.78 -20.37 -24.77
N LEU C 333 -44.66 -20.26 -23.44
CA LEU C 333 -44.15 -19.02 -22.80
C LEU C 333 -42.66 -18.81 -23.11
N VAL C 334 -41.87 -19.88 -23.05
CA VAL C 334 -40.45 -19.81 -23.46
C VAL C 334 -40.40 -19.46 -24.95
N ASP C 335 -41.32 -20.01 -25.74
CA ASP C 335 -41.41 -19.68 -27.18
C ASP C 335 -41.61 -18.17 -27.35
N CYS C 336 -42.42 -17.53 -26.50
CA CYS C 336 -42.72 -16.10 -26.69
C CYS C 336 -41.47 -15.25 -26.45
N CYS C 337 -40.64 -15.65 -25.47
CA CYS C 337 -39.39 -14.91 -25.14
C CYS C 337 -38.39 -15.05 -26.27
N TRP C 338 -38.32 -16.24 -26.85
CA TRP C 338 -37.47 -16.46 -28.05
C TRP C 338 -37.85 -15.43 -29.09
N ILE C 339 -39.15 -15.32 -29.39
CA ILE C 339 -39.67 -14.35 -30.38
C ILE C 339 -39.39 -12.94 -29.90
N LYS C 340 -39.78 -12.62 -28.65
CA LYS C 340 -39.62 -11.24 -28.14
C LYS C 340 -38.15 -10.80 -28.25
N LEU C 341 -37.20 -11.71 -28.07
CA LEU C 341 -35.76 -11.39 -28.21
C LEU C 341 -35.47 -10.89 -29.62
N ASN C 342 -36.15 -11.42 -30.63
CA ASN C 342 -35.97 -10.99 -32.04
C ASN C 342 -36.62 -9.63 -32.29
N ASP C 343 -37.37 -9.08 -31.34
CA ASP C 343 -38.06 -7.80 -31.54
C ASP C 343 -37.06 -6.65 -31.39
N ILE C 344 -36.00 -6.85 -30.61
CA ILE C 344 -35.00 -5.76 -30.40
C ILE C 344 -34.18 -5.62 -31.68
N ASN C 345 -33.88 -4.38 -32.04
CA ASN C 345 -33.12 -4.07 -33.27
C ASN C 345 -32.28 -2.82 -33.02
N LYS C 346 -31.37 -2.54 -33.94
CA LYS C 346 -30.37 -1.49 -33.72
C LYS C 346 -29.74 -1.06 -35.03
N THR C 347 -29.74 0.26 -35.26
CA THR C 347 -29.13 0.86 -36.46
C THR C 347 -27.79 1.46 -36.08
N ARG C 348 -26.82 1.25 -36.95
CA ARG C 348 -25.48 1.85 -36.84
C ARG C 348 -25.11 2.32 -38.23
N ASP C 349 -24.12 3.21 -38.30
CA ASP C 349 -23.87 3.97 -39.54
C ASP C 349 -23.61 2.99 -40.70
N GLU C 350 -23.70 3.53 -41.91
CA GLU C 350 -23.78 2.79 -43.19
C GLU C 350 -22.70 1.71 -43.27
N ILE C 351 -21.48 2.01 -42.80
CA ILE C 351 -20.33 1.09 -42.85
C ILE C 351 -20.36 0.13 -41.64
N SER C 352 -20.51 0.67 -40.43
CA SER C 352 -20.53 -0.16 -39.20
C SER C 352 -21.58 -1.26 -39.34
N ALA C 353 -22.66 -1.01 -40.09
CA ALA C 353 -23.75 -1.98 -40.26
C ALA C 353 -23.24 -3.22 -41.00
N GLN C 354 -22.26 -3.07 -41.91
CA GLN C 354 -21.71 -4.21 -42.67
C GLN C 354 -20.85 -5.10 -41.78
N ALA C 355 -20.44 -4.63 -40.60
CA ALA C 355 -19.66 -5.43 -39.64
C ALA C 355 -20.57 -6.19 -38.68
N PHE C 356 -21.78 -5.67 -38.44
CA PHE C 356 -22.74 -6.22 -37.47
C PHE C 356 -24.06 -6.56 -38.16
N ALA C 357 -23.97 -7.06 -39.40
CA ALA C 357 -25.12 -7.21 -40.32
C ALA C 357 -26.02 -8.37 -39.90
N GLY C 358 -27.29 -8.30 -40.27
CA GLY C 358 -28.31 -9.31 -39.95
C GLY C 358 -29.47 -8.74 -39.15
N TYR C 359 -29.45 -7.44 -38.84
CA TYR C 359 -30.29 -6.83 -37.78
C TYR C 359 -29.95 -7.51 -36.45
N ALA C 360 -28.68 -7.38 -36.06
CA ALA C 360 -28.05 -8.24 -35.04
C ALA C 360 -27.75 -7.42 -33.79
N VAL C 361 -28.31 -7.86 -32.65
CA VAL C 361 -27.95 -7.33 -31.32
C VAL C 361 -27.25 -8.40 -30.49
N PHE C 362 -26.98 -9.58 -31.09
CA PHE C 362 -26.12 -10.65 -30.53
C PHE C 362 -26.43 -10.93 -29.06
N GLN C 363 -27.71 -11.14 -28.73
CA GLN C 363 -28.14 -11.42 -27.34
C GLN C 363 -28.06 -12.93 -27.09
N ASN C 364 -26.98 -13.35 -26.45
CA ASN C 364 -26.55 -14.76 -26.40
C ASN C 364 -27.09 -15.42 -25.15
N LEU C 365 -27.52 -16.67 -25.30
CA LEU C 365 -28.20 -17.46 -24.26
C LEU C 365 -27.71 -18.89 -24.36
N CYS C 366 -27.17 -19.44 -23.27
CA CYS C 366 -26.63 -20.81 -23.26
C CYS C 366 -27.43 -21.69 -22.31
N VAL C 367 -27.31 -22.99 -22.51
CA VAL C 367 -27.93 -24.01 -21.63
C VAL C 367 -26.87 -25.02 -21.24
N GLY C 368 -26.91 -25.48 -20.00
CA GLY C 368 -26.13 -26.63 -19.55
C GLY C 368 -24.73 -26.23 -19.12
N GLY C 369 -23.84 -27.23 -19.11
CA GLY C 369 -22.48 -27.10 -18.57
C GLY C 369 -22.43 -27.60 -17.15
N GLN C 370 -21.69 -26.90 -16.29
CA GLN C 370 -21.51 -27.28 -14.88
C GLN C 370 -22.24 -26.28 -14.00
N THR C 371 -22.43 -26.69 -12.75
CA THR C 371 -22.83 -25.79 -11.66
C THR C 371 -21.57 -25.34 -10.93
N GLU C 372 -21.74 -24.61 -9.84
CA GLU C 372 -20.63 -24.20 -8.94
C GLU C 372 -19.83 -25.44 -8.50
N ASP C 373 -20.53 -26.56 -8.32
CA ASP C 373 -20.07 -27.74 -7.56
C ASP C 373 -19.26 -28.73 -8.40
N GLY C 374 -19.10 -28.48 -9.70
CA GLY C 374 -18.51 -29.46 -10.62
C GLY C 374 -19.48 -30.57 -10.97
N ARG C 375 -20.77 -30.36 -10.72
CA ARG C 375 -21.83 -31.30 -11.11
C ARG C 375 -22.51 -30.76 -12.37
N ASP C 376 -22.92 -31.66 -13.27
CA ASP C 376 -23.59 -31.24 -14.53
C ASP C 376 -24.79 -30.35 -14.19
N ALA C 377 -25.30 -29.59 -15.16
CA ALA C 377 -26.31 -28.55 -14.88
C ALA C 377 -27.62 -28.77 -15.64
N THR C 378 -27.73 -29.84 -16.42
CA THR C 378 -28.95 -30.09 -17.21
C THR C 378 -30.17 -30.14 -16.29
N ASN C 379 -31.29 -29.61 -16.81
CA ASN C 379 -32.62 -29.64 -16.16
C ASN C 379 -33.66 -29.71 -17.28
N PRO C 380 -34.94 -29.88 -16.96
CA PRO C 380 -35.96 -29.89 -18.02
C PRO C 380 -36.02 -28.61 -18.86
N LEU C 381 -35.76 -27.45 -18.26
CA LEU C 381 -35.89 -26.16 -18.99
C LEU C 381 -34.75 -26.01 -20.00
N THR C 382 -33.62 -26.67 -19.74
CA THR C 382 -32.53 -26.84 -20.73
C THR C 382 -33.09 -27.34 -22.07
N TYR C 383 -33.83 -28.45 -22.05
CA TYR C 383 -34.35 -29.05 -23.30
C TYR C 383 -35.53 -28.24 -23.83
N MET C 384 -36.22 -27.52 -22.94
CA MET C 384 -37.30 -26.59 -23.34
C MET C 384 -36.70 -25.44 -24.16
N CYS C 385 -35.54 -24.90 -23.75
CA CYS C 385 -34.84 -23.86 -24.51
C CYS C 385 -34.38 -24.38 -25.88
N MET C 386 -33.96 -25.65 -25.96
CA MET C 386 -33.63 -26.29 -27.25
C MET C 386 -34.89 -26.42 -28.11
N GLU C 387 -36.00 -26.92 -27.54
CA GLU C 387 -37.28 -27.00 -28.28
C GLU C 387 -37.71 -25.62 -28.78
N ALA C 388 -37.50 -24.57 -27.98
CA ALA C 388 -37.95 -23.21 -28.34
C ALA C 388 -37.26 -22.76 -29.61
N THR C 389 -35.96 -23.07 -29.76
CA THR C 389 -35.24 -22.71 -31.00
C THR C 389 -35.78 -23.53 -32.17
N ALA C 390 -36.12 -24.79 -31.94
CA ALA C 390 -36.72 -25.65 -32.98
C ALA C 390 -38.11 -25.14 -33.34
N HIS C 391 -38.81 -24.54 -32.37
CA HIS C 391 -40.17 -23.98 -32.54
C HIS C 391 -40.11 -22.68 -33.33
N VAL C 392 -39.28 -21.75 -32.87
CA VAL C 392 -39.32 -20.36 -33.36
C VAL C 392 -38.52 -20.30 -34.66
N ARG C 393 -37.19 -20.49 -34.55
CA ARG C 393 -36.26 -20.58 -35.70
C ARG C 393 -35.96 -19.22 -36.32
N LEU C 394 -35.94 -18.17 -35.50
CA LEU C 394 -35.50 -16.82 -35.91
C LEU C 394 -34.07 -16.63 -35.46
N PRO C 395 -33.38 -15.57 -35.91
CA PRO C 395 -31.96 -15.42 -35.60
C PRO C 395 -31.62 -15.32 -34.11
N GLN C 396 -32.50 -14.78 -33.28
CA GLN C 396 -32.24 -14.62 -31.84
C GLN C 396 -33.13 -15.56 -31.04
N PRO C 397 -32.69 -15.98 -29.83
CA PRO C 397 -31.38 -15.62 -29.30
C PRO C 397 -30.24 -16.31 -30.04
N SER C 398 -29.03 -15.77 -29.92
CA SER C 398 -27.80 -16.44 -30.40
C SER C 398 -27.57 -17.63 -29.48
N PHE C 399 -28.33 -18.70 -29.71
CA PHE C 399 -28.41 -19.88 -28.83
C PHE C 399 -27.04 -20.59 -28.75
N SER C 400 -26.71 -21.07 -27.55
CA SER C 400 -25.42 -21.73 -27.28
C SER C 400 -25.61 -22.85 -26.28
N ILE C 401 -24.67 -23.79 -26.25
CA ILE C 401 -24.59 -24.86 -25.24
C ILE C 401 -23.17 -24.87 -24.66
N ARG C 402 -23.09 -25.21 -23.37
CA ARG C 402 -21.80 -25.43 -22.69
C ARG C 402 -21.56 -26.94 -22.66
N VAL C 403 -20.35 -27.34 -23.06
CA VAL C 403 -19.93 -28.76 -23.09
C VAL C 403 -18.84 -28.92 -22.05
N TRP C 404 -18.81 -30.07 -21.39
CA TRP C 404 -17.68 -30.45 -20.52
C TRP C 404 -17.59 -31.97 -20.46
N GLN C 405 -16.56 -32.50 -19.83
CA GLN C 405 -16.29 -33.95 -19.86
C GLN C 405 -17.53 -34.72 -19.36
N GLY C 406 -18.27 -34.15 -18.42
CA GLY C 406 -19.45 -34.80 -17.85
C GLY C 406 -20.74 -34.41 -18.55
N THR C 407 -20.67 -33.93 -19.80
CA THR C 407 -21.88 -33.56 -20.57
C THR C 407 -22.61 -34.84 -20.94
N PRO C 408 -23.86 -35.02 -20.48
CA PRO C 408 -24.65 -36.19 -20.90
C PRO C 408 -24.76 -36.27 -22.41
N ASP C 409 -24.56 -37.47 -22.95
CA ASP C 409 -24.74 -37.71 -24.40
C ASP C 409 -26.14 -37.28 -24.80
N GLU C 410 -27.14 -37.65 -23.99
CA GLU C 410 -28.53 -37.15 -24.10
C GLU C 410 -28.52 -35.69 -24.58
N PHE C 411 -27.75 -34.85 -23.90
CA PHE C 411 -27.72 -33.38 -24.12
C PHE C 411 -26.80 -33.07 -25.30
N LEU C 412 -25.73 -33.83 -25.52
CA LEU C 412 -24.85 -33.55 -26.67
C LEU C 412 -25.51 -33.99 -27.97
N TYR C 413 -26.24 -35.10 -27.93
CA TYR C 413 -26.87 -35.65 -29.16
C TYR C 413 -28.12 -34.84 -29.49
N ARG C 414 -28.86 -34.41 -28.46
CA ARG C 414 -30.02 -33.52 -28.69
C ARG C 414 -29.57 -32.20 -29.32
N ALA C 415 -28.53 -31.56 -28.75
CA ALA C 415 -28.00 -30.29 -29.26
C ALA C 415 -27.63 -30.41 -30.75
N CYS C 416 -27.12 -31.58 -31.15
CA CYS C 416 -26.68 -31.82 -32.54
C CYS C 416 -27.88 -32.01 -33.48
N GLU C 417 -28.92 -32.70 -33.03
CA GLU C 417 -30.21 -32.81 -33.77
C GLU C 417 -30.72 -31.42 -34.12
N LEU C 418 -30.62 -30.48 -33.19
CA LEU C 418 -31.04 -29.08 -33.41
C LEU C 418 -30.05 -28.39 -34.34
N VAL C 419 -28.77 -28.74 -34.28
CA VAL C 419 -27.74 -28.17 -35.20
C VAL C 419 -28.10 -28.52 -36.64
N ARG C 420 -28.71 -29.70 -36.86
CA ARG C 420 -28.91 -30.27 -38.20
C ARG C 420 -30.15 -29.68 -38.90
N LEU C 421 -30.94 -28.87 -38.21
CA LEU C 421 -32.02 -28.07 -38.83
C LEU C 421 -31.43 -26.98 -39.73
N GLY C 422 -30.14 -26.70 -39.59
CA GLY C 422 -29.44 -25.76 -40.47
C GLY C 422 -29.49 -24.33 -39.99
N LEU C 423 -29.96 -24.08 -38.77
CA LEU C 423 -30.15 -22.70 -38.25
C LEU C 423 -28.86 -22.11 -37.69
N GLY C 424 -27.80 -22.92 -37.54
CA GLY C 424 -26.53 -22.44 -36.99
C GLY C 424 -26.42 -22.61 -35.49
N VAL C 425 -27.54 -22.75 -34.79
CA VAL C 425 -27.61 -22.85 -33.31
C VAL C 425 -27.83 -24.31 -32.90
N PRO C 426 -27.41 -24.71 -31.69
CA PRO C 426 -26.54 -23.91 -30.82
C PRO C 426 -25.07 -23.85 -31.28
N ALA C 427 -24.41 -22.75 -30.96
CA ALA C 427 -22.94 -22.68 -30.91
C ALA C 427 -22.46 -23.54 -29.76
N MET C 428 -21.22 -24.01 -29.83
CA MET C 428 -20.68 -24.98 -28.87
C MET C 428 -19.41 -24.43 -28.23
N TYR C 429 -19.42 -24.31 -26.90
CA TYR C 429 -18.27 -23.85 -26.10
C TYR C 429 -17.79 -24.97 -25.18
N ASN C 430 -16.55 -24.86 -24.77
CA ASN C 430 -15.80 -25.98 -24.15
C ASN C 430 -15.32 -25.53 -22.78
N ASP C 431 -16.03 -25.95 -21.73
CA ASP C 431 -15.72 -25.58 -20.33
C ASP C 431 -14.24 -25.75 -20.04
N GLU C 432 -13.63 -26.83 -20.54
CA GLU C 432 -12.30 -27.22 -20.05
C GLU C 432 -11.19 -26.30 -20.59
N VAL C 433 -11.49 -25.51 -21.61
CA VAL C 433 -10.57 -24.46 -22.09
C VAL C 433 -10.98 -23.15 -21.44
N ILE C 434 -12.28 -22.84 -21.47
CA ILE C 434 -12.80 -21.53 -21.06
C ILE C 434 -12.53 -21.30 -19.57
N ILE C 435 -12.70 -22.33 -18.74
CA ILE C 435 -12.62 -22.14 -17.27
C ILE C 435 -11.16 -21.87 -16.91
N PRO C 436 -10.19 -22.70 -17.33
CA PRO C 436 -8.80 -22.34 -17.09
C PRO C 436 -8.43 -20.97 -17.68
N ALA C 437 -8.83 -20.69 -18.93
CA ALA C 437 -8.51 -19.42 -19.61
C ALA C 437 -8.92 -18.25 -18.73
N LEU C 438 -10.08 -18.35 -18.10
CA LEU C 438 -10.59 -17.30 -17.19
C LEU C 438 -9.76 -17.24 -15.91
N GLN C 439 -9.50 -18.39 -15.28
CA GLN C 439 -8.65 -18.44 -14.07
C GLN C 439 -7.30 -17.81 -14.37
N ASN C 440 -6.76 -18.02 -15.57
CA ASN C 440 -5.51 -17.36 -15.97
C ASN C 440 -5.66 -15.84 -15.92
N ARG C 441 -6.88 -15.30 -16.06
CA ARG C 441 -7.10 -13.83 -16.06
C ARG C 441 -7.57 -13.31 -14.69
N GLY C 442 -7.66 -14.19 -13.70
CA GLY C 442 -8.00 -13.78 -12.32
C GLY C 442 -9.37 -14.24 -11.86
N VAL C 443 -10.14 -14.92 -12.71
CA VAL C 443 -11.48 -15.39 -12.31
C VAL C 443 -11.31 -16.55 -11.34
N SER C 444 -12.06 -16.56 -10.24
CA SER C 444 -12.00 -17.67 -9.25
C SER C 444 -12.71 -18.88 -9.84
N LEU C 445 -12.26 -20.09 -9.48
CA LEU C 445 -12.81 -21.33 -10.06
C LEU C 445 -14.31 -21.41 -9.81
N HIS C 446 -14.78 -20.95 -8.65
CA HIS C 446 -16.22 -20.93 -8.33
C HIS C 446 -16.93 -20.05 -9.36
N ASP C 447 -16.46 -18.81 -9.51
CA ASP C 447 -17.05 -17.85 -10.46
C ASP C 447 -16.99 -18.41 -11.88
N ALA C 448 -15.81 -18.83 -12.33
CA ALA C 448 -15.58 -19.27 -13.71
C ALA C 448 -16.52 -20.41 -14.09
N ARG C 449 -16.90 -21.28 -13.16
CA ARG C 449 -17.81 -22.40 -13.49
C ARG C 449 -19.18 -21.90 -13.86
N ASP C 450 -19.57 -20.74 -13.34
CA ASP C 450 -20.89 -20.14 -13.53
C ASP C 450 -20.96 -19.38 -14.85
N TYR C 451 -19.89 -19.42 -15.63
CA TYR C 451 -19.73 -18.52 -16.79
C TYR C 451 -20.87 -18.72 -17.77
N CYS C 452 -21.27 -17.62 -18.41
CA CYS C 452 -22.13 -17.61 -19.60
C CYS C 452 -21.28 -17.17 -20.80
N ILE C 453 -21.88 -17.16 -21.99
CA ILE C 453 -21.22 -16.60 -23.20
C ILE C 453 -21.85 -15.26 -23.53
N ILE C 454 -21.01 -14.29 -23.85
CA ILE C 454 -21.43 -12.91 -24.19
C ILE C 454 -21.24 -12.73 -25.68
N GLY C 455 -22.30 -12.37 -26.37
CA GLY C 455 -22.20 -11.89 -27.75
C GLY C 455 -22.01 -13.03 -28.73
N CYS C 456 -20.84 -13.11 -29.37
CA CYS C 456 -20.54 -14.20 -30.31
C CYS C 456 -19.94 -15.39 -29.55
N VAL C 457 -18.73 -15.21 -28.99
CA VAL C 457 -17.93 -16.32 -28.43
C VAL C 457 -17.21 -15.91 -27.13
N GLU C 458 -17.70 -14.91 -26.41
CA GLU C 458 -16.93 -14.26 -25.32
C GLU C 458 -17.43 -14.71 -23.95
N PRO C 459 -16.59 -15.37 -23.13
CA PRO C 459 -16.99 -15.78 -21.78
C PRO C 459 -16.65 -14.79 -20.66
N GLN C 460 -17.52 -14.75 -19.66
CA GLN C 460 -17.34 -13.98 -18.42
C GLN C 460 -18.08 -14.68 -17.29
N ALA C 461 -17.59 -14.51 -16.07
CA ALA C 461 -18.40 -14.83 -14.89
C ALA C 461 -19.57 -13.86 -14.87
N PRO C 462 -20.82 -14.31 -15.07
CA PRO C 462 -21.91 -13.37 -15.31
C PRO C 462 -22.28 -12.64 -14.03
N HIS C 463 -22.95 -11.50 -14.20
CA HIS C 463 -23.30 -10.54 -13.13
C HIS C 463 -22.11 -10.27 -12.21
N ARG C 464 -20.89 -10.32 -12.75
CA ARG C 464 -19.70 -9.96 -11.96
C ARG C 464 -18.68 -9.16 -12.80
N THR C 465 -19.03 -8.77 -14.02
CA THR C 465 -17.99 -8.42 -15.00
C THR C 465 -18.43 -7.29 -15.93
N GLU C 466 -17.65 -6.21 -15.95
CA GLU C 466 -17.63 -5.29 -17.10
C GLU C 466 -16.52 -5.77 -18.03
N GLY C 467 -16.84 -6.70 -18.92
CA GLY C 467 -15.85 -7.38 -19.78
C GLY C 467 -15.44 -6.59 -21.02
N TRP C 468 -16.29 -5.69 -21.52
CA TRP C 468 -15.94 -4.87 -22.72
C TRP C 468 -15.47 -5.79 -23.84
N HIS C 469 -16.36 -6.69 -24.26
CA HIS C 469 -16.01 -7.95 -24.96
C HIS C 469 -15.89 -7.79 -26.48
N ASP C 470 -16.31 -6.66 -27.06
CA ASP C 470 -16.01 -6.32 -28.48
C ASP C 470 -15.63 -4.85 -28.58
N ALA C 471 -14.66 -4.43 -27.76
CA ALA C 471 -14.13 -3.06 -27.76
C ALA C 471 -13.62 -2.66 -29.14
N ALA C 472 -13.07 -3.61 -29.90
CA ALA C 472 -12.20 -3.27 -31.04
C ALA C 472 -12.10 -4.44 -32.03
N PHE C 473 -11.90 -4.09 -33.30
CA PHE C 473 -11.41 -5.00 -34.35
C PHE C 473 -9.99 -4.58 -34.70
N PHE C 474 -9.10 -5.56 -34.83
CA PHE C 474 -7.66 -5.34 -35.07
C PHE C 474 -7.24 -6.22 -36.24
N ASN C 475 -6.64 -5.58 -37.25
CA ASN C 475 -6.33 -6.21 -38.55
C ASN C 475 -4.88 -6.74 -38.51
N VAL C 476 -4.72 -8.02 -38.20
CA VAL C 476 -3.38 -8.65 -38.07
C VAL C 476 -2.80 -8.91 -39.47
N ALA C 477 -3.64 -9.14 -40.48
CA ALA C 477 -3.17 -9.25 -41.88
C ALA C 477 -2.61 -7.91 -42.35
N LYS C 478 -3.29 -6.82 -41.99
CA LYS C 478 -2.84 -5.45 -42.34
C LYS C 478 -1.48 -5.16 -41.70
N VAL C 479 -1.26 -5.62 -40.47
CA VAL C 479 0.06 -5.42 -39.81
C VAL C 479 1.14 -6.17 -40.60
N LEU C 480 0.80 -7.28 -41.24
CA LEU C 480 1.76 -8.04 -42.08
C LEU C 480 2.14 -7.20 -43.30
N GLU C 481 1.17 -6.67 -44.04
CA GLU C 481 1.39 -5.64 -45.08
C GLU C 481 2.43 -4.62 -44.59
N ILE C 482 2.14 -3.96 -43.47
CA ILE C 482 2.88 -2.77 -43.03
C ILE C 482 4.27 -3.21 -42.59
N THR C 483 4.42 -4.47 -42.18
CA THR C 483 5.76 -5.02 -41.90
C THR C 483 6.54 -5.18 -43.20
N LEU C 484 5.93 -5.79 -44.22
CA LEU C 484 6.62 -6.09 -45.50
C LEU C 484 6.78 -4.81 -46.32
N ASN C 485 6.25 -3.69 -45.83
CA ASN C 485 6.44 -2.38 -46.47
C ASN C 485 7.06 -1.42 -45.45
N ASN C 486 7.81 -1.96 -44.51
CA ASN C 486 8.66 -1.16 -43.60
C ASN C 486 7.85 0.00 -43.01
N GLY C 487 6.74 -0.32 -42.33
CA GLY C 487 5.95 0.67 -41.61
C GLY C 487 5.23 1.69 -42.49
N ARG C 488 4.95 1.36 -43.76
CA ARG C 488 4.19 2.26 -44.66
C ARG C 488 2.84 1.63 -45.00
N SER C 489 1.81 2.46 -45.14
CA SER C 489 0.53 2.06 -45.77
C SER C 489 0.17 3.07 -46.85
N GLY C 490 0.08 2.61 -48.11
CA GLY C 490 0.08 3.53 -49.25
C GLY C 490 1.29 4.44 -49.17
N ASN C 491 1.07 5.75 -49.23
CA ASN C 491 2.14 6.77 -49.07
C ASN C 491 1.98 7.43 -47.70
N LYS C 492 2.34 6.70 -46.64
CA LYS C 492 2.37 7.26 -45.28
C LYS C 492 3.20 6.35 -44.38
N GLN C 493 4.11 6.94 -43.62
CA GLN C 493 4.95 6.24 -42.61
C GLN C 493 4.10 6.01 -41.37
N LEU C 494 3.39 4.88 -41.34
CA LEU C 494 2.39 4.62 -40.29
C LEU C 494 3.01 3.88 -39.11
N GLY C 495 3.84 2.88 -39.38
CA GLY C 495 4.53 2.11 -38.34
C GLY C 495 5.98 2.56 -38.25
N PRO C 496 6.77 1.97 -37.33
CA PRO C 496 8.20 2.25 -37.28
C PRO C 496 8.93 1.63 -38.46
N MET C 497 10.10 2.15 -38.75
CA MET C 497 10.94 1.64 -39.86
C MET C 497 11.78 0.47 -39.34
N THR C 498 11.18 -0.72 -39.37
CA THR C 498 11.76 -1.97 -38.82
C THR C 498 12.62 -2.70 -39.85
N GLY C 499 12.69 -2.18 -41.08
CA GLY C 499 13.52 -2.75 -42.15
C GLY C 499 12.70 -3.10 -43.37
N GLU C 500 13.33 -3.03 -44.54
CA GLU C 500 12.69 -3.42 -45.82
C GLU C 500 12.81 -4.93 -45.95
N MET C 501 11.71 -5.60 -46.32
CA MET C 501 11.64 -7.08 -46.33
C MET C 501 12.72 -7.66 -47.23
N THR C 502 13.20 -6.88 -48.20
CA THR C 502 14.28 -7.33 -49.11
C THR C 502 15.60 -7.54 -48.37
N GLN C 503 15.77 -6.92 -47.21
CA GLN C 503 17.00 -7.04 -46.38
C GLN C 503 16.80 -8.02 -45.23
N TYR C 504 15.80 -8.91 -45.30
CA TYR C 504 15.63 -9.97 -44.29
C TYR C 504 16.62 -11.08 -44.61
N ALA C 505 17.47 -11.43 -43.63
CA ALA C 505 18.49 -12.47 -43.83
C ALA C 505 17.91 -13.85 -43.52
N GLY C 506 16.81 -13.90 -42.78
CA GLY C 506 16.15 -15.15 -42.40
C GLY C 506 14.83 -14.84 -41.74
N MET C 507 14.16 -15.86 -41.22
CA MET C 507 12.82 -15.68 -40.65
C MET C 507 12.90 -15.07 -39.25
N ASP C 508 14.01 -15.27 -38.54
CA ASP C 508 14.23 -14.55 -37.27
C ASP C 508 14.13 -13.06 -37.50
N ASP C 509 14.53 -12.61 -38.70
CA ASP C 509 14.49 -11.17 -39.07
C ASP C 509 13.05 -10.71 -39.27
N PHE C 510 12.19 -11.54 -39.89
CA PHE C 510 10.77 -11.19 -40.06
C PHE C 510 10.15 -11.01 -38.67
N TYR C 511 10.04 -12.10 -37.91
CA TYR C 511 9.35 -12.08 -36.60
C TYR C 511 9.86 -10.91 -35.76
N ALA C 512 11.16 -10.58 -35.86
CA ALA C 512 11.74 -9.48 -35.07
C ALA C 512 11.07 -8.16 -35.44
N ALA C 513 10.78 -7.95 -36.73
CA ALA C 513 10.16 -6.70 -37.25
C ALA C 513 8.64 -6.74 -37.06
N PHE C 514 8.04 -7.92 -37.16
CA PHE C 514 6.60 -8.14 -36.94
C PHE C 514 6.28 -7.75 -35.49
N LYS C 515 7.04 -8.29 -34.55
CA LYS C 515 6.82 -8.02 -33.11
C LYS C 515 6.93 -6.52 -32.84
N LYS C 516 7.82 -5.82 -33.55
CA LYS C 516 8.03 -4.37 -33.34
C LYS C 516 6.83 -3.59 -33.90
N GLN C 517 6.30 -4.01 -35.06
CA GLN C 517 5.05 -3.44 -35.63
C GLN C 517 3.86 -3.81 -34.72
N MET C 518 3.83 -5.04 -34.22
CA MET C 518 2.72 -5.53 -33.37
C MET C 518 2.75 -4.84 -32.00
N ALA C 519 3.89 -4.26 -31.60
CA ALA C 519 3.99 -3.54 -30.32
C ALA C 519 3.56 -2.08 -30.51
N HIS C 520 3.97 -1.48 -31.62
CA HIS C 520 3.61 -0.09 -31.96
C HIS C 520 2.09 0.02 -32.09
N PHE C 521 1.47 -0.90 -32.82
CA PHE C 521 0.05 -0.76 -33.21
C PHE C 521 -0.87 -1.26 -32.11
N VAL C 522 -0.41 -2.16 -31.23
CA VAL C 522 -1.29 -2.56 -30.12
C VAL C 522 -1.29 -1.44 -29.08
N HIS C 523 -0.19 -0.72 -28.94
CA HIS C 523 -0.16 0.44 -28.01
C HIS C 523 -1.23 1.45 -28.40
N GLN C 524 -1.37 1.73 -29.70
CA GLN C 524 -2.40 2.66 -30.21
C GLN C 524 -3.79 2.04 -30.10
N LEU C 525 -3.91 0.75 -30.39
CA LEU C 525 -5.19 0.05 -30.17
C LEU C 525 -5.65 0.28 -28.73
N VAL C 526 -4.72 0.16 -27.77
CA VAL C 526 -5.04 0.27 -26.33
C VAL C 526 -5.37 1.73 -25.99
N GLU C 527 -4.60 2.68 -26.53
CA GLU C 527 -4.91 4.12 -26.40
C GLU C 527 -6.33 4.41 -26.91
N ALA C 528 -6.74 3.74 -27.99
CA ALA C 528 -8.06 3.95 -28.60
C ALA C 528 -9.16 3.50 -27.64
N CYS C 529 -9.20 2.21 -27.30
CA CYS C 529 -10.22 1.68 -26.37
C CYS C 529 -10.15 2.39 -25.02
N ASN C 530 -8.96 2.79 -24.57
CA ASN C 530 -8.82 3.41 -23.23
C ASN C 530 -9.28 4.86 -23.27
N SER C 531 -9.19 5.50 -24.43
CA SER C 531 -9.80 6.84 -24.64
C SER C 531 -11.32 6.72 -24.69
N VAL C 532 -11.82 5.69 -25.36
CA VAL C 532 -13.29 5.42 -25.42
C VAL C 532 -13.77 4.91 -24.07
N ASP C 533 -12.91 4.29 -23.25
CA ASP C 533 -13.33 3.79 -21.93
C ASP C 533 -13.45 4.96 -20.95
N ILE C 534 -12.45 5.84 -20.95
CA ILE C 534 -12.49 7.09 -20.15
C ILE C 534 -13.77 7.85 -20.48
N ALA C 535 -14.09 7.94 -21.78
CA ALA C 535 -15.22 8.73 -22.30
C ALA C 535 -16.52 8.28 -21.66
N HIS C 536 -16.87 7.00 -21.81
CA HIS C 536 -18.12 6.44 -21.25
C HIS C 536 -18.16 6.62 -19.73
N GLY C 537 -17.04 6.49 -19.02
CA GLY C 537 -17.04 6.72 -17.57
C GLY C 537 -17.42 8.16 -17.24
N GLU C 538 -16.83 9.09 -17.97
CA GLU C 538 -16.86 10.53 -17.66
C GLU C 538 -18.22 11.12 -18.04
N ARG C 539 -18.83 10.64 -19.12
CA ARG C 539 -20.05 11.28 -19.67
C ARG C 539 -21.29 10.41 -19.52
N CYS C 540 -21.18 9.08 -19.54
CA CYS C 540 -22.36 8.19 -19.62
C CYS C 540 -22.21 6.94 -18.75
N PRO C 541 -22.10 7.09 -17.40
CA PRO C 541 -22.26 5.94 -16.52
C PRO C 541 -23.75 5.60 -16.35
N LEU C 542 -24.07 4.30 -16.37
CA LEU C 542 -25.46 3.81 -16.45
C LEU C 542 -25.94 3.32 -15.08
N PRO C 543 -26.74 4.10 -14.33
CA PRO C 543 -27.14 3.66 -13.00
C PRO C 543 -28.22 2.57 -13.04
N PHE C 544 -28.93 2.39 -14.15
CA PHE C 544 -29.90 1.28 -14.23
C PHE C 544 -29.13 -0.04 -14.36
N LEU C 545 -28.25 -0.14 -15.36
CA LEU C 545 -27.53 -1.41 -15.63
C LEU C 545 -26.54 -1.73 -14.49
N SER C 546 -25.95 -0.70 -13.87
CA SER C 546 -24.85 -0.90 -12.90
C SER C 546 -25.35 -1.66 -11.68
N ALA C 547 -26.61 -1.51 -11.31
CA ALA C 547 -27.13 -2.15 -10.08
C ALA C 547 -27.08 -3.68 -10.22
N LEU C 548 -27.35 -4.19 -11.43
CA LEU C 548 -27.53 -5.64 -11.66
C LEU C 548 -26.21 -6.34 -11.93
N VAL C 549 -25.07 -5.71 -11.65
CA VAL C 549 -23.74 -6.36 -11.76
C VAL C 549 -22.99 -6.13 -10.45
N ASP C 550 -22.46 -7.21 -9.87
CA ASP C 550 -21.61 -7.17 -8.66
C ASP C 550 -20.26 -6.62 -9.09
N ASP C 551 -19.69 -5.65 -8.35
CA ASP C 551 -19.98 -5.33 -6.96
C ASP C 551 -20.50 -3.89 -6.84
N CYS C 552 -21.18 -3.38 -7.87
CA CYS C 552 -21.38 -1.91 -8.06
C CYS C 552 -22.13 -1.30 -6.88
N ILE C 553 -23.23 -1.92 -6.47
CA ILE C 553 -24.00 -1.46 -5.29
C ILE C 553 -23.06 -1.44 -4.11
N GLY C 554 -22.23 -2.48 -3.98
CA GLY C 554 -21.26 -2.58 -2.88
C GLY C 554 -20.30 -1.40 -2.88
N ARG C 555 -19.62 -1.16 -3.99
CA ARG C 555 -18.54 -0.14 -4.01
C ARG C 555 -19.08 1.27 -4.18
N GLY C 556 -20.33 1.42 -4.65
CA GLY C 556 -20.86 2.74 -5.00
C GLY C 556 -20.16 3.33 -6.22
N LYS C 557 -19.91 2.50 -7.22
CA LYS C 557 -19.32 2.95 -8.50
C LYS C 557 -20.19 2.37 -9.62
N SER C 558 -20.28 3.06 -10.74
CA SER C 558 -20.85 2.46 -11.97
C SER C 558 -19.93 1.36 -12.48
N LEU C 559 -20.48 0.54 -13.36
CA LEU C 559 -19.69 -0.40 -14.18
C LEU C 559 -18.52 0.33 -14.83
N GLN C 560 -18.79 1.51 -15.37
CA GLN C 560 -17.86 2.27 -16.23
C GLN C 560 -16.75 2.94 -15.43
N GLU C 561 -16.81 2.92 -14.08
CA GLU C 561 -15.66 3.35 -13.24
C GLU C 561 -15.27 2.23 -12.25
N GLY C 562 -15.41 0.96 -12.67
CA GLY C 562 -14.72 -0.19 -12.06
C GLY C 562 -15.56 -0.97 -11.07
N GLY C 563 -16.83 -0.62 -10.87
CA GLY C 563 -17.68 -1.25 -9.85
C GLY C 563 -17.77 -2.76 -10.00
N ALA C 564 -17.42 -3.31 -11.16
CA ALA C 564 -17.51 -4.76 -11.39
C ALA C 564 -16.36 -5.49 -10.71
N ILE C 565 -16.60 -6.74 -10.33
CA ILE C 565 -15.57 -7.58 -9.68
C ILE C 565 -14.43 -7.74 -10.67
N TYR C 566 -14.74 -8.25 -11.86
CA TYR C 566 -13.80 -8.45 -12.97
C TYR C 566 -14.01 -7.35 -14.02
N ASN C 567 -12.89 -6.83 -14.54
CA ASN C 567 -12.87 -5.79 -15.59
C ASN C 567 -11.87 -6.21 -16.66
N PHE C 568 -12.27 -6.05 -17.92
CA PHE C 568 -11.50 -6.53 -19.08
C PHE C 568 -11.77 -5.64 -20.29
N THR C 569 -10.98 -5.87 -21.33
CA THR C 569 -11.16 -5.23 -22.64
C THR C 569 -10.72 -6.24 -23.70
N GLY C 570 -11.61 -6.56 -24.62
CA GLY C 570 -11.34 -7.54 -25.68
C GLY C 570 -11.34 -6.94 -27.07
N PRO C 571 -10.15 -6.73 -27.67
CA PRO C 571 -10.02 -6.41 -29.08
C PRO C 571 -9.84 -7.66 -29.93
N GLN C 572 -10.51 -7.69 -31.09
CA GLN C 572 -10.55 -8.89 -31.94
C GLN C 572 -9.56 -8.78 -33.07
N ALA C 573 -8.72 -9.81 -33.20
CA ALA C 573 -7.90 -10.01 -34.39
C ALA C 573 -8.79 -10.49 -35.52
N PHE C 574 -8.38 -10.20 -36.75
CA PHE C 574 -8.65 -11.14 -37.85
C PHE C 574 -7.63 -10.99 -38.96
N GLY C 575 -7.65 -11.97 -39.86
CA GLY C 575 -6.58 -12.22 -40.83
C GLY C 575 -5.58 -13.25 -40.33
N ILE C 576 -6.00 -14.16 -39.44
CA ILE C 576 -5.02 -15.03 -38.76
C ILE C 576 -4.58 -16.13 -39.72
N ALA C 577 -5.50 -17.00 -40.15
CA ALA C 577 -5.19 -18.01 -41.19
C ALA C 577 -4.47 -17.31 -42.35
N ASP C 578 -4.93 -16.11 -42.72
CA ASP C 578 -4.33 -15.27 -43.80
C ASP C 578 -2.90 -14.88 -43.42
N THR C 579 -2.66 -14.53 -42.15
CA THR C 579 -1.30 -14.12 -41.72
C THR C 579 -0.40 -15.34 -41.60
N GLY C 580 -0.90 -16.42 -41.00
CA GLY C 580 -0.11 -17.65 -40.87
C GLY C 580 0.38 -18.11 -42.23
N ASP C 581 -0.55 -18.30 -43.16
CA ASP C 581 -0.27 -18.92 -44.45
C ASP C 581 0.70 -18.06 -45.27
N SER C 582 0.57 -16.73 -45.18
CA SER C 582 1.52 -15.84 -45.90
C SER C 582 2.92 -16.01 -45.30
N VAL C 583 3.02 -16.06 -43.97
CA VAL C 583 4.35 -16.08 -43.30
C VAL C 583 5.02 -17.42 -43.55
N TYR C 584 4.29 -18.53 -43.46
CA TYR C 584 4.82 -19.87 -43.81
C TYR C 584 5.31 -19.86 -45.25
N ALA C 585 4.47 -19.33 -46.16
CA ALA C 585 4.81 -19.24 -47.59
C ALA C 585 6.18 -18.57 -47.79
N ILE C 586 6.45 -17.46 -47.09
CA ILE C 586 7.79 -16.82 -47.16
C ILE C 586 8.83 -17.82 -46.65
N GLN C 587 8.58 -18.42 -45.50
CA GLN C 587 9.48 -19.42 -44.90
C GLN C 587 9.80 -20.49 -45.95
N LYS C 588 8.78 -21.24 -46.38
CA LYS C 588 8.97 -22.40 -47.28
C LYS C 588 9.48 -21.93 -48.65
N GLN C 589 8.83 -20.95 -49.26
CA GLN C 589 9.04 -20.69 -50.71
C GLN C 589 10.21 -19.75 -50.98
N VAL C 590 10.57 -18.86 -50.06
CA VAL C 590 11.65 -17.87 -50.29
C VAL C 590 12.96 -18.33 -49.63
N PHE C 591 12.89 -18.70 -48.35
CA PHE C 591 14.06 -19.02 -47.50
C PHE C 591 14.38 -20.52 -47.50
N GLU C 592 13.36 -21.36 -47.52
CA GLU C 592 13.53 -22.82 -47.34
C GLU C 592 13.81 -23.47 -48.70
N ASP C 593 13.01 -23.17 -49.72
CA ASP C 593 13.08 -23.80 -51.06
C ASP C 593 13.50 -22.78 -52.14
N ARG C 594 13.82 -21.55 -51.74
CA ARG C 594 14.45 -20.52 -52.59
C ARG C 594 13.78 -20.44 -53.97
N ARG C 595 12.48 -20.70 -54.08
CA ARG C 595 11.78 -20.56 -55.38
C ARG C 595 11.68 -19.10 -55.81
N LEU C 596 11.97 -18.16 -54.91
CA LEU C 596 11.84 -16.71 -55.21
C LEU C 596 13.03 -15.95 -54.64
N THR C 597 13.23 -14.75 -55.17
CA THR C 597 13.95 -13.66 -54.48
C THR C 597 13.00 -13.01 -53.47
N LEU C 598 13.55 -12.46 -52.38
CA LEU C 598 12.79 -11.54 -51.50
C LEU C 598 12.41 -10.29 -52.31
N GLN C 599 13.21 -9.93 -53.32
CA GLN C 599 12.93 -8.81 -54.24
C GLN C 599 11.82 -9.19 -55.22
N GLU C 600 11.73 -10.45 -55.66
CA GLU C 600 10.65 -10.88 -56.59
C GLU C 600 9.31 -10.87 -55.87
N LEU C 601 9.32 -11.12 -54.57
CA LEU C 601 8.07 -11.18 -53.78
C LEU C 601 7.57 -9.77 -53.49
N LYS C 602 8.46 -8.85 -53.09
CA LYS C 602 8.10 -7.43 -52.95
C LYS C 602 7.59 -6.90 -54.28
N GLY C 603 8.18 -7.35 -55.40
CA GLY C 603 7.79 -6.88 -56.73
C GLY C 603 6.35 -7.27 -57.06
N ALA C 604 6.03 -8.56 -56.89
CA ALA C 604 4.72 -9.13 -57.22
C ALA C 604 3.63 -8.61 -56.29
N LEU C 605 3.93 -8.45 -54.99
CA LEU C 605 2.96 -7.88 -54.04
C LEU C 605 2.53 -6.50 -54.55
N ASP C 606 3.46 -5.55 -54.61
CA ASP C 606 3.20 -4.17 -55.09
C ASP C 606 2.37 -4.21 -56.38
N ALA C 607 2.69 -5.15 -57.27
CA ALA C 607 2.05 -5.31 -58.59
C ALA C 607 0.72 -6.08 -58.48
N ASN C 608 0.25 -6.34 -57.27
CA ASN C 608 -0.90 -7.24 -56.99
C ASN C 608 -0.81 -8.49 -57.87
N PHE C 609 0.31 -9.21 -57.75
CA PHE C 609 0.62 -10.45 -58.51
C PHE C 609 0.27 -10.26 -59.98
N GLY C 610 0.45 -9.03 -60.48
CA GLY C 610 0.11 -8.71 -61.86
C GLY C 610 -1.31 -9.10 -62.21
N TYR C 611 -2.31 -8.47 -61.58
CA TYR C 611 -3.73 -8.69 -61.91
C TYR C 611 -4.05 -8.00 -63.23
N ARG C 612 -3.85 -6.68 -63.28
CA ARG C 612 -4.01 -5.90 -64.53
C ARG C 612 -2.86 -6.18 -65.49
N SER C 613 -1.93 -7.07 -65.13
CA SER C 613 -0.58 -7.09 -65.75
C SER C 613 -0.57 -7.76 -67.12
N GLY C 614 -0.74 -9.07 -67.16
CA GLY C 614 -0.22 -9.89 -68.26
C GLY C 614 1.22 -10.33 -68.03
N ASN C 615 1.82 -10.02 -66.87
CA ASN C 615 3.17 -10.50 -66.50
C ASN C 615 3.12 -12.01 -66.26
N PRO C 616 3.87 -12.83 -67.03
CA PRO C 616 3.88 -14.27 -66.78
C PRO C 616 4.60 -14.67 -65.50
N ARG C 617 5.75 -14.07 -65.19
CA ARG C 617 6.51 -14.44 -63.98
C ARG C 617 5.67 -14.16 -62.72
N TYR C 618 4.97 -13.03 -62.67
CA TYR C 618 4.15 -12.67 -61.48
C TYR C 618 3.03 -13.69 -61.25
N GLU C 619 2.58 -14.39 -62.30
CA GLU C 619 1.60 -15.50 -62.14
C GLU C 619 2.31 -16.76 -61.62
N GLU C 620 3.41 -17.15 -62.27
CA GLU C 620 4.24 -18.29 -61.79
C GLU C 620 4.56 -18.11 -60.31
N ILE C 621 4.78 -16.86 -59.89
CA ILE C 621 5.08 -16.56 -58.47
C ILE C 621 3.85 -16.82 -57.61
N ARG C 622 2.69 -16.29 -57.99
CA ARG C 622 1.44 -16.55 -57.23
C ARG C 622 1.13 -18.05 -57.22
N HIS C 623 1.34 -18.72 -58.35
CA HIS C 623 1.06 -20.17 -58.47
C HIS C 623 1.86 -20.95 -57.44
N ILE C 624 3.15 -20.64 -57.30
CA ILE C 624 4.03 -21.29 -56.29
C ILE C 624 3.46 -21.01 -54.90
N LEU C 625 3.11 -19.75 -54.65
CA LEU C 625 2.61 -19.27 -53.34
C LEU C 625 1.23 -19.88 -53.06
N GLU C 626 0.32 -19.77 -54.02
CA GLU C 626 -1.09 -20.22 -53.87
C GLU C 626 -1.14 -21.71 -53.55
N ASN C 627 -0.05 -22.44 -53.78
CA ASN C 627 0.05 -23.91 -53.59
C ASN C 627 1.04 -24.28 -52.48
N SER C 628 1.35 -23.35 -51.59
CA SER C 628 2.09 -23.71 -50.36
C SER C 628 1.18 -24.60 -49.51
N PRO C 629 1.74 -25.29 -48.51
CA PRO C 629 0.92 -25.88 -47.45
C PRO C 629 0.15 -24.83 -46.62
N CYS C 630 -1.17 -24.98 -46.58
CA CYS C 630 -2.06 -24.05 -45.85
C CYS C 630 -2.39 -24.62 -44.47
N PHE C 631 -2.68 -23.70 -43.54
CA PHE C 631 -3.27 -24.02 -42.23
C PHE C 631 -4.62 -24.69 -42.42
N GLY C 632 -4.93 -25.69 -41.59
CA GLY C 632 -6.20 -26.43 -41.61
C GLY C 632 -6.10 -27.84 -42.18
N ASN C 633 -4.90 -28.33 -42.47
CA ASN C 633 -4.73 -29.66 -43.11
C ASN C 633 -3.87 -30.61 -42.26
N ASP C 634 -3.91 -30.45 -40.93
CA ASP C 634 -3.14 -31.27 -39.95
C ASP C 634 -1.67 -31.38 -40.37
N ILE C 635 -1.06 -30.26 -40.76
CA ILE C 635 0.38 -30.15 -41.14
C ILE C 635 1.06 -29.23 -40.13
N ASP C 636 1.96 -29.76 -39.32
CA ASP C 636 2.51 -29.02 -38.16
C ASP C 636 3.48 -27.93 -38.63
N ASP C 637 4.13 -28.09 -39.78
CA ASP C 637 5.02 -27.04 -40.34
C ASP C 637 4.29 -25.68 -40.30
N VAL C 638 3.13 -25.61 -40.96
CA VAL C 638 2.41 -24.34 -41.19
C VAL C 638 1.45 -24.05 -40.03
N ASP C 639 0.82 -25.07 -39.44
CA ASP C 639 -0.11 -24.85 -38.32
C ASP C 639 0.59 -24.06 -37.22
N LEU C 640 1.79 -24.48 -36.83
CA LEU C 640 2.53 -23.80 -35.72
C LEU C 640 2.93 -22.38 -36.14
N VAL C 641 2.82 -22.04 -37.43
CA VAL C 641 3.10 -20.65 -37.88
C VAL C 641 1.87 -19.80 -37.60
N ALA C 642 0.69 -20.27 -37.99
CA ALA C 642 -0.58 -19.63 -37.63
C ALA C 642 -0.65 -19.48 -36.11
N ARG C 643 -0.27 -20.53 -35.37
CA ARG C 643 -0.17 -20.44 -33.89
C ARG C 643 0.76 -19.29 -33.52
N GLN C 644 1.93 -19.22 -34.15
CA GLN C 644 2.98 -18.26 -33.77
C GLN C 644 2.44 -16.83 -33.96
N CYS C 645 1.94 -16.50 -35.16
CA CYS C 645 1.51 -15.12 -35.48
C CYS C 645 0.30 -14.71 -34.62
N ALA C 646 -0.68 -15.60 -34.50
CA ALA C 646 -1.80 -15.39 -33.57
C ALA C 646 -1.27 -15.11 -32.17
N LEU C 647 -0.27 -15.87 -31.74
CA LEU C 647 0.35 -15.68 -30.40
C LEU C 647 1.01 -14.31 -30.30
N ILE C 648 1.73 -13.89 -31.34
CA ILE C 648 2.47 -12.61 -31.29
C ILE C 648 1.48 -11.50 -30.96
N TYR C 649 0.31 -11.52 -31.61
CA TYR C 649 -0.79 -10.59 -31.34
C TYR C 649 -1.28 -10.77 -29.91
N CYS C 650 -1.80 -11.96 -29.62
CA CYS C 650 -2.40 -12.30 -28.30
C CYS C 650 -1.48 -11.88 -27.15
N GLN C 651 -0.17 -12.00 -27.32
CA GLN C 651 0.79 -11.71 -26.22
C GLN C 651 1.04 -10.20 -26.08
N GLU C 652 0.78 -9.39 -27.12
CA GLU C 652 0.86 -7.92 -26.95
C GLU C 652 -0.39 -7.39 -26.24
N VAL C 653 -1.56 -7.99 -26.48
CA VAL C 653 -2.81 -7.47 -25.88
C VAL C 653 -2.72 -7.65 -24.36
N GLU C 654 -2.34 -8.83 -23.90
CA GLU C 654 -2.39 -9.19 -22.47
C GLU C 654 -1.38 -8.39 -21.64
N LYS C 655 -0.46 -7.67 -22.29
CA LYS C 655 0.49 -6.77 -21.59
C LYS C 655 -0.20 -5.49 -21.07
N TYR C 656 -1.39 -5.11 -21.56
CA TYR C 656 -1.95 -3.76 -21.31
C TYR C 656 -3.14 -3.75 -20.34
N THR C 657 -3.37 -2.57 -19.75
CA THR C 657 -4.41 -2.33 -18.72
C THR C 657 -5.35 -1.20 -19.15
N ASN C 658 -6.58 -1.20 -18.60
CA ASN C 658 -7.66 -0.22 -18.89
C ASN C 658 -7.93 0.61 -17.63
N PRO C 659 -8.66 1.74 -17.74
CA PRO C 659 -8.86 2.62 -16.58
C PRO C 659 -9.67 2.00 -15.45
N ARG C 660 -10.46 0.98 -15.73
CA ARG C 660 -11.33 0.36 -14.71
C ARG C 660 -10.55 -0.64 -13.87
N GLY C 661 -9.22 -0.65 -13.96
CA GLY C 661 -8.38 -1.53 -13.16
C GLY C 661 -8.17 -2.91 -13.78
N GLY C 662 -8.75 -3.17 -14.95
CA GLY C 662 -8.74 -4.50 -15.57
C GLY C 662 -7.63 -4.66 -16.59
N ARG C 663 -7.61 -5.82 -17.24
CA ARG C 663 -6.46 -6.23 -18.09
C ARG C 663 -6.96 -6.63 -19.47
N PHE C 664 -6.32 -6.07 -20.49
CA PHE C 664 -6.60 -6.41 -21.89
C PHE C 664 -6.37 -7.91 -22.10
N GLN C 665 -7.33 -8.54 -22.77
CA GLN C 665 -7.23 -9.94 -23.18
C GLN C 665 -7.65 -10.03 -24.64
N ALA C 666 -6.92 -10.79 -25.44
CA ALA C 666 -7.15 -10.89 -26.88
C ALA C 666 -8.31 -11.84 -27.16
N GLY C 667 -9.04 -11.57 -28.25
CA GLY C 667 -9.99 -12.52 -28.84
C GLY C 667 -9.81 -12.59 -30.35
N ILE C 668 -10.21 -13.71 -30.94
CA ILE C 668 -10.11 -13.95 -32.40
C ILE C 668 -11.50 -14.29 -32.94
N TYR C 669 -12.20 -13.28 -33.50
CA TYR C 669 -13.53 -13.49 -34.11
C TYR C 669 -13.95 -12.29 -34.97
N PRO C 670 -14.69 -12.55 -36.07
CA PRO C 670 -14.69 -11.68 -37.23
C PRO C 670 -15.94 -10.82 -37.46
N VAL C 671 -16.78 -10.65 -36.45
CA VAL C 671 -18.25 -10.79 -36.61
C VAL C 671 -18.59 -11.07 -38.08
N SER C 672 -18.79 -10.02 -38.86
CA SER C 672 -19.20 -10.13 -40.28
C SER C 672 -18.43 -9.11 -41.13
N ALA C 673 -17.22 -8.76 -40.70
CA ALA C 673 -16.39 -7.70 -41.29
C ALA C 673 -15.07 -8.23 -41.86
N ASN C 674 -14.91 -9.56 -41.98
CA ASN C 674 -13.69 -10.11 -42.61
C ASN C 674 -13.72 -9.78 -44.10
N VAL C 675 -14.92 -9.72 -44.69
CA VAL C 675 -15.07 -9.21 -46.08
C VAL C 675 -14.72 -7.72 -46.09
N LEU C 676 -15.34 -6.96 -45.19
CA LEU C 676 -15.13 -5.49 -45.15
C LEU C 676 -13.65 -5.18 -44.98
N PHE C 677 -13.02 -5.73 -43.95
CA PHE C 677 -11.64 -5.33 -43.58
C PHE C 677 -10.63 -5.93 -44.55
N GLY C 678 -10.97 -7.04 -45.20
CA GLY C 678 -10.14 -7.59 -46.29
C GLY C 678 -9.78 -6.52 -47.31
N LYS C 679 -10.73 -5.62 -47.60
CA LYS C 679 -10.53 -4.51 -48.56
C LYS C 679 -9.46 -3.53 -48.10
N ASP C 680 -9.02 -3.60 -46.84
CA ASP C 680 -7.98 -2.68 -46.33
C ASP C 680 -6.59 -3.27 -46.52
N VAL C 681 -6.47 -4.45 -47.12
CA VAL C 681 -5.20 -5.22 -47.14
C VAL C 681 -4.78 -5.46 -48.59
N SER C 682 -3.53 -5.14 -48.91
CA SER C 682 -2.97 -5.36 -50.27
C SER C 682 -2.76 -6.86 -50.50
N ALA C 683 -2.12 -7.20 -51.62
CA ALA C 683 -1.72 -8.60 -51.90
C ALA C 683 -0.77 -9.08 -50.81
N LEU C 684 -0.81 -10.38 -50.52
CA LEU C 684 -0.03 -11.00 -49.43
C LEU C 684 0.76 -12.19 -49.96
N PRO C 685 1.82 -12.61 -49.24
CA PRO C 685 2.61 -13.77 -49.68
C PRO C 685 1.89 -15.12 -49.82
N ASP C 686 0.64 -15.28 -49.34
CA ASP C 686 -0.10 -16.56 -49.45
C ASP C 686 -0.90 -16.63 -50.75
N GLY C 687 -0.71 -15.68 -51.66
CA GLY C 687 -1.35 -15.69 -52.99
C GLY C 687 -2.64 -14.90 -53.06
N ARG C 688 -3.08 -14.31 -51.94
CA ARG C 688 -4.35 -13.55 -51.91
C ARG C 688 -4.14 -12.18 -52.54
N LEU C 689 -5.07 -11.77 -53.40
CA LEU C 689 -4.97 -10.49 -54.13
C LEU C 689 -5.51 -9.37 -53.24
N ALA C 690 -5.09 -8.15 -53.54
CA ALA C 690 -5.50 -6.94 -52.81
C ALA C 690 -7.03 -6.79 -52.80
N LYS C 691 -7.57 -6.42 -51.63
CA LYS C 691 -8.97 -6.03 -51.36
C LYS C 691 -9.85 -7.28 -51.14
N GLU C 692 -9.29 -8.49 -51.19
CA GLU C 692 -10.07 -9.75 -51.09
C GLU C 692 -10.40 -10.07 -49.63
N PRO C 693 -11.35 -10.98 -49.36
CA PRO C 693 -11.79 -11.21 -47.98
C PRO C 693 -10.74 -11.93 -47.14
N LEU C 694 -10.75 -11.65 -45.83
CA LEU C 694 -9.92 -12.35 -44.83
C LEU C 694 -10.70 -13.55 -44.27
N ALA C 695 -10.04 -14.34 -43.42
CA ALA C 695 -10.62 -15.55 -42.82
C ALA C 695 -11.45 -15.16 -41.60
N ASP C 696 -12.45 -15.98 -41.30
CA ASP C 696 -13.32 -15.80 -40.11
C ASP C 696 -12.68 -16.50 -38.91
N GLY C 697 -12.53 -15.78 -37.81
CA GLY C 697 -12.02 -16.32 -36.55
C GLY C 697 -10.71 -17.07 -36.73
N VAL C 698 -10.67 -18.29 -36.21
CA VAL C 698 -9.48 -19.18 -36.33
C VAL C 698 -9.75 -20.24 -37.39
N SER C 699 -10.68 -19.97 -38.29
CA SER C 699 -11.00 -20.93 -39.36
C SER C 699 -9.89 -20.87 -40.41
N PRO C 700 -9.60 -22.00 -41.07
CA PRO C 700 -8.74 -21.98 -42.24
C PRO C 700 -9.34 -21.15 -43.37
N ARG C 701 -8.48 -20.45 -44.12
CA ARG C 701 -8.88 -19.61 -45.28
C ARG C 701 -9.85 -20.39 -46.16
N GLN C 702 -10.88 -19.70 -46.66
CA GLN C 702 -12.06 -20.29 -47.32
C GLN C 702 -11.64 -21.31 -48.39
N GLY C 703 -12.01 -22.58 -48.20
CA GLY C 703 -11.82 -23.64 -49.21
C GLY C 703 -10.41 -24.19 -49.29
N LYS C 704 -9.53 -23.88 -48.33
CA LYS C 704 -8.13 -24.36 -48.32
C LYS C 704 -7.91 -25.49 -47.31
N ASP C 705 -8.93 -25.89 -46.54
CA ASP C 705 -8.84 -27.08 -45.68
C ASP C 705 -9.49 -28.23 -46.45
N THR C 706 -8.67 -28.89 -47.27
CA THR C 706 -9.11 -29.86 -48.29
C THR C 706 -9.20 -31.28 -47.73
N LEU C 707 -8.60 -31.57 -46.56
CA LEU C 707 -8.40 -32.97 -46.09
C LEU C 707 -9.46 -33.39 -45.07
N GLY C 708 -10.48 -32.57 -44.84
CA GLY C 708 -11.70 -33.01 -44.15
C GLY C 708 -11.98 -32.25 -42.87
N PRO C 709 -13.12 -32.54 -42.23
CA PRO C 709 -13.57 -31.78 -41.06
C PRO C 709 -12.72 -32.05 -39.83
N THR C 710 -12.20 -33.27 -39.72
CA THR C 710 -11.38 -33.66 -38.55
C THR C 710 -9.98 -33.10 -38.70
N ALA C 711 -9.39 -33.24 -39.89
CA ALA C 711 -8.04 -32.70 -40.16
C ALA C 711 -8.03 -31.19 -39.89
N ALA C 712 -9.11 -30.49 -40.25
CA ALA C 712 -9.27 -29.05 -40.00
C ALA C 712 -9.37 -28.77 -38.50
N ALA C 713 -10.24 -29.49 -37.78
CA ALA C 713 -10.40 -29.27 -36.33
C ALA C 713 -9.05 -29.40 -35.64
N ASN C 714 -8.23 -30.36 -36.10
CA ASN C 714 -6.95 -30.72 -35.45
C ASN C 714 -5.99 -29.53 -35.54
N SER C 715 -5.88 -28.92 -36.72
CA SER C 715 -5.02 -27.74 -36.92
C SER C 715 -5.54 -26.56 -36.11
N VAL C 716 -6.85 -26.31 -36.18
CA VAL C 716 -7.47 -25.19 -35.46
C VAL C 716 -7.18 -25.32 -33.96
N ALA C 717 -7.18 -26.56 -33.45
CA ALA C 717 -6.96 -26.87 -32.02
C ALA C 717 -5.48 -26.75 -31.64
N LYS C 718 -4.57 -26.55 -32.59
CA LYS C 718 -3.14 -26.35 -32.28
C LYS C 718 -2.81 -24.88 -32.04
N LEU C 719 -3.80 -23.99 -32.01
CA LEU C 719 -3.59 -22.58 -31.65
C LEU C 719 -3.73 -22.47 -30.13
N ASP C 720 -3.08 -21.46 -29.55
CA ASP C 720 -3.20 -21.18 -28.10
C ASP C 720 -4.55 -20.47 -27.87
N HIS C 721 -5.63 -21.24 -27.77
CA HIS C 721 -6.97 -20.68 -27.48
C HIS C 721 -7.03 -20.12 -26.07
N PHE C 722 -6.18 -20.63 -25.16
CA PHE C 722 -6.20 -20.26 -23.72
C PHE C 722 -5.86 -18.79 -23.52
N ILE C 723 -4.85 -18.28 -24.24
CA ILE C 723 -4.42 -16.87 -24.07
C ILE C 723 -5.42 -15.94 -24.75
N ALA C 724 -6.09 -16.36 -25.83
CA ALA C 724 -7.14 -15.55 -26.47
C ALA C 724 -8.44 -15.72 -25.66
N SER C 725 -8.43 -15.20 -24.43
CA SER C 725 -9.47 -15.53 -23.43
C SER C 725 -10.71 -14.68 -23.64
N ASN C 726 -10.69 -13.74 -24.60
CA ASN C 726 -11.91 -13.02 -25.02
C ASN C 726 -12.75 -13.89 -25.94
N GLY C 727 -12.32 -15.13 -26.22
CA GLY C 727 -13.13 -16.09 -26.97
C GLY C 727 -12.66 -16.20 -28.39
N THR C 728 -12.56 -17.42 -28.90
CA THR C 728 -12.14 -17.71 -30.29
C THR C 728 -13.35 -18.27 -31.03
N LEU C 729 -13.34 -18.11 -32.35
CA LEU C 729 -14.46 -18.51 -33.22
C LEU C 729 -13.93 -19.42 -34.33
N TYR C 730 -14.57 -20.57 -34.48
CA TYR C 730 -14.29 -21.52 -35.58
C TYR C 730 -15.62 -21.90 -36.24
N ASN C 731 -15.72 -21.63 -37.52
CA ASN C 731 -16.85 -22.05 -38.37
C ASN C 731 -16.51 -23.39 -39.02
N GLN C 732 -17.53 -24.20 -39.26
CA GLN C 732 -17.50 -25.31 -40.23
C GLN C 732 -18.82 -25.29 -40.98
N LYS C 733 -18.83 -25.84 -42.19
CA LYS C 733 -20.06 -26.01 -42.99
C LYS C 733 -20.12 -27.45 -43.46
N PHE C 734 -21.28 -28.10 -43.27
CA PHE C 734 -21.48 -29.50 -43.69
C PHE C 734 -22.60 -29.61 -44.73
N LEU C 735 -22.40 -30.50 -45.68
CA LEU C 735 -23.52 -31.08 -46.46
C LEU C 735 -24.49 -31.71 -45.47
N PRO C 736 -25.78 -31.32 -45.48
CA PRO C 736 -26.76 -32.03 -44.66
C PRO C 736 -26.67 -33.54 -44.79
N SER C 737 -26.51 -34.06 -46.00
CA SER C 737 -26.52 -35.52 -46.25
C SER C 737 -25.46 -36.21 -45.38
N SER C 738 -24.36 -35.52 -45.06
CA SER C 738 -23.28 -36.09 -44.24
C SER C 738 -23.78 -36.37 -42.81
N LEU C 739 -24.56 -35.44 -42.26
CA LEU C 739 -25.04 -35.46 -40.86
C LEU C 739 -26.35 -36.24 -40.73
N ALA C 740 -26.84 -36.84 -41.81
CA ALA C 740 -28.15 -37.51 -41.86
C ALA C 740 -28.15 -38.73 -40.94
N GLY C 741 -29.34 -39.13 -40.49
CA GLY C 741 -29.56 -40.38 -39.75
C GLY C 741 -28.73 -40.45 -38.48
N GLU C 742 -28.84 -41.53 -37.71
CA GLU C 742 -28.16 -41.56 -36.40
C GLU C 742 -26.69 -41.97 -36.54
N LYS C 743 -26.31 -42.66 -37.63
CA LYS C 743 -24.87 -42.85 -37.91
C LYS C 743 -24.21 -41.49 -38.15
N GLY C 744 -24.92 -40.55 -38.77
CA GLY C 744 -24.38 -39.20 -39.02
C GLY C 744 -24.23 -38.41 -37.73
N LEU C 745 -25.16 -38.59 -36.78
CA LEU C 745 -25.13 -37.87 -35.49
C LEU C 745 -23.84 -38.20 -34.74
N ARG C 746 -23.53 -39.50 -34.61
CA ARG C 746 -22.39 -39.93 -33.78
C ARG C 746 -21.09 -39.35 -34.33
N ASN C 747 -20.88 -39.49 -35.65
CA ASN C 747 -19.68 -38.92 -36.29
C ASN C 747 -19.60 -37.43 -35.99
N PHE C 748 -20.75 -36.76 -35.96
CA PHE C 748 -20.85 -35.35 -35.58
C PHE C 748 -20.39 -35.19 -34.13
N GLY C 749 -21.04 -35.90 -33.21
CA GLY C 749 -20.72 -35.80 -31.78
C GLY C 749 -19.27 -36.13 -31.50
N GLY C 750 -18.74 -37.16 -32.15
CA GLY C 750 -17.33 -37.54 -32.00
C GLY C 750 -16.42 -36.43 -32.48
N LEU C 751 -16.83 -35.70 -33.52
CA LEU C 751 -16.00 -34.63 -34.12
C LEU C 751 -15.82 -33.47 -33.14
N VAL C 752 -16.88 -33.03 -32.47
CA VAL C 752 -16.79 -31.93 -31.47
C VAL C 752 -16.04 -32.43 -30.23
N ARG C 753 -16.29 -33.67 -29.81
CA ARG C 753 -15.59 -34.26 -28.65
C ARG C 753 -14.08 -34.30 -28.94
N ASN C 754 -13.71 -34.79 -30.12
CA ASN C 754 -12.30 -34.75 -30.58
C ASN C 754 -11.76 -33.33 -30.45
N TYR C 755 -12.48 -32.35 -31.02
CA TYR C 755 -12.01 -30.96 -31.11
C TYR C 755 -11.89 -30.33 -29.72
N PHE C 756 -12.76 -30.72 -28.80
CA PHE C 756 -12.73 -30.20 -27.42
C PHE C 756 -11.71 -30.97 -26.59
N ASP C 757 -11.58 -32.28 -26.80
CA ASP C 757 -10.52 -33.08 -26.14
C ASP C 757 -9.15 -32.50 -26.53
N LYS C 758 -9.04 -31.98 -27.75
CA LYS C 758 -7.81 -31.28 -28.20
C LYS C 758 -7.84 -29.80 -27.82
N LYS C 759 -8.74 -29.43 -26.91
CA LYS C 759 -8.71 -28.15 -26.18
C LYS C 759 -8.73 -26.96 -27.15
N GLY C 760 -9.72 -26.96 -28.05
CA GLY C 760 -10.17 -25.75 -28.76
C GLY C 760 -11.37 -25.16 -28.05
N MET C 761 -11.56 -23.84 -28.11
CA MET C 761 -12.54 -23.17 -27.21
C MET C 761 -13.96 -23.29 -27.75
N HIS C 762 -14.16 -23.26 -29.07
CA HIS C 762 -15.50 -23.06 -29.64
C HIS C 762 -15.57 -23.66 -31.03
N VAL C 763 -16.74 -24.17 -31.38
CA VAL C 763 -17.04 -24.56 -32.78
C VAL C 763 -18.54 -24.44 -33.01
N GLN C 764 -18.92 -23.96 -34.19
CA GLN C 764 -20.32 -23.94 -34.63
C GLN C 764 -20.41 -24.44 -36.07
N PHE C 765 -21.63 -24.72 -36.48
CA PHE C 765 -21.92 -25.55 -37.66
C PHE C 765 -23.01 -24.96 -38.51
N ASN C 766 -22.67 -24.66 -39.76
CA ASN C 766 -23.66 -24.49 -40.83
C ASN C 766 -23.94 -25.83 -41.49
N VAL C 767 -25.21 -26.23 -41.50
CA VAL C 767 -25.69 -27.45 -42.18
C VAL C 767 -26.62 -26.98 -43.28
N ILE C 768 -26.09 -26.94 -44.50
CA ILE C 768 -26.83 -26.47 -45.70
C ILE C 768 -26.00 -26.81 -46.94
N ASP C 769 -26.66 -27.18 -48.04
CA ASP C 769 -25.98 -27.45 -49.33
C ASP C 769 -26.08 -26.24 -50.25
N ARG C 770 -25.24 -26.23 -51.29
CA ARG C 770 -24.86 -24.98 -51.99
C ARG C 770 -26.04 -24.36 -52.73
N ASN C 771 -26.89 -25.17 -53.37
CA ASN C 771 -27.99 -24.65 -54.21
C ASN C 771 -28.94 -23.80 -53.38
N THR C 772 -29.22 -24.21 -52.14
CA THR C 772 -30.18 -23.50 -51.27
C THR C 772 -29.70 -22.09 -50.98
N LEU C 773 -28.40 -21.89 -50.76
CA LEU C 773 -27.87 -20.52 -50.59
C LEU C 773 -27.94 -19.76 -51.91
N LEU C 774 -27.52 -20.39 -53.01
CA LEU C 774 -27.56 -19.74 -54.33
C LEU C 774 -29.01 -19.42 -54.73
N GLU C 775 -30.00 -20.25 -54.34
CA GLU C 775 -31.42 -20.02 -54.71
C GLU C 775 -32.06 -18.98 -53.77
N ALA C 776 -31.58 -18.88 -52.53
CA ALA C 776 -31.98 -17.80 -51.62
C ALA C 776 -31.37 -16.48 -52.09
N GLN C 777 -30.33 -16.56 -52.93
CA GLN C 777 -29.67 -15.38 -53.49
C GLN C 777 -30.44 -14.88 -54.72
N LYS C 778 -30.92 -15.79 -55.57
CA LYS C 778 -31.57 -15.41 -56.85
C LYS C 778 -33.08 -15.24 -56.68
N ASN C 779 -33.69 -15.77 -55.63
CA ASN C 779 -35.14 -15.61 -55.38
C ASN C 779 -35.38 -15.28 -53.92
N PRO C 780 -34.84 -14.15 -53.41
CA PRO C 780 -34.91 -13.87 -51.98
C PRO C 780 -36.34 -13.86 -51.40
N GLN C 781 -37.34 -13.44 -52.19
CA GLN C 781 -38.74 -13.31 -51.71
C GLN C 781 -39.29 -14.67 -51.23
N GLN C 782 -38.78 -15.80 -51.73
CA GLN C 782 -39.21 -17.15 -51.27
C GLN C 782 -38.24 -17.73 -50.23
N HIS C 783 -37.41 -16.89 -49.59
CA HIS C 783 -36.44 -17.33 -48.57
C HIS C 783 -36.27 -16.28 -47.49
N GLN C 784 -37.35 -15.58 -47.14
CA GLN C 784 -37.34 -14.59 -46.03
C GLN C 784 -36.98 -15.28 -44.72
N ASP C 785 -37.23 -16.58 -44.61
CA ASP C 785 -37.12 -17.36 -43.35
C ASP C 785 -35.83 -18.16 -43.28
N LEU C 786 -34.94 -18.06 -44.27
CA LEU C 786 -33.69 -18.85 -44.25
C LEU C 786 -32.74 -18.19 -43.24
N VAL C 787 -32.42 -18.94 -42.18
CA VAL C 787 -31.49 -18.51 -41.12
C VAL C 787 -30.27 -19.44 -41.13
N VAL C 788 -29.09 -18.83 -41.16
CA VAL C 788 -27.77 -19.53 -41.21
C VAL C 788 -26.80 -18.73 -40.35
N ARG C 789 -25.77 -19.37 -39.85
CA ARG C 789 -24.82 -18.66 -38.97
C ARG C 789 -23.84 -17.87 -39.82
N VAL C 790 -23.62 -16.61 -39.43
CA VAL C 790 -22.58 -15.77 -40.05
C VAL C 790 -21.25 -16.02 -39.33
N ALA C 791 -21.09 -15.52 -38.10
CA ALA C 791 -19.94 -15.89 -37.26
C ALA C 791 -20.20 -15.48 -35.80
N GLY C 792 -20.69 -16.44 -35.01
CA GLY C 792 -21.07 -16.21 -33.61
C GLY C 792 -22.52 -15.77 -33.47
N TYR C 793 -23.24 -15.66 -34.58
CA TYR C 793 -24.68 -15.34 -34.58
C TYR C 793 -25.27 -15.75 -35.91
N SER C 794 -26.58 -15.88 -35.94
CA SER C 794 -27.31 -16.23 -37.16
C SER C 794 -28.13 -15.04 -37.64
N ALA C 795 -28.31 -14.95 -38.96
CA ALA C 795 -29.03 -13.85 -39.60
C ALA C 795 -29.90 -14.42 -40.71
N GLN C 796 -30.87 -13.62 -41.14
CA GLN C 796 -31.59 -13.95 -42.37
C GLN C 796 -30.60 -13.85 -43.51
N PHE C 797 -30.40 -14.94 -44.27
CA PHE C 797 -29.46 -14.90 -45.38
C PHE C 797 -29.82 -13.76 -46.33
N VAL C 798 -31.10 -13.65 -46.66
CA VAL C 798 -31.58 -12.67 -47.66
C VAL C 798 -31.14 -11.25 -47.30
N VAL C 799 -31.05 -10.89 -46.01
CA VAL C 799 -30.76 -9.49 -45.60
C VAL C 799 -29.26 -9.20 -45.62
N LEU C 800 -28.41 -10.22 -45.77
CA LEU C 800 -26.95 -10.03 -45.81
C LEU C 800 -26.54 -9.47 -47.16
N ALA C 801 -25.53 -8.59 -47.18
CA ALA C 801 -25.00 -8.03 -48.43
C ALA C 801 -24.44 -9.17 -49.28
N LYS C 802 -24.33 -8.94 -50.59
CA LYS C 802 -23.93 -10.01 -51.52
C LYS C 802 -22.48 -10.45 -51.25
N GLU C 803 -21.57 -9.50 -50.98
CA GLU C 803 -20.18 -9.84 -50.62
C GLU C 803 -20.17 -10.90 -49.53
N VAL C 804 -20.93 -10.64 -48.47
CA VAL C 804 -20.99 -11.51 -47.28
C VAL C 804 -21.61 -12.85 -47.67
N GLN C 805 -22.70 -12.83 -48.41
CA GLN C 805 -23.35 -14.07 -48.89
C GLN C 805 -22.33 -14.93 -49.61
N ASP C 806 -21.62 -14.36 -50.58
CA ASP C 806 -20.62 -15.11 -51.38
C ASP C 806 -19.57 -15.69 -50.43
N ASP C 807 -19.07 -14.86 -49.50
CA ASP C 807 -18.07 -15.27 -48.47
C ASP C 807 -18.57 -16.54 -47.77
N ILE C 808 -19.84 -16.59 -47.42
CA ILE C 808 -20.41 -17.75 -46.70
C ILE C 808 -20.56 -18.91 -47.68
N ILE C 809 -20.98 -18.63 -48.92
CA ILE C 809 -21.07 -19.67 -49.98
C ILE C 809 -19.68 -20.21 -50.28
N SER C 810 -18.63 -19.39 -50.17
CA SER C 810 -17.27 -19.82 -50.53
C SER C 810 -16.64 -20.67 -49.42
N ARG C 811 -17.28 -20.76 -48.25
CA ARG C 811 -16.72 -21.50 -47.10
C ARG C 811 -16.61 -22.98 -47.43
N THR C 812 -15.51 -23.59 -46.99
CA THR C 812 -15.29 -25.03 -47.20
C THR C 812 -16.46 -25.82 -46.63
N GLU C 813 -17.04 -26.70 -47.45
CA GLU C 813 -18.06 -27.66 -47.01
C GLU C 813 -17.34 -28.95 -46.60
N GLN C 814 -17.58 -29.39 -45.36
CA GLN C 814 -17.03 -30.64 -44.82
C GLN C 814 -17.94 -31.80 -45.21
N GLN C 815 -17.40 -33.01 -45.30
CA GLN C 815 -18.21 -34.23 -45.22
C GLN C 815 -17.40 -35.35 -44.56
N PHE C 816 -18.09 -36.39 -44.12
CA PHE C 816 -17.44 -37.61 -43.58
C PHE C 816 -17.38 -38.69 -44.65
N MET D 23 19.45 60.48 11.49
CA MET D 23 19.62 60.10 12.92
C MET D 23 18.27 59.83 13.58
N GLY D 24 18.31 59.26 14.78
CA GLY D 24 17.11 58.97 15.58
C GLY D 24 16.30 57.84 14.97
N LEU D 25 15.44 57.21 15.78
CA LEU D 25 14.57 56.11 15.30
C LEU D 25 13.71 56.59 14.14
N GLU D 26 12.95 57.67 14.35
CA GLU D 26 12.14 58.30 13.29
C GLU D 26 13.05 58.70 12.12
N LYS D 27 12.58 58.49 10.90
CA LYS D 27 13.45 58.69 9.72
C LYS D 27 12.76 59.46 8.59
N GLY D 28 11.43 59.47 8.52
CA GLY D 28 10.71 60.16 7.45
C GLY D 28 10.66 59.32 6.19
N PHE D 29 9.69 59.60 5.33
CA PHE D 29 9.53 58.89 4.05
C PHE D 29 9.80 59.85 2.89
N THR D 30 10.25 59.28 1.77
CA THR D 30 10.50 60.01 0.52
C THR D 30 9.16 60.42 -0.11
N HIS D 31 9.22 61.40 -1.03
CA HIS D 31 8.11 61.75 -1.94
C HIS D 31 8.25 60.99 -3.24
N PRO D 32 7.13 60.64 -3.89
CA PRO D 32 7.17 59.95 -5.17
C PRO D 32 7.43 60.92 -6.33
N THR D 33 7.57 60.36 -7.52
CA THR D 33 7.76 61.15 -8.75
C THR D 33 6.39 61.52 -9.31
N ASP D 34 6.32 62.70 -9.92
CA ASP D 34 5.04 63.32 -10.34
C ASP D 34 4.35 62.44 -11.38
N ARG D 35 5.04 61.43 -11.93
CA ARG D 35 4.36 60.41 -12.74
C ARG D 35 3.68 59.36 -11.86
N VAL D 36 4.33 58.93 -10.78
CA VAL D 36 3.71 57.97 -9.84
C VAL D 36 2.39 58.57 -9.32
N VAL D 37 2.35 59.88 -9.10
CA VAL D 37 1.18 60.54 -8.48
C VAL D 37 0.06 60.71 -9.51
N ARG D 38 0.40 60.95 -10.78
CA ARG D 38 -0.62 60.90 -11.85
C ARG D 38 -1.28 59.52 -11.86
N LEU D 39 -0.46 58.47 -11.82
CA LEU D 39 -0.95 57.07 -11.92
C LEU D 39 -1.74 56.70 -10.65
N LYS D 40 -1.23 57.07 -9.47
CA LYS D 40 -1.98 56.90 -8.20
C LYS D 40 -3.42 57.38 -8.36
N ASN D 41 -3.59 58.65 -8.77
CA ASN D 41 -4.91 59.31 -8.90
C ASN D 41 -5.72 58.70 -10.04
N MET D 42 -5.07 58.05 -11.01
CA MET D 42 -5.78 57.38 -12.12
C MET D 42 -6.66 56.25 -11.56
N ILE D 43 -6.11 55.46 -10.64
CA ILE D 43 -6.88 54.47 -9.81
C ILE D 43 -7.92 55.22 -8.98
N LEU D 44 -7.51 56.32 -8.36
CA LEU D 44 -8.28 57.01 -7.29
C LEU D 44 -9.40 57.87 -7.90
N HIS D 45 -9.32 58.24 -9.18
CA HIS D 45 -10.36 59.04 -9.85
C HIS D 45 -11.21 58.17 -10.80
N ALA D 46 -11.14 56.85 -10.67
CA ALA D 46 -11.67 55.91 -11.67
C ALA D 46 -13.04 55.39 -11.25
N LYS D 47 -14.02 55.49 -12.15
CA LYS D 47 -15.34 54.84 -11.99
C LYS D 47 -15.25 53.40 -12.47
N PRO D 48 -15.60 52.40 -11.64
CA PRO D 48 -15.47 51.01 -12.03
C PRO D 48 -16.62 50.56 -12.94
N TYR D 49 -16.27 49.95 -14.07
CA TYR D 49 -17.26 49.42 -15.03
C TYR D 49 -17.23 47.91 -15.03
N VAL D 50 -18.41 47.33 -15.22
CA VAL D 50 -18.52 45.94 -15.71
C VAL D 50 -18.13 45.97 -17.17
N GLU D 51 -17.65 44.85 -17.69
CA GLU D 51 -16.99 44.80 -19.00
C GLU D 51 -17.21 43.41 -19.60
N SER D 52 -17.54 43.35 -20.89
CA SER D 52 -18.07 42.14 -21.52
C SER D 52 -17.03 41.34 -22.32
N GLU D 53 -15.88 41.91 -22.63
CA GLU D 53 -14.96 41.28 -23.60
C GLU D 53 -14.59 39.88 -23.11
N ARG D 54 -13.92 39.81 -21.96
CA ARG D 54 -13.43 38.53 -21.40
C ARG D 54 -14.59 37.53 -21.30
N ALA D 55 -15.72 37.96 -20.74
CA ALA D 55 -16.88 37.07 -20.57
C ALA D 55 -17.33 36.49 -21.91
N VAL D 56 -17.27 37.26 -22.99
CA VAL D 56 -17.84 36.80 -24.29
C VAL D 56 -16.87 35.84 -24.98
N LEU D 57 -15.63 36.28 -25.18
CA LEU D 57 -14.55 35.40 -25.68
C LEU D 57 -14.68 34.03 -25.01
N ALA D 58 -14.72 34.02 -23.68
CA ALA D 58 -14.71 32.76 -22.92
C ALA D 58 -15.95 31.95 -23.24
N THR D 59 -17.12 32.60 -23.35
CA THR D 59 -18.35 31.86 -23.68
C THR D 59 -18.22 31.24 -25.08
N GLU D 60 -17.68 31.99 -26.03
CA GLU D 60 -17.45 31.44 -27.39
C GLU D 60 -16.39 30.34 -27.32
N ALA D 61 -15.40 30.45 -26.43
CA ALA D 61 -14.40 29.39 -26.27
C ALA D 61 -15.01 28.14 -25.63
N TYR D 62 -16.06 28.29 -24.84
CA TYR D 62 -16.79 27.12 -24.32
C TYR D 62 -17.68 26.55 -25.42
N LYS D 63 -18.32 27.41 -26.22
CA LYS D 63 -19.25 26.96 -27.28
C LYS D 63 -18.51 26.12 -28.32
N GLU D 64 -17.36 26.61 -28.79
CA GLU D 64 -16.60 25.95 -29.88
C GLU D 64 -16.14 24.56 -29.40
N ASN D 65 -15.29 24.52 -28.37
CA ASN D 65 -14.60 23.30 -27.90
C ASN D 65 -15.41 22.61 -26.81
N GLU D 66 -16.55 22.02 -27.17
CA GLU D 66 -17.38 21.29 -26.20
C GLU D 66 -17.01 19.81 -26.18
N GLN D 67 -16.31 19.33 -27.22
CA GLN D 67 -15.86 17.92 -27.32
C GLN D 67 -14.63 17.68 -26.44
N LEU D 68 -13.84 18.72 -26.19
CA LEU D 68 -12.57 18.57 -25.45
C LEU D 68 -12.86 18.09 -24.03
N PRO D 69 -11.93 17.34 -23.41
CA PRO D 69 -11.93 17.20 -21.96
C PRO D 69 -11.64 18.56 -21.32
N ALA D 70 -12.00 18.69 -20.05
CA ALA D 70 -12.11 20.00 -19.37
C ALA D 70 -10.80 20.78 -19.48
N ILE D 71 -9.67 20.17 -19.12
CA ILE D 71 -8.40 20.94 -19.05
C ILE D 71 -8.04 21.47 -20.44
N MET D 72 -8.37 20.73 -21.49
CA MET D 72 -8.11 21.20 -22.87
C MET D 72 -9.09 22.33 -23.21
N ARG D 73 -10.36 22.19 -22.83
CA ARG D 73 -11.34 23.29 -22.97
C ARG D 73 -10.75 24.55 -22.35
N ARG D 74 -10.19 24.45 -21.15
CA ARG D 74 -9.71 25.64 -20.43
C ARG D 74 -8.47 26.21 -21.12
N ALA D 75 -7.59 25.37 -21.67
CA ALA D 75 -6.46 25.86 -22.47
C ALA D 75 -7.00 26.65 -23.66
N LYS D 76 -8.07 26.17 -24.29
CA LYS D 76 -8.68 26.89 -25.43
C LYS D 76 -9.32 28.19 -24.96
N VAL D 77 -9.82 28.21 -23.72
CA VAL D 77 -10.46 29.43 -23.16
C VAL D 77 -9.41 30.52 -23.00
N VAL D 78 -8.27 30.19 -22.39
CA VAL D 78 -7.21 31.20 -22.11
C VAL D 78 -6.41 31.50 -23.37
N GLU D 79 -6.49 30.67 -24.41
CA GLU D 79 -5.86 31.02 -25.70
C GLU D 79 -6.75 32.06 -26.39
N LYS D 80 -8.07 31.87 -26.36
CA LYS D 80 -8.97 32.78 -27.11
C LYS D 80 -9.02 34.14 -26.40
N ILE D 81 -8.84 34.17 -25.08
CA ILE D 81 -8.76 35.44 -24.33
C ILE D 81 -7.41 36.10 -24.62
N PHE D 82 -6.31 35.39 -24.34
CA PHE D 82 -4.95 35.99 -24.49
C PHE D 82 -4.78 36.58 -25.89
N ASN D 83 -5.33 35.93 -26.92
CA ASN D 83 -5.14 36.33 -28.33
C ASN D 83 -5.89 37.62 -28.65
N GLU D 84 -7.10 37.78 -28.13
CA GLU D 84 -8.03 38.79 -28.67
C GLU D 84 -8.64 39.69 -27.59
N LEU D 85 -8.30 39.49 -26.32
CA LEU D 85 -8.72 40.45 -25.26
C LEU D 85 -8.04 41.78 -25.54
N PRO D 86 -8.80 42.89 -25.51
CA PRO D 86 -8.24 44.19 -25.85
C PRO D 86 -6.96 44.49 -25.08
N VAL D 87 -5.94 44.83 -25.84
CA VAL D 87 -4.69 45.40 -25.30
C VAL D 87 -4.98 46.83 -24.86
N THR D 88 -4.41 47.20 -23.73
CA THR D 88 -4.64 48.53 -23.15
C THR D 88 -3.39 48.92 -22.38
N ILE D 89 -2.58 49.76 -22.97
CA ILE D 89 -1.56 50.53 -22.24
C ILE D 89 -2.20 51.88 -21.96
N ARG D 90 -1.87 52.45 -20.82
CA ARG D 90 -2.51 53.69 -20.37
C ARG D 90 -1.50 54.82 -20.36
N PRO D 91 -1.98 56.08 -20.33
CA PRO D 91 -1.11 57.20 -19.97
C PRO D 91 -0.19 56.90 -18.78
N ASP D 92 1.10 57.13 -18.98
CA ASP D 92 2.16 57.30 -17.96
C ASP D 92 2.76 55.97 -17.46
N GLU D 93 2.12 54.81 -17.63
CA GLU D 93 2.58 53.62 -16.89
C GLU D 93 3.85 53.04 -17.54
N LEU D 94 4.80 52.64 -16.70
CA LEU D 94 6.07 51.99 -17.12
C LEU D 94 5.90 50.46 -17.12
N ILE D 95 5.11 49.94 -16.19
CA ILE D 95 4.67 48.53 -16.18
C ILE D 95 3.32 48.50 -16.87
N VAL D 96 3.17 47.65 -17.88
CA VAL D 96 1.91 47.60 -18.64
C VAL D 96 1.32 46.20 -18.55
N GLY D 97 -0.01 46.19 -18.62
CA GLY D 97 -0.84 45.01 -18.45
C GLY D 97 -2.15 45.52 -17.92
N ALA D 98 -3.26 45.10 -18.52
CA ALA D 98 -4.59 45.62 -18.16
C ALA D 98 -5.61 44.53 -18.39
N VAL D 99 -6.33 44.16 -17.34
CA VAL D 99 -7.39 43.13 -17.45
C VAL D 99 -8.63 43.77 -18.10
N THR D 100 -8.81 45.08 -17.93
CA THR D 100 -10.00 45.80 -18.42
C THR D 100 -9.57 47.09 -19.11
N ILE D 101 -10.33 47.49 -20.12
CA ILE D 101 -10.03 48.74 -20.87
C ILE D 101 -10.08 49.90 -19.88
N ASN D 102 -11.18 50.04 -19.16
CA ASN D 102 -11.32 51.08 -18.12
C ASN D 102 -10.49 50.67 -16.92
N PRO D 103 -9.79 51.62 -16.26
CA PRO D 103 -9.00 51.29 -15.07
C PRO D 103 -9.93 50.88 -13.93
N ARG D 104 -9.38 50.12 -12.97
CA ARG D 104 -10.09 49.67 -11.76
C ARG D 104 -11.48 49.12 -12.11
N SER D 105 -11.60 48.46 -13.25
CA SER D 105 -12.87 47.83 -13.67
C SER D 105 -12.78 46.32 -13.53
N THR D 106 -13.88 45.65 -13.85
CA THR D 106 -14.01 44.21 -13.60
C THR D 106 -14.44 43.51 -14.88
N GLU D 107 -13.91 42.31 -15.08
CA GLU D 107 -14.39 41.36 -16.11
C GLU D 107 -15.61 40.63 -15.55
N ILE D 108 -16.13 39.69 -16.33
CA ILE D 108 -17.18 38.75 -15.88
C ILE D 108 -16.73 37.34 -16.21
N CYS D 109 -16.76 36.44 -15.23
CA CYS D 109 -16.38 35.03 -15.44
C CYS D 109 -17.61 34.13 -15.33
N PRO D 110 -18.44 34.00 -16.37
CA PRO D 110 -19.71 33.29 -16.23
C PRO D 110 -19.56 31.77 -16.08
N GLU D 111 -18.39 31.24 -16.39
CA GLU D 111 -18.03 29.84 -16.11
C GLU D 111 -18.35 29.48 -14.65
N PHE D 112 -18.12 30.40 -13.71
CA PHE D 112 -18.27 30.16 -12.26
C PHE D 112 -19.72 30.32 -11.81
N SER D 113 -20.33 31.46 -12.15
CA SER D 113 -21.77 31.72 -11.95
C SER D 113 -22.07 33.02 -12.69
N TYR D 114 -23.33 33.22 -13.07
CA TYR D 114 -23.67 34.34 -13.96
C TYR D 114 -24.96 35.07 -13.57
N ASP D 115 -25.91 34.43 -12.89
CA ASP D 115 -27.32 34.91 -12.91
C ASP D 115 -27.49 36.23 -12.13
N TRP D 116 -26.77 36.43 -11.03
CA TRP D 116 -26.82 37.71 -10.29
C TRP D 116 -26.40 38.89 -11.17
N VAL D 117 -25.54 38.65 -12.17
CA VAL D 117 -25.10 39.70 -13.12
C VAL D 117 -26.32 40.17 -13.93
N GLU D 118 -27.12 39.24 -14.43
CA GLU D 118 -28.31 39.55 -15.24
C GLU D 118 -29.39 40.17 -14.35
N LYS D 119 -29.55 39.67 -13.12
CA LYS D 119 -30.56 40.18 -12.18
C LYS D 119 -30.16 41.57 -11.71
N GLU D 120 -28.88 41.93 -11.87
CA GLU D 120 -28.30 43.17 -11.31
C GLU D 120 -27.80 44.07 -12.43
N PHE D 121 -28.36 43.94 -13.63
CA PHE D 121 -28.06 44.87 -14.75
C PHE D 121 -28.43 46.30 -14.34
N ASP D 122 -29.61 46.47 -13.73
CA ASP D 122 -30.22 47.79 -13.53
C ASP D 122 -29.84 48.38 -12.17
N THR D 123 -29.53 47.55 -11.18
CA THR D 123 -29.34 48.05 -9.81
C THR D 123 -27.88 48.16 -9.39
N MET D 124 -26.93 47.66 -10.20
CA MET D 124 -25.55 47.53 -9.70
C MET D 124 -24.87 48.88 -9.57
N ALA D 125 -25.27 49.88 -10.36
CA ALA D 125 -24.68 51.22 -10.22
C ALA D 125 -25.09 51.86 -8.88
N HIS D 126 -26.16 51.36 -8.25
CA HIS D 126 -26.84 52.06 -7.13
C HIS D 126 -26.92 51.21 -5.86
N ARG D 127 -26.36 50.01 -5.86
CA ARG D 127 -26.29 49.18 -4.63
C ARG D 127 -25.26 49.78 -3.68
N VAL D 128 -25.48 49.62 -2.38
CA VAL D 128 -24.69 50.37 -1.38
C VAL D 128 -23.26 49.82 -1.34
N ALA D 129 -23.14 48.49 -1.42
CA ALA D 129 -21.86 47.77 -1.32
C ALA D 129 -21.24 47.57 -2.70
N ASP D 130 -20.10 48.21 -2.92
CA ASP D 130 -19.24 48.06 -4.13
C ASP D 130 -20.08 48.16 -5.40
N PRO D 131 -20.58 49.35 -5.78
CA PRO D 131 -21.35 49.49 -7.01
C PRO D 131 -20.46 49.49 -8.26
N PHE D 132 -21.06 49.09 -9.38
CA PHE D 132 -20.39 49.03 -10.70
C PHE D 132 -21.34 49.58 -11.76
N ILE D 133 -20.74 50.20 -12.78
CA ILE D 133 -21.49 50.75 -13.93
C ILE D 133 -21.65 49.66 -14.98
N ILE D 134 -22.89 49.43 -15.42
CA ILE D 134 -23.18 48.49 -16.53
C ILE D 134 -23.86 49.26 -17.66
N GLU D 135 -23.07 49.85 -18.55
CA GLU D 135 -23.59 50.54 -19.75
C GLU D 135 -24.48 49.57 -20.51
N LYS D 136 -25.46 50.09 -21.26
CA LYS D 136 -26.48 49.19 -21.83
C LYS D 136 -25.86 48.29 -22.91
N LYS D 137 -24.86 48.76 -23.65
CA LYS D 137 -24.18 47.88 -24.61
C LYS D 137 -23.58 46.71 -23.85
N THR D 138 -22.97 46.97 -22.68
CA THR D 138 -22.32 45.91 -21.88
C THR D 138 -23.35 44.87 -21.47
N ALA D 139 -24.51 45.31 -20.99
CA ALA D 139 -25.58 44.39 -20.54
C ALA D 139 -26.04 43.50 -21.70
N ASP D 140 -26.27 44.11 -22.87
CA ASP D 140 -26.84 43.40 -24.04
C ASP D 140 -25.87 42.34 -24.55
N GLU D 141 -24.57 42.57 -24.39
CA GLU D 141 -23.54 41.58 -24.80
C GLU D 141 -23.55 40.42 -23.81
N LEU D 142 -23.61 40.70 -22.50
CA LEU D 142 -23.62 39.64 -21.46
C LEU D 142 -24.91 38.82 -21.56
N HIS D 143 -26.03 39.48 -21.85
CA HIS D 143 -27.32 38.78 -22.02
C HIS D 143 -27.16 37.66 -23.05
N GLN D 144 -26.53 37.96 -24.19
CA GLN D 144 -26.30 36.95 -25.23
C GLN D 144 -25.39 35.85 -24.68
N ALA D 145 -24.30 36.23 -24.02
CA ALA D 145 -23.36 35.24 -23.46
C ALA D 145 -24.11 34.34 -22.49
N PHE D 146 -24.92 34.92 -21.62
CA PHE D 146 -25.52 34.19 -20.48
C PHE D 146 -26.60 33.20 -20.93
N LYS D 147 -27.01 33.24 -22.19
CA LYS D 147 -28.06 32.31 -22.68
C LYS D 147 -27.52 30.89 -22.83
N TYR D 148 -26.22 30.78 -23.15
CA TYR D 148 -25.52 29.47 -23.28
C TYR D 148 -25.33 28.79 -21.92
N TRP D 149 -25.22 29.57 -20.84
CA TRP D 149 -24.60 29.15 -19.55
C TRP D 149 -25.48 28.37 -18.58
N PRO D 150 -26.83 28.45 -18.56
CA PRO D 150 -27.58 27.76 -17.51
C PRO D 150 -27.15 26.32 -17.23
N GLY D 151 -26.94 26.02 -15.94
CA GLY D 151 -26.60 24.67 -15.49
C GLY D 151 -25.21 24.21 -15.92
N LYS D 152 -24.42 25.06 -16.57
CA LYS D 152 -23.04 24.69 -17.01
C LYS D 152 -21.99 25.41 -16.17
N THR D 153 -22.40 26.09 -15.10
CA THR D 153 -21.46 26.76 -14.18
C THR D 153 -20.88 25.74 -13.21
N THR D 154 -19.69 26.01 -12.68
CA THR D 154 -19.13 25.27 -11.53
C THR D 154 -20.14 25.25 -10.38
N SER D 155 -20.69 26.41 -10.03
CA SER D 155 -21.61 26.57 -8.89
C SER D 155 -22.87 25.72 -9.04
N SER D 156 -23.38 25.55 -10.26
CA SER D 156 -24.61 24.75 -10.46
C SER D 156 -24.32 23.27 -10.26
N LEU D 157 -23.08 22.83 -10.54
CA LEU D 157 -22.67 21.43 -10.31
C LEU D 157 -22.45 21.22 -8.82
N ALA D 158 -21.73 22.13 -8.17
CA ALA D 158 -21.47 22.06 -6.72
C ALA D 158 -22.79 22.05 -5.96
N ALA D 159 -23.79 22.79 -6.45
CA ALA D 159 -25.13 22.79 -5.83
C ALA D 159 -25.67 21.36 -5.79
N SER D 160 -25.67 20.65 -6.91
CA SER D 160 -26.32 19.34 -7.00
C SER D 160 -25.41 18.21 -6.50
N TYR D 161 -24.28 18.54 -5.89
CA TYR D 161 -23.42 17.58 -5.16
C TYR D 161 -23.70 17.62 -3.66
N MET D 162 -24.37 18.67 -3.17
CA MET D 162 -24.62 18.90 -1.73
C MET D 162 -25.95 18.25 -1.32
N SER D 163 -26.06 17.95 -0.03
CA SER D 163 -27.25 17.32 0.58
C SER D 163 -28.31 18.39 0.82
N GLU D 164 -29.54 17.95 1.05
CA GLU D 164 -30.65 18.89 1.34
C GLU D 164 -30.45 19.50 2.73
N GLY D 165 -29.91 18.73 3.68
CA GLY D 165 -29.62 19.25 5.02
C GLY D 165 -28.56 20.34 4.96
N THR D 166 -27.48 20.10 4.24
CA THR D 166 -26.36 21.06 4.20
C THR D 166 -26.88 22.40 3.66
N LYS D 167 -27.74 22.34 2.65
CA LYS D 167 -28.26 23.55 1.97
C LYS D 167 -29.12 24.36 2.95
N GLU D 168 -30.01 23.69 3.68
CA GLU D 168 -30.94 24.40 4.60
C GLU D 168 -30.16 25.10 5.71
N SER D 169 -29.02 24.54 6.15
CA SER D 169 -28.18 25.18 7.19
C SER D 169 -27.52 26.45 6.65
N MET D 170 -27.23 26.48 5.35
CA MET D 170 -26.65 27.66 4.69
C MET D 170 -27.74 28.73 4.50
N SER D 171 -28.96 28.34 4.11
CA SER D 171 -30.12 29.25 4.05
C SER D 171 -30.27 29.98 5.38
N ASN D 172 -30.22 29.21 6.47
CA ASN D 172 -30.40 29.70 7.86
C ASN D 172 -29.16 30.42 8.37
N GLY D 173 -28.06 30.39 7.62
CA GLY D 173 -26.90 31.25 7.89
C GLY D 173 -25.92 30.69 8.90
N VAL D 174 -25.91 29.36 9.09
CA VAL D 174 -24.89 28.73 9.96
C VAL D 174 -23.51 28.93 9.31
N PHE D 175 -23.44 28.82 7.99
CA PHE D 175 -22.19 29.00 7.22
C PHE D 175 -22.53 29.27 5.75
N THR D 176 -21.49 29.57 4.98
CA THR D 176 -21.63 29.86 3.53
C THR D 176 -20.35 29.48 2.80
N VAL D 177 -20.46 29.12 1.52
CA VAL D 177 -19.28 28.74 0.70
C VAL D 177 -19.33 29.48 -0.63
N GLY D 178 -20.00 30.64 -0.67
CA GLY D 178 -20.21 31.40 -1.91
C GLY D 178 -18.91 31.81 -2.60
N ASN D 179 -17.85 32.01 -1.84
CA ASN D 179 -16.55 32.51 -2.35
C ASN D 179 -16.14 31.75 -3.62
N TYR D 180 -15.86 30.44 -3.50
CA TYR D 180 -15.44 29.60 -4.65
C TYR D 180 -16.65 29.00 -5.36
N PHE D 181 -17.83 29.23 -4.81
CA PHE D 181 -19.10 28.83 -5.44
C PHE D 181 -19.43 29.81 -6.56
N PHE D 182 -19.55 31.10 -6.21
CA PHE D 182 -19.90 32.17 -7.17
C PHE D 182 -18.69 32.55 -8.02
N GLY D 183 -17.55 32.80 -7.36
CA GLY D 183 -16.30 33.21 -8.01
C GLY D 183 -15.38 32.04 -8.26
N GLY D 184 -14.18 32.32 -8.76
CA GLY D 184 -13.11 31.34 -8.90
C GLY D 184 -12.34 31.21 -7.60
N ILE D 185 -11.30 30.37 -7.61
CA ILE D 185 -10.58 29.96 -6.37
C ILE D 185 -9.48 30.97 -6.07
N GLY D 186 -8.43 31.01 -6.87
CA GLY D 186 -7.26 31.83 -6.53
C GLY D 186 -6.68 31.38 -5.20
N HIS D 187 -6.32 32.35 -4.34
CA HIS D 187 -5.77 32.09 -2.98
C HIS D 187 -4.53 31.20 -3.09
N VAL D 188 -3.50 31.76 -3.71
CA VAL D 188 -2.28 31.01 -4.10
C VAL D 188 -1.18 32.05 -4.32
N SER D 189 0.06 31.69 -4.02
CA SER D 189 1.22 32.52 -4.37
C SER D 189 2.12 31.73 -5.32
N VAL D 190 1.96 31.95 -6.62
CA VAL D 190 2.61 31.13 -7.69
C VAL D 190 4.14 31.30 -7.70
N ASP D 191 4.82 30.42 -8.42
CA ASP D 191 6.29 30.41 -8.51
C ASP D 191 6.71 31.59 -9.40
N TYR D 192 6.79 32.78 -8.82
CA TYR D 192 7.18 33.99 -9.57
C TYR D 192 8.63 33.87 -10.03
N GLY D 193 9.50 33.31 -9.19
CA GLY D 193 10.95 33.32 -9.43
C GLY D 193 11.36 32.40 -10.56
N LYS D 194 10.57 31.36 -10.82
CA LYS D 194 10.83 30.38 -11.89
C LYS D 194 10.61 31.01 -13.27
N VAL D 195 9.48 31.71 -13.46
CA VAL D 195 9.19 32.40 -14.74
C VAL D 195 10.16 33.57 -14.92
N LEU D 196 10.69 34.12 -13.83
CA LEU D 196 11.76 35.14 -13.96
C LEU D 196 13.05 34.49 -14.44
N LYS D 197 13.33 33.26 -13.99
CA LYS D 197 14.57 32.57 -14.41
C LYS D 197 14.41 32.12 -15.86
N ILE D 198 13.38 31.35 -16.17
CA ILE D 198 13.28 30.63 -17.47
C ILE D 198 12.12 31.14 -18.32
N GLY D 199 11.23 31.96 -17.78
CA GLY D 199 10.12 32.53 -18.54
C GLY D 199 9.14 31.47 -19.02
N PHE D 200 8.09 31.91 -19.72
CA PHE D 200 7.03 31.03 -20.26
C PHE D 200 7.63 29.96 -21.17
N ARG D 201 8.68 30.33 -21.90
CA ARG D 201 9.38 29.38 -22.80
C ARG D 201 10.06 28.29 -21.97
N GLY D 202 10.46 28.59 -20.74
CA GLY D 202 11.02 27.58 -19.83
C GLY D 202 9.97 26.59 -19.35
N ILE D 203 8.80 27.11 -18.97
CA ILE D 203 7.60 26.30 -18.57
C ILE D 203 7.27 25.31 -19.68
N ILE D 204 7.19 25.80 -20.93
CA ILE D 204 6.89 24.94 -22.09
C ILE D 204 7.98 23.88 -22.27
N ASP D 205 9.23 24.25 -22.05
CA ASP D 205 10.35 23.29 -22.17
C ASP D 205 10.17 22.19 -21.13
N GLU D 206 9.93 22.57 -19.88
CA GLU D 206 9.72 21.59 -18.78
C GLU D 206 8.62 20.60 -19.15
N VAL D 207 7.49 21.09 -19.66
CA VAL D 207 6.31 20.24 -19.91
C VAL D 207 6.62 19.30 -21.07
N THR D 208 7.20 19.82 -22.15
CA THR D 208 7.66 18.97 -23.27
C THR D 208 8.64 17.90 -22.75
N ARG D 209 9.57 18.32 -21.91
CA ARG D 209 10.61 17.38 -21.44
C ARG D 209 9.98 16.32 -20.53
N ALA D 210 9.01 16.70 -19.70
CA ALA D 210 8.21 15.74 -18.91
C ALA D 210 7.30 14.91 -19.81
N LEU D 211 6.98 15.42 -21.01
CA LEU D 211 6.06 14.76 -21.98
C LEU D 211 6.83 13.67 -22.73
N GLU D 212 8.14 13.84 -22.88
CA GLU D 212 9.03 12.85 -23.53
C GLU D 212 9.47 11.77 -22.55
N ASN D 213 9.05 11.83 -21.27
CA ASN D 213 9.42 10.81 -20.26
C ASN D 213 8.18 10.23 -19.57
N LEU D 214 7.01 10.34 -20.17
CA LEU D 214 5.78 9.69 -19.67
C LEU D 214 5.99 8.19 -19.56
N ASP D 215 5.43 7.57 -18.53
CA ASP D 215 5.23 6.11 -18.47
C ASP D 215 3.97 5.81 -19.26
N ARG D 216 4.11 5.24 -20.45
CA ARG D 216 2.97 5.06 -21.38
C ARG D 216 2.49 3.61 -21.41
N SER D 217 2.74 2.83 -20.35
CA SER D 217 2.38 1.39 -20.34
C SER D 217 1.00 1.17 -19.73
N THR D 218 0.60 2.01 -18.77
CA THR D 218 -0.72 1.90 -18.13
C THR D 218 -1.69 2.80 -18.87
N SER D 219 -2.90 2.97 -18.33
CA SER D 219 -3.91 3.90 -18.88
C SER D 219 -3.64 5.34 -18.40
N ASP D 220 -2.88 5.49 -17.33
CA ASP D 220 -2.85 6.76 -16.56
C ASP D 220 -2.14 7.87 -17.30
N TYR D 221 -1.63 7.66 -18.51
CA TYR D 221 -0.94 8.74 -19.25
C TYR D 221 -1.88 9.53 -20.14
N ILE D 222 -3.00 8.93 -20.54
CA ILE D 222 -3.95 9.60 -21.48
C ILE D 222 -4.31 10.98 -20.91
N LYS D 223 -4.73 11.03 -19.64
CA LYS D 223 -5.15 12.30 -19.02
C LYS D 223 -3.93 13.17 -18.71
N LYS D 224 -2.78 12.57 -18.42
CA LYS D 224 -1.56 13.36 -18.17
C LYS D 224 -1.14 14.07 -19.45
N GLU D 225 -1.25 13.38 -20.59
CA GLU D 225 -0.91 13.99 -21.89
C GLU D 225 -1.89 15.13 -22.17
N GLN D 226 -3.19 14.91 -21.88
CA GLN D 226 -4.20 15.98 -22.06
C GLN D 226 -3.78 17.20 -21.25
N PHE D 227 -3.44 17.02 -19.97
CA PHE D 227 -3.03 18.13 -19.09
C PHE D 227 -1.81 18.86 -19.66
N TYR D 228 -0.80 18.11 -20.13
CA TYR D 228 0.47 18.68 -20.64
C TYR D 228 0.22 19.48 -21.92
N ASN D 229 -0.62 18.98 -22.82
CA ASN D 229 -0.82 19.65 -24.11
C ASN D 229 -1.67 20.89 -23.89
N ALA D 230 -2.58 20.85 -22.91
CA ALA D 230 -3.31 22.05 -22.47
C ALA D 230 -2.32 23.10 -21.97
N VAL D 231 -1.42 22.74 -21.06
CA VAL D 231 -0.45 23.70 -20.46
C VAL D 231 0.40 24.33 -21.57
N ILE D 232 0.93 23.52 -22.49
CA ILE D 232 1.82 24.04 -23.57
C ILE D 232 1.04 25.06 -24.42
N LEU D 233 -0.18 24.69 -24.83
CA LEU D 233 -0.99 25.57 -25.69
C LEU D 233 -1.31 26.88 -24.96
N SER D 234 -1.49 26.83 -23.64
CA SER D 234 -1.81 28.01 -22.81
C SER D 234 -0.58 28.89 -22.63
N TYR D 235 0.63 28.36 -22.74
CA TYR D 235 1.86 29.17 -22.60
C TYR D 235 2.39 29.62 -23.96
N GLN D 236 1.90 29.05 -25.06
CA GLN D 236 2.10 29.63 -26.40
C GLN D 236 1.28 30.92 -26.53
N ALA D 237 -0.01 30.86 -26.21
CA ALA D 237 -0.88 32.06 -26.20
C ALA D 237 -0.47 33.00 -25.07
N ALA D 238 0.10 32.49 -23.98
CA ALA D 238 0.62 33.34 -22.89
C ALA D 238 1.78 34.18 -23.40
N ILE D 239 2.55 33.65 -24.36
CA ILE D 239 3.67 34.39 -24.96
C ILE D 239 3.11 35.39 -25.98
N ASN D 240 2.13 34.96 -26.78
CA ASN D 240 1.44 35.85 -27.75
C ASN D 240 0.90 37.11 -27.06
N PHE D 241 0.35 36.97 -25.84
CA PHE D 241 -0.26 38.08 -25.06
C PHE D 241 0.79 39.17 -24.81
N ALA D 242 1.98 38.79 -24.36
CA ALA D 242 3.05 39.75 -24.02
C ALA D 242 3.62 40.36 -25.30
N HIS D 243 3.62 39.62 -26.41
CA HIS D 243 3.98 40.15 -27.75
C HIS D 243 2.95 41.17 -28.20
N ARG D 244 1.68 40.96 -27.85
CA ARG D 244 0.63 41.95 -28.21
C ARG D 244 0.89 43.27 -27.49
N TYR D 245 1.34 43.21 -26.24
CA TYR D 245 1.58 44.44 -25.46
C TYR D 245 2.83 45.15 -25.98
N ALA D 246 3.81 44.39 -26.46
CA ALA D 246 5.01 44.97 -27.09
C ALA D 246 4.66 45.62 -28.43
N GLN D 247 3.68 45.06 -29.15
CA GLN D 247 3.20 45.70 -30.39
C GLN D 247 2.56 47.04 -30.05
N GLU D 248 1.55 47.03 -29.19
CA GLU D 248 0.89 48.29 -28.82
C GLU D 248 1.93 49.31 -28.37
N ALA D 249 2.90 48.89 -27.56
CA ALA D 249 3.95 49.79 -27.05
C ALA D 249 4.69 50.45 -28.22
N SER D 250 4.93 49.69 -29.30
CA SER D 250 5.63 50.18 -30.51
C SER D 250 4.67 51.02 -31.36
N ARG D 251 3.36 50.74 -31.29
CA ARG D 251 2.35 51.57 -31.99
C ARG D 251 2.23 52.92 -31.29
N LEU D 252 2.02 52.92 -29.99
CA LEU D 252 1.86 54.17 -29.21
C LEU D 252 3.08 55.06 -29.38
N ALA D 253 4.26 54.48 -29.60
CA ALA D 253 5.49 55.26 -29.80
C ALA D 253 5.54 55.84 -31.22
N ARG D 254 4.86 55.22 -32.19
CA ARG D 254 4.77 55.73 -33.58
C ARG D 254 3.77 56.89 -33.69
N GLU D 255 3.23 57.35 -32.54
CA GLU D 255 2.36 58.54 -32.45
C GLU D 255 2.76 59.40 -31.26
N GLU D 256 3.88 59.08 -30.62
CA GLU D 256 4.38 59.87 -29.47
C GLU D 256 5.06 61.12 -29.99
N ARG D 257 4.51 62.28 -29.67
CA ARG D 257 5.18 63.54 -30.04
C ARG D 257 6.14 63.98 -28.95
N ASP D 258 5.97 63.50 -27.72
CA ASP D 258 6.98 63.78 -26.69
C ASP D 258 8.12 62.78 -26.84
N PRO D 259 9.38 63.26 -26.90
CA PRO D 259 10.55 62.39 -26.98
C PRO D 259 10.82 61.44 -25.81
N THR D 260 10.81 61.91 -24.56
CA THR D 260 11.17 61.03 -23.43
C THR D 260 10.13 59.92 -23.26
N ARG D 261 8.86 60.18 -23.57
CA ARG D 261 7.81 59.15 -23.45
C ARG D 261 7.92 58.13 -24.58
N GLN D 262 8.48 58.52 -25.72
CA GLN D 262 8.74 57.56 -26.82
C GLN D 262 9.88 56.63 -26.40
N ARG D 263 10.96 57.22 -25.89
CA ARG D 263 12.11 56.47 -25.32
C ARG D 263 11.59 55.39 -24.35
N GLU D 264 10.64 55.76 -23.49
CA GLU D 264 9.98 54.81 -22.57
C GLU D 264 9.18 53.80 -23.39
N LEU D 265 8.35 54.27 -24.32
CA LEU D 265 7.37 53.37 -24.98
C LEU D 265 8.07 52.35 -25.86
N GLU D 266 9.19 52.72 -26.49
CA GLU D 266 9.90 51.75 -27.34
C GLU D 266 10.72 50.81 -26.47
N GLN D 267 11.17 51.28 -25.30
CA GLN D 267 11.83 50.39 -24.30
C GLN D 267 10.79 49.45 -23.69
N ILE D 268 9.52 49.84 -23.66
CA ILE D 268 8.45 48.97 -23.11
C ILE D 268 8.17 47.83 -24.10
N ALA D 269 8.03 48.14 -25.39
CA ALA D 269 7.91 47.12 -26.45
C ALA D 269 9.13 46.19 -26.41
N SER D 270 10.31 46.77 -26.22
CA SER D 270 11.56 46.01 -25.97
C SER D 270 11.35 45.02 -24.81
N ASN D 271 10.76 45.49 -23.70
CA ASN D 271 10.59 44.69 -22.48
C ASN D 271 9.58 43.56 -22.71
N CYS D 272 8.41 43.89 -23.26
CA CYS D 272 7.35 42.88 -23.44
C CYS D 272 7.66 41.91 -24.59
N THR D 273 8.75 42.12 -25.32
CA THR D 273 9.16 41.15 -26.35
C THR D 273 10.07 40.10 -25.72
N ARG D 274 10.98 40.55 -24.86
CA ARG D 274 11.84 39.62 -24.11
C ARG D 274 10.97 38.82 -23.12
N VAL D 275 10.31 39.51 -22.19
CA VAL D 275 9.64 38.86 -21.04
C VAL D 275 8.13 38.84 -21.26
N PRO D 276 7.38 37.97 -20.56
CA PRO D 276 7.94 36.83 -19.83
C PRO D 276 8.17 35.60 -20.72
N GLU D 277 8.25 35.77 -22.04
CA GLU D 277 8.64 34.66 -22.95
C GLU D 277 9.92 34.02 -22.44
N TYR D 278 10.92 34.84 -22.11
CA TYR D 278 12.26 34.39 -21.67
C TYR D 278 12.59 35.04 -20.32
N GLY D 279 13.69 34.60 -19.72
CA GLY D 279 14.13 35.09 -18.40
C GLY D 279 14.39 36.59 -18.42
N ALA D 280 14.20 37.23 -17.27
CA ALA D 280 14.34 38.69 -17.13
C ALA D 280 15.82 39.04 -16.97
N THR D 281 16.28 40.07 -17.68
CA THR D 281 17.70 40.50 -17.64
C THR D 281 17.85 41.75 -16.77
N THR D 282 16.98 42.73 -16.96
CA THR D 282 17.02 43.97 -16.17
C THR D 282 16.04 43.87 -15.01
N PHE D 283 16.12 44.82 -14.09
CA PHE D 283 15.10 44.96 -13.03
C PHE D 283 13.75 45.36 -13.63
N TRP D 284 13.76 46.30 -14.57
CA TRP D 284 12.55 46.77 -15.26
C TRP D 284 11.77 45.58 -15.83
N GLU D 285 12.46 44.60 -16.45
CA GLU D 285 11.76 43.42 -17.03
C GLU D 285 11.30 42.48 -15.91
N ALA D 286 12.04 42.41 -14.81
CA ALA D 286 11.65 41.55 -13.66
C ALA D 286 10.26 41.98 -13.19
N CYS D 287 10.02 43.28 -13.03
CA CYS D 287 8.69 43.81 -12.67
C CYS D 287 7.67 43.53 -13.77
N GLN D 288 8.05 43.69 -15.03
CA GLN D 288 7.10 43.49 -16.14
C GLN D 288 6.66 42.02 -16.16
N THR D 289 7.59 41.09 -15.91
CA THR D 289 7.26 39.65 -15.81
C THR D 289 6.34 39.43 -14.61
N PHE D 290 6.69 39.99 -13.47
CA PHE D 290 5.82 39.91 -12.27
C PHE D 290 4.40 40.25 -12.65
N TRP D 291 4.19 41.46 -13.20
CA TRP D 291 2.83 42.01 -13.37
C TRP D 291 2.03 41.19 -14.38
N PHE D 292 2.67 40.79 -15.48
CA PHE D 292 2.03 39.92 -16.50
C PHE D 292 1.46 38.67 -15.84
N ILE D 293 2.28 37.97 -15.05
CA ILE D 293 1.83 36.75 -14.35
C ILE D 293 0.67 37.13 -13.43
N GLN D 294 0.90 38.13 -12.59
CA GLN D 294 -0.09 38.58 -11.58
C GLN D 294 -1.44 38.82 -12.24
N SER D 295 -1.46 39.56 -13.37
CA SER D 295 -2.70 39.97 -14.04
C SER D 295 -3.30 38.82 -14.83
N MET D 296 -2.47 38.17 -15.66
CA MET D 296 -2.92 37.11 -16.57
C MET D 296 -3.57 35.96 -15.79
N LEU D 297 -3.20 35.78 -14.52
CA LEU D 297 -3.91 34.80 -13.68
C LEU D 297 -5.34 35.29 -13.46
N GLN D 298 -5.47 36.55 -13.04
CA GLN D 298 -6.79 37.15 -12.79
C GLN D 298 -7.47 37.47 -14.10
N ILE D 299 -6.91 37.03 -15.22
CA ILE D 299 -7.66 36.98 -16.51
C ILE D 299 -8.27 35.60 -16.69
N GLU D 300 -7.59 34.53 -16.26
CA GLU D 300 -8.11 33.18 -16.55
C GLU D 300 -9.16 32.77 -15.50
N SER D 301 -9.10 33.37 -14.30
CA SER D 301 -10.13 33.16 -13.25
C SER D 301 -10.29 34.43 -12.42
N SER D 302 -11.44 34.55 -11.76
CA SER D 302 -11.75 35.66 -10.84
C SER D 302 -11.38 35.30 -9.41
N GLY D 303 -10.66 34.20 -9.20
CA GLY D 303 -10.21 33.84 -7.86
C GLY D 303 -9.35 34.95 -7.31
N HIS D 304 -9.80 35.63 -6.26
CA HIS D 304 -9.02 36.74 -5.67
C HIS D 304 -8.05 36.17 -4.65
N SER D 305 -7.27 37.04 -4.02
CA SER D 305 -6.15 36.66 -3.13
C SER D 305 -5.06 35.98 -3.96
N ILE D 306 -4.78 36.53 -5.14
CA ILE D 306 -3.61 36.15 -5.95
C ILE D 306 -2.44 36.94 -5.36
N SER D 307 -1.86 36.39 -4.32
CA SER D 307 -0.94 37.11 -3.43
C SER D 307 0.47 37.10 -4.01
N PRO D 308 1.10 38.28 -4.24
CA PRO D 308 2.49 38.30 -4.69
C PRO D 308 3.45 37.50 -3.78
N GLY D 309 3.32 37.65 -2.48
CA GLY D 309 4.20 36.93 -1.55
C GLY D 309 5.56 37.59 -1.41
N ARG D 310 6.63 36.78 -1.41
CA ARG D 310 7.97 37.24 -1.01
C ARG D 310 8.63 37.97 -2.17
N PHE D 311 7.94 39.01 -2.65
CA PHE D 311 8.38 39.90 -3.75
C PHE D 311 9.80 40.44 -3.50
N ASP D 312 10.17 40.71 -2.26
CA ASP D 312 11.51 41.28 -1.97
C ASP D 312 12.58 40.18 -2.02
N GLN D 313 12.18 38.92 -2.14
CA GLN D 313 13.09 37.77 -2.13
C GLN D 313 13.36 37.30 -3.56
N TYR D 314 12.32 37.22 -4.39
CA TYR D 314 12.46 36.65 -5.74
C TYR D 314 12.63 37.74 -6.78
N MET D 315 12.57 39.00 -6.38
CA MET D 315 12.85 40.12 -7.31
C MET D 315 14.25 40.69 -7.07
N TYR D 316 14.75 40.63 -5.84
CA TYR D 316 16.08 41.19 -5.51
C TYR D 316 17.23 40.61 -6.34
N PRO D 317 17.21 39.35 -6.81
CA PRO D 317 18.25 38.92 -7.77
C PRO D 317 18.34 39.89 -8.95
N TYR D 318 17.19 40.30 -9.47
CA TYR D 318 17.13 41.12 -10.69
C TYR D 318 17.43 42.58 -10.39
N LEU D 319 17.29 43.02 -9.13
CA LEU D 319 17.70 44.39 -8.71
C LEU D 319 19.21 44.44 -8.46
N ALA D 320 19.76 43.44 -7.78
CA ALA D 320 21.22 43.36 -7.53
C ALA D 320 21.99 43.12 -8.83
N ALA D 321 21.38 42.51 -9.85
CA ALA D 321 22.02 42.17 -11.14
C ALA D 321 21.95 43.31 -12.14
N ASP D 322 21.16 44.35 -11.85
CA ASP D 322 21.02 45.52 -12.74
C ASP D 322 21.95 46.60 -12.22
N THR D 323 23.12 46.74 -12.83
CA THR D 323 24.16 47.70 -12.39
C THR D 323 23.90 49.09 -12.98
N ALA D 324 23.07 49.19 -14.01
CA ALA D 324 22.80 50.46 -14.71
C ALA D 324 21.68 51.24 -13.99
N ILE D 325 20.67 50.53 -13.48
CA ILE D 325 19.47 51.20 -12.92
C ILE D 325 19.89 52.09 -11.74
N SER D 326 19.30 53.29 -11.70
CA SER D 326 19.37 54.23 -10.57
C SER D 326 18.43 53.76 -9.45
N SER D 327 18.67 54.23 -8.23
CA SER D 327 17.75 53.97 -7.10
C SER D 327 16.46 54.77 -7.29
N GLU D 328 16.56 55.98 -7.83
CA GLU D 328 15.41 56.89 -8.03
C GLU D 328 14.36 56.19 -8.89
N PHE D 329 14.82 55.47 -9.93
CA PHE D 329 14.01 54.86 -11.01
C PHE D 329 13.57 53.43 -10.64
N ALA D 330 14.45 52.62 -10.07
CA ALA D 330 14.07 51.30 -9.52
C ALA D 330 12.86 51.50 -8.60
N GLN D 331 12.93 52.48 -7.70
CA GLN D 331 11.80 52.82 -6.80
C GLN D 331 10.57 53.19 -7.61
N GLU D 332 10.74 53.90 -8.74
CA GLU D 332 9.60 54.31 -9.56
C GLU D 332 8.90 53.08 -10.16
N LEU D 333 9.67 52.07 -10.56
CA LEU D 333 9.10 50.83 -11.12
C LEU D 333 8.25 50.15 -10.05
N VAL D 334 8.87 49.86 -8.90
CA VAL D 334 8.17 49.27 -7.73
C VAL D 334 6.88 50.05 -7.48
N ASP D 335 6.95 51.39 -7.56
CA ASP D 335 5.78 52.24 -7.33
C ASP D 335 4.69 51.93 -8.35
N CYS D 336 5.05 51.75 -9.62
CA CYS D 336 4.04 51.45 -10.67
C CYS D 336 3.46 50.05 -10.47
N CYS D 337 4.23 49.14 -9.86
CA CYS D 337 3.76 47.78 -9.55
C CYS D 337 2.63 47.84 -8.53
N TRP D 338 2.89 48.53 -7.42
CA TRP D 338 1.86 48.85 -6.40
C TRP D 338 0.62 49.40 -7.10
N ILE D 339 0.81 50.47 -7.86
CA ILE D 339 -0.29 51.15 -8.58
C ILE D 339 -1.03 50.15 -9.48
N LYS D 340 -0.30 49.27 -10.18
CA LYS D 340 -0.95 48.31 -11.10
C LYS D 340 -1.77 47.29 -10.30
N LEU D 341 -1.31 46.92 -9.11
CA LEU D 341 -2.09 45.98 -8.27
C LEU D 341 -3.42 46.61 -7.85
N ASN D 342 -3.50 47.94 -7.79
CA ASN D 342 -4.80 48.61 -7.54
C ASN D 342 -5.70 48.61 -8.78
N ASP D 343 -5.16 48.32 -9.97
CA ASP D 343 -5.91 48.37 -11.24
C ASP D 343 -6.89 47.20 -11.34
N ILE D 344 -6.73 46.17 -10.50
CA ILE D 344 -7.56 44.95 -10.59
C ILE D 344 -8.77 45.13 -9.70
N ASN D 345 -9.91 44.63 -10.16
CA ASN D 345 -11.19 44.75 -9.45
C ASN D 345 -12.05 43.56 -9.82
N LYS D 346 -13.04 43.28 -8.98
CA LYS D 346 -13.91 42.10 -9.09
C LYS D 346 -15.30 42.46 -8.58
N THR D 347 -16.32 42.17 -9.38
CA THR D 347 -17.73 42.39 -9.00
C THR D 347 -18.32 41.06 -8.52
N ARG D 348 -19.09 41.14 -7.44
CA ARG D 348 -19.78 39.97 -6.85
C ARG D 348 -21.24 40.39 -6.68
N ASP D 349 -22.13 39.41 -6.47
CA ASP D 349 -23.56 39.69 -6.22
C ASP D 349 -23.71 40.67 -5.06
N GLU D 350 -24.82 41.41 -5.01
CA GLU D 350 -25.10 42.43 -3.96
C GLU D 350 -24.57 41.99 -2.60
N ILE D 351 -24.98 40.80 -2.15
CA ILE D 351 -24.81 40.34 -0.76
C ILE D 351 -23.34 39.95 -0.52
N SER D 352 -22.74 39.12 -1.39
CA SER D 352 -21.32 38.70 -1.26
C SER D 352 -20.41 39.93 -1.25
N ALA D 353 -20.72 40.95 -2.05
CA ALA D 353 -19.96 42.21 -2.12
C ALA D 353 -19.73 42.77 -0.72
N GLN D 354 -20.75 42.72 0.14
CA GLN D 354 -20.63 43.30 1.50
C GLN D 354 -19.63 42.52 2.34
N ALA D 355 -19.50 41.20 2.10
CA ALA D 355 -18.57 40.37 2.88
C ALA D 355 -17.12 40.68 2.48
N PHE D 356 -16.91 41.11 1.23
CA PHE D 356 -15.58 41.34 0.62
C PHE D 356 -15.49 42.78 0.12
N ALA D 357 -15.81 43.75 0.99
CA ALA D 357 -16.18 45.10 0.55
C ALA D 357 -14.93 45.91 0.25
N GLY D 358 -15.03 46.79 -0.77
CA GLY D 358 -14.09 47.89 -1.02
C GLY D 358 -13.25 47.70 -2.27
N TYR D 359 -13.81 47.05 -3.29
CA TYR D 359 -13.10 46.74 -4.55
C TYR D 359 -11.76 46.09 -4.19
N ALA D 360 -11.84 45.03 -3.37
CA ALA D 360 -10.68 44.33 -2.79
C ALA D 360 -10.56 42.96 -3.46
N VAL D 361 -9.35 42.66 -3.95
CA VAL D 361 -8.99 41.29 -4.41
C VAL D 361 -7.89 40.70 -3.52
N PHE D 362 -7.46 41.43 -2.49
CA PHE D 362 -6.71 40.90 -1.33
C PHE D 362 -5.35 40.30 -1.74
N GLN D 363 -4.72 40.83 -2.78
CA GLN D 363 -3.44 40.27 -3.25
C GLN D 363 -2.36 40.71 -2.27
N ASN D 364 -1.86 39.75 -1.48
CA ASN D 364 -1.01 39.99 -0.30
C ASN D 364 0.47 39.88 -0.67
N LEU D 365 1.21 40.93 -0.41
CA LEU D 365 2.66 41.04 -0.66
C LEU D 365 3.35 41.18 0.69
N CYS D 366 4.25 40.27 1.03
CA CYS D 366 5.04 40.41 2.28
C CYS D 366 6.50 40.67 1.96
N VAL D 367 7.23 41.09 2.98
CA VAL D 367 8.68 41.37 2.91
C VAL D 367 9.33 40.91 4.22
N GLY D 368 10.63 40.67 4.17
CA GLY D 368 11.41 40.32 5.36
C GLY D 368 11.09 38.91 5.83
N GLY D 369 11.66 38.54 6.98
CA GLY D 369 11.50 37.21 7.58
C GLY D 369 12.83 36.47 7.70
N GLN D 370 12.79 35.16 7.46
CA GLN D 370 13.98 34.28 7.40
C GLN D 370 14.09 33.74 5.97
N THR D 371 15.31 33.38 5.58
CA THR D 371 15.49 32.57 4.36
C THR D 371 15.14 31.13 4.74
N GLU D 372 15.15 30.22 3.76
CA GLU D 372 14.90 28.78 4.08
C GLU D 372 16.10 28.18 4.83
N ASP D 373 17.24 28.90 4.89
CA ASP D 373 18.44 28.47 5.66
C ASP D 373 18.27 28.75 7.16
N GLY D 374 17.55 29.82 7.52
CA GLY D 374 17.39 30.26 8.91
C GLY D 374 18.12 31.57 9.23
N ARG D 375 18.53 32.32 8.21
CA ARG D 375 19.18 33.64 8.38
C ARG D 375 18.16 34.72 8.03
N ASP D 376 18.25 35.88 8.68
CA ASP D 376 17.32 37.00 8.42
C ASP D 376 17.34 37.35 6.93
N ALA D 377 16.20 37.80 6.41
CA ALA D 377 15.94 37.85 4.97
C ALA D 377 15.82 39.28 4.47
N THR D 378 16.05 40.28 5.31
CA THR D 378 15.95 41.69 4.90
C THR D 378 16.97 41.98 3.78
N ASN D 379 16.59 42.81 2.81
CA ASN D 379 17.49 43.27 1.74
C ASN D 379 17.10 44.69 1.35
N PRO D 380 17.89 45.38 0.53
CA PRO D 380 17.50 46.74 0.11
C PRO D 380 16.10 46.86 -0.51
N LEU D 381 15.69 45.94 -1.38
CA LEU D 381 14.34 46.00 -2.01
C LEU D 381 13.24 45.89 -0.95
N THR D 382 13.50 45.16 0.14
CA THR D 382 12.58 45.13 1.31
C THR D 382 12.14 46.55 1.67
N TYR D 383 13.12 47.39 2.01
CA TYR D 383 12.92 48.78 2.47
C TYR D 383 12.31 49.64 1.35
N MET D 384 12.58 49.30 0.10
CA MET D 384 11.92 49.95 -1.05
C MET D 384 10.44 49.57 -1.08
N CYS D 385 10.11 48.34 -0.67
CA CYS D 385 8.71 47.86 -0.73
C CYS D 385 7.85 48.62 0.27
N MET D 386 8.39 48.93 1.45
CA MET D 386 7.72 49.85 2.39
C MET D 386 7.54 51.22 1.73
N GLU D 387 8.66 51.83 1.30
CA GLU D 387 8.66 53.12 0.55
C GLU D 387 7.57 53.12 -0.51
N ALA D 388 7.45 52.03 -1.28
CA ALA D 388 6.45 51.93 -2.35
C ALA D 388 5.05 52.12 -1.75
N THR D 389 4.83 51.70 -0.51
CA THR D 389 3.55 51.94 0.18
C THR D 389 3.46 53.39 0.66
N ALA D 390 4.53 53.96 1.20
CA ALA D 390 4.53 55.38 1.62
C ALA D 390 4.34 56.28 0.40
N HIS D 391 4.81 55.87 -0.77
CA HIS D 391 4.69 56.66 -2.02
C HIS D 391 3.24 56.68 -2.49
N VAL D 392 2.67 55.49 -2.66
CA VAL D 392 1.37 55.34 -3.37
C VAL D 392 0.22 55.50 -2.37
N ARG D 393 0.26 54.75 -1.27
CA ARG D 393 -0.77 54.81 -0.21
C ARG D 393 -2.15 54.52 -0.80
N LEU D 394 -2.28 53.38 -1.47
CA LEU D 394 -3.61 52.88 -1.92
C LEU D 394 -3.84 51.53 -1.25
N PRO D 395 -5.08 51.01 -1.25
CA PRO D 395 -5.37 49.72 -0.63
C PRO D 395 -4.45 48.55 -1.06
N GLN D 396 -4.15 48.42 -2.34
CA GLN D 396 -3.31 47.29 -2.80
C GLN D 396 -1.87 47.75 -2.96
N PRO D 397 -0.90 46.83 -2.77
CA PRO D 397 -1.17 45.44 -2.40
C PRO D 397 -1.51 45.37 -0.90
N SER D 398 -2.14 44.28 -0.45
CA SER D 398 -2.35 44.10 1.01
C SER D 398 -0.97 43.86 1.62
N PHE D 399 -0.30 44.95 1.95
CA PHE D 399 1.13 44.93 2.29
C PHE D 399 1.30 44.35 3.69
N SER D 400 2.31 43.50 3.86
CA SER D 400 2.59 42.82 5.14
C SER D 400 4.09 42.71 5.34
N ILE D 401 4.46 42.42 6.58
CA ILE D 401 5.85 42.07 6.93
C ILE D 401 5.83 40.76 7.69
N ARG D 402 6.90 39.99 7.55
CA ARG D 402 7.17 38.84 8.43
C ARG D 402 8.06 39.32 9.57
N VAL D 403 7.80 38.80 10.76
CA VAL D 403 8.62 39.07 11.98
C VAL D 403 9.01 37.73 12.57
N TRP D 404 10.29 37.55 12.85
CA TRP D 404 10.81 36.43 13.67
C TRP D 404 11.72 37.06 14.72
N GLN D 405 12.49 36.25 15.47
CA GLN D 405 13.19 36.84 16.63
C GLN D 405 14.60 37.27 16.31
N GLY D 406 15.07 36.98 15.09
CA GLY D 406 16.30 37.57 14.56
C GLY D 406 15.99 38.73 13.64
N THR D 407 14.83 39.33 13.78
CA THR D 407 14.44 40.49 12.96
C THR D 407 15.23 41.71 13.41
N PRO D 408 15.89 42.44 12.50
CA PRO D 408 16.61 43.65 12.88
C PRO D 408 15.67 44.70 13.47
N ASP D 409 16.17 45.50 14.41
CA ASP D 409 15.41 46.67 14.91
C ASP D 409 15.19 47.66 13.78
N GLU D 410 16.24 47.94 13.01
CA GLU D 410 16.15 48.75 11.78
C GLU D 410 14.84 48.40 11.05
N PHE D 411 14.45 47.12 11.06
CA PHE D 411 13.31 46.58 10.30
C PHE D 411 12.00 46.77 11.08
N LEU D 412 11.93 46.33 12.32
CA LEU D 412 10.66 46.44 13.08
C LEU D 412 10.31 47.90 13.32
N TYR D 413 11.30 48.77 13.47
CA TYR D 413 11.05 50.21 13.75
C TYR D 413 10.65 50.93 12.47
N ARG D 414 11.27 50.61 11.34
CA ARG D 414 10.87 51.20 10.05
C ARG D 414 9.42 50.79 9.71
N ALA D 415 9.06 49.54 9.99
CA ALA D 415 7.71 49.03 9.66
C ALA D 415 6.67 49.78 10.49
N CYS D 416 6.96 50.03 11.77
CA CYS D 416 6.04 50.74 12.67
C CYS D 416 5.82 52.17 12.16
N GLU D 417 6.91 52.85 11.76
CA GLU D 417 6.87 54.18 11.12
C GLU D 417 5.84 54.23 10.00
N LEU D 418 5.68 53.13 9.25
CA LEU D 418 4.75 53.07 8.09
C LEU D 418 3.32 52.75 8.56
N VAL D 419 3.15 51.94 9.61
CA VAL D 419 1.79 51.63 10.14
C VAL D 419 1.19 52.91 10.69
N ARG D 420 2.06 53.87 11.02
CA ARG D 420 1.71 55.14 11.70
C ARG D 420 1.20 56.21 10.73
N LEU D 421 1.14 55.92 9.43
CA LEU D 421 0.48 56.80 8.43
C LEU D 421 -1.02 56.51 8.34
N GLY D 422 -1.50 55.48 9.03
CA GLY D 422 -2.93 55.24 9.18
C GLY D 422 -3.53 54.42 8.05
N LEU D 423 -2.71 53.67 7.29
CA LEU D 423 -3.17 52.86 6.15
C LEU D 423 -3.53 51.43 6.58
N GLY D 424 -3.11 51.00 7.77
CA GLY D 424 -3.33 49.62 8.23
C GLY D 424 -2.22 48.68 7.79
N VAL D 425 -1.60 48.97 6.65
CA VAL D 425 -0.39 48.25 6.18
C VAL D 425 0.83 48.86 6.87
N PRO D 426 1.92 48.09 7.07
CA PRO D 426 1.93 46.64 6.88
C PRO D 426 1.34 45.86 8.06
N ALA D 427 0.51 44.86 7.73
CA ALA D 427 0.07 43.82 8.67
C ALA D 427 1.30 43.04 9.14
N MET D 428 1.25 42.52 10.36
CA MET D 428 2.41 41.87 10.99
C MET D 428 2.08 40.43 11.33
N TYR D 429 2.92 39.52 10.84
CA TYR D 429 2.78 38.06 11.00
C TYR D 429 3.93 37.54 11.83
N ASN D 430 3.69 36.46 12.56
CA ASN D 430 4.65 35.90 13.54
C ASN D 430 5.19 34.58 12.99
N ASP D 431 6.48 34.56 12.65
CA ASP D 431 7.16 33.36 12.11
C ASP D 431 7.16 32.24 13.16
N GLU D 432 7.42 32.61 14.42
CA GLU D 432 7.65 31.64 15.51
C GLU D 432 6.36 30.90 15.83
N VAL D 433 5.22 31.37 15.32
CA VAL D 433 3.94 30.65 15.46
C VAL D 433 3.60 29.96 14.13
N ILE D 434 3.73 30.66 13.02
CA ILE D 434 3.27 30.16 11.72
C ILE D 434 4.07 28.91 11.34
N ILE D 435 5.40 28.98 11.40
CA ILE D 435 6.25 27.87 10.94
C ILE D 435 5.89 26.59 11.68
N PRO D 436 5.87 26.54 13.03
CA PRO D 436 5.39 25.33 13.70
C PRO D 436 3.94 24.98 13.38
N ALA D 437 3.08 25.98 13.15
CA ALA D 437 1.67 25.68 12.85
C ALA D 437 1.58 24.96 11.50
N LEU D 438 2.43 25.33 10.55
CA LEU D 438 2.49 24.67 9.23
C LEU D 438 3.12 23.29 9.38
N GLN D 439 4.27 23.22 10.06
CA GLN D 439 4.97 21.95 10.36
C GLN D 439 4.00 20.95 10.99
N ASN D 440 3.08 21.43 11.82
CA ASN D 440 2.02 20.61 12.45
C ASN D 440 1.08 20.01 11.40
N ARG D 441 0.99 20.63 10.22
CA ARG D 441 0.10 20.18 9.13
C ARG D 441 0.87 19.44 8.04
N GLY D 442 2.11 19.02 8.32
CA GLY D 442 2.87 18.16 7.41
C GLY D 442 3.78 18.93 6.49
N VAL D 443 4.14 20.15 6.87
CA VAL D 443 5.03 21.01 6.06
C VAL D 443 6.46 20.87 6.59
N SER D 444 7.37 20.46 5.71
CA SER D 444 8.82 20.44 6.00
C SER D 444 9.26 21.81 6.53
N LEU D 445 10.19 21.84 7.48
CA LEU D 445 10.74 23.11 8.01
C LEU D 445 11.36 23.93 6.88
N HIS D 446 11.95 23.25 5.87
CA HIS D 446 12.53 23.90 4.68
C HIS D 446 11.48 24.77 4.01
N ASP D 447 10.29 24.22 3.75
CA ASP D 447 9.21 24.91 3.03
C ASP D 447 8.50 25.92 3.95
N ALA D 448 8.36 25.60 5.24
CA ALA D 448 7.66 26.47 6.20
C ALA D 448 8.45 27.75 6.45
N ARG D 449 9.77 27.69 6.42
CA ARG D 449 10.60 28.90 6.63
C ARG D 449 10.32 29.95 5.56
N ASP D 450 9.96 29.50 4.36
CA ASP D 450 9.80 30.37 3.18
C ASP D 450 8.34 30.84 3.02
N TYR D 451 7.52 30.77 4.07
CA TYR D 451 6.07 31.03 3.88
C TYR D 451 5.83 32.49 3.54
N CYS D 452 4.83 32.72 2.69
CA CYS D 452 4.25 34.05 2.48
C CYS D 452 2.84 34.04 3.08
N ILE D 453 2.20 35.20 3.12
CA ILE D 453 0.80 35.32 3.59
C ILE D 453 -0.12 35.38 2.38
N ILE D 454 -1.29 34.74 2.47
CA ILE D 454 -2.35 34.79 1.43
C ILE D 454 -3.50 35.68 1.92
N GLY D 455 -4.02 36.51 1.01
CA GLY D 455 -5.31 37.17 1.18
C GLY D 455 -5.29 38.15 2.34
N CYS D 456 -5.82 37.73 3.49
CA CYS D 456 -5.76 38.52 4.73
C CYS D 456 -4.71 37.97 5.69
N VAL D 457 -4.87 36.73 6.15
CA VAL D 457 -4.05 36.22 7.28
C VAL D 457 -3.56 34.79 7.07
N GLU D 458 -3.69 34.23 5.86
CA GLU D 458 -3.49 32.78 5.65
C GLU D 458 -2.05 32.47 5.25
N PRO D 459 -1.30 31.67 6.02
CA PRO D 459 0.06 31.30 5.64
C PRO D 459 0.16 30.01 4.82
N GLN D 460 1.07 30.01 3.86
CA GLN D 460 1.33 28.82 3.03
C GLN D 460 2.81 28.80 2.64
N ALA D 461 3.31 27.59 2.40
CA ALA D 461 4.52 27.37 1.62
C ALA D 461 4.25 27.87 0.20
N PRO D 462 4.89 28.96 -0.26
CA PRO D 462 4.57 29.52 -1.58
C PRO D 462 4.92 28.57 -2.73
N HIS D 463 4.11 28.62 -3.80
CA HIS D 463 4.24 27.83 -5.05
C HIS D 463 4.40 26.34 -4.75
N ARG D 464 3.92 25.89 -3.58
CA ARG D 464 3.99 24.48 -3.16
C ARG D 464 2.58 23.95 -2.85
N THR D 465 1.59 24.84 -2.73
CA THR D 465 0.37 24.58 -1.93
C THR D 465 -0.89 25.02 -2.67
N GLU D 466 -1.95 24.20 -2.60
CA GLU D 466 -3.34 24.59 -2.92
C GLU D 466 -4.14 24.62 -1.61
N GLY D 467 -4.27 25.81 -1.01
CA GLY D 467 -4.70 25.93 0.39
C GLY D 467 -6.19 26.09 0.62
N TRP D 468 -6.91 26.66 -0.35
CA TRP D 468 -8.33 27.06 -0.17
C TRP D 468 -8.45 27.87 1.10
N HIS D 469 -7.61 28.89 1.21
CA HIS D 469 -7.39 29.63 2.47
C HIS D 469 -8.64 30.42 2.89
N ASP D 470 -9.60 30.64 1.98
CA ASP D 470 -10.92 31.23 2.31
C ASP D 470 -12.02 30.41 1.63
N ALA D 471 -12.08 29.11 1.93
CA ALA D 471 -13.12 28.24 1.36
C ALA D 471 -14.51 28.71 1.82
N ALA D 472 -14.63 29.11 3.08
CA ALA D 472 -15.97 29.29 3.68
C ALA D 472 -15.90 30.23 4.87
N PHE D 473 -17.06 30.83 5.17
CA PHE D 473 -17.35 31.52 6.44
C PHE D 473 -18.31 30.66 7.25
N PHE D 474 -17.94 30.43 8.51
CA PHE D 474 -18.70 29.60 9.46
C PHE D 474 -18.99 30.43 10.71
N ASN D 475 -20.28 30.53 11.03
CA ASN D 475 -20.78 31.42 12.10
C ASN D 475 -20.85 30.62 13.39
N VAL D 476 -19.82 30.72 14.23
CA VAL D 476 -19.73 29.93 15.48
C VAL D 476 -20.83 30.41 16.45
N ALA D 477 -21.01 31.72 16.57
CA ALA D 477 -22.06 32.31 17.43
C ALA D 477 -23.43 31.74 17.06
N LYS D 478 -23.69 31.56 15.77
CA LYS D 478 -24.97 30.98 15.28
C LYS D 478 -25.13 29.53 15.75
N VAL D 479 -24.04 28.82 15.99
CA VAL D 479 -24.11 27.45 16.57
C VAL D 479 -24.41 27.57 18.07
N LEU D 480 -23.86 28.58 18.75
CA LEU D 480 -24.20 28.80 20.18
C LEU D 480 -25.71 29.01 20.32
N GLU D 481 -26.24 29.98 19.57
CA GLU D 481 -27.69 30.24 19.42
C GLU D 481 -28.42 28.91 19.31
N ILE D 482 -28.09 28.11 18.29
CA ILE D 482 -28.85 26.89 17.96
C ILE D 482 -28.73 25.89 19.11
N THR D 483 -27.57 25.83 19.78
CA THR D 483 -27.36 24.91 20.92
C THR D 483 -28.28 25.29 22.08
N LEU D 484 -28.43 26.59 22.33
CA LEU D 484 -29.28 27.08 23.45
C LEU D 484 -30.76 26.95 23.09
N ASN D 485 -31.09 26.59 21.85
CA ASN D 485 -32.48 26.35 21.41
C ASN D 485 -32.64 24.91 20.91
N ASN D 486 -32.00 23.95 21.57
CA ASN D 486 -32.20 22.50 21.33
C ASN D 486 -32.14 22.19 19.83
N GLY D 487 -31.22 22.84 19.12
CA GLY D 487 -31.01 22.56 17.69
C GLY D 487 -32.01 23.25 16.78
N ARG D 488 -32.91 24.07 17.31
CA ARG D 488 -33.88 24.78 16.47
C ARG D 488 -33.24 26.05 15.91
N SER D 489 -33.78 26.54 14.79
CA SER D 489 -33.38 27.84 14.19
C SER D 489 -34.61 28.48 13.54
N GLY D 490 -35.01 29.65 14.00
CA GLY D 490 -36.41 30.01 13.81
C GLY D 490 -37.26 28.98 14.53
N ASN D 491 -38.37 28.57 13.92
CA ASN D 491 -39.10 27.33 14.31
C ASN D 491 -38.80 26.25 13.28
N LYS D 492 -37.51 26.03 12.99
CA LYS D 492 -37.02 25.04 12.01
C LYS D 492 -35.92 24.20 12.67
N GLN D 493 -36.09 22.87 12.67
CA GLN D 493 -35.28 21.96 13.49
C GLN D 493 -34.00 21.61 12.73
N LEU D 494 -32.94 22.37 12.97
CA LEU D 494 -31.74 22.31 12.12
C LEU D 494 -30.75 21.29 12.67
N GLY D 495 -30.16 21.58 13.82
CA GLY D 495 -29.20 20.67 14.46
C GLY D 495 -29.91 19.51 15.14
N PRO D 496 -29.14 18.62 15.79
CA PRO D 496 -29.76 17.53 16.51
C PRO D 496 -30.47 18.12 17.72
N MET D 497 -31.31 17.28 18.34
CA MET D 497 -31.89 17.61 19.66
C MET D 497 -30.90 17.22 20.75
N THR D 498 -30.07 18.19 21.15
CA THR D 498 -29.09 18.04 22.25
C THR D 498 -29.73 18.33 23.60
N GLY D 499 -31.00 18.76 23.63
CA GLY D 499 -31.71 19.06 24.87
C GLY D 499 -32.00 20.53 25.01
N GLU D 500 -33.07 20.87 25.73
CA GLU D 500 -33.46 22.27 25.92
C GLU D 500 -32.55 22.88 26.99
N MET D 501 -32.36 24.20 26.88
CA MET D 501 -31.32 24.93 27.62
C MET D 501 -31.63 24.90 29.11
N THR D 502 -32.91 24.94 29.47
CA THR D 502 -33.36 25.01 30.88
C THR D 502 -33.07 23.73 31.66
N GLN D 503 -32.57 22.68 31.01
CA GLN D 503 -32.27 21.41 31.71
C GLN D 503 -30.78 21.12 31.73
N TYR D 504 -29.94 22.10 31.41
CA TYR D 504 -28.48 22.00 31.63
C TYR D 504 -28.20 22.00 33.13
N ALA D 505 -27.58 20.93 33.64
CA ALA D 505 -27.23 20.80 35.07
C ALA D 505 -26.00 21.63 35.41
N GLY D 506 -25.04 21.70 34.49
CA GLY D 506 -23.81 22.49 34.66
C GLY D 506 -23.24 22.86 33.32
N MET D 507 -22.10 23.55 33.31
CA MET D 507 -21.41 23.88 32.05
C MET D 507 -20.99 22.61 31.32
N ASP D 508 -20.77 21.53 32.06
CA ASP D 508 -20.53 20.18 31.48
C ASP D 508 -21.61 19.89 30.45
N ASP D 509 -22.88 20.09 30.83
CA ASP D 509 -24.03 19.78 29.95
C ASP D 509 -24.07 20.74 28.75
N PHE D 510 -23.71 22.02 28.94
CA PHE D 510 -23.65 22.98 27.80
C PHE D 510 -22.56 22.54 26.82
N TYR D 511 -21.34 22.31 27.30
CA TYR D 511 -20.20 22.03 26.40
C TYR D 511 -20.44 20.72 25.65
N ALA D 512 -21.11 19.76 26.27
CA ALA D 512 -21.39 18.48 25.59
C ALA D 512 -22.40 18.72 24.46
N ALA D 513 -23.47 19.47 24.72
CA ALA D 513 -24.50 19.81 23.72
C ALA D 513 -23.92 20.72 22.64
N PHE D 514 -22.91 21.52 22.98
CA PHE D 514 -22.30 22.47 22.03
C PHE D 514 -21.45 21.72 21.02
N LYS D 515 -20.61 20.78 21.48
CA LYS D 515 -19.74 20.00 20.55
C LYS D 515 -20.58 19.04 19.70
N LYS D 516 -21.70 18.53 20.22
CA LYS D 516 -22.58 17.68 19.40
C LYS D 516 -23.21 18.52 18.28
N GLN D 517 -23.53 19.78 18.57
CA GLN D 517 -24.00 20.74 17.55
C GLN D 517 -22.88 21.06 16.57
N MET D 518 -21.69 21.37 17.10
CA MET D 518 -20.53 21.77 16.27
C MET D 518 -20.15 20.66 15.31
N ALA D 519 -20.15 19.41 15.78
CA ALA D 519 -19.75 18.25 14.94
C ALA D 519 -20.76 18.04 13.81
N HIS D 520 -22.02 18.41 14.00
CA HIS D 520 -23.07 18.29 12.97
C HIS D 520 -22.88 19.36 11.89
N PHE D 521 -22.74 20.62 12.29
CA PHE D 521 -22.68 21.73 11.30
C PHE D 521 -21.34 21.70 10.57
N VAL D 522 -20.28 21.25 11.24
CA VAL D 522 -18.93 21.22 10.63
C VAL D 522 -18.89 20.09 9.61
N HIS D 523 -19.60 19.00 9.85
CA HIS D 523 -19.71 17.90 8.87
C HIS D 523 -20.43 18.39 7.61
N GLN D 524 -21.48 19.19 7.80
CA GLN D 524 -22.17 19.82 6.65
C GLN D 524 -21.22 20.80 5.97
N LEU D 525 -20.57 21.68 6.73
CA LEU D 525 -19.54 22.62 6.19
C LEU D 525 -18.60 21.88 5.24
N VAL D 526 -18.05 20.75 5.69
CA VAL D 526 -17.02 19.99 4.93
C VAL D 526 -17.65 19.40 3.65
N GLU D 527 -18.89 18.91 3.74
CA GLU D 527 -19.64 18.41 2.56
C GLU D 527 -19.82 19.53 1.53
N ALA D 528 -20.24 20.71 1.99
CA ALA D 528 -20.39 21.91 1.14
C ALA D 528 -19.07 22.24 0.45
N CYS D 529 -17.99 22.43 1.24
CA CYS D 529 -16.66 22.77 0.67
C CYS D 529 -16.23 21.70 -0.33
N ASN D 530 -16.36 20.42 0.03
CA ASN D 530 -15.90 19.31 -0.84
C ASN D 530 -16.74 19.26 -2.11
N SER D 531 -18.01 19.67 -2.05
CA SER D 531 -18.90 19.73 -3.23
C SER D 531 -18.47 20.83 -4.20
N VAL D 532 -17.98 21.96 -3.67
CA VAL D 532 -17.33 22.98 -4.52
C VAL D 532 -16.02 22.39 -5.04
N ASP D 533 -15.23 21.77 -4.16
CA ASP D 533 -13.92 21.19 -4.51
C ASP D 533 -14.10 20.21 -5.66
N ILE D 534 -15.05 19.29 -5.53
CA ILE D 534 -15.29 18.25 -6.56
C ILE D 534 -15.70 18.93 -7.87
N ALA D 535 -16.43 20.05 -7.79
CA ALA D 535 -17.01 20.70 -8.97
C ALA D 535 -15.93 21.48 -9.74
N HIS D 536 -15.07 22.20 -9.02
CA HIS D 536 -13.98 22.97 -9.66
C HIS D 536 -13.06 22.01 -10.41
N GLY D 537 -12.75 20.86 -9.80
CA GLY D 537 -11.85 19.87 -10.43
C GLY D 537 -12.49 19.28 -11.67
N GLU D 538 -13.77 18.98 -11.59
CA GLU D 538 -14.50 18.25 -12.64
C GLU D 538 -14.91 19.19 -13.79
N ARG D 539 -15.03 20.50 -13.57
CA ARG D 539 -15.53 21.39 -14.65
C ARG D 539 -14.56 22.53 -14.98
N CYS D 540 -13.63 22.91 -14.10
CA CYS D 540 -12.72 24.05 -14.41
C CYS D 540 -11.34 23.87 -13.77
N PRO D 541 -10.55 22.89 -14.23
CA PRO D 541 -9.11 22.88 -13.90
C PRO D 541 -8.31 23.84 -14.79
N LEU D 542 -7.32 24.51 -14.18
CA LEU D 542 -6.63 25.67 -14.76
C LEU D 542 -5.27 25.28 -15.33
N PRO D 543 -5.14 25.10 -16.66
CA PRO D 543 -3.85 24.74 -17.24
C PRO D 543 -2.80 25.85 -17.11
N PHE D 544 -3.20 27.13 -17.17
CA PHE D 544 -2.22 28.23 -17.05
C PHE D 544 -1.69 28.36 -15.63
N LEU D 545 -2.56 28.24 -14.62
CA LEU D 545 -2.18 28.51 -13.22
C LEU D 545 -1.49 27.29 -12.61
N SER D 546 -1.91 26.08 -12.99
CA SER D 546 -1.33 24.84 -12.44
C SER D 546 0.18 24.82 -12.67
N ALA D 547 0.60 25.09 -13.91
CA ALA D 547 2.00 25.02 -14.34
C ALA D 547 2.95 25.83 -13.46
N LEU D 548 2.43 26.76 -12.64
CA LEU D 548 3.29 27.60 -11.77
C LEU D 548 3.22 27.19 -10.29
N VAL D 549 2.68 26.01 -9.98
CA VAL D 549 2.66 25.49 -8.59
C VAL D 549 3.28 24.10 -8.56
N ASP D 550 4.32 23.92 -7.73
CA ASP D 550 4.86 22.58 -7.40
C ASP D 550 3.75 21.78 -6.73
N ASP D 551 3.43 20.59 -7.26
CA ASP D 551 4.31 19.83 -8.14
C ASP D 551 3.53 19.34 -9.37
N CYS D 552 2.77 20.22 -10.01
CA CYS D 552 1.72 19.81 -10.98
C CYS D 552 2.28 19.30 -12.29
N ILE D 553 3.36 19.89 -12.78
CA ILE D 553 3.97 19.42 -14.05
C ILE D 553 4.53 18.01 -13.81
N GLY D 554 5.21 17.81 -12.67
CA GLY D 554 5.77 16.50 -12.32
C GLY D 554 4.72 15.40 -12.38
N ARG D 555 3.61 15.57 -11.66
CA ARG D 555 2.53 14.56 -11.55
C ARG D 555 1.59 14.57 -12.76
N GLY D 556 1.65 15.60 -13.60
CA GLY D 556 0.73 15.77 -14.73
C GLY D 556 -0.72 15.94 -14.32
N LYS D 557 -0.97 16.78 -13.31
CA LYS D 557 -2.32 16.98 -12.73
C LYS D 557 -2.50 18.45 -12.39
N SER D 558 -3.67 19.00 -12.70
CA SER D 558 -4.02 20.40 -12.36
C SER D 558 -3.96 20.59 -10.86
N LEU D 559 -3.88 21.86 -10.45
CA LEU D 559 -4.01 22.25 -9.03
C LEU D 559 -5.30 21.69 -8.44
N GLN D 560 -6.35 21.62 -9.27
CA GLN D 560 -7.72 21.27 -8.82
C GLN D 560 -7.89 19.75 -8.68
N GLU D 561 -7.00 18.95 -9.29
CA GLU D 561 -7.01 17.46 -9.17
C GLU D 561 -5.82 16.97 -8.32
N GLY D 562 -5.35 17.81 -7.40
CA GLY D 562 -4.40 17.43 -6.35
C GLY D 562 -2.95 17.67 -6.74
N GLY D 563 -2.69 18.61 -7.64
CA GLY D 563 -1.34 18.80 -8.15
C GLY D 563 -0.35 19.18 -7.07
N ALA D 564 -0.74 20.07 -6.15
CA ALA D 564 0.20 20.74 -5.24
C ALA D 564 0.77 19.73 -4.24
N ILE D 565 2.04 19.92 -3.85
CA ILE D 565 2.66 19.04 -2.84
C ILE D 565 1.79 19.07 -1.58
N TYR D 566 1.42 20.27 -1.14
CA TYR D 566 0.61 20.53 0.07
C TYR D 566 -0.82 20.84 -0.36
N ASN D 567 -1.81 20.28 0.37
CA ASN D 567 -3.24 20.48 0.02
C ASN D 567 -4.06 20.67 1.29
N PHE D 568 -4.86 21.74 1.33
CA PHE D 568 -5.70 22.10 2.49
C PHE D 568 -7.02 22.71 2.04
N THR D 569 -7.92 22.86 3.00
CA THR D 569 -9.15 23.66 2.89
C THR D 569 -9.38 24.36 4.23
N GLY D 570 -9.55 25.68 4.20
CA GLY D 570 -9.60 26.50 5.41
C GLY D 570 -10.87 27.35 5.52
N PRO D 571 -11.82 26.92 6.36
CA PRO D 571 -12.99 27.74 6.64
C PRO D 571 -12.81 28.58 7.91
N GLN D 572 -13.42 29.77 7.94
CA GLN D 572 -13.21 30.76 9.02
C GLN D 572 -14.40 30.80 9.98
N ALA D 573 -14.10 30.76 11.28
CA ALA D 573 -15.07 31.05 12.34
C ALA D 573 -15.10 32.54 12.60
N PHE D 574 -16.26 33.05 12.96
CA PHE D 574 -16.28 34.33 13.70
C PHE D 574 -17.49 34.32 14.62
N GLY D 575 -17.52 35.30 15.51
CA GLY D 575 -18.29 35.23 16.74
C GLY D 575 -17.50 34.52 17.81
N ILE D 576 -16.17 34.63 17.77
CA ILE D 576 -15.29 33.93 18.74
C ILE D 576 -15.37 34.64 20.09
N ALA D 577 -15.09 35.95 20.13
CA ALA D 577 -15.33 36.75 21.36
C ALA D 577 -16.81 36.68 21.77
N ASP D 578 -17.72 36.82 20.79
CA ASP D 578 -19.18 36.82 21.08
C ASP D 578 -19.57 35.52 21.76
N THR D 579 -19.02 34.38 21.32
CA THR D 579 -19.34 33.08 21.94
C THR D 579 -18.56 32.90 23.24
N GLY D 580 -17.29 33.29 23.26
CA GLY D 580 -16.47 33.21 24.47
C GLY D 580 -17.13 33.90 25.64
N ASP D 581 -17.54 35.15 25.44
CA ASP D 581 -18.13 35.97 26.52
C ASP D 581 -19.56 35.52 26.81
N SER D 582 -20.30 35.02 25.83
CA SER D 582 -21.70 34.59 26.05
C SER D 582 -21.75 33.27 26.81
N VAL D 583 -20.72 32.44 26.68
CA VAL D 583 -20.66 31.14 27.39
C VAL D 583 -20.12 31.39 28.79
N TYR D 584 -19.12 32.24 28.94
CA TYR D 584 -18.60 32.57 30.28
C TYR D 584 -19.69 33.26 31.10
N ALA D 585 -20.56 34.04 30.46
CA ALA D 585 -21.63 34.77 31.16
C ALA D 585 -22.62 33.78 31.77
N ILE D 586 -23.03 32.77 31.02
CA ILE D 586 -23.88 31.66 31.53
C ILE D 586 -23.23 31.07 32.79
N GLN D 587 -21.94 30.76 32.71
CA GLN D 587 -21.21 30.06 33.81
C GLN D 587 -21.17 30.96 35.05
N LYS D 588 -20.77 32.23 34.90
CA LYS D 588 -20.56 33.16 36.04
C LYS D 588 -21.89 33.71 36.58
N GLN D 589 -22.86 34.02 35.72
CA GLN D 589 -24.07 34.72 36.18
C GLN D 589 -25.21 33.75 36.49
N VAL D 590 -25.28 32.59 35.84
CA VAL D 590 -26.40 31.65 36.04
C VAL D 590 -26.00 30.57 37.05
N PHE D 591 -24.85 29.93 36.84
CA PHE D 591 -24.45 28.74 37.62
C PHE D 591 -23.74 29.16 38.90
N GLU D 592 -22.58 29.81 38.79
CA GLU D 592 -21.75 30.16 39.97
C GLU D 592 -22.53 31.10 40.91
N ASP D 593 -22.97 32.25 40.40
CA ASP D 593 -23.53 33.35 41.23
C ASP D 593 -25.07 33.35 41.23
N ARG D 594 -25.71 32.49 40.44
CA ARG D 594 -27.18 32.32 40.36
C ARG D 594 -27.91 33.67 40.46
N ARG D 595 -27.47 34.66 39.68
CA ARG D 595 -28.20 35.94 39.52
C ARG D 595 -29.41 35.77 38.59
N LEU D 596 -29.40 34.71 37.76
CA LEU D 596 -30.47 34.38 36.79
C LEU D 596 -30.76 32.90 36.88
N THR D 597 -31.99 32.49 36.60
CA THR D 597 -32.25 31.06 36.41
C THR D 597 -32.16 30.75 34.93
N LEU D 598 -31.90 29.49 34.62
CA LEU D 598 -31.72 29.05 33.22
C LEU D 598 -32.97 29.36 32.41
N GLN D 599 -34.15 29.35 33.03
CA GLN D 599 -35.36 29.67 32.26
C GLN D 599 -35.61 31.19 32.19
N GLU D 600 -35.08 31.99 33.10
CA GLU D 600 -35.13 33.46 32.91
C GLU D 600 -34.35 33.81 31.66
N LEU D 601 -33.22 33.14 31.46
CA LEU D 601 -32.29 33.48 30.36
C LEU D 601 -32.86 32.97 29.04
N LYS D 602 -33.57 31.84 29.03
CA LYS D 602 -34.15 31.34 27.77
C LYS D 602 -35.26 32.29 27.34
N GLY D 603 -36.09 32.73 28.29
CA GLY D 603 -37.14 33.71 28.00
C GLY D 603 -36.56 35.05 27.56
N ALA D 604 -35.51 35.51 28.23
CA ALA D 604 -34.87 36.81 27.92
C ALA D 604 -34.29 36.78 26.50
N LEU D 605 -33.55 35.71 26.18
CA LEU D 605 -33.01 35.49 24.82
C LEU D 605 -34.15 35.62 23.80
N ASP D 606 -35.24 34.89 24.01
CA ASP D 606 -36.38 34.82 23.06
C ASP D 606 -37.02 36.19 22.83
N ALA D 607 -37.06 37.04 23.85
CA ALA D 607 -37.74 38.36 23.79
C ALA D 607 -36.74 39.47 23.49
N ASN D 608 -35.48 39.11 23.18
CA ASN D 608 -34.40 40.06 22.84
C ASN D 608 -34.17 41.03 24.00
N PHE D 609 -34.18 40.52 25.23
CA PHE D 609 -33.94 41.30 26.47
C PHE D 609 -34.98 42.43 26.64
N GLY D 610 -36.21 42.18 26.23
CA GLY D 610 -37.35 43.09 26.43
C GLY D 610 -37.35 44.28 25.48
N TYR D 611 -36.74 44.15 24.30
CA TYR D 611 -36.44 45.33 23.46
C TYR D 611 -37.73 46.04 23.08
N ARG D 612 -38.71 45.30 22.58
CA ARG D 612 -40.05 45.87 22.32
C ARG D 612 -40.90 45.85 23.58
N SER D 613 -40.98 44.69 24.24
CA SER D 613 -41.87 44.47 25.41
C SER D 613 -41.58 45.48 26.53
N GLY D 614 -40.36 46.01 26.62
CA GLY D 614 -39.99 46.92 27.70
C GLY D 614 -39.98 46.26 29.07
N ASN D 615 -40.23 44.94 29.12
CA ASN D 615 -40.12 44.09 30.32
C ASN D 615 -38.85 44.48 31.07
N PRO D 616 -38.95 44.92 32.35
CA PRO D 616 -37.79 45.47 33.05
C PRO D 616 -36.91 44.45 33.77
N ARG D 617 -37.37 43.21 33.99
CA ARG D 617 -36.46 42.15 34.46
C ARG D 617 -35.54 41.68 33.32
N TYR D 618 -36.08 41.53 32.11
CA TYR D 618 -35.26 41.17 30.93
C TYR D 618 -34.26 42.30 30.64
N GLU D 619 -34.54 43.53 31.07
CA GLU D 619 -33.60 44.66 30.89
C GLU D 619 -32.53 44.63 31.98
N GLU D 620 -32.87 44.26 33.22
CA GLU D 620 -31.85 44.17 34.30
C GLU D 620 -31.00 42.91 34.11
N ILE D 621 -31.60 41.83 33.58
CA ILE D 621 -30.84 40.60 33.24
C ILE D 621 -29.84 40.94 32.13
N ARG D 622 -30.21 41.83 31.22
CA ARG D 622 -29.28 42.28 30.17
C ARG D 622 -28.13 43.06 30.78
N HIS D 623 -28.45 44.12 31.53
CA HIS D 623 -27.48 44.92 32.31
C HIS D 623 -26.52 44.03 33.09
N ILE D 624 -27.04 43.01 33.80
CA ILE D 624 -26.19 42.09 34.61
C ILE D 624 -25.19 41.40 33.69
N LEU D 625 -25.68 40.75 32.63
CA LEU D 625 -24.82 39.95 31.73
C LEU D 625 -23.89 40.85 30.93
N GLU D 626 -24.30 42.09 30.62
CA GLU D 626 -23.41 43.03 29.90
C GLU D 626 -22.28 43.51 30.81
N ASN D 627 -22.29 43.12 32.08
CA ASN D 627 -21.24 43.50 33.05
C ASN D 627 -20.48 42.28 33.53
N SER D 628 -20.54 41.17 32.79
CA SER D 628 -19.62 40.05 33.03
C SER D 628 -18.21 40.52 32.69
N PRO D 629 -17.18 39.94 33.33
CA PRO D 629 -15.84 40.03 32.79
C PRO D 629 -15.82 39.54 31.35
N CYS D 630 -15.17 40.31 30.48
CA CYS D 630 -15.12 40.06 29.02
C CYS D 630 -13.73 39.60 28.61
N PHE D 631 -13.67 38.83 27.51
CA PHE D 631 -12.42 38.46 26.84
C PHE D 631 -11.75 39.71 26.30
N GLY D 632 -10.51 39.98 26.72
CA GLY D 632 -9.72 41.12 26.25
C GLY D 632 -9.10 41.95 27.36
N ASN D 633 -9.05 41.43 28.59
CA ASN D 633 -8.68 42.25 29.76
C ASN D 633 -7.65 41.56 30.67
N ASP D 634 -7.04 40.46 30.22
CA ASP D 634 -6.07 39.67 31.01
C ASP D 634 -6.76 38.98 32.19
N ILE D 635 -8.08 38.83 32.14
CA ILE D 635 -8.84 38.00 33.09
C ILE D 635 -8.74 36.56 32.61
N ASP D 636 -7.99 35.74 33.34
CA ASP D 636 -7.75 34.33 32.96
C ASP D 636 -9.08 33.59 32.80
N ASP D 637 -10.03 33.82 33.72
CA ASP D 637 -11.22 32.95 33.83
C ASP D 637 -11.98 32.97 32.53
N VAL D 638 -12.24 34.16 32.01
CA VAL D 638 -13.11 34.34 30.82
C VAL D 638 -12.32 34.07 29.55
N ASP D 639 -11.06 34.50 29.49
CA ASP D 639 -10.18 34.28 28.32
C ASP D 639 -10.12 32.80 27.94
N LEU D 640 -10.17 31.89 28.92
CA LEU D 640 -9.95 30.44 28.65
C LEU D 640 -11.25 29.76 28.24
N VAL D 641 -12.39 30.44 28.40
CA VAL D 641 -13.68 30.05 27.77
C VAL D 641 -13.66 30.46 26.29
N ALA D 642 -12.97 31.55 25.94
CA ALA D 642 -12.80 31.98 24.54
C ALA D 642 -11.84 31.03 23.83
N ARG D 643 -10.77 30.64 24.51
CA ARG D 643 -9.88 29.56 24.04
C ARG D 643 -10.69 28.28 23.78
N GLN D 644 -11.52 27.86 24.75
CA GLN D 644 -12.21 26.55 24.65
C GLN D 644 -13.20 26.59 23.48
N CYS D 645 -13.95 27.69 23.31
CA CYS D 645 -15.00 27.76 22.27
C CYS D 645 -14.37 27.85 20.88
N ALA D 646 -13.31 28.65 20.73
CA ALA D 646 -12.47 28.65 19.52
C ALA D 646 -11.91 27.26 19.27
N LEU D 647 -11.34 26.63 20.31
CA LEU D 647 -10.79 25.27 20.21
C LEU D 647 -11.86 24.28 19.73
N ILE D 648 -13.04 24.31 20.33
CA ILE D 648 -14.10 23.34 19.98
C ILE D 648 -14.37 23.40 18.47
N TYR D 649 -14.36 24.60 17.89
CA TYR D 649 -14.55 24.76 16.42
C TYR D 649 -13.36 24.11 15.69
N CYS D 650 -12.15 24.59 15.98
CA CYS D 650 -10.93 24.15 15.26
C CYS D 650 -10.77 22.64 15.33
N GLN D 651 -10.77 22.09 16.53
CA GLN D 651 -10.56 20.65 16.78
C GLN D 651 -11.58 19.82 16.02
N GLU D 652 -12.73 20.38 15.67
CA GLU D 652 -13.75 19.65 14.89
C GLU D 652 -13.44 19.81 13.40
N VAL D 653 -13.03 21.00 12.96
CA VAL D 653 -12.69 21.26 11.54
C VAL D 653 -11.58 20.29 11.11
N GLU D 654 -10.49 20.23 11.89
CA GLU D 654 -9.24 19.53 11.50
C GLU D 654 -9.43 18.01 11.41
N LYS D 655 -10.60 17.48 11.79
CA LYS D 655 -10.83 16.03 11.70
C LYS D 655 -11.23 15.59 10.28
N TYR D 656 -11.24 16.51 9.31
CA TYR D 656 -11.82 16.22 7.97
C TYR D 656 -10.81 16.48 6.85
N THR D 657 -11.03 15.82 5.70
CA THR D 657 -10.18 15.94 4.49
C THR D 657 -11.02 16.28 3.25
N ASN D 658 -10.31 16.57 2.16
CA ASN D 658 -10.87 17.13 0.91
C ASN D 658 -10.48 16.22 -0.26
N PRO D 659 -11.12 16.38 -1.44
CA PRO D 659 -10.87 15.50 -2.58
C PRO D 659 -9.43 15.49 -3.09
N ARG D 660 -8.63 16.48 -2.72
CA ARG D 660 -7.22 16.54 -3.16
C ARG D 660 -6.32 15.70 -2.25
N GLY D 661 -6.89 15.03 -1.24
CA GLY D 661 -6.12 14.30 -0.21
C GLY D 661 -5.65 15.21 0.92
N GLY D 662 -6.26 16.39 1.09
CA GLY D 662 -5.75 17.45 1.96
C GLY D 662 -6.54 17.59 3.25
N ARG D 663 -5.92 18.24 4.22
CA ARG D 663 -6.42 18.33 5.62
C ARG D 663 -7.23 19.64 5.72
N PHE D 664 -8.46 19.56 6.23
CA PHE D 664 -9.19 20.78 6.60
C PHE D 664 -8.42 21.43 7.73
N GLN D 665 -8.34 22.76 7.72
CA GLN D 665 -7.65 23.48 8.81
C GLN D 665 -8.39 24.80 9.02
N ALA D 666 -8.63 25.16 10.28
CA ALA D 666 -9.52 26.27 10.66
C ALA D 666 -8.79 27.61 10.62
N GLY D 667 -9.48 28.64 10.11
CA GLY D 667 -9.07 30.05 10.24
C GLY D 667 -10.03 30.82 11.12
N ILE D 668 -9.57 31.95 11.68
CA ILE D 668 -10.43 32.90 12.41
C ILE D 668 -10.21 34.31 11.83
N TYR D 669 -11.10 34.76 10.95
CA TYR D 669 -11.04 36.14 10.42
C TYR D 669 -12.35 36.54 9.75
N PRO D 670 -12.74 37.84 9.84
CA PRO D 670 -14.11 38.27 9.53
C PRO D 670 -14.36 38.88 8.15
N VAL D 671 -13.48 38.64 7.19
CA VAL D 671 -12.98 39.67 6.24
C VAL D 671 -13.74 40.98 6.42
N SER D 672 -14.98 41.08 5.92
CA SER D 672 -15.84 42.26 6.21
C SER D 672 -17.27 41.83 6.55
N ALA D 673 -17.44 40.59 7.03
CA ALA D 673 -18.73 39.90 7.21
C ALA D 673 -19.18 39.83 8.67
N ASN D 674 -18.47 40.46 9.60
CA ASN D 674 -18.87 40.40 11.02
C ASN D 674 -20.17 41.17 11.21
N VAL D 675 -20.28 42.38 10.65
CA VAL D 675 -21.58 43.09 10.63
C VAL D 675 -22.59 42.21 9.91
N LEU D 676 -22.28 41.82 8.68
CA LEU D 676 -23.25 41.13 7.82
C LEU D 676 -23.79 39.87 8.51
N PHE D 677 -22.94 39.01 9.05
CA PHE D 677 -23.35 37.68 9.55
C PHE D 677 -23.76 37.72 11.03
N GLY D 678 -23.53 38.85 11.72
CA GLY D 678 -24.18 39.08 13.00
C GLY D 678 -25.68 39.28 12.83
N LYS D 679 -26.11 39.61 11.61
CA LYS D 679 -27.54 39.78 11.28
C LYS D 679 -28.29 38.44 11.36
N ASP D 680 -27.58 37.32 11.39
CA ASP D 680 -28.16 35.96 11.39
C ASP D 680 -28.26 35.42 12.82
N VAL D 681 -27.84 36.18 13.83
CA VAL D 681 -27.67 35.66 15.20
C VAL D 681 -28.59 36.43 16.14
N SER D 682 -29.52 35.73 16.78
CA SER D 682 -30.46 36.30 17.77
C SER D 682 -29.67 36.81 18.97
N ALA D 683 -30.38 37.26 20.00
CA ALA D 683 -29.76 37.70 21.27
C ALA D 683 -28.92 36.56 21.85
N LEU D 684 -27.76 36.92 22.40
CA LEU D 684 -26.80 35.99 23.02
C LEU D 684 -26.70 36.30 24.52
N PRO D 685 -26.25 35.34 25.34
CA PRO D 685 -26.19 35.56 26.79
C PRO D 685 -25.12 36.53 27.31
N ASP D 686 -24.38 37.23 26.45
CA ASP D 686 -23.41 38.28 26.87
C ASP D 686 -24.06 39.68 26.83
N GLY D 687 -25.35 39.77 26.50
CA GLY D 687 -26.07 41.04 26.50
C GLY D 687 -26.20 41.63 25.12
N ARG D 688 -25.69 40.94 24.10
CA ARG D 688 -25.76 41.43 22.70
C ARG D 688 -27.20 41.32 22.20
N LEU D 689 -27.68 42.35 21.52
CA LEU D 689 -29.04 42.35 20.95
C LEU D 689 -29.04 41.61 19.62
N ALA D 690 -30.21 41.11 19.24
CA ALA D 690 -30.36 40.29 18.02
C ALA D 690 -30.08 41.14 16.78
N LYS D 691 -29.35 40.53 15.83
CA LYS D 691 -28.97 41.04 14.47
C LYS D 691 -27.82 42.07 14.53
N GLU D 692 -27.21 42.30 15.69
CA GLU D 692 -26.09 43.27 15.79
C GLU D 692 -24.78 42.64 15.32
N PRO D 693 -23.73 43.45 15.07
CA PRO D 693 -22.47 42.89 14.58
C PRO D 693 -21.78 41.95 15.56
N LEU D 694 -20.97 41.03 15.00
CA LEU D 694 -20.07 40.13 15.75
C LEU D 694 -18.66 40.74 15.79
N ALA D 695 -17.84 40.21 16.68
CA ALA D 695 -16.46 40.68 16.87
C ALA D 695 -15.60 40.30 15.65
N ASP D 696 -14.57 41.11 15.40
CA ASP D 696 -13.68 40.97 14.22
C ASP D 696 -12.56 39.97 14.53
N GLY D 697 -12.59 38.80 13.87
CA GLY D 697 -11.49 37.83 13.98
C GLY D 697 -11.36 37.30 15.39
N VAL D 698 -10.13 37.37 15.95
CA VAL D 698 -9.86 37.03 17.37
C VAL D 698 -9.72 38.30 18.21
N SER D 699 -10.14 39.45 17.68
CA SER D 699 -10.15 40.69 18.47
C SER D 699 -11.17 40.51 19.59
N PRO D 700 -10.92 41.09 20.79
CA PRO D 700 -11.98 41.20 21.78
C PRO D 700 -13.21 41.88 21.19
N ARG D 701 -14.37 41.76 21.84
CA ARG D 701 -15.61 42.41 21.36
C ARG D 701 -15.42 43.93 21.37
N GLN D 702 -16.15 44.61 20.49
CA GLN D 702 -15.95 46.05 20.23
C GLN D 702 -16.15 46.85 21.51
N GLY D 703 -15.13 47.59 21.93
CA GLY D 703 -15.24 48.52 23.06
C GLY D 703 -15.12 47.86 24.42
N LYS D 704 -14.98 46.53 24.47
CA LYS D 704 -14.99 45.78 25.77
C LYS D 704 -13.59 45.70 26.37
N ASP D 705 -12.53 45.77 25.57
CA ASP D 705 -11.14 45.62 26.07
C ASP D 705 -10.69 46.96 26.65
N THR D 706 -11.14 47.24 27.87
CA THR D 706 -11.07 48.60 28.48
C THR D 706 -9.77 48.84 29.27
N LEU D 707 -8.78 47.94 29.20
CA LEU D 707 -7.58 48.03 30.08
C LEU D 707 -6.29 48.24 29.27
N GLY D 708 -6.37 48.96 28.17
CA GLY D 708 -5.17 49.32 27.40
C GLY D 708 -4.81 48.24 26.39
N PRO D 709 -3.89 48.57 25.46
CA PRO D 709 -3.56 47.64 24.38
C PRO D 709 -2.77 46.42 24.87
N THR D 710 -1.96 46.58 25.94
CA THR D 710 -1.09 45.48 26.40
C THR D 710 -1.93 44.36 27.00
N ALA D 711 -2.84 44.67 27.92
CA ALA D 711 -3.73 43.66 28.51
C ALA D 711 -4.53 42.95 27.43
N ALA D 712 -5.05 43.69 26.46
CA ALA D 712 -5.87 43.13 25.36
C ALA D 712 -5.07 42.05 24.64
N ALA D 713 -3.91 42.42 24.08
CA ALA D 713 -2.97 41.49 23.42
C ALA D 713 -2.85 40.21 24.24
N ASN D 714 -2.45 40.34 25.51
CA ASN D 714 -2.24 39.19 26.42
C ASN D 714 -3.44 38.26 26.36
N SER D 715 -4.65 38.81 26.32
CA SER D 715 -5.88 37.98 26.35
C SER D 715 -6.06 37.24 25.02
N VAL D 716 -5.62 37.86 23.92
CA VAL D 716 -5.80 37.28 22.57
C VAL D 716 -4.80 36.14 22.38
N ALA D 717 -3.55 36.35 22.82
CA ALA D 717 -2.44 35.38 22.79
C ALA D 717 -2.60 34.25 23.82
N LYS D 718 -3.76 34.12 24.47
CA LYS D 718 -4.09 32.92 25.27
C LYS D 718 -4.82 31.89 24.40
N LEU D 719 -5.44 32.33 23.30
CA LEU D 719 -6.12 31.42 22.34
C LEU D 719 -5.10 30.46 21.73
N ASP D 720 -5.58 29.34 21.18
CA ASP D 720 -4.71 28.31 20.57
C ASP D 720 -4.47 28.71 19.13
N HIS D 721 -3.48 29.58 18.92
CA HIS D 721 -3.21 30.14 17.57
C HIS D 721 -2.71 29.05 16.63
N PHE D 722 -1.93 28.09 17.15
CA PHE D 722 -1.25 27.11 16.30
C PHE D 722 -2.27 26.24 15.55
N ILE D 723 -3.33 25.81 16.23
CA ILE D 723 -4.28 24.83 15.65
C ILE D 723 -5.16 25.49 14.60
N ALA D 724 -5.31 26.82 14.65
CA ALA D 724 -6.09 27.61 13.67
C ALA D 724 -5.18 28.01 12.51
N SER D 725 -4.58 27.01 11.86
CA SER D 725 -3.41 27.22 10.98
C SER D 725 -3.83 27.70 9.58
N ASN D 726 -5.10 28.06 9.37
CA ASN D 726 -5.49 28.83 8.18
C ASN D 726 -5.31 30.33 8.46
N GLY D 727 -4.93 30.68 9.69
CA GLY D 727 -4.69 32.09 10.05
C GLY D 727 -5.70 32.63 11.05
N THR D 728 -5.19 33.35 12.04
CA THR D 728 -5.99 34.19 12.94
C THR D 728 -5.77 35.64 12.54
N LEU D 729 -6.76 36.50 12.82
CA LEU D 729 -6.69 37.94 12.53
C LEU D 729 -6.95 38.72 13.82
N TYR D 730 -6.05 39.62 14.17
CA TYR D 730 -6.19 40.49 15.35
C TYR D 730 -6.11 41.94 14.89
N ASN D 731 -7.14 42.71 15.24
CA ASN D 731 -7.25 44.15 14.92
C ASN D 731 -7.07 44.98 16.19
N GLN D 732 -6.18 45.96 16.12
CA GLN D 732 -6.11 47.06 17.11
C GLN D 732 -6.25 48.38 16.37
N LYS D 733 -6.64 49.41 17.13
CA LYS D 733 -6.77 50.79 16.62
C LYS D 733 -6.19 51.74 17.65
N PHE D 734 -5.31 52.63 17.21
CA PHE D 734 -4.64 53.59 18.11
C PHE D 734 -5.00 55.01 17.75
N LEU D 735 -5.08 55.84 18.79
CA LEU D 735 -5.05 57.31 18.71
C LEU D 735 -3.66 57.69 18.26
N PRO D 736 -3.49 58.43 17.14
CA PRO D 736 -2.15 58.78 16.65
C PRO D 736 -1.31 59.58 17.65
N SER D 737 -1.95 60.24 18.61
CA SER D 737 -1.25 60.91 19.72
C SER D 737 -0.27 59.94 20.38
N SER D 738 -0.77 58.78 20.79
CA SER D 738 -0.01 57.79 21.60
C SER D 738 1.11 57.11 20.79
N LEU D 739 1.21 57.31 19.47
CA LEU D 739 2.25 56.67 18.62
C LEU D 739 3.25 57.68 18.06
N ALA D 740 3.11 58.97 18.38
CA ALA D 740 4.01 60.01 17.85
C ALA D 740 5.34 60.00 18.61
N GLY D 741 6.34 60.69 18.06
CA GLY D 741 7.69 60.77 18.63
C GLY D 741 8.38 59.42 18.63
N GLU D 742 9.54 59.35 19.26
CA GLU D 742 10.35 58.12 19.27
C GLU D 742 9.91 57.20 20.41
N LYS D 743 9.61 57.74 21.58
CA LYS D 743 9.10 56.94 22.71
C LYS D 743 7.78 56.27 22.31
N GLY D 744 7.04 56.88 21.38
CA GLY D 744 5.83 56.26 20.81
C GLY D 744 6.17 54.99 20.05
N LEU D 745 7.25 55.01 19.27
CA LEU D 745 7.67 53.83 18.47
C LEU D 745 8.24 52.75 19.38
N ARG D 746 9.02 53.14 20.38
CA ARG D 746 9.67 52.15 21.26
C ARG D 746 8.60 51.37 22.02
N ASN D 747 7.44 51.98 22.26
CA ASN D 747 6.30 51.31 22.92
C ASN D 747 5.48 50.52 21.91
N PHE D 748 5.46 50.96 20.65
CA PHE D 748 4.73 50.29 19.56
C PHE D 748 5.42 49.00 19.14
N GLY D 749 6.74 49.05 18.92
CA GLY D 749 7.54 47.83 18.75
C GLY D 749 7.43 46.92 19.96
N GLY D 750 7.51 47.51 21.16
CA GLY D 750 7.40 46.77 22.42
C GLY D 750 6.10 46.00 22.52
N LEU D 751 4.99 46.56 22.07
CA LEU D 751 3.71 45.83 22.04
C LEU D 751 3.78 44.68 21.04
N VAL D 752 4.43 44.88 19.90
CA VAL D 752 4.47 43.81 18.86
C VAL D 752 5.32 42.65 19.35
N ARG D 753 6.48 42.93 19.94
CA ARG D 753 7.34 41.84 20.42
C ARG D 753 6.66 41.13 21.60
N ASN D 754 6.04 41.89 22.50
CA ASN D 754 5.30 41.30 23.63
C ASN D 754 4.25 40.33 23.08
N TYR D 755 3.38 40.78 22.18
CA TYR D 755 2.27 39.94 21.70
C TYR D 755 2.81 38.69 20.99
N PHE D 756 3.84 38.86 20.16
CA PHE D 756 4.43 37.75 19.39
C PHE D 756 5.26 36.83 20.27
N ASP D 757 5.88 37.35 21.33
CA ASP D 757 6.66 36.51 22.26
C ASP D 757 5.72 35.60 23.05
N LYS D 758 4.45 35.97 23.21
CA LYS D 758 3.45 35.11 23.90
C LYS D 758 2.67 34.27 22.90
N LYS D 759 3.23 34.06 21.70
CA LYS D 759 2.77 33.04 20.72
C LYS D 759 1.37 33.35 20.17
N GLY D 760 1.19 34.54 19.61
CA GLY D 760 0.01 34.91 18.82
C GLY D 760 0.38 35.25 17.40
N MET D 761 -0.43 34.82 16.43
CA MET D 761 0.03 34.64 15.05
C MET D 761 0.13 35.98 14.29
N HIS D 762 -0.78 36.92 14.54
CA HIS D 762 -0.97 38.09 13.64
C HIS D 762 -1.44 39.32 14.41
N VAL D 763 -0.94 40.49 14.03
CA VAL D 763 -1.57 41.76 14.45
C VAL D 763 -1.37 42.82 13.37
N GLN D 764 -2.36 43.70 13.24
CA GLN D 764 -2.30 44.90 12.37
C GLN D 764 -2.97 46.05 13.10
N PHE D 765 -2.59 47.27 12.75
CA PHE D 765 -3.02 48.48 13.48
C PHE D 765 -3.54 49.55 12.53
N ASN D 766 -4.76 50.01 12.79
CA ASN D 766 -5.28 51.30 12.30
C ASN D 766 -4.78 52.42 13.22
N VAL D 767 -4.33 53.53 12.65
CA VAL D 767 -3.86 54.69 13.45
C VAL D 767 -4.56 55.91 12.90
N ILE D 768 -5.63 56.32 13.56
CA ILE D 768 -6.58 57.32 13.04
C ILE D 768 -7.44 57.75 14.21
N ASP D 769 -7.70 59.04 14.36
CA ASP D 769 -8.53 59.52 15.49
C ASP D 769 -9.96 59.71 15.01
N ARG D 770 -10.89 59.60 15.96
CA ARG D 770 -12.28 59.23 15.65
C ARG D 770 -12.88 60.23 14.67
N ASN D 771 -12.56 61.52 14.81
CA ASN D 771 -13.20 62.55 13.97
C ASN D 771 -12.80 62.36 12.51
N THR D 772 -11.61 61.82 12.25
CA THR D 772 -11.18 61.60 10.86
C THR D 772 -12.21 60.71 10.18
N LEU D 773 -12.64 59.63 10.84
CA LEU D 773 -13.65 58.69 10.28
C LEU D 773 -15.01 59.38 10.21
N LEU D 774 -15.45 60.01 11.31
CA LEU D 774 -16.75 60.74 11.33
C LEU D 774 -16.75 61.80 10.23
N GLU D 775 -15.64 62.55 10.08
CA GLU D 775 -15.55 63.61 9.06
C GLU D 775 -15.71 63.01 7.65
N ALA D 776 -15.01 61.91 7.36
CA ALA D 776 -15.07 61.25 6.04
C ALA D 776 -16.45 60.63 5.82
N GLN D 777 -17.20 60.42 6.90
CA GLN D 777 -18.59 59.93 6.83
C GLN D 777 -19.52 61.04 6.38
N LYS D 778 -19.40 62.23 6.98
CA LYS D 778 -20.23 63.40 6.62
C LYS D 778 -19.94 63.82 5.18
N ASN D 779 -18.66 63.99 4.82
CA ASN D 779 -18.23 64.62 3.55
C ASN D 779 -17.35 63.71 2.74
N PRO D 780 -17.90 62.64 2.16
CA PRO D 780 -17.08 61.66 1.46
C PRO D 780 -16.22 62.21 0.33
N GLN D 781 -16.72 63.17 -0.47
CA GLN D 781 -15.96 63.58 -1.68
C GLN D 781 -14.65 64.27 -1.30
N GLN D 782 -14.48 64.68 -0.05
CA GLN D 782 -13.21 65.31 0.38
C GLN D 782 -12.18 64.25 0.81
N HIS D 783 -12.63 63.06 1.22
CA HIS D 783 -11.76 62.01 1.79
C HIS D 783 -11.72 60.75 0.91
N GLN D 784 -11.70 60.93 -0.42
CA GLN D 784 -11.68 59.80 -1.37
C GLN D 784 -10.38 58.99 -1.23
N ASP D 785 -9.35 59.56 -0.60
CA ASP D 785 -8.03 58.89 -0.48
C ASP D 785 -7.80 58.33 0.93
N LEU D 786 -8.80 58.32 1.82
CA LEU D 786 -8.61 57.82 3.20
C LEU D 786 -8.63 56.29 3.15
N VAL D 787 -7.52 55.66 3.51
CA VAL D 787 -7.38 54.19 3.41
C VAL D 787 -7.11 53.64 4.82
N VAL D 788 -7.96 52.71 5.24
CA VAL D 788 -7.96 52.15 6.60
C VAL D 788 -7.93 50.64 6.49
N ARG D 789 -7.48 50.00 7.57
CA ARG D 789 -7.49 48.54 7.69
C ARG D 789 -8.89 48.12 8.16
N VAL D 790 -9.55 47.29 7.36
CA VAL D 790 -10.85 46.65 7.69
C VAL D 790 -10.56 45.37 8.48
N ALA D 791 -9.98 44.37 7.82
CA ALA D 791 -9.44 43.18 8.49
C ALA D 791 -8.52 42.42 7.53
N GLY D 792 -7.22 42.60 7.70
CA GLY D 792 -6.20 41.88 6.90
C GLY D 792 -6.15 42.34 5.45
N TYR D 793 -6.82 43.44 5.15
CA TYR D 793 -6.84 44.09 3.83
C TYR D 793 -7.37 45.49 4.07
N SER D 794 -7.01 46.42 3.20
CA SER D 794 -7.36 47.84 3.41
C SER D 794 -8.27 48.32 2.28
N ALA D 795 -9.03 49.36 2.57
CA ALA D 795 -10.05 49.91 1.65
C ALA D 795 -10.08 51.43 1.76
N GLN D 796 -10.64 52.04 0.73
CA GLN D 796 -11.14 53.43 0.80
C GLN D 796 -12.30 53.45 1.79
N PHE D 797 -12.12 54.11 2.94
CA PHE D 797 -13.12 54.18 4.03
C PHE D 797 -14.49 54.68 3.53
N VAL D 798 -14.51 55.54 2.50
CA VAL D 798 -15.77 56.07 1.90
C VAL D 798 -16.52 55.05 1.04
N VAL D 799 -15.83 54.00 0.56
CA VAL D 799 -16.46 53.00 -0.33
C VAL D 799 -17.20 51.96 0.49
N LEU D 800 -16.85 51.82 1.77
CA LEU D 800 -17.52 50.85 2.68
C LEU D 800 -18.87 51.41 3.13
N ALA D 801 -19.87 50.51 3.23
CA ALA D 801 -21.25 50.82 3.68
C ALA D 801 -21.24 51.51 5.04
N LYS D 802 -22.34 52.15 5.40
CA LYS D 802 -22.38 52.91 6.67
C LYS D 802 -22.22 51.94 7.84
N GLU D 803 -22.86 50.77 7.79
CA GLU D 803 -22.83 49.84 8.93
C GLU D 803 -21.41 49.31 9.12
N VAL D 804 -20.60 49.28 8.06
CA VAL D 804 -19.20 48.81 8.18
C VAL D 804 -18.31 49.97 8.65
N GLN D 805 -18.51 51.17 8.11
CA GLN D 805 -17.90 52.40 8.68
C GLN D 805 -18.20 52.44 10.18
N ASP D 806 -19.43 52.12 10.56
CA ASP D 806 -19.85 52.24 11.98
C ASP D 806 -19.06 51.25 12.83
N ASP D 807 -18.95 50.00 12.40
CA ASP D 807 -18.24 48.95 13.16
C ASP D 807 -16.78 49.35 13.37
N ILE D 808 -16.11 49.79 12.30
CA ILE D 808 -14.68 50.25 12.35
C ILE D 808 -14.54 51.37 13.37
N ILE D 809 -15.41 52.38 13.31
CA ILE D 809 -15.47 53.44 14.35
C ILE D 809 -15.73 52.82 15.72
N SER D 810 -16.65 51.85 15.80
CA SER D 810 -17.10 51.25 17.08
C SER D 810 -15.92 50.67 17.84
N ARG D 811 -14.91 50.20 17.11
CA ARG D 811 -13.77 49.48 17.69
C ARG D 811 -13.09 50.33 18.74
N THR D 812 -12.33 49.65 19.59
CA THR D 812 -11.73 50.30 20.76
C THR D 812 -10.54 51.13 20.31
N GLU D 813 -10.35 52.26 20.99
CA GLU D 813 -9.19 53.14 20.76
C GLU D 813 -8.18 52.88 21.87
N GLN D 814 -7.09 52.19 21.55
CA GLN D 814 -6.02 51.89 22.52
C GLN D 814 -5.15 53.15 22.71
N GLN D 815 -4.55 53.24 23.90
CA GLN D 815 -3.69 54.37 24.28
C GLN D 815 -2.59 53.86 25.21
N PHE D 816 -1.36 54.30 25.00
CA PHE D 816 -0.25 53.98 25.93
C PHE D 816 -0.32 54.95 27.13
C1 PGR E . 5.01 -36.85 1.42
C2 PGR E . 4.49 -37.25 2.75
C3 PGR E . 3.96 -38.65 2.67
O1 PGR E . 4.27 -35.74 0.94
O2 PGR E . 5.59 -37.25 3.64
C1 PGR F . 23.77 10.28 26.58
C2 PGR F . 25.10 9.68 26.17
C3 PGR F . 26.20 10.24 27.01
O1 PGR F . 23.23 11.21 25.64
O2 PGR F . 25.11 8.30 26.43
C1 PGR G . -20.25 -9.13 -29.30
C2 PGR G . -19.81 -8.63 -30.66
C3 PGR G . -20.67 -9.25 -31.77
O1 PGR G . -20.16 -10.54 -29.28
O2 PGR G . -19.94 -7.22 -30.68
C1 PGR H . -8.57 35.52 1.46
C2 PGR H . -10.02 35.96 1.27
C3 PGR H . -10.25 37.41 1.65
O1 PGR H . -7.99 36.19 2.59
O2 PGR H . -10.44 35.78 -0.09
#